data_6JPB
#
_entry.id   6JPB
#
_cell.length_a   1.00
_cell.length_b   1.00
_cell.length_c   1.00
_cell.angle_alpha   90.00
_cell.angle_beta   90.00
_cell.angle_gamma   90.00
#
_symmetry.space_group_name_H-M   'P 1'
#
loop_
_entity.id
_entity.type
_entity.pdbx_description
1 polymer 'Voltage-dependent L-type calcium channel subunit alpha-1S'
2 polymer 'Voltage-dependent calcium channel gamma-1 subunit'
3 polymer 'Voltage-dependent L-type calcium channel subunit beta-1'
4 polymer 'Voltage-dependent L-type calcium channel subunit beta-1'
5 polymer 'Voltage-dependent calcium channel subunit alpha-2/delta-1'
6 branched 2-acetamido-2-deoxy-beta-D-glucopyranose-(1-3)-2-acetamido-2-deoxy-beta-D-glucopyranose
7 branched beta-D-mannopyranose-(1-4)-2-acetamido-2-deoxy-beta-D-glucopyranose-(1-4)-2-acetamido-2-deoxy-beta-D-glucopyranose
8 branched 2-acetamido-2-deoxy-beta-D-glucopyranose-(1-3)-2-acetamido-2-deoxy-beta-D-glucopyranose-(1-4)-2-acetamido-2-deoxy-beta-D-glucopyranose
9 non-polymer 2-acetamido-2-deoxy-beta-D-glucopyranose
10 non-polymer 'CALCIUM ION'
11 non-polymer 1,2-Distearoyl-sn-glycerophosphoethanolamine
12 non-polymer 1,2-DIACYL-SN-GLYCERO-3-PHOSPHOCHOLINE
13 non-polymer Diltiazem
14 non-polymer ETHANOLAMINE
#
loop_
_entity_poly.entity_id
_entity_poly.type
_entity_poly.pdbx_seq_one_letter_code
_entity_poly.pdbx_strand_id
1 'polypeptide(L)'
;MEPSSPQDEGLRKKQPKKPLPEVLPRPPRALFCLTLQNPLRKACISIVEWKPFETIILLTIFANCVALAVYLPMPEDDNN
SLNLGLEKLEYFFLTVFSIEAAMKIIAYGFLFHQDAYLRSGWNVLDFIIVFLGVFTAILEQVNVIQSNTAPMSSKGAGLD
VKALRAFRVLRPLRLVSGVPSLQVVLNSIFKAMLPLFHIALLVLFMVIIYAIIGLELFKGKMHKTCYYIGTDIVATVENE
KPSPCARTGSGRPCTINGSECRGGWPGPNHGITHFDNFGFSMLTVYQCITMEGWTDVLYWVNDAIGNEWPWIYFVTLILL
GSFFILNLVLGVLSGEFTKEREKAKSRGTFQKLREKQQLEEDLRGYMSWITQGEVMDVEDLREGKLSLEEGGSDTESLYE
IEGLNKIIQFIRHWRQWNRVFRWKCHDLVKSRVFYWLVILIVALNTLSIASEHHNQPLWLTHLQDIANRVLLSLFTIEML
LKMYGLGLRQYFMSIFNRFDCFVVCSGILELLLVESGAMTPLGISVLRCIRLLRLFKITKYWTSLSNLVASLLNSIRSIA
SLLLLLFLFIIIFALLGMQLFGGRYDFEDTEVRRSNFDNFPQALISVFQVLTGEDWNSVMYNGIMAYGGPSYPGVLVCIY
FIILFVCGNYILLNVFLAIAVDNLAEAESLTSAQKAKAEERKRRKMSRGLPDKTEEEKSVMAKKLEQKPKGEGIPTTAKL
KVDEFESNVNEVKDPYPSADFPGDDEEDEPEIPVSPRPRPLAELQLKEKAVPIPEASSFFIFSPTNKVRVLCHRIVNATW
FTNFILLFILLSSAALAAEDPIRAESVRNQILGYFDIAFTSVFTVEIVLKMTTYGAFLHKGSFCRNYFNILDLLVVAVSL
ISMGLESSTISVVKILRVLRVLRPLRAINRAKGLKHVVQCVFVAIRTIGNIVLVTTLLQFMFACIGVQLFKGKFFSCNDL
SKMTEEECRGYYYVYKDGDPTQMELRPRQWIHNDFHFDNVLSAMMSLFTVSTFEGWPQLLYRAIDSNEEDMGPVYNNRVE
MAIFFIIYIILIAFFMMNIFVGFVIVTFQEQGETEYKNCELDKNQRQCVQYALKARPLRCYIPKNPYQYQVWYVVTSSYF
EYLMFALIMLNTICLGMQHYHQSEEMNHISDILNVAFTIIFTLEMILKLLAFKARGYFGDPWNVFDFLIVIGSIIDVILS
EIDTFLASSGGLYCLGGGCGNVDPDESARISSAFFRLFRVMRLIKLLSRAEGVRTLLWTFIKSFQALPYVALLIVMLFFI
YAVIGMQMFGKIALVDGTQINRNNNFQTFPQAVLLLFRCATGEAWQEILLACSYGKLCDPESDYAPGEEYTCGTNFAYYY
FISFYMLCAFLIINLFVAVIMDNFDYLTRDWSILGPHHLDEFKAIWAEYDPEAKGRIKHLDVVTLLRRIQPPLGFGKFCP
HRVACKRLVGMNMPLNSDGTVTFNATLFALVRTALKIKTEGNFEQANEELRAIIKKIWKRTSMKLLDQVIPPIGDDEVTV
GKFYATFLIQEHFRKFMKRQEEYYGYRPKKDTVQIQAGLRTIEEEAAPEIRRTISGDLTAEEELERAMVEAAMEERIFRR
TGGLFGQVDTFLERTNSLPPVMANQRPLQFAEIEMEELESPVFLEDFPQDARTNPLARANTNNANANVAYGNSNHSNNQM
FSSVHCEREFPGEAETPAAGRGALSHSHRALGPHSKPCAGKLNGQLVQPGMPINQAPPAPCQQPSTDPPERGQRRTSLTG
SLQDEAPQRRSSEGSTPRRPAPATALLIQEALVRGGLDTLAADAGFVTATSQALADACQMEPEEVEVAATELLKARESVQ
GMASVPGSLSRRSSLGSLDQVQGSQETLIPPRP
;
A
2 'polypeptide(L)'
;MSPTEAPKVRVTLFCILVGIVLAMTAVVSDHWAVLSPHMENHNTTCEAAHFGLWRICTKRIALGEDRSCGPITLPGEKNC
SYFRHFNPGESSEIFEFTTQKEYSISAAAISVFSLGFLIMGTICALMAFRKKRDYLLRPASMFYVFAGLCLFVSLEVMRQ
SVKRMIDSEDTVWIEYYYSWSFACACAAFVLLFLGGISLLLFSLPRMPQNPWESCMDAEPEH
;
E
3 'polypeptide(L)'
;QGPHMALRKEAERQALAQLEKAKTKPVAFAVRTNVGYNPSPGDEVPVEGVAITFEPKDFLHIKEKYNNDWWIGRLVKEGC
EVGFIPSPVKLDSLRLLQEQKLRQSRLSSSKSGDNSSSSLGDVVTGTRRPTPPASGNEMTNLAFELEPLDLEEDEAELGE
QSGSAKTSVSSVTTPPPHGTRIPFFKKTEHVPPYDVVPSMRPIILVGPSLKGYEVTDMMQKALFDFLKHLFDGRISITRV
TADISLAKRSVLNNPSKHIIIERSNTRSSLAEVQSEIERIFELARTLQLVALDADTINHPAQLSKTSLAPIIVYIKITSP
KVLQRLIKSRGKSQSKHLNVQIAASEKLAQCPPEMFDIILDENQLEDACEHLAEYLEAYWKATHPPSSTPPNPLLNRTMA
TAALAASPAPVSNLQVQVLTSLRRNLSFWGGLETSQRGGGAVPQQQEHAM
;
B
4 'polypeptide(L)'
;MVQKTSMSRGPYPPSQEIPMEVFDPSPQGKYSKRKGRFKRSDGSTSSDTTSNSFVRQGSAESYTSRPSDSDVSLEEDREA
LRKEAERQALAQLEKAKTKPVAFAVRTNVGYNPSPGDEVPVEGVAITFEPKDFLHIKEKYNNDWWIGRLVKEGCEVGFIP
SPVKLDSLRLLQEQKLRQSRLSSSKSGDNSSSSLGDVVTGTRRPTPPASGNEMTNLAFELEPLDLEEDEAELGEQSGSAK
TSVSSVTTPPPHGTRIPFFKKTEHVPPYDVVPSMRPIILVGPSLKGYEVTDMMQKALFDFLKHLFDGRISITRVTADISL
AKRSVLNNPSKHIIIERSNTRSSLAEVQSEIERIFELARTLQLVALDADTINHPAQLSKTSLAPIIVYIKITSPKVLQRL
IKSRGKSQSKHLNVQIAASEKLAQCPPEMFDIILDENQLEDACEHLAEYLEAYWKATHPPSSTPPNPLLNRTMATAALAA
SPAPVSNLQVQVLTSLRRNLSFWGGLETSQRGGGAVPQQQEHAM
;
C
5 'polypeptide(L)'
;FPSAVTIKSWVDKMQEDLVTLAKTASGVHQLVDIYEKYQDLYTVEPNNARQLVEIAARDIEKLLSNRSKALVRLALEAEK
VQAAHQWREDFASNEVVYYNAKDDLDPEKNDSEPGSQRIKPVFIDDANFRRQVSYQHAAVHIPTDIYEGSTIVLNELNWT
SALDDVFKKNREEDPSLLWQVFGSATGLARYYPASPWVDNSRTPNKIDLYDVRRRPWYIQGAASPKDMLILVDVSGSVSG
LTLKLIRTSVSEMLETLSDDDFVNVASFNSNAQDVSCFQHLVQANVRNKKVLKDAVNNITAKGITDYKKGFSFAFEQLLN
YNVSRANCNKIIMLFTDGGEERAQEIFAKYNKDKKVRVFTFSVGQHNYDRGPIQWMACENKGYYYEIPSIGAIRINTQEY
LDVLGRPMVLAGDKAKQVQWTNVYLDALELGLVITGTLPVFNITGQFENKTNLKNQLILGVMGVDVSLEDIKRLTPRFTL
CPNGYYFAIDPNGYVLLHPNLQPKPIGVGIPTINLRKRRPNVQNPKSQEPVTLDFLDAELENDIKVEIRNKMIDGESGEK
TFRTLVKSQDERYIDKGNRTYTWTPVNGTDYSLALVLPTYSFYYIKAKIEETITQARYSETLKPDNFEESGYTFLAPRDY
CSDLKPSDNNTEFLLNFNEFIDRKTPNNPSCNTDLINRVLLDAGFTNELVQNYWSKQKNIKGVKARFVVTDGGITRVYPK
EAGENWQENPETYEDSFYKRSLDNDNYVFTAPYFNKSGPGAYESGIMVSKAVEIYIQGKLLKPAVVGIKIDVNSWIENFT
KTSIRDPCAGPVCDCKRNSDVMDCVILDDGGFLLMANHDDYTNQIGRFFGEIDPSLMRHLVNISVYAFNKSYDYQSVCEP
GAAPKQGAGHRSAYVPSIADILQIGWWATAAAWSILQQFLLSLTFPRLLEAADMEDDDFTASMSKQSCITEQTQYFFDND
SKSFSGVLDCGNCSRIFHVEKLMNTNLIFIMVESKGTCPCDTRLLIQAEQTSDGPDPCDMVKQPRYRKGPDVCFDNNVLE
DYTDCG
;
F
#
loop_
_chem_comp.id
_chem_comp.type
_chem_comp.name
_chem_comp.formula
3PE non-polymer 1,2-Distearoyl-sn-glycerophosphoethanolamine 'C41 H82 N O8 P'
BMA D-saccharide, beta linking beta-D-mannopyranose 'C6 H12 O6'
C9F non-polymer Diltiazem 'C22 H26 N2 O4 S'
CA non-polymer 'CALCIUM ION' 'Ca 2'
NAG D-saccharide, beta linking 2-acetamido-2-deoxy-beta-D-glucopyranose 'C8 H15 N O6'
PC1 non-polymer 1,2-DIACYL-SN-GLYCERO-3-PHOSPHOCHOLINE 'C44 H88 N O8 P'
#
# COMPACT_ATOMS: atom_id res chain seq x y z
N PHE A 32 -14.04 -29.37 47.49
CA PHE A 32 -15.32 -28.77 47.86
C PHE A 32 -15.66 -29.09 49.30
N CYS A 33 -14.64 -29.27 50.12
CA CYS A 33 -14.78 -29.50 51.55
C CYS A 33 -13.87 -28.49 52.25
N LEU A 34 -13.67 -28.69 53.55
CA LEU A 34 -12.77 -27.82 54.32
C LEU A 34 -11.51 -28.52 54.84
N THR A 35 -11.67 -29.22 55.96
CA THR A 35 -10.61 -29.99 56.64
C THR A 35 -9.95 -29.13 57.72
N LEU A 36 -10.12 -27.82 57.50
CA LEU A 36 -9.73 -26.71 58.37
C LEU A 36 -10.93 -25.75 58.31
N GLN A 37 -12.13 -26.33 58.20
CA GLN A 37 -13.40 -25.63 58.04
C GLN A 37 -14.00 -24.79 59.18
N ASN A 38 -14.79 -23.80 58.77
CA ASN A 38 -15.51 -22.89 59.65
C ASN A 38 -16.99 -23.22 59.52
N PRO A 39 -17.73 -23.15 60.62
CA PRO A 39 -19.15 -23.53 60.62
C PRO A 39 -19.87 -22.89 59.43
N LEU A 40 -20.96 -23.52 59.01
CA LEU A 40 -21.68 -23.10 57.83
C LEU A 40 -22.29 -21.70 57.82
N ARG A 41 -22.50 -21.12 58.99
CA ARG A 41 -23.17 -19.83 59.00
C ARG A 41 -22.53 -18.94 57.91
N LYS A 42 -21.21 -18.95 57.86
CA LYS A 42 -20.50 -18.19 56.82
C LYS A 42 -20.22 -19.12 55.63
N ALA A 43 -20.43 -20.42 55.85
CA ALA A 43 -20.19 -21.43 54.83
C ALA A 43 -21.43 -21.74 53.99
N CYS A 44 -22.55 -21.09 54.33
CA CYS A 44 -23.78 -21.31 53.61
C CYS A 44 -23.54 -20.88 52.18
N ILE A 45 -22.82 -19.78 52.06
CA ILE A 45 -22.48 -19.18 50.76
C ILE A 45 -22.15 -20.26 49.74
N SER A 46 -21.41 -21.29 50.18
CA SER A 46 -21.07 -22.46 49.36
C SER A 46 -22.29 -23.14 48.75
N ILE A 47 -23.42 -23.14 49.45
CA ILE A 47 -24.65 -23.73 48.94
C ILE A 47 -25.18 -22.94 47.75
N VAL A 48 -24.99 -21.61 47.74
CA VAL A 48 -25.64 -20.74 46.77
C VAL A 48 -24.99 -20.87 45.40
N GLU A 49 -23.92 -21.64 45.32
CA GLU A 49 -23.02 -21.67 44.19
C GLU A 49 -23.43 -22.73 43.18
N TRP A 50 -24.74 -22.95 43.02
CA TRP A 50 -25.19 -24.27 42.60
C TRP A 50 -25.25 -24.56 41.11
N LYS A 51 -26.35 -24.27 40.41
CA LYS A 51 -26.28 -24.41 38.95
C LYS A 51 -26.26 -23.08 38.19
N PRO A 52 -27.20 -22.13 38.40
CA PRO A 52 -27.16 -20.93 37.57
C PRO A 52 -26.27 -19.85 38.15
N PHE A 53 -25.72 -20.08 39.35
CA PHE A 53 -24.81 -19.09 39.92
C PHE A 53 -23.57 -18.91 39.06
N GLU A 54 -23.06 -20.00 38.54
CA GLU A 54 -21.98 -19.91 37.58
C GLU A 54 -22.41 -19.23 36.30
N THR A 55 -23.67 -19.42 35.88
CA THR A 55 -24.12 -18.86 34.61
C THR A 55 -24.72 -17.47 34.74
N ILE A 56 -25.04 -16.99 35.94
CA ILE A 56 -25.42 -15.60 36.04
C ILE A 56 -24.19 -14.71 35.99
N ILE A 57 -23.03 -15.23 36.37
CA ILE A 57 -21.80 -14.47 36.21
C ILE A 57 -21.08 -14.86 34.92
N LEU A 58 -21.46 -15.94 34.28
CA LEU A 58 -21.03 -16.12 32.91
C LEU A 58 -21.86 -15.27 31.96
N LEU A 59 -23.10 -14.95 32.31
CA LEU A 59 -23.86 -13.98 31.53
C LEU A 59 -23.42 -12.56 31.78
N THR A 60 -22.88 -12.30 32.97
CA THR A 60 -22.43 -10.97 33.29
C THR A 60 -21.23 -10.59 32.45
N ILE A 61 -20.38 -11.54 32.13
CA ILE A 61 -19.14 -11.19 31.46
C ILE A 61 -19.34 -10.97 29.97
N PHE A 62 -20.38 -11.56 29.38
CA PHE A 62 -20.67 -11.25 27.98
C PHE A 62 -21.24 -9.85 27.86
N ALA A 63 -21.85 -9.35 28.92
CA ALA A 63 -22.20 -7.95 28.95
C ALA A 63 -20.98 -7.07 29.11
N ASN A 64 -19.93 -7.54 29.79
CA ASN A 64 -18.72 -6.73 29.86
C ASN A 64 -17.97 -6.71 28.55
N CYS A 65 -17.98 -7.79 27.79
CA CYS A 65 -17.28 -7.78 26.51
C CYS A 65 -17.91 -6.85 25.52
N VAL A 66 -19.23 -6.70 25.56
CA VAL A 66 -19.88 -5.66 24.76
C VAL A 66 -19.55 -4.28 25.30
N ALA A 67 -19.32 -4.16 26.60
CA ALA A 67 -19.00 -2.88 27.18
C ALA A 67 -17.59 -2.41 26.85
N LEU A 68 -16.74 -3.27 26.31
CA LEU A 68 -15.45 -2.80 25.82
C LEU A 68 -15.49 -2.60 24.32
N ALA A 69 -16.44 -3.23 23.65
CA ALA A 69 -16.49 -3.21 22.20
C ALA A 69 -17.24 -2.02 21.66
N VAL A 70 -17.92 -1.29 22.53
CA VAL A 70 -18.56 -0.05 22.10
C VAL A 70 -17.82 1.16 22.59
N TYR A 71 -16.79 1.00 23.41
CA TYR A 71 -15.91 2.11 23.72
C TYR A 71 -15.26 2.60 22.46
N LEU A 72 -15.41 3.88 22.19
CA LEU A 72 -14.91 4.47 20.95
C LEU A 72 -13.69 5.31 21.31
N PRO A 73 -12.49 4.91 20.91
CA PRO A 73 -11.29 5.64 21.30
C PRO A 73 -11.19 6.95 20.51
N MET A 74 -10.85 8.02 21.21
CA MET A 74 -10.84 9.32 20.58
C MET A 74 -9.53 10.00 20.85
N PRO A 75 -9.01 10.77 19.92
CA PRO A 75 -7.64 11.24 20.05
C PRO A 75 -7.54 12.46 20.92
N GLU A 76 -6.40 12.54 21.62
CA GLU A 76 -5.96 13.72 22.35
C GLU A 76 -6.94 14.14 23.44
N ASP A 77 -7.43 13.16 24.20
CA ASP A 77 -8.26 13.35 25.39
C ASP A 77 -9.56 14.09 25.04
N ASP A 78 -10.39 13.42 24.25
CA ASP A 78 -11.67 13.93 23.82
C ASP A 78 -12.66 12.83 24.13
N ASN A 79 -13.94 13.15 24.26
CA ASN A 79 -14.91 12.13 24.58
C ASN A 79 -16.25 12.40 23.93
N ASN A 80 -17.12 11.43 24.01
CA ASN A 80 -18.53 11.62 23.71
C ASN A 80 -19.34 11.13 24.89
N SER A 81 -20.65 11.26 24.80
CA SER A 81 -21.53 10.96 25.91
C SER A 81 -21.53 9.50 26.27
N LEU A 82 -21.32 8.63 25.29
CA LEU A 82 -21.49 7.23 25.57
C LEU A 82 -20.26 6.64 26.23
N ASN A 83 -19.10 7.24 26.05
CA ASN A 83 -17.94 6.75 26.79
C ASN A 83 -17.89 7.33 28.18
N LEU A 84 -18.73 8.30 28.48
CA LEU A 84 -18.80 8.84 29.82
C LEU A 84 -19.82 8.10 30.64
N GLY A 85 -20.71 7.37 30.00
CA GLY A 85 -21.61 6.51 30.70
C GLY A 85 -21.20 5.08 30.72
N LEU A 86 -20.07 4.78 30.10
CA LEU A 86 -19.46 3.47 30.13
C LEU A 86 -18.40 3.34 31.20
N GLU A 87 -17.67 4.40 31.49
CA GLU A 87 -16.70 4.39 32.57
C GLU A 87 -17.37 4.25 33.92
N LYS A 88 -18.62 4.67 34.07
CA LYS A 88 -19.36 4.40 35.31
C LYS A 88 -19.67 2.89 35.36
N LEU A 89 -20.04 2.36 34.20
CA LEU A 89 -20.39 0.97 34.03
C LEU A 89 -19.23 0.06 34.35
N GLU A 90 -18.01 0.52 34.07
CA GLU A 90 -16.85 -0.28 34.38
C GLU A 90 -16.83 -0.47 35.89
N TYR A 91 -17.16 0.59 36.62
CA TYR A 91 -17.18 0.51 38.07
C TYR A 91 -18.22 -0.51 38.49
N PHE A 92 -19.39 -0.45 37.86
CA PHE A 92 -20.42 -1.42 38.24
C PHE A 92 -19.94 -2.86 37.99
N PHE A 93 -19.31 -3.10 36.85
CA PHE A 93 -18.83 -4.44 36.53
C PHE A 93 -17.76 -4.93 37.49
N LEU A 94 -16.87 -4.03 37.89
CA LEU A 94 -15.78 -4.40 38.78
C LEU A 94 -16.24 -4.89 40.15
N THR A 95 -17.27 -4.26 40.68
CA THR A 95 -17.80 -4.58 41.99
C THR A 95 -18.37 -5.98 42.01
N VAL A 96 -19.08 -6.35 40.96
CA VAL A 96 -19.65 -7.69 40.95
C VAL A 96 -18.56 -8.73 41.00
N PHE A 97 -17.51 -8.54 40.19
CA PHE A 97 -16.44 -9.54 40.20
C PHE A 97 -15.80 -9.61 41.57
N SER A 98 -15.60 -8.46 42.20
CA SER A 98 -15.01 -8.43 43.53
C SER A 98 -15.85 -9.10 44.61
N ILE A 99 -17.17 -8.89 44.59
CA ILE A 99 -18.02 -9.47 45.62
C ILE A 99 -18.04 -10.99 45.58
N GLU A 100 -18.06 -11.50 44.37
CA GLU A 100 -18.09 -12.93 44.09
C GLU A 100 -16.72 -13.56 44.22
N ALA A 101 -15.67 -12.85 43.81
CA ALA A 101 -14.32 -13.31 44.12
C ALA A 101 -13.91 -13.01 45.55
N ALA A 102 -14.81 -12.50 46.38
CA ALA A 102 -14.69 -12.62 47.81
C ALA A 102 -15.58 -13.72 48.36
N MET A 103 -16.69 -14.05 47.70
CA MET A 103 -17.56 -15.11 48.20
C MET A 103 -17.18 -16.47 47.66
N LYS A 104 -15.94 -16.68 47.23
CA LYS A 104 -15.45 -18.01 46.98
C LYS A 104 -14.34 -18.43 47.93
N ILE A 105 -13.69 -17.47 48.57
CA ILE A 105 -12.61 -17.79 49.48
C ILE A 105 -13.20 -17.98 50.88
N ILE A 106 -14.38 -17.42 51.12
CA ILE A 106 -15.06 -17.62 52.38
C ILE A 106 -16.34 -18.43 52.25
N ALA A 107 -16.77 -18.79 51.04
CA ALA A 107 -17.53 -20.02 50.92
C ALA A 107 -16.65 -21.23 51.20
N TYR A 108 -15.33 -21.07 51.13
CA TYR A 108 -14.41 -22.08 51.62
C TYR A 108 -14.06 -21.83 53.09
N GLY A 109 -13.45 -20.69 53.41
CA GLY A 109 -13.16 -20.40 54.81
C GLY A 109 -11.81 -19.73 55.01
N PHE A 110 -10.96 -20.39 55.80
CA PHE A 110 -9.74 -19.80 56.36
C PHE A 110 -8.61 -19.62 55.36
N LEU A 111 -7.41 -19.33 55.88
CA LEU A 111 -6.25 -19.02 55.06
C LEU A 111 -5.79 -20.24 54.26
N PHE A 112 -6.01 -21.44 54.81
CA PHE A 112 -5.78 -22.66 54.05
C PHE A 112 -7.03 -23.09 53.29
N HIS A 113 -7.99 -22.18 53.14
CA HIS A 113 -9.16 -22.39 52.29
C HIS A 113 -9.23 -21.35 51.18
N GLN A 114 -8.58 -20.20 51.35
CA GLN A 114 -8.28 -19.37 50.19
C GLN A 114 -6.95 -19.76 49.60
N ASP A 115 -6.22 -20.61 50.33
CA ASP A 115 -4.97 -21.16 49.86
C ASP A 115 -5.40 -22.15 48.77
N ALA A 116 -6.43 -22.91 49.09
CA ALA A 116 -7.02 -23.93 48.22
C ALA A 116 -7.74 -23.45 46.96
N TYR A 117 -8.52 -22.37 47.09
CA TYR A 117 -9.27 -21.86 45.96
C TYR A 117 -8.29 -21.40 44.89
N LEU A 118 -7.24 -20.75 45.33
CA LEU A 118 -6.19 -20.27 44.45
C LEU A 118 -5.49 -21.44 43.78
N ARG A 119 -5.31 -22.51 44.54
CA ARG A 119 -4.60 -23.69 44.05
C ARG A 119 -4.91 -24.03 42.60
N SER A 120 -6.18 -23.95 42.18
CA SER A 120 -6.50 -24.21 40.78
C SER A 120 -6.15 -22.97 39.97
N GLY A 121 -5.32 -23.16 38.94
CA GLY A 121 -4.74 -22.05 38.21
C GLY A 121 -5.73 -21.24 37.42
N TRP A 122 -6.91 -21.80 37.12
CA TRP A 122 -7.95 -20.99 36.50
C TRP A 122 -8.43 -19.88 37.41
N ASN A 123 -8.32 -20.04 38.72
CA ASN A 123 -8.70 -18.97 39.61
C ASN A 123 -7.52 -18.10 40.05
N VAL A 124 -6.37 -18.18 39.36
CA VAL A 124 -5.33 -17.18 39.58
C VAL A 124 -5.53 -16.02 38.64
N LEU A 125 -5.97 -16.29 37.41
CA LEU A 125 -6.31 -15.24 36.48
C LEU A 125 -7.56 -14.50 36.92
N ASP A 126 -8.49 -15.20 37.57
CA ASP A 126 -9.72 -14.56 37.98
C ASP A 126 -9.50 -13.58 39.12
N PHE A 127 -8.42 -13.76 39.85
CA PHE A 127 -8.03 -12.86 40.91
C PHE A 127 -7.13 -11.74 40.42
N ILE A 128 -6.25 -12.03 39.46
CA ILE A 128 -5.30 -11.03 38.99
C ILE A 128 -6.02 -9.95 38.19
N ILE A 129 -7.07 -10.33 37.47
CA ILE A 129 -7.87 -9.33 36.76
C ILE A 129 -8.55 -8.40 37.75
N VAL A 130 -9.33 -8.95 38.68
CA VAL A 130 -10.17 -8.12 39.53
C VAL A 130 -9.40 -7.44 40.65
N PHE A 131 -8.18 -7.87 40.94
CA PHE A 131 -7.40 -7.08 41.88
C PHE A 131 -6.70 -5.93 41.19
N LEU A 132 -6.19 -6.15 39.99
CA LEU A 132 -5.70 -5.06 39.17
C LEU A 132 -6.84 -4.27 38.55
N GLY A 133 -8.07 -4.77 38.64
CA GLY A 133 -9.22 -4.01 38.24
C GLY A 133 -9.51 -2.89 39.21
N VAL A 134 -9.54 -3.18 40.51
CA VAL A 134 -9.81 -2.12 41.48
C VAL A 134 -8.62 -1.19 41.63
N PHE A 135 -7.44 -1.62 41.19
CA PHE A 135 -6.25 -0.80 41.33
C PHE A 135 -6.33 0.40 40.40
N THR A 136 -6.97 0.25 39.25
CA THR A 136 -7.16 1.35 38.32
C THR A 136 -8.48 2.06 38.52
N ALA A 137 -9.29 1.61 39.47
CA ALA A 137 -10.36 2.49 39.95
C ALA A 137 -9.85 3.42 41.04
N ILE A 138 -8.85 3.00 41.81
CA ILE A 138 -8.22 3.85 42.80
C ILE A 138 -7.36 4.91 42.15
N LEU A 139 -6.33 4.51 41.39
CA LEU A 139 -5.32 5.44 40.92
C LEU A 139 -5.86 6.41 39.87
N GLU A 140 -6.95 6.05 39.21
CA GLU A 140 -7.60 7.00 38.32
C GLU A 140 -8.49 7.97 39.11
N GLN A 141 -8.84 7.60 40.34
CA GLN A 141 -9.66 8.48 41.16
C GLN A 141 -8.79 9.29 42.12
N VAL A 142 -7.50 8.96 42.21
CA VAL A 142 -6.58 9.76 43.01
C VAL A 142 -6.18 11.03 42.27
N ASN A 143 -5.92 10.91 40.97
CA ASN A 143 -5.42 12.05 40.22
C ASN A 143 -6.52 12.99 39.76
N VAL A 144 -7.70 12.94 40.40
CA VAL A 144 -8.76 13.91 40.23
C VAL A 144 -8.49 15.18 41.04
N VAL A 161 -2.01 6.63 33.69
CA VAL A 161 -3.27 5.95 33.97
C VAL A 161 -3.66 5.08 32.80
N LYS A 162 -3.62 5.69 31.61
CA LYS A 162 -4.23 5.18 30.39
C LYS A 162 -3.43 4.07 29.76
N ALA A 163 -2.28 3.72 30.31
CA ALA A 163 -1.65 2.45 29.99
C ALA A 163 -2.05 1.35 30.97
N LEU A 164 -2.60 1.70 32.13
CA LEU A 164 -3.18 0.69 32.98
C LEU A 164 -4.66 0.48 32.70
N ARG A 165 -5.20 1.18 31.74
CA ARG A 165 -6.55 0.94 31.25
C ARG A 165 -6.56 -0.18 30.21
N ALA A 166 -5.41 -0.79 29.97
CA ALA A 166 -5.29 -1.82 28.97
C ALA A 166 -5.04 -3.19 29.55
N PHE A 167 -5.04 -3.34 30.86
CA PHE A 167 -5.28 -4.63 31.48
C PHE A 167 -6.74 -4.94 31.56
N ARG A 168 -7.56 -3.95 31.25
CA ARG A 168 -9.00 -4.04 31.19
C ARG A 168 -9.46 -4.91 30.04
N VAL A 169 -8.57 -5.24 29.12
CA VAL A 169 -8.90 -5.92 27.89
C VAL A 169 -8.73 -7.41 28.06
N LEU A 170 -8.28 -7.83 29.21
CA LEU A 170 -7.94 -9.21 29.49
C LEU A 170 -9.12 -10.00 30.00
N ARG A 171 -10.24 -9.35 30.23
CA ARG A 171 -11.45 -9.97 30.77
C ARG A 171 -12.18 -10.98 29.89
N PRO A 172 -12.10 -10.99 28.55
CA PRO A 172 -12.62 -12.17 27.83
C PRO A 172 -11.87 -13.47 28.07
N LEU A 173 -10.73 -13.49 28.76
CA LEU A 173 -10.17 -14.78 29.15
C LEU A 173 -10.82 -15.37 30.37
N ARG A 174 -11.28 -14.53 31.30
CA ARG A 174 -12.11 -14.91 32.44
C ARG A 174 -13.38 -15.60 32.01
N LEU A 175 -13.83 -15.36 30.79
CA LEU A 175 -14.90 -16.10 30.15
C LEU A 175 -14.54 -17.55 29.86
N VAL A 176 -13.27 -17.89 29.64
CA VAL A 176 -13.00 -19.27 29.26
C VAL A 176 -12.80 -20.15 30.47
N SER A 177 -12.52 -19.57 31.64
CA SER A 177 -12.45 -20.35 32.87
C SER A 177 -13.83 -20.86 33.25
N GLY A 178 -14.86 -20.12 32.89
CA GLY A 178 -16.23 -20.47 33.15
C GLY A 178 -16.70 -21.67 32.39
N VAL A 179 -16.33 -21.83 31.13
CA VAL A 179 -16.73 -22.99 30.37
C VAL A 179 -15.59 -24.01 30.41
N PRO A 180 -15.75 -25.14 31.11
CA PRO A 180 -14.66 -26.12 31.13
C PRO A 180 -14.60 -26.96 29.87
N SER A 181 -15.60 -26.83 28.98
CA SER A 181 -15.53 -27.47 27.68
C SER A 181 -14.38 -26.96 26.85
N LEU A 182 -13.98 -25.70 27.01
CA LEU A 182 -12.90 -25.15 26.20
C LEU A 182 -11.54 -25.26 26.86
N GLN A 183 -11.48 -25.67 28.12
CA GLN A 183 -10.19 -25.85 28.77
C GLN A 183 -9.48 -27.08 28.25
N VAL A 184 -10.21 -28.03 27.69
CA VAL A 184 -9.58 -29.13 26.97
C VAL A 184 -9.28 -28.73 25.53
N VAL A 185 -9.63 -27.51 25.13
CA VAL A 185 -9.34 -27.09 23.77
C VAL A 185 -8.08 -26.24 23.74
N LEU A 186 -7.91 -25.35 24.72
CA LEU A 186 -6.61 -24.71 24.90
C LEU A 186 -5.54 -25.73 25.21
N ASN A 187 -5.87 -26.74 25.99
CA ASN A 187 -4.87 -27.75 26.32
C ASN A 187 -4.65 -28.73 25.20
N SER A 188 -5.37 -28.59 24.08
CA SER A 188 -4.99 -29.26 22.86
C SER A 188 -4.10 -28.39 21.98
N ILE A 189 -3.97 -27.10 22.31
CA ILE A 189 -3.09 -26.22 21.54
C ILE A 189 -1.75 -26.08 22.27
N PHE A 190 -1.80 -25.94 23.58
CA PHE A 190 -0.57 -25.90 24.35
C PHE A 190 0.13 -27.25 24.39
N LYS A 191 -0.59 -28.34 24.13
CA LYS A 191 0.07 -29.64 24.25
C LYS A 191 0.88 -29.95 23.01
N ALA A 192 0.63 -29.23 21.93
CA ALA A 192 1.43 -29.40 20.73
C ALA A 192 2.49 -28.33 20.55
N MET A 193 3.17 -27.90 21.63
CA MET A 193 4.12 -26.81 21.48
C MET A 193 5.49 -27.18 22.00
N LEU A 194 5.53 -28.09 22.96
CA LEU A 194 6.72 -28.83 23.40
C LEU A 194 7.40 -29.71 22.36
N PRO A 195 6.75 -30.18 21.28
CA PRO A 195 7.54 -30.73 20.18
C PRO A 195 8.16 -29.67 19.29
N LEU A 196 7.51 -28.54 19.08
CA LEU A 196 8.05 -27.48 18.24
C LEU A 196 9.11 -26.64 18.93
N PHE A 197 9.65 -27.09 20.05
CA PHE A 197 10.70 -26.37 20.74
C PHE A 197 11.98 -26.33 19.94
N HIS A 198 12.42 -27.46 19.40
CA HIS A 198 13.69 -27.49 18.70
C HIS A 198 13.61 -26.88 17.32
N ILE A 199 12.44 -26.51 16.86
CA ILE A 199 12.33 -25.74 15.62
C ILE A 199 12.50 -24.26 15.91
N ALA A 200 11.83 -23.79 16.96
CA ALA A 200 11.85 -22.37 17.31
C ALA A 200 13.24 -21.91 17.71
N LEU A 201 14.02 -22.78 18.32
CA LEU A 201 15.40 -22.46 18.64
C LEU A 201 16.25 -22.37 17.39
N LEU A 202 15.86 -23.05 16.32
CA LEU A 202 16.60 -23.00 15.08
C LEU A 202 16.25 -21.79 14.24
N VAL A 203 15.02 -21.27 14.38
CA VAL A 203 14.70 -20.01 13.76
C VAL A 203 15.46 -18.91 14.46
N LEU A 204 15.78 -19.07 15.73
CA LEU A 204 16.43 -17.99 16.48
C LEU A 204 17.94 -17.98 16.27
N PHE A 205 18.51 -19.05 15.73
CA PHE A 205 19.91 -18.95 15.37
C PHE A 205 20.09 -18.78 13.90
N MET A 206 19.11 -18.16 13.28
CA MET A 206 19.15 -17.76 11.90
C MET A 206 18.68 -16.34 11.76
N VAL A 207 17.76 -15.93 12.61
CA VAL A 207 17.45 -14.52 12.71
C VAL A 207 18.62 -13.79 13.35
N ILE A 208 19.37 -14.46 14.21
CA ILE A 208 20.58 -13.84 14.74
C ILE A 208 21.72 -13.87 13.71
N ILE A 209 21.94 -14.99 13.03
CA ILE A 209 23.05 -15.11 12.09
C ILE A 209 22.90 -14.16 10.93
N TYR A 210 21.73 -14.08 10.34
CA TYR A 210 21.54 -13.14 9.25
C TYR A 210 21.52 -11.69 9.69
N ALA A 211 21.44 -11.43 11.00
CA ALA A 211 21.47 -10.06 11.48
C ALA A 211 22.90 -9.55 11.61
N ILE A 212 23.80 -10.39 12.11
CA ILE A 212 25.20 -10.03 12.25
C ILE A 212 25.95 -10.13 10.93
N ILE A 213 25.52 -11.01 10.03
CA ILE A 213 25.94 -10.91 8.64
C ILE A 213 25.46 -9.62 8.04
N GLY A 214 24.18 -9.34 8.16
CA GLY A 214 23.63 -8.15 7.56
C GLY A 214 23.98 -6.89 8.25
N LEU A 215 24.50 -6.96 9.47
CA LEU A 215 25.06 -5.77 10.04
C LEU A 215 26.40 -5.46 9.42
N GLU A 216 27.37 -6.35 9.52
CA GLU A 216 28.71 -6.25 8.94
C GLU A 216 28.77 -5.91 7.45
N LEU A 217 27.72 -6.12 6.67
CA LEU A 217 27.80 -5.83 5.24
C LEU A 217 27.04 -4.58 4.90
N PHE A 218 25.93 -4.34 5.57
CA PHE A 218 24.91 -3.43 5.07
C PHE A 218 24.75 -2.22 5.96
N LYS A 219 25.56 -2.13 7.01
CA LYS A 219 25.47 -1.06 7.99
C LYS A 219 25.74 0.30 7.38
N GLY A 220 24.80 1.22 7.53
CA GLY A 220 25.04 2.59 7.17
C GLY A 220 25.10 2.88 5.69
N LYS A 221 24.62 1.99 4.85
CA LYS A 221 24.70 2.23 3.43
C LYS A 221 23.53 3.02 2.88
N MET A 222 22.35 2.89 3.49
CA MET A 222 21.13 3.41 2.88
C MET A 222 20.76 4.76 3.48
N HIS A 223 21.63 5.75 3.28
CA HIS A 223 21.36 7.06 3.84
C HIS A 223 21.43 8.16 2.81
N LYS A 224 21.38 7.79 1.53
CA LYS A 224 21.45 8.78 0.46
C LYS A 224 20.25 8.69 -0.46
N THR A 225 19.64 9.84 -0.74
CA THR A 225 18.49 9.92 -1.61
C THR A 225 18.65 11.11 -2.55
N CYS A 226 17.88 11.11 -3.64
CA CYS A 226 17.90 12.20 -4.59
C CYS A 226 17.10 13.31 -3.94
N TYR A 227 17.66 14.51 -3.93
CA TYR A 227 17.00 15.65 -3.34
C TYR A 227 16.96 16.75 -4.36
N TYR A 228 15.91 17.56 -4.33
CA TYR A 228 15.85 18.67 -5.26
C TYR A 228 17.01 19.59 -4.87
N ILE A 229 17.64 20.18 -5.87
CA ILE A 229 18.79 21.05 -5.65
C ILE A 229 18.44 22.10 -4.60
N GLY A 230 19.24 22.14 -3.55
CA GLY A 230 19.11 23.14 -2.52
C GLY A 230 17.85 23.07 -1.69
N THR A 231 17.12 21.95 -1.72
CA THR A 231 15.98 21.81 -0.83
C THR A 231 16.20 20.62 0.10
N ASP A 232 15.21 20.34 0.94
CA ASP A 232 15.16 19.10 1.70
C ASP A 232 14.03 18.22 1.20
N ILE A 233 13.50 18.56 0.03
CA ILE A 233 12.41 17.85 -0.60
C ILE A 233 12.96 16.68 -1.37
N VAL A 234 12.48 15.47 -1.05
CA VAL A 234 12.94 14.26 -1.70
C VAL A 234 12.23 14.07 -3.03
N ALA A 235 12.98 13.69 -4.05
CA ALA A 235 12.45 13.62 -5.40
C ALA A 235 12.07 12.20 -5.75
N THR A 236 10.87 12.03 -6.30
CA THR A 236 10.37 10.75 -6.77
C THR A 236 9.57 10.95 -8.05
N VAL A 237 9.09 9.82 -8.58
CA VAL A 237 8.11 9.73 -9.66
C VAL A 237 6.83 9.48 -8.90
N GLU A 238 5.67 9.53 -9.56
CA GLU A 238 4.38 9.49 -8.87
C GLU A 238 4.17 8.20 -8.10
N ASN A 239 4.61 7.08 -8.64
CA ASN A 239 4.32 5.82 -7.99
C ASN A 239 5.56 5.10 -7.51
N GLU A 240 6.54 5.84 -7.02
CA GLU A 240 7.75 5.25 -6.49
C GLU A 240 7.89 5.58 -5.02
N LYS A 241 8.18 4.61 -4.25
CA LYS A 241 8.53 4.89 -2.87
C LYS A 241 10.00 5.24 -2.77
N PRO A 242 10.37 6.17 -1.89
CA PRO A 242 11.72 6.76 -1.90
C PRO A 242 12.79 5.75 -1.57
N SER A 243 13.82 5.66 -2.42
CA SER A 243 14.89 4.68 -2.25
C SER A 243 16.32 5.22 -2.27
N PRO A 244 17.24 4.41 -1.73
CA PRO A 244 18.65 4.78 -1.65
C PRO A 244 19.35 4.87 -2.99
N CYS A 245 20.31 5.78 -3.11
CA CYS A 245 21.05 5.97 -4.33
C CYS A 245 22.52 6.20 -4.01
N ALA A 246 23.39 6.01 -5.00
CA ALA A 246 24.81 6.21 -4.79
C ALA A 246 25.42 7.13 -5.84
N ARG A 247 26.48 7.82 -5.45
CA ARG A 247 27.18 8.72 -6.36
C ARG A 247 28.43 8.02 -6.82
N THR A 248 28.59 7.86 -8.13
CA THR A 248 29.75 7.17 -8.68
C THR A 248 30.05 5.88 -7.90
N GLY A 249 29.10 4.98 -8.02
CA GLY A 249 29.29 3.64 -7.55
C GLY A 249 28.56 2.76 -8.52
N SER A 250 27.95 1.69 -8.02
CA SER A 250 27.13 0.85 -8.86
C SER A 250 25.65 1.01 -8.55
N GLY A 251 25.30 1.86 -7.61
CA GLY A 251 23.92 2.06 -7.24
C GLY A 251 23.15 2.85 -8.28
N ARG A 252 21.92 3.22 -8.00
CA ARG A 252 21.23 3.96 -9.05
C ARG A 252 21.62 5.42 -9.03
N PRO A 253 22.07 5.96 -10.16
CA PRO A 253 22.44 7.38 -10.13
C PRO A 253 21.15 8.17 -10.09
N CYS A 254 21.13 9.32 -9.42
CA CYS A 254 19.90 10.10 -9.39
C CYS A 254 19.61 10.58 -10.80
N THR A 255 18.38 10.37 -11.24
CA THR A 255 17.97 10.82 -12.55
C THR A 255 16.59 11.44 -12.45
N ILE A 256 16.47 12.56 -11.74
CA ILE A 256 15.18 13.22 -11.61
C ILE A 256 15.14 14.60 -12.26
N ASN A 257 16.27 15.04 -12.81
CA ASN A 257 16.32 16.35 -13.45
C ASN A 257 16.32 17.45 -12.40
N GLY A 258 17.46 18.11 -12.22
CA GLY A 258 17.58 19.16 -11.24
C GLY A 258 17.52 18.46 -9.90
N SER A 259 18.20 17.33 -9.80
CA SER A 259 18.22 16.58 -8.55
C SER A 259 19.63 16.12 -8.28
N GLU A 260 20.00 16.09 -7.00
CA GLU A 260 21.33 15.66 -6.63
C GLU A 260 21.24 14.64 -5.52
N CYS A 261 22.26 13.81 -5.40
CA CYS A 261 22.26 12.79 -4.37
C CYS A 261 23.10 13.23 -3.19
N ARG A 262 22.47 13.29 -2.03
CA ARG A 262 23.14 13.66 -0.80
C ARG A 262 22.78 12.69 0.29
N GLY A 263 23.60 12.66 1.33
CA GLY A 263 23.42 11.72 2.40
C GLY A 263 22.70 12.10 3.68
N GLY A 264 21.90 13.16 3.69
CA GLY A 264 21.32 13.42 5.00
C GLY A 264 20.00 12.72 5.25
N TRP A 265 19.85 11.51 4.75
CA TRP A 265 18.55 10.87 4.69
C TRP A 265 18.44 9.76 5.73
N PRO A 266 17.33 9.67 6.46
CA PRO A 266 17.34 8.78 7.64
C PRO A 266 17.19 7.31 7.31
N GLY A 267 16.38 6.94 6.32
CA GLY A 267 16.15 5.54 6.04
C GLY A 267 15.02 5.31 5.07
N PRO A 268 14.86 4.09 4.57
CA PRO A 268 13.92 3.83 3.47
C PRO A 268 12.43 3.73 3.78
N ASN A 269 12.00 3.26 4.94
CA ASN A 269 10.62 3.48 5.39
C ASN A 269 10.68 4.36 6.61
N HIS A 270 10.87 5.65 6.38
CA HIS A 270 11.06 6.67 7.43
C HIS A 270 12.20 6.36 8.40
N GLY A 271 13.02 5.38 8.11
CA GLY A 271 13.99 4.90 9.07
C GLY A 271 13.57 3.70 9.86
N ILE A 272 12.65 2.90 9.38
CA ILE A 272 12.32 1.66 10.08
C ILE A 272 13.17 0.51 9.58
N THR A 273 13.23 0.33 8.28
CA THR A 273 13.90 -0.81 7.68
C THR A 273 15.24 -0.36 7.12
N HIS A 274 16.28 -0.56 7.91
CA HIS A 274 17.65 -0.41 7.52
C HIS A 274 18.41 -1.48 8.27
N PHE A 275 19.73 -1.37 8.34
CA PHE A 275 20.54 -2.42 8.94
C PHE A 275 21.58 -1.88 9.89
N ASP A 276 21.39 -0.69 10.46
CA ASP A 276 22.56 -0.05 11.01
C ASP A 276 22.64 -0.05 12.52
N ASN A 277 21.89 -0.90 13.20
CA ASN A 277 22.25 -1.43 14.51
C ASN A 277 21.52 -2.74 14.68
N PHE A 278 21.77 -3.40 15.79
CA PHE A 278 21.36 -4.79 15.94
C PHE A 278 19.88 -4.96 16.12
N GLY A 279 19.17 -3.96 16.64
CA GLY A 279 17.75 -4.08 16.74
C GLY A 279 17.05 -3.83 15.44
N PHE A 280 17.54 -2.92 14.64
CA PHE A 280 16.93 -2.72 13.35
C PHE A 280 17.50 -3.63 12.30
N SER A 281 18.55 -4.39 12.60
CA SER A 281 18.90 -5.46 11.68
C SER A 281 18.06 -6.67 11.94
N MET A 282 17.63 -6.86 13.17
CA MET A 282 16.87 -8.03 13.52
C MET A 282 15.39 -7.84 13.28
N LEU A 283 14.94 -6.61 13.24
CA LEU A 283 13.56 -6.35 12.87
C LEU A 283 13.38 -6.43 11.38
N THR A 284 14.38 -6.09 10.60
CA THR A 284 14.21 -6.14 9.16
C THR A 284 14.51 -7.50 8.57
N VAL A 285 15.25 -8.34 9.26
CA VAL A 285 15.42 -9.71 8.83
C VAL A 285 14.20 -10.54 9.14
N TYR A 286 13.60 -10.35 10.31
CA TYR A 286 12.36 -11.01 10.65
C TYR A 286 11.24 -10.67 9.67
N GLN A 287 11.24 -9.46 9.14
CA GLN A 287 10.25 -9.12 8.13
C GLN A 287 10.44 -9.92 6.86
N CYS A 288 11.69 -10.15 6.45
CA CYS A 288 11.95 -10.86 5.21
C CYS A 288 11.62 -12.32 5.32
N ILE A 289 11.76 -12.90 6.51
CA ILE A 289 11.41 -14.30 6.73
C ILE A 289 9.93 -14.56 6.57
N THR A 290 9.10 -13.66 7.04
CA THR A 290 7.68 -13.87 6.89
C THR A 290 7.19 -13.59 5.49
N MET A 291 8.08 -13.16 4.62
CA MET A 291 7.89 -13.08 3.17
C MET A 291 6.85 -12.06 2.77
N GLU A 292 6.70 -10.99 3.53
CA GLU A 292 5.91 -9.88 3.03
C GLU A 292 6.86 -8.72 2.85
N GLY A 293 7.21 -8.44 1.61
CA GLY A 293 8.11 -7.34 1.32
C GLY A 293 9.56 -7.64 1.57
N TRP A 294 10.04 -8.83 1.21
CA TRP A 294 11.47 -9.02 1.14
C TRP A 294 12.06 -8.43 -0.12
N THR A 295 11.27 -8.22 -1.15
CA THR A 295 11.80 -7.61 -2.35
C THR A 295 11.81 -6.11 -2.29
N ASP A 296 11.43 -5.52 -1.18
CA ASP A 296 11.71 -4.11 -1.02
C ASP A 296 13.02 -3.92 -0.34
N VAL A 297 13.39 -4.81 0.55
CA VAL A 297 14.68 -4.72 1.19
C VAL A 297 15.77 -5.10 0.20
N LEU A 298 15.49 -6.04 -0.69
CA LEU A 298 16.47 -6.43 -1.70
C LEU A 298 16.69 -5.32 -2.71
N TYR A 299 15.65 -4.60 -3.07
CA TYR A 299 15.84 -3.61 -4.10
C TYR A 299 16.37 -2.32 -3.54
N TRP A 300 16.30 -2.12 -2.25
CA TRP A 300 16.87 -0.93 -1.67
C TRP A 300 18.34 -1.09 -1.43
N VAL A 301 18.82 -2.32 -1.37
CA VAL A 301 20.25 -2.57 -1.35
C VAL A 301 20.84 -2.52 -2.74
N ASN A 302 20.06 -2.79 -3.78
CA ASN A 302 20.57 -2.70 -5.14
C ASN A 302 20.63 -1.27 -5.61
N ASP A 303 20.08 -0.35 -4.85
CA ASP A 303 20.22 1.03 -5.23
C ASP A 303 21.31 1.69 -4.39
N ALA A 304 21.61 1.10 -3.25
CA ALA A 304 22.82 1.28 -2.47
C ALA A 304 23.91 0.47 -3.14
N ILE A 305 24.71 -0.23 -2.36
CA ILE A 305 26.00 -0.84 -2.70
C ILE A 305 26.19 -1.43 -4.10
N GLY A 306 25.17 -2.01 -4.71
CA GLY A 306 25.35 -2.47 -6.08
C GLY A 306 24.43 -3.62 -6.39
N ASN A 307 24.52 -4.09 -7.62
CA ASN A 307 23.52 -4.99 -8.17
C ASN A 307 23.89 -6.45 -8.14
N GLU A 308 25.16 -6.79 -8.14
CA GLU A 308 25.54 -8.16 -8.44
C GLU A 308 25.75 -9.02 -7.20
N TRP A 309 26.28 -8.50 -6.16
CA TRP A 309 26.43 -9.34 -4.99
C TRP A 309 25.27 -9.47 -4.01
N PRO A 310 24.41 -8.48 -3.74
CA PRO A 310 23.45 -8.66 -2.64
C PRO A 310 22.28 -9.59 -2.90
N TRP A 311 22.13 -10.21 -4.07
CA TRP A 311 21.02 -11.14 -4.19
C TRP A 311 21.24 -12.43 -3.42
N ILE A 312 22.47 -12.86 -3.26
CA ILE A 312 22.75 -14.12 -2.58
C ILE A 312 22.41 -14.05 -1.10
N TYR A 313 22.34 -12.86 -0.51
CA TYR A 313 21.93 -12.74 0.88
C TYR A 313 20.45 -13.02 1.05
N PHE A 314 19.61 -12.42 0.21
CA PHE A 314 18.18 -12.44 0.42
C PHE A 314 17.54 -13.70 -0.08
N VAL A 315 18.17 -14.37 -1.02
CA VAL A 315 17.59 -15.57 -1.57
C VAL A 315 17.96 -16.76 -0.70
N THR A 316 19.19 -16.77 -0.21
CA THR A 316 19.64 -17.86 0.62
C THR A 316 18.86 -17.82 1.90
N LEU A 317 18.72 -16.61 2.43
CA LEU A 317 18.01 -16.42 3.66
C LEU A 317 16.57 -16.81 3.54
N ILE A 318 15.91 -16.35 2.49
CA ILE A 318 14.49 -16.65 2.38
C ILE A 318 14.27 -18.14 2.32
N LEU A 319 14.98 -18.83 1.45
CA LEU A 319 14.76 -20.26 1.33
C LEU A 319 15.05 -20.90 2.66
N LEU A 320 16.21 -20.59 3.22
CA LEU A 320 16.60 -21.24 4.47
C LEU A 320 15.71 -21.01 5.66
N GLY A 321 15.21 -19.80 5.84
CA GLY A 321 14.40 -19.54 7.01
C GLY A 321 12.94 -19.53 6.75
N SER A 322 12.57 -19.75 5.51
CA SER A 322 11.16 -19.68 5.17
C SER A 322 10.68 -20.92 4.51
N PHE A 323 11.26 -21.22 3.35
CA PHE A 323 10.77 -22.43 2.71
C PHE A 323 11.30 -23.67 3.37
N PHE A 324 12.20 -23.53 4.33
CA PHE A 324 12.81 -24.72 4.92
C PHE A 324 12.46 -24.84 6.39
N ILE A 325 12.22 -23.74 7.08
CA ILE A 325 11.59 -23.84 8.39
C ILE A 325 10.16 -24.32 8.25
N LEU A 326 9.45 -23.85 7.24
CA LEU A 326 8.09 -24.25 6.99
C LEU A 326 7.98 -25.69 6.56
N ASN A 327 9.08 -26.30 6.14
CA ASN A 327 9.11 -27.74 5.97
C ASN A 327 9.20 -28.46 7.30
N LEU A 328 9.95 -27.93 8.25
CA LEU A 328 10.08 -28.58 9.54
C LEU A 328 8.84 -28.38 10.39
N VAL A 329 8.19 -27.24 10.28
CA VAL A 329 6.99 -26.98 11.06
C VAL A 329 5.85 -27.88 10.58
N LEU A 330 5.73 -28.07 9.29
CA LEU A 330 4.77 -29.03 8.78
C LEU A 330 5.29 -30.45 8.76
N GLY A 331 6.34 -30.76 9.50
CA GLY A 331 6.66 -32.15 9.70
C GLY A 331 6.44 -32.56 11.13
N VAL A 332 6.88 -31.73 12.06
CA VAL A 332 6.70 -32.03 13.48
C VAL A 332 5.23 -31.97 13.82
N LEU A 333 4.54 -30.98 13.29
CA LEU A 333 3.11 -30.80 13.54
C LEU A 333 2.30 -31.92 12.88
N SER A 334 2.72 -32.34 11.69
CA SER A 334 2.05 -33.39 10.96
C SER A 334 2.20 -34.74 11.66
N GLY A 335 3.36 -34.94 12.27
CA GLY A 335 3.65 -36.18 12.98
C GLY A 335 3.06 -36.20 14.38
N GLU A 336 2.82 -35.02 14.93
CA GLU A 336 2.24 -34.90 16.27
C GLU A 336 0.75 -35.16 16.25
N PHE A 337 0.13 -34.93 15.10
CA PHE A 337 -1.31 -35.14 14.94
C PHE A 337 -1.61 -36.56 14.49
N THR A 338 -0.56 -37.31 14.18
CA THR A 338 -0.71 -38.70 13.74
C THR A 338 -0.46 -39.66 14.89
N LYS A 339 0.39 -39.25 15.83
CA LYS A 339 0.73 -40.07 16.98
C LYS A 339 -0.40 -40.03 18.01
N GLU A 340 -1.31 -39.08 17.85
CA GLU A 340 -2.44 -38.93 18.75
C GLU A 340 -3.67 -39.63 18.22
N ARG A 341 -3.78 -39.75 16.90
CA ARG A 341 -4.84 -40.57 16.34
C ARG A 341 -4.55 -42.05 16.57
N GLU A 342 -3.29 -42.43 16.68
CA GLU A 342 -2.95 -43.76 17.15
C GLU A 342 -3.27 -43.93 18.64
N LYS A 343 -3.19 -42.88 19.43
CA LYS A 343 -3.60 -43.02 20.83
C LYS A 343 -5.08 -42.71 21.01
N ALA A 344 -5.79 -42.43 19.94
CA ALA A 344 -7.24 -42.43 20.00
C ALA A 344 -7.78 -43.66 19.33
N LYS A 345 -6.96 -44.29 18.49
CA LYS A 345 -7.24 -45.65 18.08
C LYS A 345 -7.11 -46.59 19.27
N SER A 346 -6.16 -46.32 20.16
CA SER A 346 -5.83 -47.27 21.21
C SER A 346 -6.51 -46.99 22.54
N ARG A 347 -7.42 -46.02 22.62
CA ARG A 347 -8.24 -45.98 23.83
C ARG A 347 -9.58 -46.66 23.61
N GLY A 348 -10.49 -46.00 22.88
CA GLY A 348 -11.69 -46.68 22.44
C GLY A 348 -12.39 -46.06 21.25
N THR A 349 -11.82 -44.99 20.68
CA THR A 349 -12.64 -44.02 19.95
C THR A 349 -12.94 -44.42 18.52
N PHE A 350 -12.48 -45.58 18.06
CA PHE A 350 -12.69 -45.93 16.67
C PHE A 350 -14.13 -46.35 16.41
N GLN A 351 -14.71 -47.10 17.33
CA GLN A 351 -16.06 -47.61 17.19
C GLN A 351 -17.11 -46.52 17.23
N LYS A 352 -16.86 -45.40 17.93
CA LYS A 352 -17.81 -44.32 18.06
C LYS A 352 -18.20 -43.71 16.71
N LEU A 353 -17.23 -43.51 15.83
CA LEU A 353 -17.52 -43.09 14.47
C LEU A 353 -17.73 -44.27 13.52
N ARG A 354 -17.65 -45.50 14.01
CA ARG A 354 -18.01 -46.65 13.19
C ARG A 354 -19.37 -47.21 13.57
N GLU A 355 -19.60 -47.46 14.86
CA GLU A 355 -20.86 -48.03 15.31
C GLU A 355 -22.01 -47.07 15.05
N LYS A 356 -21.91 -45.84 15.58
CA LYS A 356 -22.92 -44.81 15.37
C LYS A 356 -23.08 -44.41 13.92
N GLN A 357 -22.03 -44.55 13.10
CA GLN A 357 -22.22 -44.47 11.66
C GLN A 357 -23.09 -45.61 11.16
N GLN A 358 -22.78 -46.83 11.57
CA GLN A 358 -23.51 -47.98 11.05
C GLN A 358 -24.81 -48.22 11.82
N LEU A 359 -24.94 -47.65 13.02
CA LEU A 359 -26.23 -47.57 13.67
C LEU A 359 -27.14 -46.53 13.05
N GLU A 360 -26.58 -45.59 12.29
CA GLU A 360 -27.40 -44.60 11.60
C GLU A 360 -27.84 -45.09 10.22
N GLU A 361 -26.92 -45.67 9.45
CA GLU A 361 -27.30 -46.16 8.12
C GLU A 361 -28.16 -47.41 8.18
N ASP A 362 -28.10 -48.16 9.26
CA ASP A 362 -29.06 -49.24 9.45
C ASP A 362 -30.39 -48.71 9.99
N LEU A 363 -30.36 -47.56 10.66
CA LEU A 363 -31.61 -46.92 11.09
C LEU A 363 -32.36 -46.35 9.89
N ARG A 364 -31.64 -45.71 8.97
CA ARG A 364 -32.27 -45.15 7.77
C ARG A 364 -32.74 -46.25 6.83
N GLY A 365 -32.08 -47.40 6.83
CA GLY A 365 -32.50 -48.50 5.99
C GLY A 365 -33.68 -49.27 6.57
N TYR A 366 -33.76 -49.34 7.91
CA TYR A 366 -34.90 -50.00 8.54
C TYR A 366 -36.16 -49.16 8.46
N MET A 367 -36.02 -47.84 8.28
CA MET A 367 -37.20 -47.01 8.06
C MET A 367 -37.85 -47.24 6.70
N SER A 368 -37.05 -47.57 5.67
CA SER A 368 -37.61 -47.82 4.35
C SER A 368 -38.35 -49.15 4.28
N TRP A 369 -37.99 -50.12 5.14
CA TRP A 369 -38.66 -51.41 5.12
C TRP A 369 -40.05 -51.36 5.74
N ILE A 370 -40.42 -50.24 6.38
CA ILE A 370 -41.80 -50.04 6.82
C ILE A 370 -42.49 -49.01 5.93
N THR A 371 -41.78 -47.90 5.62
CA THR A 371 -42.45 -46.76 4.99
C THR A 371 -42.68 -46.95 3.50
N GLN A 372 -42.02 -47.91 2.86
CA GLN A 372 -42.37 -48.28 1.50
C GLN A 372 -43.57 -49.22 1.46
N GLY A 373 -43.94 -49.77 2.62
CA GLY A 373 -45.18 -50.51 2.76
C GLY A 373 -46.27 -49.74 3.46
N GLU A 374 -46.00 -48.49 3.86
CA GLU A 374 -47.06 -47.61 4.33
C GLU A 374 -47.90 -47.10 3.17
N VAL A 375 -47.34 -47.12 1.96
CA VAL A 375 -48.05 -46.61 0.79
C VAL A 375 -48.76 -47.74 0.06
N MET A 376 -48.00 -48.66 -0.53
CA MET A 376 -48.56 -49.75 -1.31
C MET A 376 -48.11 -51.07 -0.71
N ASN A 418 -53.80 -44.64 -5.68
CA ASN A 418 -53.08 -45.90 -5.71
C ASN A 418 -53.25 -46.59 -7.05
N ARG A 419 -52.94 -45.86 -8.12
CA ARG A 419 -53.28 -46.32 -9.45
C ARG A 419 -52.02 -46.82 -10.17
N VAL A 420 -52.18 -47.14 -11.46
CA VAL A 420 -51.03 -47.29 -12.34
C VAL A 420 -50.26 -45.98 -12.43
N PHE A 421 -51.00 -44.85 -12.45
CA PHE A 421 -50.43 -43.51 -12.51
C PHE A 421 -49.52 -43.19 -11.33
N ARG A 422 -49.81 -43.73 -10.15
CA ARG A 422 -48.88 -43.55 -9.04
C ARG A 422 -47.71 -44.50 -9.09
N TRP A 423 -47.75 -45.55 -9.90
CA TRP A 423 -46.58 -46.38 -10.04
C TRP A 423 -45.66 -45.95 -11.17
N LYS A 424 -46.20 -45.52 -12.31
CA LYS A 424 -45.35 -45.26 -13.47
C LYS A 424 -44.46 -44.05 -13.24
N CYS A 425 -44.81 -43.19 -12.28
CA CYS A 425 -43.91 -42.16 -11.77
C CYS A 425 -42.91 -42.67 -10.74
N HIS A 426 -42.97 -43.95 -10.36
CA HIS A 426 -41.89 -44.55 -9.59
C HIS A 426 -40.88 -45.23 -10.50
N ASP A 427 -41.33 -45.91 -11.54
CA ASP A 427 -40.46 -46.43 -12.58
C ASP A 427 -39.77 -45.30 -13.34
N LEU A 428 -40.41 -44.14 -13.41
CA LEU A 428 -39.80 -42.96 -14.03
C LEU A 428 -38.57 -42.49 -13.29
N VAL A 429 -38.67 -42.40 -11.95
CA VAL A 429 -37.65 -41.66 -11.19
C VAL A 429 -36.37 -42.47 -11.08
N LYS A 430 -36.45 -43.70 -10.60
CA LYS A 430 -35.27 -44.53 -10.40
C LYS A 430 -34.66 -45.02 -11.70
N SER A 431 -35.30 -44.78 -12.84
CA SER A 431 -34.68 -45.07 -14.12
C SER A 431 -33.68 -43.97 -14.42
N ARG A 432 -32.76 -44.24 -15.35
CA ARG A 432 -31.77 -43.26 -15.76
C ARG A 432 -32.32 -42.24 -16.75
N VAL A 433 -33.62 -42.29 -17.03
CA VAL A 433 -34.25 -41.22 -17.80
C VAL A 433 -34.30 -39.94 -16.97
N PHE A 434 -34.52 -40.08 -15.68
CA PHE A 434 -34.80 -38.95 -14.81
C PHE A 434 -33.52 -38.33 -14.26
N TYR A 435 -32.58 -39.14 -13.79
CA TYR A 435 -31.30 -38.69 -13.29
C TYR A 435 -30.35 -38.23 -14.41
N TRP A 436 -30.75 -38.36 -15.67
CA TRP A 436 -29.99 -37.77 -16.76
C TRP A 436 -30.78 -36.71 -17.52
N LEU A 437 -31.98 -36.34 -17.05
CA LEU A 437 -32.74 -35.25 -17.64
C LEU A 437 -33.30 -34.28 -16.61
N VAL A 438 -32.95 -34.42 -15.33
CA VAL A 438 -33.10 -33.31 -14.39
C VAL A 438 -31.80 -32.54 -14.30
N ILE A 439 -30.67 -33.22 -14.52
CA ILE A 439 -29.38 -32.59 -14.76
C ILE A 439 -29.38 -31.73 -16.03
N LEU A 440 -30.39 -31.86 -16.89
CA LEU A 440 -30.54 -30.98 -18.05
C LEU A 440 -31.12 -29.63 -17.66
N ILE A 441 -32.00 -29.58 -16.66
CA ILE A 441 -32.55 -28.29 -16.27
C ILE A 441 -31.79 -27.65 -15.12
N VAL A 442 -30.81 -28.35 -14.55
CA VAL A 442 -29.83 -27.65 -13.72
C VAL A 442 -28.88 -26.86 -14.59
N ALA A 443 -28.41 -27.46 -15.68
CA ALA A 443 -27.48 -26.76 -16.56
C ALA A 443 -28.13 -25.61 -17.33
N LEU A 444 -29.45 -25.58 -17.41
CA LEU A 444 -30.14 -24.41 -17.92
C LEU A 444 -30.26 -23.32 -16.88
N ASN A 445 -30.07 -23.65 -15.62
CA ASN A 445 -30.16 -22.67 -14.56
C ASN A 445 -28.82 -22.01 -14.28
N THR A 446 -27.72 -22.77 -14.40
CA THR A 446 -26.38 -22.21 -14.37
C THR A 446 -26.16 -21.21 -15.49
N LEU A 447 -26.46 -21.61 -16.72
CA LEU A 447 -26.27 -20.75 -17.87
C LEU A 447 -27.16 -19.52 -17.81
N SER A 448 -28.30 -19.62 -17.15
CA SER A 448 -29.12 -18.44 -16.90
C SER A 448 -28.45 -17.50 -15.92
N ILE A 449 -27.71 -18.06 -14.96
CA ILE A 449 -27.09 -17.24 -13.93
C ILE A 449 -25.75 -16.72 -14.38
N ALA A 450 -24.97 -17.56 -15.03
CA ALA A 450 -23.64 -17.14 -15.44
C ALA A 450 -23.63 -16.27 -16.68
N SER A 451 -24.75 -15.68 -17.05
CA SER A 451 -24.81 -14.74 -18.14
C SER A 451 -25.19 -13.34 -17.69
N GLU A 452 -25.32 -13.12 -16.40
CA GLU A 452 -25.44 -11.75 -15.90
C GLU A 452 -24.11 -11.07 -16.13
N HIS A 453 -24.16 -9.82 -16.55
CA HIS A 453 -22.98 -8.97 -16.56
C HIS A 453 -23.45 -7.55 -16.50
N HIS A 454 -22.53 -6.64 -16.24
CA HIS A 454 -22.85 -5.23 -16.24
C HIS A 454 -23.06 -4.78 -17.66
N ASN A 455 -24.02 -3.87 -17.83
CA ASN A 455 -24.39 -3.27 -19.11
C ASN A 455 -24.83 -4.36 -20.09
N GLN A 456 -25.72 -5.22 -19.64
CA GLN A 456 -26.08 -6.38 -20.43
C GLN A 456 -27.15 -5.98 -21.43
N PRO A 457 -27.34 -6.76 -22.52
CA PRO A 457 -28.38 -6.43 -23.49
C PRO A 457 -29.78 -6.60 -22.95
N LEU A 458 -30.69 -5.75 -23.42
CA LEU A 458 -32.08 -5.76 -22.99
C LEU A 458 -32.81 -7.04 -23.33
N TRP A 459 -32.37 -7.78 -24.34
CA TRP A 459 -32.99 -9.07 -24.61
C TRP A 459 -32.56 -10.13 -23.59
N LEU A 460 -31.29 -10.11 -23.18
CA LEU A 460 -30.84 -11.13 -22.24
C LEU A 460 -31.30 -10.81 -20.84
N THR A 461 -31.66 -9.56 -20.59
CA THR A 461 -32.40 -9.26 -19.37
C THR A 461 -33.80 -9.86 -19.44
N HIS A 462 -34.50 -9.64 -20.56
CA HIS A 462 -35.86 -10.12 -20.68
C HIS A 462 -35.93 -11.63 -20.81
N LEU A 463 -34.90 -12.24 -21.40
CA LEU A 463 -34.83 -13.69 -21.46
C LEU A 463 -34.76 -14.31 -20.09
N GLN A 464 -34.00 -13.70 -19.18
CA GLN A 464 -33.72 -14.35 -17.91
C GLN A 464 -34.90 -14.28 -16.94
N ASP A 465 -35.93 -13.49 -17.25
CA ASP A 465 -37.13 -13.59 -16.45
C ASP A 465 -38.06 -14.66 -16.99
N ILE A 466 -38.01 -14.91 -18.31
CA ILE A 466 -38.70 -16.06 -18.88
C ILE A 466 -38.11 -17.36 -18.35
N ALA A 467 -36.78 -17.48 -18.42
CA ALA A 467 -36.13 -18.73 -18.04
C ALA A 467 -36.12 -18.93 -16.53
N ASN A 468 -36.42 -17.89 -15.75
CA ASN A 468 -36.63 -18.11 -14.32
C ASN A 468 -38.05 -18.57 -14.06
N ARG A 469 -39.01 -18.03 -14.81
CA ARG A 469 -40.39 -18.42 -14.64
C ARG A 469 -40.61 -19.85 -15.12
N VAL A 470 -39.81 -20.31 -16.08
CA VAL A 470 -39.89 -21.68 -16.57
C VAL A 470 -39.26 -22.64 -15.58
N LEU A 471 -38.02 -22.37 -15.17
CA LEU A 471 -37.31 -23.26 -14.27
C LEU A 471 -37.81 -23.21 -12.84
N LEU A 472 -38.70 -22.29 -12.52
CA LEU A 472 -39.41 -22.42 -11.26
C LEU A 472 -40.53 -23.43 -11.39
N SER A 473 -41.10 -23.55 -12.59
CA SER A 473 -42.14 -24.54 -12.80
C SER A 473 -41.57 -25.94 -12.86
N LEU A 474 -40.44 -26.13 -13.54
CA LEU A 474 -39.93 -27.48 -13.78
C LEU A 474 -39.34 -28.08 -12.51
N PHE A 475 -38.99 -27.24 -11.54
CA PHE A 475 -38.66 -27.74 -10.21
C PHE A 475 -39.91 -28.05 -9.42
N THR A 476 -41.01 -27.34 -9.71
CA THR A 476 -42.23 -27.53 -8.97
C THR A 476 -42.99 -28.75 -9.49
N ILE A 477 -42.82 -29.07 -10.78
CA ILE A 477 -43.35 -30.30 -11.33
C ILE A 477 -42.67 -31.50 -10.67
N GLU A 478 -41.34 -31.50 -10.61
CA GLU A 478 -40.62 -32.63 -10.04
C GLU A 478 -40.58 -32.59 -8.52
N MET A 479 -41.26 -31.65 -7.88
CA MET A 479 -41.51 -31.76 -6.45
C MET A 479 -42.89 -32.31 -6.17
N LEU A 480 -43.91 -31.86 -6.92
CA LEU A 480 -45.26 -32.40 -6.76
C LEU A 480 -45.33 -33.84 -7.26
N LEU A 481 -44.49 -34.20 -8.24
CA LEU A 481 -44.34 -35.60 -8.58
C LEU A 481 -43.67 -36.36 -7.47
N LYS A 482 -42.81 -35.69 -6.71
CA LYS A 482 -42.03 -36.39 -5.71
C LYS A 482 -42.77 -36.42 -4.38
N MET A 483 -43.59 -35.41 -4.11
CA MET A 483 -44.25 -35.41 -2.82
C MET A 483 -45.49 -36.29 -2.78
N TYR A 484 -46.02 -36.69 -3.94
CA TYR A 484 -47.21 -37.53 -4.00
C TYR A 484 -46.94 -38.89 -4.64
N GLY A 485 -46.14 -38.95 -5.69
CA GLY A 485 -45.97 -40.16 -6.46
C GLY A 485 -45.01 -41.15 -5.84
N LEU A 486 -44.33 -40.72 -4.77
CA LEU A 486 -43.53 -41.64 -3.97
C LEU A 486 -43.66 -41.32 -2.48
N GLY A 487 -44.63 -40.53 -2.09
CA GLY A 487 -45.02 -40.43 -0.70
C GLY A 487 -44.22 -39.38 0.05
N LEU A 488 -44.87 -38.80 1.07
CA LEU A 488 -44.27 -37.69 1.81
C LEU A 488 -43.48 -38.19 3.00
N ARG A 489 -43.37 -39.51 3.16
CA ARG A 489 -42.63 -40.04 4.29
C ARG A 489 -41.20 -40.45 3.91
N GLN A 490 -41.00 -40.95 2.70
CA GLN A 490 -39.65 -41.09 2.16
C GLN A 490 -39.01 -39.75 1.83
N TYR A 491 -39.83 -38.77 1.43
CA TYR A 491 -39.34 -37.45 1.03
C TYR A 491 -38.64 -36.74 2.17
N PHE A 492 -39.31 -36.64 3.32
CA PHE A 492 -38.77 -35.90 4.46
C PHE A 492 -37.58 -36.59 5.08
N MET A 493 -37.44 -37.89 4.87
CA MET A 493 -36.37 -38.66 5.47
C MET A 493 -35.03 -38.29 4.84
N SER A 494 -35.05 -37.83 3.60
CA SER A 494 -33.82 -37.55 2.87
C SER A 494 -33.18 -36.25 3.35
N ILE A 495 -31.86 -36.19 3.30
CA ILE A 495 -31.10 -35.02 3.71
C ILE A 495 -31.14 -33.92 2.66
N PHE A 496 -31.35 -34.27 1.40
CA PHE A 496 -31.25 -33.35 0.27
C PHE A 496 -32.60 -32.89 -0.26
N ASN A 497 -33.66 -33.69 -0.09
CA ASN A 497 -34.99 -33.24 -0.47
C ASN A 497 -35.48 -32.11 0.42
N ARG A 498 -34.94 -31.99 1.63
CA ARG A 498 -35.28 -30.89 2.52
C ARG A 498 -34.87 -29.57 1.91
N PHE A 499 -33.75 -29.56 1.19
CA PHE A 499 -33.32 -28.40 0.45
C PHE A 499 -34.32 -28.04 -0.64
N ASP A 500 -34.82 -29.05 -1.37
CA ASP A 500 -35.59 -28.81 -2.59
C ASP A 500 -36.93 -28.15 -2.31
N CYS A 501 -37.63 -28.57 -1.26
CA CYS A 501 -38.95 -28.00 -0.99
C CYS A 501 -38.84 -26.53 -0.59
N PHE A 502 -37.75 -26.18 0.10
CA PHE A 502 -37.43 -24.79 0.36
C PHE A 502 -37.20 -24.01 -0.93
N VAL A 503 -36.40 -24.56 -1.85
CA VAL A 503 -36.00 -23.84 -3.04
C VAL A 503 -37.19 -23.60 -3.96
N VAL A 504 -38.07 -24.59 -4.05
CA VAL A 504 -39.33 -24.39 -4.77
C VAL A 504 -40.19 -23.36 -4.06
N CYS A 505 -40.27 -23.41 -2.73
CA CYS A 505 -41.04 -22.42 -1.98
C CYS A 505 -40.37 -21.07 -2.01
N SER A 506 -39.06 -21.01 -1.78
CA SER A 506 -38.39 -19.72 -1.81
C SER A 506 -38.16 -19.19 -3.21
N GLY A 507 -38.37 -20.02 -4.23
CA GLY A 507 -38.43 -19.49 -5.58
C GLY A 507 -39.79 -18.90 -5.89
N ILE A 508 -40.85 -19.57 -5.45
CA ILE A 508 -42.20 -19.06 -5.66
C ILE A 508 -42.50 -17.95 -4.66
N LEU A 509 -41.63 -17.75 -3.68
CA LEU A 509 -41.74 -16.59 -2.80
C LEU A 509 -41.51 -15.30 -3.58
N GLU A 510 -40.59 -15.32 -4.54
CA GLU A 510 -40.22 -14.13 -5.29
C GLU A 510 -41.30 -13.75 -6.30
N LEU A 511 -41.84 -14.73 -7.04
CA LEU A 511 -42.89 -14.49 -8.01
C LEU A 511 -44.21 -14.06 -7.40
N LEU A 512 -44.37 -14.21 -6.09
CA LEU A 512 -45.49 -13.62 -5.38
C LEU A 512 -45.15 -12.28 -4.77
N LEU A 513 -43.87 -12.01 -4.50
CA LEU A 513 -43.47 -10.76 -3.86
C LEU A 513 -43.15 -9.68 -4.88
N VAL A 514 -42.41 -10.02 -5.93
CA VAL A 514 -42.04 -9.00 -6.91
C VAL A 514 -43.21 -8.71 -7.84
N GLU A 515 -44.07 -9.70 -8.07
CA GLU A 515 -45.34 -9.44 -8.75
C GLU A 515 -46.39 -8.94 -7.76
N SER A 516 -46.08 -7.82 -7.11
CA SER A 516 -47.00 -7.20 -6.18
C SER A 516 -47.02 -5.68 -6.24
N GLY A 517 -46.00 -5.05 -6.83
CA GLY A 517 -45.72 -3.67 -6.53
C GLY A 517 -45.07 -3.48 -5.18
N ALA A 518 -44.62 -4.57 -4.56
CA ALA A 518 -44.00 -4.60 -3.24
C ALA A 518 -42.56 -5.00 -3.50
N MET A 519 -41.94 -4.26 -4.41
CA MET A 519 -40.63 -4.62 -4.95
C MET A 519 -39.54 -4.60 -3.89
N THR A 520 -39.70 -3.79 -2.81
CA THR A 520 -38.81 -3.68 -1.66
C THR A 520 -37.39 -3.34 -2.10
N PRO A 521 -37.08 -2.02 -2.33
CA PRO A 521 -35.96 -1.56 -3.18
C PRO A 521 -34.60 -2.26 -3.07
N LEU A 522 -34.30 -2.81 -1.90
CA LEU A 522 -33.11 -3.65 -1.78
C LEU A 522 -33.42 -5.13 -1.92
N GLY A 523 -34.61 -5.57 -1.51
CA GLY A 523 -34.96 -6.98 -1.56
C GLY A 523 -35.26 -7.47 -2.96
N ILE A 524 -35.42 -6.55 -3.90
CA ILE A 524 -35.54 -6.91 -5.31
C ILE A 524 -34.22 -7.49 -5.83
N SER A 525 -33.10 -7.24 -5.14
CA SER A 525 -31.85 -7.88 -5.52
C SER A 525 -31.40 -8.89 -4.47
N VAL A 526 -31.91 -8.80 -3.24
CA VAL A 526 -31.62 -9.85 -2.26
C VAL A 526 -32.28 -11.14 -2.71
N LEU A 527 -33.49 -11.06 -3.26
CA LEU A 527 -34.14 -12.24 -3.80
C LEU A 527 -33.60 -12.62 -5.17
N ARG A 528 -32.76 -11.79 -5.77
CA ARG A 528 -31.93 -12.27 -6.86
C ARG A 528 -30.70 -12.96 -6.33
N CYS A 529 -30.22 -12.55 -5.16
CA CYS A 529 -29.16 -13.31 -4.52
C CYS A 529 -29.68 -14.62 -3.94
N ILE A 530 -30.96 -14.67 -3.60
CA ILE A 530 -31.57 -15.92 -3.13
C ILE A 530 -31.62 -16.99 -4.20
N ARG A 531 -32.02 -16.65 -5.43
CA ARG A 531 -32.14 -17.66 -6.48
C ARG A 531 -30.80 -18.21 -6.93
N LEU A 532 -29.68 -17.64 -6.47
CA LEU A 532 -28.36 -18.24 -6.57
C LEU A 532 -28.22 -19.55 -5.79
N LEU A 533 -29.16 -19.85 -4.88
CA LEU A 533 -29.11 -21.12 -4.19
C LEU A 533 -29.38 -22.31 -5.10
N ARG A 534 -30.02 -22.08 -6.24
CA ARG A 534 -30.38 -23.16 -7.14
C ARG A 534 -29.18 -23.84 -7.75
N LEU A 535 -28.04 -23.16 -7.83
CA LEU A 535 -26.85 -23.83 -8.34
C LEU A 535 -26.09 -24.58 -7.27
N PHE A 536 -26.58 -24.60 -6.03
CA PHE A 536 -26.06 -25.51 -5.03
C PHE A 536 -26.69 -26.89 -5.13
N LYS A 537 -27.75 -27.01 -5.94
CA LYS A 537 -28.37 -28.31 -6.22
C LYS A 537 -27.45 -29.26 -6.95
N ILE A 538 -26.43 -28.74 -7.66
CA ILE A 538 -25.52 -29.59 -8.43
C ILE A 538 -24.51 -30.30 -7.52
N THR A 539 -24.47 -29.95 -6.24
CA THR A 539 -23.57 -30.61 -5.29
C THR A 539 -23.97 -32.07 -5.07
N LYS A 540 -25.25 -32.39 -5.28
CA LYS A 540 -25.74 -33.75 -5.13
C LYS A 540 -25.16 -34.68 -6.18
N TYR A 541 -24.68 -34.14 -7.29
CA TYR A 541 -24.17 -34.94 -8.39
C TYR A 541 -22.74 -35.41 -8.18
N TRP A 542 -22.12 -35.13 -7.04
CA TRP A 542 -20.74 -35.58 -6.87
C TRP A 542 -20.68 -37.04 -6.47
N THR A 543 -21.21 -37.37 -5.28
CA THR A 543 -21.20 -38.68 -4.65
C THR A 543 -19.80 -39.30 -4.62
N SER A 544 -18.78 -38.50 -4.29
CA SER A 544 -17.41 -38.98 -4.11
C SER A 544 -16.75 -38.38 -2.89
N LEU A 545 -17.28 -37.28 -2.38
CA LEU A 545 -16.81 -36.69 -1.15
C LEU A 545 -17.85 -36.75 -0.06
N SER A 546 -18.90 -37.53 -0.28
CA SER A 546 -19.93 -37.68 0.75
C SER A 546 -19.55 -38.73 1.78
N ASN A 547 -18.30 -39.20 1.78
CA ASN A 547 -17.73 -39.81 2.98
C ASN A 547 -16.93 -38.80 3.78
N LEU A 548 -16.65 -37.65 3.19
CA LEU A 548 -16.05 -36.53 3.90
C LEU A 548 -17.07 -35.50 4.35
N VAL A 549 -18.01 -35.15 3.47
CA VAL A 549 -19.11 -34.27 3.85
C VAL A 549 -19.99 -34.94 4.90
N ALA A 550 -20.08 -36.27 4.88
CA ALA A 550 -20.62 -36.99 6.02
C ALA A 550 -19.72 -36.83 7.24
N SER A 551 -18.43 -37.12 7.09
CA SER A 551 -17.48 -37.07 8.20
C SER A 551 -17.24 -35.67 8.71
N LEU A 552 -17.55 -34.66 7.91
CA LEU A 552 -17.47 -33.29 8.37
C LEU A 552 -18.49 -33.05 9.47
N LEU A 553 -19.76 -33.28 9.16
CA LEU A 553 -20.91 -33.01 9.99
C LEU A 553 -20.96 -33.87 11.24
N ASN A 554 -20.14 -34.90 11.35
CA ASN A 554 -20.09 -35.64 12.60
C ASN A 554 -19.24 -34.91 13.63
N SER A 555 -18.48 -33.91 13.20
CA SER A 555 -17.49 -33.24 14.04
C SER A 555 -17.84 -31.79 14.35
N ILE A 556 -19.09 -31.38 14.14
CA ILE A 556 -19.41 -29.96 14.27
C ILE A 556 -19.78 -29.55 15.69
N ARG A 557 -19.50 -30.39 16.68
CA ARG A 557 -19.36 -29.86 18.03
C ARG A 557 -17.89 -29.67 18.36
N SER A 558 -17.01 -30.03 17.42
CA SER A 558 -15.56 -29.95 17.59
C SER A 558 -14.91 -29.00 16.61
N ILE A 559 -15.42 -28.96 15.38
CA ILE A 559 -15.10 -27.88 14.45
C ILE A 559 -15.36 -26.54 15.11
N ALA A 560 -16.55 -26.37 15.66
CA ALA A 560 -16.92 -25.08 16.22
C ALA A 560 -16.34 -24.83 17.58
N SER A 561 -15.76 -25.82 18.23
CA SER A 561 -15.08 -25.52 19.49
C SER A 561 -13.68 -24.98 19.27
N LEU A 562 -13.18 -25.03 18.02
CA LEU A 562 -11.91 -24.39 17.67
C LEU A 562 -12.13 -23.06 16.99
N LEU A 563 -13.11 -22.99 16.08
CA LEU A 563 -13.38 -21.72 15.41
C LEU A 563 -14.01 -20.71 16.35
N LEU A 564 -14.42 -21.14 17.54
CA LEU A 564 -14.71 -20.19 18.60
C LEU A 564 -13.44 -19.69 19.24
N LEU A 565 -12.49 -20.57 19.51
CA LEU A 565 -11.33 -20.18 20.28
C LEU A 565 -10.31 -19.43 19.45
N LEU A 566 -10.34 -19.57 18.13
CA LEU A 566 -9.68 -18.63 17.26
C LEU A 566 -10.39 -17.29 17.30
N PHE A 567 -11.72 -17.33 17.34
CA PHE A 567 -12.50 -16.12 17.27
C PHE A 567 -12.46 -15.36 18.58
N LEU A 568 -12.16 -16.03 19.68
CA LEU A 568 -11.91 -15.30 20.91
C LEU A 568 -10.53 -14.67 20.93
N PHE A 569 -9.53 -15.29 20.31
CA PHE A 569 -8.19 -14.76 20.20
C PHE A 569 -8.12 -13.47 19.41
N ILE A 570 -8.98 -13.29 18.43
CA ILE A 570 -9.00 -12.02 17.71
C ILE A 570 -9.54 -10.92 18.57
N ILE A 571 -10.58 -11.21 19.35
CA ILE A 571 -11.29 -10.19 20.10
C ILE A 571 -10.46 -9.65 21.26
N ILE A 572 -9.45 -10.37 21.72
CA ILE A 572 -8.51 -9.71 22.60
C ILE A 572 -7.62 -8.78 21.83
N PHE A 573 -7.05 -9.25 20.73
CA PHE A 573 -6.16 -8.42 19.92
C PHE A 573 -6.89 -7.36 19.11
N ALA A 574 -8.17 -7.56 18.82
CA ALA A 574 -8.96 -6.49 18.24
C ALA A 574 -9.09 -5.36 19.20
N LEU A 575 -9.23 -5.66 20.48
CA LEU A 575 -9.49 -4.63 21.44
C LEU A 575 -8.22 -4.13 22.10
N LEU A 576 -7.13 -4.87 22.05
CA LEU A 576 -5.88 -4.31 22.56
C LEU A 576 -5.35 -3.22 21.66
N GLY A 577 -5.52 -3.34 20.36
CA GLY A 577 -5.11 -2.32 19.44
C GLY A 577 -6.08 -1.20 19.27
N MET A 578 -7.28 -1.31 19.79
CA MET A 578 -8.10 -0.12 19.97
C MET A 578 -7.59 0.75 21.08
N GLN A 579 -6.86 0.20 22.03
CA GLN A 579 -6.25 1.02 23.06
C GLN A 579 -5.01 1.70 22.54
N LEU A 580 -4.04 0.89 22.11
CA LEU A 580 -2.73 1.38 21.72
C LEU A 580 -2.80 2.25 20.49
N PHE A 581 -3.71 1.98 19.58
CA PHE A 581 -3.69 2.68 18.33
C PHE A 581 -5.00 3.38 18.01
N GLY A 582 -5.98 3.36 18.89
CA GLY A 582 -7.20 4.06 18.63
C GLY A 582 -7.01 5.55 18.77
N GLY A 583 -7.59 6.31 17.87
CA GLY A 583 -7.12 7.66 17.71
C GLY A 583 -5.75 7.48 17.09
N ARG A 584 -4.73 8.21 17.54
CA ARG A 584 -3.32 7.87 17.37
C ARG A 584 -2.81 7.76 15.94
N TYR A 585 -3.68 7.63 14.94
CA TYR A 585 -3.27 7.83 13.56
C TYR A 585 -3.62 9.23 13.13
N ASP A 586 -3.53 10.17 14.06
CA ASP A 586 -3.76 11.60 13.83
C ASP A 586 -2.53 12.24 13.19
N PHE A 587 -2.18 11.73 12.02
CA PHE A 587 -1.13 12.30 11.20
C PHE A 587 -1.71 13.46 10.41
N GLU A 588 -0.87 14.39 10.03
CA GLU A 588 -1.30 15.51 9.21
C GLU A 588 -0.94 15.34 7.77
N ASP A 589 -0.89 14.10 7.30
CA ASP A 589 -0.66 13.82 5.90
C ASP A 589 -1.99 13.73 5.19
N THR A 590 -1.95 13.91 3.88
CA THR A 590 -3.15 13.81 3.07
C THR A 590 -3.37 12.42 2.50
N GLU A 591 -2.62 11.44 2.96
CA GLU A 591 -2.80 10.07 2.52
C GLU A 591 -3.74 9.30 3.44
N VAL A 592 -4.19 8.16 2.95
CA VAL A 592 -5.14 7.34 3.66
C VAL A 592 -4.42 6.15 4.27
N ARG A 593 -4.73 5.86 5.53
CA ARG A 593 -4.26 4.67 6.20
C ARG A 593 -5.53 3.97 6.62
N ARG A 594 -6.12 3.20 5.72
CA ARG A 594 -7.45 2.71 6.01
C ARG A 594 -7.46 1.50 6.89
N SER A 595 -6.37 0.76 6.98
CA SER A 595 -6.32 -0.38 7.89
C SER A 595 -5.89 0.12 9.26
N ASN A 596 -6.81 0.79 9.94
CA ASN A 596 -6.54 1.42 11.21
C ASN A 596 -7.43 0.81 12.29
N PHE A 597 -7.30 1.30 13.50
CA PHE A 597 -7.86 0.67 14.67
C PHE A 597 -8.85 1.59 15.37
N ASP A 598 -9.74 2.20 14.62
CA ASP A 598 -10.61 3.19 15.19
C ASP A 598 -11.86 2.61 15.82
N ASN A 599 -12.58 1.77 15.12
CA ASN A 599 -13.81 1.22 15.63
C ASN A 599 -13.54 -0.13 16.27
N PHE A 600 -14.58 -0.89 16.52
CA PHE A 600 -14.42 -2.32 16.70
C PHE A 600 -14.56 -3.10 15.40
N PRO A 601 -15.41 -2.73 14.45
CA PRO A 601 -15.45 -3.54 13.24
C PRO A 601 -14.11 -3.45 12.48
N GLN A 602 -13.59 -2.23 12.39
CA GLN A 602 -12.34 -1.95 11.72
C GLN A 602 -11.15 -2.61 12.38
N ALA A 603 -11.11 -2.59 13.70
CA ALA A 603 -10.00 -3.20 14.42
C ALA A 603 -10.00 -4.69 14.12
N LEU A 604 -11.20 -5.27 14.10
CA LEU A 604 -11.34 -6.69 13.83
C LEU A 604 -10.83 -7.00 12.45
N ILE A 605 -11.19 -6.17 11.48
CA ILE A 605 -10.74 -6.40 10.11
C ILE A 605 -9.22 -6.32 10.04
N SER A 606 -8.64 -5.36 10.74
CA SER A 606 -7.20 -5.18 10.77
C SER A 606 -6.46 -6.36 11.39
N VAL A 607 -7.02 -6.92 12.47
CA VAL A 607 -6.39 -8.04 13.13
C VAL A 607 -6.34 -9.25 12.23
N PHE A 608 -7.42 -9.44 11.49
CA PHE A 608 -7.55 -10.56 10.57
C PHE A 608 -6.59 -10.45 9.41
N GLN A 609 -6.44 -9.27 8.83
CA GLN A 609 -5.48 -9.02 7.76
C GLN A 609 -4.06 -9.36 8.15
N VAL A 610 -3.65 -9.00 9.35
CA VAL A 610 -2.33 -9.40 9.84
C VAL A 610 -2.26 -10.91 10.06
N LEU A 611 -3.38 -11.59 10.28
CA LEU A 611 -3.29 -13.05 10.32
C LEU A 611 -3.16 -13.67 8.95
N THR A 612 -3.84 -13.14 7.93
CA THR A 612 -3.59 -13.61 6.59
C THR A 612 -2.22 -13.22 6.08
N GLY A 613 -1.48 -12.41 6.81
CA GLY A 613 -0.12 -12.06 6.52
C GLY A 613 0.03 -10.93 5.55
N GLU A 614 -1.04 -10.56 4.87
CA GLU A 614 -0.95 -9.66 3.75
C GLU A 614 -0.78 -8.24 4.21
N ASP A 615 0.37 -7.67 3.85
CA ASP A 615 0.67 -6.26 3.99
C ASP A 615 0.70 -5.86 5.45
N TRP A 616 1.15 -6.76 6.32
CA TRP A 616 1.14 -6.43 7.72
C TRP A 616 2.24 -5.47 8.07
N ASN A 617 3.25 -5.35 7.22
CA ASN A 617 4.29 -4.41 7.52
C ASN A 617 3.81 -2.98 7.46
N SER A 618 2.86 -2.66 6.60
CA SER A 618 2.28 -1.34 6.57
C SER A 618 1.49 -1.02 7.81
N VAL A 619 0.74 -1.99 8.31
CA VAL A 619 0.02 -1.83 9.56
C VAL A 619 0.99 -1.73 10.73
N MET A 620 2.21 -2.24 10.60
CA MET A 620 3.16 -2.06 11.69
C MET A 620 3.90 -0.75 11.60
N TYR A 621 4.23 -0.31 10.39
CA TYR A 621 4.91 0.96 10.23
C TYR A 621 4.07 2.10 10.71
N ASN A 622 2.76 2.02 10.52
CA ASN A 622 1.90 3.06 11.03
C ASN A 622 1.83 3.04 12.54
N GLY A 623 1.94 1.89 13.18
CA GLY A 623 1.94 1.86 14.61
C GLY A 623 3.22 2.36 15.24
N ILE A 624 4.30 2.39 14.48
CA ILE A 624 5.53 2.98 15.00
C ILE A 624 5.53 4.47 14.74
N MET A 625 5.05 4.91 13.60
CA MET A 625 4.96 6.34 13.41
C MET A 625 3.81 6.97 14.19
N ALA A 626 2.86 6.18 14.69
CA ALA A 626 1.82 6.72 15.55
C ALA A 626 2.37 7.14 16.88
N TYR A 627 3.37 6.47 17.36
CA TYR A 627 4.13 6.91 18.52
C TYR A 627 5.28 7.74 17.96
N GLY A 628 6.35 7.91 18.72
CA GLY A 628 7.45 8.75 18.30
C GLY A 628 8.06 8.48 16.93
N GLY A 629 8.69 7.35 16.78
CA GLY A 629 9.26 7.00 15.52
C GLY A 629 10.20 5.85 15.74
N PRO A 630 11.22 5.77 14.98
CA PRO A 630 12.28 4.79 15.22
C PRO A 630 13.17 5.15 16.41
N SER A 631 12.60 5.15 17.60
CA SER A 631 13.26 5.63 18.80
C SER A 631 13.22 4.56 19.86
N TYR A 632 13.57 4.90 21.09
CA TYR A 632 13.55 3.79 22.05
C TYR A 632 12.17 3.43 22.57
N PRO A 633 11.27 4.34 22.96
CA PRO A 633 9.93 3.88 23.34
C PRO A 633 9.01 3.60 22.18
N GLY A 634 9.20 4.24 21.03
CA GLY A 634 8.24 4.11 19.97
C GLY A 634 8.29 2.76 19.29
N VAL A 635 9.46 2.13 19.25
CA VAL A 635 9.59 0.90 18.50
C VAL A 635 9.24 -0.32 19.29
N LEU A 636 8.96 -0.22 20.58
CA LEU A 636 8.50 -1.44 21.23
C LEU A 636 7.06 -1.73 20.92
N VAL A 637 6.40 -0.86 20.17
CA VAL A 637 5.12 -1.15 19.54
C VAL A 637 5.26 -2.32 18.57
N CYS A 638 6.43 -2.49 17.97
CA CYS A 638 6.64 -3.56 17.00
C CYS A 638 6.45 -4.95 17.58
N ILE A 639 6.44 -5.14 18.90
CA ILE A 639 6.21 -6.47 19.42
C ILE A 639 4.75 -6.73 19.69
N TYR A 640 3.86 -5.82 19.33
CA TYR A 640 2.47 -6.20 19.23
C TYR A 640 2.26 -7.11 18.03
N PHE A 641 2.74 -6.67 16.86
CA PHE A 641 2.62 -7.37 15.60
C PHE A 641 3.62 -8.49 15.45
N ILE A 642 4.35 -8.85 16.48
CA ILE A 642 5.13 -10.07 16.41
C ILE A 642 4.45 -11.15 17.20
N ILE A 643 3.91 -10.81 18.37
CA ILE A 643 3.05 -11.73 19.09
C ILE A 643 1.77 -11.98 18.30
N LEU A 644 1.30 -11.00 17.54
CA LEU A 644 0.10 -11.19 16.74
C LEU A 644 0.33 -12.12 15.57
N PHE A 645 1.45 -11.99 14.88
CA PHE A 645 1.64 -12.75 13.66
C PHE A 645 2.16 -14.14 13.93
N VAL A 646 3.08 -14.28 14.87
CA VAL A 646 3.58 -15.60 15.24
C VAL A 646 2.50 -16.40 15.94
N CYS A 647 2.07 -15.97 17.12
CA CYS A 647 1.17 -16.78 17.92
C CYS A 647 -0.25 -16.82 17.38
N GLY A 648 -0.54 -16.15 16.29
CA GLY A 648 -1.86 -16.23 15.70
C GLY A 648 -1.85 -17.15 14.50
N ASN A 649 -0.76 -17.17 13.76
CA ASN A 649 -0.55 -18.18 12.75
C ASN A 649 -0.15 -19.50 13.35
N TYR A 650 0.11 -19.56 14.65
CA TYR A 650 0.27 -20.84 15.31
C TYR A 650 -1.05 -21.50 15.59
N ILE A 651 -2.10 -20.73 15.87
CA ILE A 651 -3.41 -21.31 16.11
C ILE A 651 -3.98 -21.84 14.81
N LEU A 652 -3.66 -21.19 13.70
CA LEU A 652 -4.18 -21.59 12.40
C LEU A 652 -3.67 -22.94 11.95
N LEU A 653 -2.52 -23.34 12.47
CA LEU A 653 -1.92 -24.63 12.11
C LEU A 653 -2.41 -25.74 13.04
N ASN A 654 -2.98 -25.36 14.17
CA ASN A 654 -3.48 -26.32 15.15
C ASN A 654 -4.96 -26.60 14.93
N VAL A 655 -5.54 -25.89 13.96
CA VAL A 655 -6.96 -26.02 13.67
C VAL A 655 -7.22 -26.57 12.29
N PHE A 656 -6.85 -25.82 11.27
CA PHE A 656 -7.09 -26.26 9.90
C PHE A 656 -6.31 -27.53 9.56
N LEU A 657 -5.06 -27.60 9.96
CA LEU A 657 -4.28 -28.80 9.69
C LEU A 657 -4.82 -30.01 10.45
N ALA A 658 -5.16 -29.80 11.72
CA ALA A 658 -5.70 -30.86 12.57
C ALA A 658 -7.06 -31.39 12.11
N ILE A 659 -7.93 -30.47 11.72
CA ILE A 659 -9.26 -30.82 11.24
C ILE A 659 -9.17 -31.65 9.97
N ALA A 660 -8.24 -31.25 9.11
CA ALA A 660 -8.03 -31.89 7.82
C ALA A 660 -7.30 -33.21 7.99
N VAL A 661 -6.65 -33.39 9.14
CA VAL A 661 -5.91 -34.61 9.43
C VAL A 661 -6.79 -35.63 10.14
N ASP A 662 -7.53 -35.16 11.14
CA ASP A 662 -8.41 -36.02 11.91
C ASP A 662 -9.69 -36.34 11.14
N ASN A 663 -10.19 -35.36 10.41
CA ASN A 663 -11.42 -35.52 9.62
C ASN A 663 -11.14 -36.28 8.34
N LEU A 664 -9.89 -36.21 7.86
CA LEU A 664 -9.50 -36.90 6.64
C LEU A 664 -9.21 -38.37 6.90
N ALA A 665 -8.72 -38.67 8.10
CA ALA A 665 -8.40 -40.04 8.47
C ALA A 665 -9.65 -40.90 8.57
N GLU A 666 -10.75 -40.29 9.01
CA GLU A 666 -12.01 -40.98 9.15
C GLU A 666 -12.71 -41.14 7.80
N ALA A 667 -12.63 -40.11 6.96
CA ALA A 667 -13.23 -40.16 5.63
C ALA A 667 -12.51 -41.12 4.70
N GLU A 668 -11.31 -41.54 5.04
CA GLU A 668 -10.55 -42.48 4.25
C GLU A 668 -10.67 -43.89 4.78
N SER A 669 -10.57 -44.06 6.11
CA SER A 669 -10.68 -45.39 6.71
C SER A 669 -12.09 -45.95 6.54
N LEU A 670 -13.10 -45.08 6.54
CA LEU A 670 -14.46 -45.57 6.37
C LEU A 670 -14.71 -45.93 4.91
N THR A 671 -14.10 -45.20 3.98
CA THR A 671 -14.15 -45.60 2.58
C THR A 671 -13.35 -46.87 2.34
N SER A 672 -12.23 -47.03 3.03
CA SER A 672 -11.47 -48.26 2.91
C SER A 672 -12.11 -49.40 3.71
N ALA A 673 -13.08 -49.09 4.56
CA ALA A 673 -13.89 -50.15 5.17
C ALA A 673 -15.13 -50.44 4.34
N GLN A 674 -15.56 -49.49 3.51
CA GLN A 674 -16.54 -49.79 2.48
C GLN A 674 -15.94 -50.53 1.31
N LYS A 675 -14.61 -50.59 1.25
CA LYS A 675 -13.95 -51.54 0.39
C LYS A 675 -14.23 -52.96 0.85
N ALA A 676 -13.77 -53.31 2.04
CA ALA A 676 -13.87 -54.67 2.57
C ALA A 676 -15.31 -55.10 2.80
N LYS A 677 -16.21 -54.15 3.04
CA LYS A 677 -17.62 -54.50 3.14
C LYS A 677 -18.22 -54.87 1.78
N ALA A 678 -17.66 -54.34 0.69
CA ALA A 678 -18.29 -54.50 -0.62
C ALA A 678 -17.71 -55.66 -1.43
N GLU A 679 -16.40 -55.88 -1.39
CA GLU A 679 -15.89 -57.05 -2.10
C GLU A 679 -16.20 -58.36 -1.39
N GLU A 680 -16.67 -58.32 -0.14
CA GLU A 680 -17.23 -59.52 0.46
C GLU A 680 -18.71 -59.68 0.11
N ARG A 681 -19.36 -58.62 -0.36
CA ARG A 681 -20.70 -58.76 -0.93
C ARG A 681 -20.66 -59.38 -2.31
N LYS A 682 -19.73 -58.93 -3.16
CA LYS A 682 -19.69 -59.34 -4.55
C LYS A 682 -19.17 -60.76 -4.74
N ARG A 683 -18.48 -61.33 -3.75
CA ARG A 683 -18.10 -62.73 -3.80
C ARG A 683 -19.24 -63.66 -3.40
N ARG A 684 -20.29 -63.14 -2.78
CA ARG A 684 -21.43 -63.97 -2.42
C ARG A 684 -22.31 -64.26 -3.63
N LYS A 685 -22.49 -63.28 -4.51
CA LYS A 685 -23.29 -63.50 -5.71
C LYS A 685 -22.55 -64.32 -6.75
N MET A 686 -21.21 -64.23 -6.77
CA MET A 686 -20.43 -65.04 -7.70
C MET A 686 -20.27 -66.47 -7.21
N SER A 687 -20.25 -66.67 -5.90
CA SER A 687 -20.12 -68.02 -5.32
C SER A 687 -21.36 -68.37 -4.50
N VAL A 788 24.11 -51.28 -41.70
CA VAL A 788 24.33 -52.50 -40.93
C VAL A 788 23.80 -52.25 -39.52
N ARG A 789 22.94 -53.15 -39.05
CA ARG A 789 22.28 -53.00 -37.76
C ARG A 789 23.20 -53.26 -36.57
N VAL A 790 24.10 -54.23 -36.67
CA VAL A 790 24.66 -54.87 -35.48
C VAL A 790 25.71 -54.00 -34.80
N LEU A 791 26.41 -53.18 -35.60
CA LEU A 791 27.40 -52.23 -35.10
C LEU A 791 26.76 -51.05 -34.35
N CYS A 792 25.64 -50.58 -34.90
CA CYS A 792 24.90 -49.44 -34.39
C CYS A 792 24.34 -49.59 -32.98
N HIS A 793 23.85 -50.77 -32.65
CA HIS A 793 23.31 -50.98 -31.32
C HIS A 793 24.45 -50.79 -30.32
N ARG A 794 25.60 -51.37 -30.64
CA ARG A 794 26.77 -51.29 -29.76
C ARG A 794 27.17 -49.83 -29.62
N ILE A 795 27.12 -49.12 -30.75
CA ILE A 795 27.47 -47.70 -30.79
C ILE A 795 26.57 -46.78 -29.94
N VAL A 796 25.28 -47.07 -29.87
CA VAL A 796 24.38 -46.24 -29.07
C VAL A 796 24.05 -46.98 -27.78
N ASN A 797 24.76 -48.08 -27.54
CA ASN A 797 24.55 -48.89 -26.35
C ASN A 797 25.61 -48.56 -25.33
N ALA A 798 26.73 -48.03 -25.84
CA ALA A 798 27.85 -47.65 -25.01
C ALA A 798 27.48 -46.42 -24.18
N THR A 799 27.94 -46.40 -22.94
CA THR A 799 27.63 -45.35 -21.99
C THR A 799 28.08 -43.95 -22.42
N TRP A 800 29.23 -43.87 -23.07
CA TRP A 800 29.75 -42.58 -23.51
C TRP A 800 28.76 -41.88 -24.44
N PHE A 801 28.14 -42.66 -25.33
CA PHE A 801 27.18 -42.09 -26.27
C PHE A 801 25.96 -41.47 -25.57
N THR A 802 25.45 -42.14 -24.55
CA THR A 802 24.29 -41.64 -23.82
C THR A 802 24.62 -40.30 -23.17
N ASN A 803 25.82 -40.23 -22.60
CA ASN A 803 26.32 -39.03 -21.95
C ASN A 803 26.71 -37.96 -22.95
N PHE A 804 27.08 -38.37 -24.15
CA PHE A 804 27.38 -37.42 -25.21
C PHE A 804 26.15 -36.68 -25.68
N ILE A 805 24.98 -37.30 -25.58
CA ILE A 805 23.74 -36.60 -25.89
C ILE A 805 23.40 -35.59 -24.81
N LEU A 806 23.61 -35.94 -23.54
CA LEU A 806 23.24 -35.11 -22.40
C LEU A 806 23.98 -33.79 -22.34
N LEU A 807 25.29 -33.75 -22.59
CA LEU A 807 26.00 -32.47 -22.62
C LEU A 807 25.75 -31.72 -23.92
N PHE A 808 25.02 -32.31 -24.85
CA PHE A 808 24.45 -31.52 -25.93
C PHE A 808 22.99 -31.19 -25.69
N ILE A 809 22.39 -31.72 -24.64
CA ILE A 809 21.13 -31.18 -24.17
C ILE A 809 21.39 -30.08 -23.15
N LEU A 810 22.33 -30.29 -22.22
CA LEU A 810 22.76 -29.28 -21.27
C LEU A 810 23.44 -28.09 -21.91
N LEU A 811 23.81 -28.16 -23.19
CA LEU A 811 24.36 -27.02 -23.90
C LEU A 811 23.36 -26.41 -24.87
N SER A 812 22.43 -27.22 -25.39
CA SER A 812 21.40 -26.68 -26.25
C SER A 812 20.47 -25.76 -25.49
N SER A 813 20.16 -26.11 -24.25
CA SER A 813 19.36 -25.31 -23.36
C SER A 813 20.05 -24.02 -22.95
N ALA A 814 21.30 -24.11 -22.49
CA ALA A 814 22.00 -22.94 -21.98
C ALA A 814 22.41 -21.94 -23.06
N ALA A 815 22.07 -22.20 -24.32
CA ALA A 815 22.17 -21.18 -25.34
C ALA A 815 20.86 -20.42 -25.50
N LEU A 816 19.72 -21.03 -25.15
CA LEU A 816 18.51 -20.25 -25.01
C LEU A 816 18.60 -19.33 -23.81
N ALA A 817 19.27 -19.78 -22.75
CA ALA A 817 19.50 -19.01 -21.56
C ALA A 817 20.27 -17.73 -21.81
N ALA A 818 21.33 -17.77 -22.62
CA ALA A 818 22.16 -16.60 -22.83
C ALA A 818 21.69 -15.73 -23.97
N GLU A 819 20.55 -16.06 -24.57
CA GLU A 819 20.06 -15.36 -25.73
C GLU A 819 19.57 -13.97 -25.36
N ASP A 820 19.71 -13.04 -26.30
CA ASP A 820 19.36 -11.65 -26.11
C ASP A 820 17.91 -11.43 -26.52
N PRO A 821 17.05 -10.91 -25.66
CA PRO A 821 15.66 -10.70 -26.04
C PRO A 821 15.49 -9.48 -26.91
N ILE A 822 16.24 -8.45 -26.58
CA ILE A 822 15.90 -7.13 -27.06
C ILE A 822 16.47 -6.86 -28.45
N ARG A 823 17.55 -7.52 -28.82
CA ARG A 823 18.18 -7.33 -30.13
C ARG A 823 18.20 -8.66 -30.89
N ALA A 824 17.63 -8.67 -32.09
CA ALA A 824 17.70 -9.82 -32.97
C ALA A 824 18.91 -9.78 -33.89
N GLU A 825 19.88 -8.92 -33.60
CA GLU A 825 21.00 -8.65 -34.50
C GLU A 825 22.33 -8.64 -33.76
N SER A 826 22.37 -9.02 -32.49
CA SER A 826 23.57 -8.91 -31.69
C SER A 826 24.65 -9.85 -32.18
N VAL A 827 25.89 -9.41 -31.99
CA VAL A 827 27.05 -10.26 -32.27
C VAL A 827 27.02 -11.49 -31.37
N ARG A 828 26.52 -11.35 -30.14
CA ARG A 828 26.27 -12.51 -29.29
C ARG A 828 25.13 -13.36 -29.81
N ASN A 829 24.04 -12.72 -30.23
CA ASN A 829 22.88 -13.47 -30.68
C ASN A 829 23.11 -14.11 -32.04
N GLN A 830 24.05 -13.59 -32.82
CA GLN A 830 24.51 -14.30 -34.02
C GLN A 830 25.41 -15.46 -33.67
N ILE A 831 26.42 -15.24 -32.82
CA ILE A 831 27.36 -16.31 -32.49
C ILE A 831 26.72 -17.37 -31.60
N LEU A 832 25.62 -17.04 -30.93
CA LEU A 832 24.79 -18.08 -30.33
C LEU A 832 23.76 -18.59 -31.32
N GLY A 833 23.40 -17.79 -32.31
CA GLY A 833 22.53 -18.27 -33.37
C GLY A 833 23.18 -19.29 -34.28
N TYR A 834 24.50 -19.32 -34.33
CA TYR A 834 25.18 -20.36 -35.11
C TYR A 834 25.05 -21.71 -34.45
N PHE A 835 24.86 -21.72 -33.13
CA PHE A 835 24.66 -22.96 -32.40
C PHE A 835 23.29 -23.57 -32.66
N ASP A 836 22.35 -22.80 -33.22
CA ASP A 836 21.12 -23.39 -33.74
C ASP A 836 21.44 -24.35 -34.89
N ILE A 837 22.44 -24.01 -35.71
CA ILE A 837 22.83 -24.94 -36.75
C ILE A 837 24.03 -25.77 -36.32
N ALA A 838 24.72 -25.39 -35.25
CA ALA A 838 25.87 -26.18 -34.83
C ALA A 838 25.47 -27.29 -33.87
N PHE A 839 24.31 -27.18 -33.23
CA PHE A 839 23.84 -28.30 -32.42
C PHE A 839 22.91 -29.19 -33.21
N THR A 840 22.31 -28.68 -34.27
CA THR A 840 21.47 -29.52 -35.13
C THR A 840 22.25 -30.19 -36.23
N SER A 841 23.57 -30.24 -36.13
CA SER A 841 24.29 -31.30 -36.80
C SER A 841 24.14 -32.62 -36.05
N VAL A 842 24.43 -32.61 -34.75
CA VAL A 842 24.48 -33.83 -33.96
C VAL A 842 23.11 -34.41 -33.71
N PHE A 843 22.12 -33.56 -33.43
CA PHE A 843 20.77 -34.08 -33.22
C PHE A 843 20.06 -34.39 -34.52
N THR A 844 20.70 -34.18 -35.66
CA THR A 844 20.17 -34.69 -36.92
C THR A 844 20.75 -36.06 -37.21
N VAL A 845 22.03 -36.24 -36.87
CA VAL A 845 22.74 -37.50 -37.09
C VAL A 845 22.14 -38.63 -36.29
N GLU A 846 21.78 -38.35 -35.03
CA GLU A 846 21.35 -39.43 -34.14
C GLU A 846 19.96 -39.94 -34.52
N ILE A 847 19.09 -39.05 -34.98
CA ILE A 847 17.70 -39.44 -35.23
C ILE A 847 17.62 -40.36 -36.45
N VAL A 848 18.50 -40.14 -37.42
CA VAL A 848 18.64 -41.08 -38.53
C VAL A 848 19.21 -42.40 -38.02
N LEU A 849 20.21 -42.33 -37.15
CA LEU A 849 20.84 -43.52 -36.59
C LEU A 849 19.90 -44.28 -35.65
N LYS A 850 19.02 -43.57 -34.96
CA LYS A 850 18.07 -44.22 -34.08
C LYS A 850 17.06 -45.07 -34.84
N MET A 851 16.62 -44.60 -36.01
CA MET A 851 15.52 -45.25 -36.70
C MET A 851 15.99 -46.39 -37.60
N THR A 852 17.25 -46.82 -37.49
CA THR A 852 17.66 -48.03 -38.18
C THR A 852 17.28 -49.27 -37.39
N THR A 853 17.62 -49.29 -36.10
CA THR A 853 17.31 -50.46 -35.26
C THR A 853 15.81 -50.62 -35.08
N TYR A 854 15.09 -49.50 -35.06
CA TYR A 854 13.66 -49.49 -34.83
C TYR A 854 12.92 -48.98 -36.07
N GLY A 855 11.63 -48.73 -35.91
CA GLY A 855 10.80 -48.24 -36.99
C GLY A 855 9.32 -48.24 -36.65
N TYR A 867 6.34 -43.27 -27.86
CA TYR A 867 5.58 -42.07 -27.47
C TYR A 867 6.51 -40.88 -27.23
N PHE A 868 7.43 -41.04 -26.29
CA PHE A 868 8.48 -40.05 -26.04
C PHE A 868 9.41 -39.87 -27.23
N ASN A 869 9.53 -40.88 -28.07
CA ASN A 869 10.46 -40.88 -29.18
C ASN A 869 10.11 -39.85 -30.24
N ILE A 870 8.83 -39.54 -30.42
CA ILE A 870 8.42 -38.64 -31.49
C ILE A 870 8.74 -37.20 -31.15
N LEU A 871 8.82 -36.85 -29.87
CA LEU A 871 9.17 -35.51 -29.43
C LEU A 871 10.62 -35.19 -29.74
N ASP A 872 11.51 -36.17 -29.63
CA ASP A 872 12.90 -35.92 -29.96
C ASP A 872 13.08 -35.74 -31.46
N LEU A 873 12.18 -36.28 -32.27
CA LEU A 873 12.12 -35.86 -33.66
C LEU A 873 11.52 -34.46 -33.77
N LEU A 874 10.60 -34.13 -32.88
CA LEU A 874 9.84 -32.89 -32.98
C LEU A 874 10.67 -31.70 -32.55
N VAL A 875 11.67 -31.91 -31.69
CA VAL A 875 12.55 -30.82 -31.30
C VAL A 875 13.39 -30.36 -32.47
N VAL A 876 14.00 -31.31 -33.17
CA VAL A 876 14.84 -31.01 -34.32
C VAL A 876 14.00 -30.45 -35.46
N ALA A 877 12.75 -30.92 -35.56
CA ALA A 877 11.82 -30.46 -36.58
C ALA A 877 11.59 -28.95 -36.50
N VAL A 878 11.33 -28.45 -35.30
CA VAL A 878 11.24 -27.01 -35.09
C VAL A 878 12.62 -26.36 -35.27
N SER A 879 13.67 -27.07 -34.89
CA SER A 879 15.01 -26.50 -34.97
C SER A 879 15.53 -26.52 -36.40
N LEU A 880 14.84 -27.19 -37.31
CA LEU A 880 15.25 -27.13 -38.72
C LEU A 880 14.37 -26.20 -39.54
N ILE A 881 13.07 -26.17 -39.26
CA ILE A 881 12.18 -25.26 -39.99
C ILE A 881 12.50 -23.82 -39.64
N SER A 882 12.97 -23.58 -38.41
CA SER A 882 13.41 -22.26 -38.02
C SER A 882 14.82 -21.93 -38.48
N MET A 883 15.33 -22.63 -39.49
CA MET A 883 16.56 -22.28 -40.15
C MET A 883 16.31 -21.90 -41.61
N VAL A 892 4.23 -17.75 -38.93
CA VAL A 892 4.91 -16.64 -38.29
C VAL A 892 6.28 -17.12 -37.83
N VAL A 893 7.31 -16.31 -38.08
CA VAL A 893 8.67 -16.66 -37.68
C VAL A 893 8.81 -16.60 -36.17
N LYS A 894 8.08 -15.69 -35.52
CA LYS A 894 8.20 -15.51 -34.08
C LYS A 894 7.60 -16.70 -33.33
N ILE A 895 6.46 -17.20 -33.79
CA ILE A 895 5.68 -18.13 -32.97
C ILE A 895 6.27 -19.53 -33.05
N LEU A 896 7.27 -19.73 -33.91
CA LEU A 896 7.96 -21.01 -33.94
C LEU A 896 9.15 -21.03 -33.00
N ARG A 897 9.62 -19.85 -32.57
CA ARG A 897 10.71 -19.81 -31.61
C ARG A 897 10.25 -20.28 -30.23
N VAL A 898 8.96 -20.12 -29.96
CA VAL A 898 8.41 -20.53 -28.67
C VAL A 898 8.43 -22.04 -28.55
N LEU A 899 8.16 -22.75 -29.64
CA LEU A 899 8.17 -24.20 -29.64
C LEU A 899 9.56 -24.79 -29.63
N ARG A 900 10.58 -23.94 -29.70
CA ARG A 900 11.96 -24.32 -29.55
C ARG A 900 12.35 -24.50 -28.08
N VAL A 901 11.44 -24.19 -27.17
CA VAL A 901 11.77 -24.21 -25.75
C VAL A 901 11.88 -25.63 -25.22
N LEU A 902 11.42 -26.64 -25.96
CA LEU A 902 11.32 -27.98 -25.40
C LEU A 902 12.59 -28.78 -25.52
N ARG A 903 13.71 -28.12 -25.68
CA ARG A 903 14.99 -28.82 -25.65
C ARG A 903 15.31 -29.49 -24.31
N PRO A 904 14.91 -28.97 -23.13
CA PRO A 904 15.08 -29.79 -21.92
C PRO A 904 14.17 -30.99 -21.85
N LEU A 905 13.01 -30.97 -22.48
CA LEU A 905 12.06 -32.05 -22.29
C LEU A 905 12.48 -33.33 -22.95
N ARG A 906 13.45 -33.28 -23.85
CA ARG A 906 14.04 -34.49 -24.37
C ARG A 906 15.19 -35.00 -23.52
N ALA A 907 15.37 -34.46 -22.31
CA ALA A 907 16.29 -35.02 -21.34
C ALA A 907 15.58 -35.85 -20.28
N ILE A 908 14.26 -35.90 -20.29
CA ILE A 908 13.56 -36.76 -19.35
C ILE A 908 13.07 -38.00 -20.08
N ASN A 909 13.68 -38.28 -21.21
CA ASN A 909 13.57 -39.58 -21.85
C ASN A 909 14.84 -40.39 -21.66
N ARG A 910 15.90 -39.74 -21.17
CA ARG A 910 17.20 -40.38 -21.09
C ARG A 910 17.48 -40.91 -19.70
N ALA A 911 17.13 -40.13 -18.67
CA ALA A 911 17.40 -40.57 -17.32
C ALA A 911 16.32 -41.55 -16.88
N LYS A 912 16.76 -42.65 -16.27
CA LYS A 912 15.85 -43.60 -15.65
C LYS A 912 15.16 -43.01 -14.43
N GLY A 913 15.78 -42.01 -13.79
CA GLY A 913 15.18 -41.44 -12.59
C GLY A 913 14.17 -40.36 -12.91
N LEU A 914 14.41 -39.61 -13.99
CA LEU A 914 13.51 -38.52 -14.35
C LEU A 914 12.20 -39.02 -14.92
N LYS A 915 12.15 -40.23 -15.48
CA LYS A 915 10.87 -40.80 -15.87
C LYS A 915 10.04 -41.18 -14.65
N HIS A 916 10.68 -41.55 -13.56
CA HIS A 916 9.95 -42.06 -12.41
C HIS A 916 9.21 -40.99 -11.66
N VAL A 917 9.73 -39.76 -11.64
CA VAL A 917 9.09 -38.70 -10.87
C VAL A 917 7.90 -38.11 -11.61
N VAL A 918 8.02 -37.90 -12.93
CA VAL A 918 6.93 -37.33 -13.69
C VAL A 918 5.74 -38.29 -13.77
N GLN A 919 6.00 -39.60 -13.66
CA GLN A 919 4.90 -40.56 -13.60
C GLN A 919 4.26 -40.61 -12.22
N CYS A 920 5.02 -40.31 -11.17
CA CYS A 920 4.40 -40.25 -9.85
C CYS A 920 3.61 -38.96 -9.67
N VAL A 921 3.90 -37.95 -10.47
CA VAL A 921 3.12 -36.71 -10.43
C VAL A 921 1.80 -36.88 -11.15
N PHE A 922 1.81 -37.54 -12.32
CA PHE A 922 0.58 -37.80 -13.06
C PHE A 922 -0.32 -38.80 -12.33
N VAL A 923 0.25 -39.66 -11.50
CA VAL A 923 -0.55 -40.39 -10.51
C VAL A 923 -1.24 -39.43 -9.57
N ALA A 924 -0.52 -38.43 -9.09
CA ALA A 924 -1.05 -37.53 -8.07
C ALA A 924 -1.91 -36.42 -8.65
N ILE A 925 -2.32 -36.48 -9.92
CA ILE A 925 -3.40 -35.63 -10.42
C ILE A 925 -4.70 -36.41 -10.54
N ARG A 926 -4.64 -37.66 -11.00
CA ARG A 926 -5.80 -38.55 -11.04
C ARG A 926 -6.39 -38.77 -9.65
N THR A 927 -5.55 -38.72 -8.61
CA THR A 927 -6.08 -38.71 -7.25
C THR A 927 -6.69 -37.38 -6.91
N ILE A 928 -5.87 -36.33 -6.97
CA ILE A 928 -6.19 -35.00 -6.47
C ILE A 928 -7.35 -34.36 -7.22
N GLY A 929 -7.52 -34.70 -8.50
CA GLY A 929 -8.47 -34.01 -9.34
C GLY A 929 -9.95 -34.22 -9.06
N ASN A 930 -10.31 -34.67 -7.86
CA ASN A 930 -11.66 -34.56 -7.34
C ASN A 930 -11.84 -33.33 -6.48
N ILE A 931 -10.85 -32.98 -5.66
CA ILE A 931 -10.92 -31.77 -4.86
C ILE A 931 -10.82 -30.53 -5.72
N VAL A 932 -9.89 -30.52 -6.68
CA VAL A 932 -9.66 -29.38 -7.54
C VAL A 932 -10.90 -29.04 -8.37
N LEU A 933 -11.72 -30.03 -8.69
CA LEU A 933 -12.97 -29.73 -9.36
C LEU A 933 -14.07 -29.26 -8.43
N VAL A 934 -14.07 -29.66 -7.15
CA VAL A 934 -15.13 -29.20 -6.26
C VAL A 934 -14.90 -27.75 -5.86
N THR A 935 -13.64 -27.37 -5.59
CA THR A 935 -13.28 -25.99 -5.32
C THR A 935 -13.70 -25.07 -6.45
N THR A 936 -13.42 -25.46 -7.70
CA THR A 936 -13.79 -24.69 -8.86
C THR A 936 -15.29 -24.67 -9.07
N LEU A 937 -16.04 -25.53 -8.40
CA LEU A 937 -17.46 -25.26 -8.29
C LEU A 937 -17.77 -24.25 -7.21
N LEU A 938 -17.06 -24.29 -6.08
CA LEU A 938 -17.36 -23.38 -4.99
C LEU A 938 -16.79 -21.99 -5.22
N GLN A 939 -15.62 -21.88 -5.86
CA GLN A 939 -15.11 -20.67 -6.47
C GLN A 939 -16.12 -19.99 -7.36
N PHE A 940 -16.86 -20.77 -8.12
CA PHE A 940 -17.84 -20.30 -9.08
C PHE A 940 -19.10 -19.78 -8.42
N MET A 941 -19.44 -20.26 -7.22
CA MET A 941 -20.62 -19.74 -6.57
C MET A 941 -20.38 -18.36 -6.01
N PHE A 942 -19.29 -18.19 -5.25
CA PHE A 942 -18.90 -16.90 -4.71
C PHE A 942 -18.61 -15.88 -5.79
N ALA A 943 -18.17 -16.34 -6.95
CA ALA A 943 -18.07 -15.45 -8.09
C ALA A 943 -19.41 -14.91 -8.51
N CYS A 944 -20.47 -15.70 -8.39
CA CYS A 944 -21.77 -15.25 -8.85
C CYS A 944 -22.54 -14.46 -7.82
N ILE A 945 -22.19 -14.54 -6.54
CA ILE A 945 -22.74 -13.59 -5.59
C ILE A 945 -22.13 -12.23 -5.84
N GLY A 946 -20.82 -12.18 -6.05
CA GLY A 946 -20.09 -10.96 -6.32
C GLY A 946 -20.55 -10.20 -7.53
N VAL A 947 -21.13 -10.88 -8.51
CA VAL A 947 -21.73 -10.16 -9.61
C VAL A 947 -23.09 -9.64 -9.20
N GLN A 948 -23.68 -10.18 -8.15
CA GLN A 948 -24.91 -9.51 -7.75
C GLN A 948 -24.65 -8.37 -6.82
N LEU A 949 -23.57 -8.40 -6.05
CA LEU A 949 -23.26 -7.29 -5.18
C LEU A 949 -22.48 -6.18 -5.86
N PHE A 950 -21.37 -6.51 -6.52
CA PHE A 950 -20.35 -5.50 -6.83
C PHE A 950 -20.32 -5.16 -8.31
N LYS A 951 -21.44 -5.26 -8.99
CA LYS A 951 -21.43 -5.23 -10.45
C LYS A 951 -21.60 -3.82 -10.97
N GLY A 952 -20.59 -3.33 -11.65
CA GLY A 952 -20.62 -1.99 -12.15
C GLY A 952 -20.14 -0.98 -11.16
N LYS A 953 -19.80 -1.39 -9.96
CA LYS A 953 -19.57 -0.48 -8.88
C LYS A 953 -18.12 -0.07 -8.74
N PHE A 954 -17.19 -0.71 -9.44
CA PHE A 954 -15.77 -0.43 -9.25
C PHE A 954 -15.25 0.54 -10.30
N PHE A 955 -16.08 1.43 -10.81
CA PHE A 955 -15.62 2.59 -11.53
C PHE A 955 -15.40 3.73 -10.56
N SER A 956 -14.45 4.58 -10.88
CA SER A 956 -14.15 5.68 -9.98
C SER A 956 -13.43 6.73 -10.78
N CYS A 957 -13.65 7.99 -10.45
CA CYS A 957 -13.00 9.05 -11.19
C CYS A 957 -11.58 9.22 -10.69
N ASN A 958 -10.97 10.32 -11.10
CA ASN A 958 -9.55 10.51 -10.89
C ASN A 958 -9.29 11.33 -9.64
N ASP A 959 -10.04 12.41 -9.48
CA ASP A 959 -10.24 13.01 -8.17
C ASP A 959 -11.54 12.50 -7.60
N LEU A 960 -11.61 12.38 -6.30
CA LEU A 960 -12.68 11.62 -5.71
C LEU A 960 -13.91 12.46 -5.46
N SER A 961 -13.94 13.67 -6.00
CA SER A 961 -15.06 14.59 -5.87
C SER A 961 -16.12 14.35 -6.91
N LYS A 962 -15.74 13.80 -8.04
CA LYS A 962 -16.63 13.60 -9.16
C LYS A 962 -17.18 12.19 -9.09
N MET A 963 -18.49 12.08 -8.96
CA MET A 963 -19.08 10.80 -8.63
C MET A 963 -19.49 10.01 -9.86
N THR A 964 -19.66 10.65 -11.00
CA THR A 964 -20.12 9.94 -12.16
C THR A 964 -19.32 10.36 -13.38
N GLU A 965 -19.60 9.71 -14.50
CA GLU A 965 -18.70 9.81 -15.63
C GLU A 965 -18.87 11.11 -16.38
N GLU A 966 -20.07 11.64 -16.41
CA GLU A 966 -20.37 12.87 -17.12
C GLU A 966 -19.64 14.05 -16.50
N GLU A 967 -19.38 13.99 -15.21
CA GLU A 967 -18.68 15.04 -14.50
C GLU A 967 -17.17 14.86 -14.54
N CYS A 968 -16.69 13.68 -14.88
CA CYS A 968 -15.26 13.37 -14.76
C CYS A 968 -14.56 13.65 -16.08
N ARG A 969 -14.49 14.94 -16.41
CA ARG A 969 -13.93 15.47 -17.65
C ARG A 969 -13.19 16.74 -17.28
N GLY A 970 -12.22 17.14 -18.11
CA GLY A 970 -11.44 18.33 -17.84
C GLY A 970 -10.26 18.01 -16.94
N TYR A 971 -9.71 19.06 -16.33
CA TYR A 971 -8.44 18.93 -15.62
C TYR A 971 -8.69 19.23 -14.15
N TYR A 972 -7.70 18.96 -13.29
CA TYR A 972 -7.85 19.20 -11.87
C TYR A 972 -6.48 19.36 -11.24
N TYR A 973 -6.44 19.65 -9.95
CA TYR A 973 -5.19 19.92 -9.25
C TYR A 973 -4.81 18.77 -8.36
N VAL A 974 -3.53 18.47 -8.31
CA VAL A 974 -3.01 17.62 -7.28
C VAL A 974 -2.02 18.45 -6.47
N TYR A 975 -1.91 18.12 -5.19
CA TYR A 975 -1.07 18.89 -4.27
C TYR A 975 0.00 17.96 -3.74
N LYS A 976 1.24 18.37 -3.85
CA LYS A 976 2.32 17.46 -3.56
C LYS A 976 2.80 17.67 -2.13
N ASP A 977 2.77 16.58 -1.35
CA ASP A 977 2.95 16.55 0.11
C ASP A 977 1.87 17.33 0.85
N GLY A 978 0.73 17.57 0.22
CA GLY A 978 -0.33 18.24 0.93
C GLY A 978 -0.13 19.71 1.18
N ASP A 979 0.96 20.30 0.70
CA ASP A 979 1.11 21.74 0.72
C ASP A 979 0.06 22.30 -0.20
N PRO A 980 -0.75 23.26 0.24
CA PRO A 980 -1.71 23.89 -0.66
C PRO A 980 -1.12 24.97 -1.54
N THR A 981 0.19 25.02 -1.67
CA THR A 981 0.91 25.98 -2.50
C THR A 981 1.66 25.29 -3.62
N GLN A 982 1.81 23.98 -3.55
CA GLN A 982 2.61 23.23 -4.51
C GLN A 982 1.68 22.36 -5.33
N MET A 983 1.11 22.91 -6.39
CA MET A 983 0.04 22.28 -7.12
C MET A 983 0.38 22.15 -8.59
N GLU A 984 -0.23 21.18 -9.26
CA GLU A 984 0.05 20.85 -10.66
C GLU A 984 -1.17 20.30 -11.34
N LEU A 985 -1.44 20.75 -12.56
CA LEU A 985 -2.55 20.22 -13.35
C LEU A 985 -2.36 18.76 -13.69
N ARG A 986 -3.46 18.02 -13.69
CA ARG A 986 -3.57 16.72 -14.31
C ARG A 986 -4.93 16.66 -14.98
N PRO A 987 -5.05 15.95 -16.09
CA PRO A 987 -6.39 15.71 -16.62
C PRO A 987 -7.08 14.66 -15.79
N ARG A 988 -8.36 14.84 -15.50
CA ARG A 988 -9.06 13.79 -14.79
C ARG A 988 -9.67 12.83 -15.77
N GLN A 989 -9.74 11.57 -15.37
CA GLN A 989 -10.21 10.51 -16.23
C GLN A 989 -10.88 9.44 -15.40
N TRP A 990 -11.91 8.85 -15.98
CA TRP A 990 -12.78 7.89 -15.31
C TRP A 990 -12.16 6.52 -15.47
N ILE A 991 -11.49 6.07 -14.45
CA ILE A 991 -10.75 4.83 -14.54
C ILE A 991 -11.52 3.69 -13.93
N HIS A 992 -11.45 2.57 -14.59
CA HIS A 992 -12.08 1.34 -14.14
C HIS A 992 -11.04 0.59 -13.36
N ASN A 993 -11.47 -0.18 -12.38
CA ASN A 993 -10.53 -0.88 -11.55
C ASN A 993 -9.90 -2.00 -12.36
N ASP A 994 -8.79 -2.50 -11.89
CA ASP A 994 -8.12 -3.57 -12.58
C ASP A 994 -8.79 -4.90 -12.35
N PHE A 995 -8.79 -5.36 -11.12
CA PHE A 995 -9.45 -6.60 -10.72
C PHE A 995 -10.81 -6.24 -10.20
N HIS A 996 -11.83 -6.75 -10.83
CA HIS A 996 -13.18 -6.29 -10.59
C HIS A 996 -14.11 -7.45 -10.76
N PHE A 997 -15.39 -7.20 -10.52
CA PHE A 997 -16.45 -8.20 -10.50
C PHE A 997 -17.46 -7.70 -11.49
N ASP A 998 -17.44 -8.19 -12.70
CA ASP A 998 -18.36 -7.57 -13.64
C ASP A 998 -19.04 -8.60 -14.53
N ASN A 999 -18.44 -9.76 -14.65
CA ASN A 999 -19.06 -10.94 -15.21
C ASN A 999 -18.49 -12.12 -14.45
N VAL A 1000 -18.89 -13.34 -14.82
CA VAL A 1000 -18.46 -14.47 -14.01
C VAL A 1000 -17.00 -14.75 -14.25
N LEU A 1001 -16.51 -14.37 -15.40
CA LEU A 1001 -15.15 -14.64 -15.78
C LEU A 1001 -14.17 -13.76 -15.01
N SER A 1002 -14.36 -12.44 -15.05
CA SER A 1002 -13.56 -11.54 -14.25
C SER A 1002 -13.83 -11.65 -12.77
N ALA A 1003 -15.00 -12.15 -12.37
CA ALA A 1003 -15.19 -12.37 -10.96
C ALA A 1003 -14.44 -13.58 -10.49
N MET A 1004 -14.15 -14.54 -11.35
CA MET A 1004 -13.28 -15.61 -10.93
C MET A 1004 -11.84 -15.20 -11.01
N MET A 1005 -11.52 -14.23 -11.87
CA MET A 1005 -10.14 -13.77 -11.92
C MET A 1005 -9.76 -13.07 -10.62
N SER A 1006 -10.66 -12.24 -10.11
CA SER A 1006 -10.46 -11.50 -8.85
C SER A 1006 -10.37 -12.39 -7.64
N LEU A 1007 -11.26 -13.38 -7.57
CA LEU A 1007 -11.33 -14.30 -6.46
C LEU A 1007 -10.07 -15.13 -6.29
N PHE A 1008 -9.43 -15.51 -7.39
CA PHE A 1008 -8.22 -16.30 -7.33
C PHE A 1008 -7.13 -15.55 -6.60
N THR A 1009 -6.99 -14.27 -6.91
CA THR A 1009 -5.98 -13.44 -6.27
C THR A 1009 -6.22 -13.33 -4.76
N VAL A 1010 -7.48 -13.13 -4.38
CA VAL A 1010 -7.83 -13.04 -2.97
C VAL A 1010 -7.54 -14.35 -2.26
N SER A 1011 -7.80 -15.46 -2.95
CA SER A 1011 -7.57 -16.77 -2.39
C SER A 1011 -6.08 -16.93 -2.08
N THR A 1012 -5.23 -16.44 -2.98
CA THR A 1012 -3.79 -16.51 -2.73
C THR A 1012 -3.31 -15.68 -1.52
N PHE A 1013 -3.96 -14.54 -1.33
CA PHE A 1013 -3.70 -13.50 -0.34
C PHE A 1013 -2.95 -12.30 -0.85
N GLU A 1014 -3.02 -12.04 -2.14
CA GLU A 1014 -2.26 -10.91 -2.67
C GLU A 1014 -3.21 -9.82 -3.10
N GLY A 1015 -3.11 -8.67 -2.47
CA GLY A 1015 -3.88 -7.55 -2.92
C GLY A 1015 -5.34 -7.61 -2.56
N TRP A 1016 -5.72 -8.53 -1.67
CA TRP A 1016 -7.09 -8.54 -1.19
C TRP A 1016 -7.51 -7.33 -0.37
N PRO A 1017 -6.65 -6.58 0.35
CA PRO A 1017 -7.17 -5.37 0.97
C PRO A 1017 -7.49 -4.27 0.00
N GLN A 1018 -6.89 -4.23 -1.19
CA GLN A 1018 -7.30 -3.17 -2.08
C GLN A 1018 -8.58 -3.51 -2.80
N LEU A 1019 -9.06 -4.74 -2.66
CA LEU A 1019 -10.40 -5.07 -3.13
C LEU A 1019 -11.41 -4.98 -2.00
N LEU A 1020 -10.97 -5.12 -0.77
CA LEU A 1020 -11.88 -4.96 0.35
C LEU A 1020 -12.32 -3.53 0.51
N TYR A 1021 -11.43 -2.61 0.27
CA TYR A 1021 -11.74 -1.21 0.44
C TYR A 1021 -12.38 -0.63 -0.79
N ARG A 1022 -12.20 -1.25 -1.94
CA ARG A 1022 -12.90 -0.81 -3.14
C ARG A 1022 -14.32 -1.33 -3.12
N ALA A 1023 -14.62 -2.26 -2.22
CA ALA A 1023 -15.93 -2.85 -2.07
C ALA A 1023 -16.70 -2.25 -0.93
N ILE A 1024 -16.01 -1.96 0.16
CA ILE A 1024 -16.59 -1.25 1.28
C ILE A 1024 -16.88 0.19 0.89
N ASP A 1025 -16.05 0.77 0.06
CA ASP A 1025 -16.37 2.11 -0.39
C ASP A 1025 -17.35 2.16 -1.55
N SER A 1026 -18.05 1.10 -1.90
CA SER A 1026 -18.77 1.06 -3.17
C SER A 1026 -20.14 1.69 -3.06
N ASN A 1027 -20.51 2.49 -4.04
CA ASN A 1027 -21.70 3.28 -3.86
C ASN A 1027 -22.92 2.67 -4.51
N GLU A 1028 -23.03 2.81 -5.82
CA GLU A 1028 -24.23 2.47 -6.57
C GLU A 1028 -23.82 2.10 -7.97
N GLU A 1029 -24.78 2.16 -8.89
CA GLU A 1029 -24.70 1.37 -10.10
C GLU A 1029 -23.56 1.78 -11.00
N ASP A 1030 -23.57 3.00 -11.48
CA ASP A 1030 -22.48 3.42 -12.32
C ASP A 1030 -22.03 4.77 -11.76
N MET A 1031 -21.28 4.71 -10.65
CA MET A 1031 -21.04 5.84 -9.76
C MET A 1031 -19.81 5.53 -8.92
N GLY A 1032 -19.05 6.57 -8.62
CA GLY A 1032 -17.79 6.40 -7.94
C GLY A 1032 -17.97 6.17 -6.47
N PRO A 1033 -16.89 6.01 -5.73
CA PRO A 1033 -16.99 5.45 -4.39
C PRO A 1033 -17.47 6.45 -3.34
N VAL A 1034 -17.72 5.92 -2.16
CA VAL A 1034 -18.18 6.67 -0.98
C VAL A 1034 -17.50 6.07 0.24
N TYR A 1035 -16.80 6.89 1.02
CA TYR A 1035 -15.99 6.41 2.14
C TYR A 1035 -16.83 5.68 3.19
N ASN A 1036 -16.41 4.44 3.50
CA ASN A 1036 -17.07 3.52 4.45
C ASN A 1036 -18.56 3.39 4.24
N ASN A 1037 -18.97 3.28 2.98
CA ASN A 1037 -20.37 3.10 2.65
C ASN A 1037 -20.92 1.81 3.22
N ARG A 1038 -20.44 0.68 2.73
CA ARG A 1038 -20.96 -0.62 3.13
C ARG A 1038 -19.88 -1.31 3.92
N VAL A 1039 -19.86 -1.10 5.24
CA VAL A 1039 -18.83 -1.75 6.03
C VAL A 1039 -19.21 -3.18 6.38
N GLU A 1040 -20.42 -3.59 6.03
CA GLU A 1040 -20.87 -4.95 6.19
C GLU A 1040 -20.44 -5.84 5.05
N MET A 1041 -19.92 -5.30 3.96
CA MET A 1041 -19.40 -6.15 2.91
C MET A 1041 -17.94 -6.51 3.10
N ALA A 1042 -17.47 -6.47 4.32
CA ALA A 1042 -16.27 -7.17 4.70
C ALA A 1042 -16.55 -8.62 5.06
N ILE A 1043 -17.81 -9.03 5.06
CA ILE A 1043 -18.10 -10.40 5.46
C ILE A 1043 -18.01 -11.32 4.25
N PHE A 1044 -18.23 -10.79 3.06
CA PHE A 1044 -18.02 -11.56 1.84
C PHE A 1044 -16.59 -12.01 1.72
N PHE A 1045 -15.66 -11.08 1.85
CA PHE A 1045 -14.24 -11.37 1.73
C PHE A 1045 -13.67 -12.12 2.92
N ILE A 1046 -14.39 -12.25 4.03
CA ILE A 1046 -13.91 -13.06 5.14
C ILE A 1046 -14.48 -14.46 5.12
N ILE A 1047 -15.77 -14.60 4.78
CA ILE A 1047 -16.33 -15.92 4.55
C ILE A 1047 -15.67 -16.62 3.37
N TYR A 1048 -15.31 -15.88 2.32
CA TYR A 1048 -14.59 -16.51 1.22
C TYR A 1048 -13.21 -16.97 1.65
N ILE A 1049 -12.56 -16.20 2.50
CA ILE A 1049 -11.19 -16.57 2.86
C ILE A 1049 -11.19 -17.72 3.85
N ILE A 1050 -12.13 -17.72 4.80
CA ILE A 1050 -12.23 -18.79 5.78
C ILE A 1050 -12.59 -20.12 5.12
N LEU A 1051 -13.49 -20.09 4.17
CA LEU A 1051 -13.78 -21.25 3.34
C LEU A 1051 -12.61 -21.70 2.50
N ILE A 1052 -12.19 -20.88 1.55
CA ILE A 1052 -11.24 -21.35 0.56
C ILE A 1052 -9.84 -21.39 1.15
N ALA A 1053 -9.29 -20.23 1.46
CA ALA A 1053 -7.85 -20.11 1.60
C ALA A 1053 -7.33 -20.70 2.89
N PHE A 1054 -8.20 -21.00 3.84
CA PHE A 1054 -7.74 -21.64 5.06
C PHE A 1054 -8.30 -23.02 5.24
N PHE A 1055 -9.40 -23.37 4.57
CA PHE A 1055 -10.02 -24.66 4.84
C PHE A 1055 -10.08 -25.57 3.63
N MET A 1056 -10.81 -25.16 2.60
CA MET A 1056 -10.94 -25.94 1.38
C MET A 1056 -9.57 -26.28 0.83
N MET A 1057 -8.58 -25.46 1.17
CA MET A 1057 -7.23 -25.67 0.71
C MET A 1057 -6.50 -26.58 1.69
N ASN A 1058 -6.95 -26.59 2.93
CA ASN A 1058 -6.34 -27.42 3.95
C ASN A 1058 -6.64 -28.89 3.73
N ILE A 1059 -7.64 -29.16 2.89
CA ILE A 1059 -8.02 -30.52 2.57
C ILE A 1059 -7.18 -31.06 1.41
N PHE A 1060 -6.47 -30.17 0.73
CA PHE A 1060 -5.59 -30.53 -0.36
C PHE A 1060 -4.29 -31.09 0.19
N VAL A 1061 -3.77 -30.44 1.22
CA VAL A 1061 -2.54 -30.87 1.86
C VAL A 1061 -2.83 -32.05 2.78
N GLY A 1062 -3.97 -31.98 3.46
CA GLY A 1062 -4.37 -33.05 4.35
C GLY A 1062 -4.61 -34.30 3.54
N PHE A 1063 -5.23 -34.13 2.38
CA PHE A 1063 -5.52 -35.24 1.50
C PHE A 1063 -4.24 -35.89 0.98
N VAL A 1064 -3.28 -35.07 0.56
CA VAL A 1064 -2.01 -35.56 0.07
C VAL A 1064 -1.18 -36.24 1.16
N ILE A 1065 -1.18 -35.65 2.35
CA ILE A 1065 -0.43 -36.20 3.47
C ILE A 1065 -0.98 -37.56 3.83
N VAL A 1066 -2.30 -37.69 3.83
CA VAL A 1066 -2.94 -38.94 4.15
C VAL A 1066 -2.80 -39.97 3.05
N THR A 1067 -3.03 -39.61 1.78
CA THR A 1067 -2.96 -40.60 0.71
C THR A 1067 -1.55 -40.88 0.24
N PHE A 1068 -0.54 -40.28 0.87
CA PHE A 1068 0.83 -40.74 0.71
C PHE A 1068 1.34 -41.47 1.94
N GLN A 1069 0.51 -41.60 2.97
CA GLN A 1069 0.70 -42.67 3.92
C GLN A 1069 0.05 -43.94 3.42
N GLU A 1070 -0.72 -43.86 2.33
CA GLU A 1070 -1.25 -45.06 1.69
C GLU A 1070 -0.25 -45.69 0.73
N GLN A 1071 0.56 -44.88 0.05
CA GLN A 1071 1.78 -45.37 -0.56
C GLN A 1071 2.74 -45.91 0.50
N GLY A 1072 2.66 -45.40 1.72
CA GLY A 1072 3.30 -46.03 2.85
C GLY A 1072 2.47 -47.10 3.53
N GLU A 1073 1.32 -47.48 2.94
CA GLU A 1073 0.53 -48.62 3.43
C GLU A 1073 -0.02 -49.55 2.35
N THR A 1074 0.38 -49.43 1.09
CA THR A 1074 0.12 -50.53 0.15
C THR A 1074 1.23 -51.56 0.15
N GLU A 1075 2.25 -51.37 1.00
CA GLU A 1075 3.32 -52.33 1.16
C GLU A 1075 3.20 -52.94 2.56
N TYR A 1076 2.86 -54.22 2.61
CA TYR A 1076 2.38 -54.86 3.83
C TYR A 1076 3.34 -55.99 4.21
N LYS A 1077 3.88 -55.92 5.43
CA LYS A 1077 4.97 -56.78 5.88
C LYS A 1077 4.62 -57.50 7.18
N ASN A 1078 3.50 -58.23 7.19
CA ASN A 1078 2.96 -58.80 8.42
C ASN A 1078 3.73 -60.00 8.96
N CYS A 1079 5.03 -59.84 9.20
CA CYS A 1079 5.82 -60.91 9.77
C CYS A 1079 5.64 -60.90 11.28
N GLU A 1080 6.44 -61.71 11.97
CA GLU A 1080 6.39 -61.77 13.41
C GLU A 1080 6.82 -60.43 14.03
N LEU A 1081 7.84 -59.82 13.44
CA LEU A 1081 8.38 -58.55 13.94
C LEU A 1081 7.63 -57.29 13.50
N ASP A 1082 7.33 -56.43 14.48
CA ASP A 1082 6.67 -55.15 14.23
C ASP A 1082 7.67 -54.30 13.46
N LYS A 1083 7.19 -53.33 12.68
CA LYS A 1083 8.08 -52.52 11.86
C LYS A 1083 9.18 -51.88 12.69
N ASN A 1084 8.84 -51.37 13.86
CA ASN A 1084 9.85 -50.75 14.71
C ASN A 1084 10.90 -51.78 15.10
N GLN A 1085 10.43 -52.98 15.44
CA GLN A 1085 11.32 -54.05 15.85
C GLN A 1085 12.27 -54.39 14.70
N ARG A 1086 11.65 -54.52 13.53
CA ARG A 1086 12.33 -54.86 12.29
C ARG A 1086 13.26 -53.74 11.87
N GLN A 1087 12.79 -52.51 11.98
CA GLN A 1087 13.64 -51.38 11.63
C GLN A 1087 14.77 -51.32 12.64
N CYS A 1088 14.41 -51.55 13.90
CA CYS A 1088 15.36 -51.56 15.01
C CYS A 1088 16.35 -52.70 14.79
N VAL A 1089 15.82 -53.84 14.36
CA VAL A 1089 16.64 -55.02 14.12
C VAL A 1089 17.63 -54.73 13.00
N GLN A 1090 17.18 -53.99 11.99
CA GLN A 1090 18.02 -53.66 10.85
C GLN A 1090 19.21 -52.95 11.45
N TYR A 1091 18.95 -52.06 12.40
CA TYR A 1091 20.08 -51.41 13.05
C TYR A 1091 21.13 -52.40 13.52
N ALA A 1092 20.71 -53.46 14.22
CA ALA A 1092 21.65 -54.35 14.90
C ALA A 1092 22.46 -55.19 13.92
N LEU A 1093 21.97 -55.40 12.70
CA LEU A 1093 22.75 -56.15 11.74
C LEU A 1093 23.80 -55.27 11.07
N LYS A 1094 23.39 -54.11 10.55
CA LYS A 1094 24.21 -53.38 9.59
C LYS A 1094 25.13 -52.35 10.22
N ALA A 1095 25.43 -52.47 11.51
CA ALA A 1095 26.22 -51.45 12.16
C ALA A 1095 27.71 -51.58 11.81
N ARG A 1096 28.51 -50.70 12.40
CA ARG A 1096 29.93 -50.55 12.20
C ARG A 1096 30.42 -49.64 13.32
N PRO A 1097 31.48 -50.02 14.03
CA PRO A 1097 31.90 -49.21 15.17
C PRO A 1097 32.67 -47.96 14.75
N LEU A 1098 32.94 -47.13 15.76
CA LEU A 1098 33.51 -45.80 15.54
C LEU A 1098 35.02 -45.83 15.72
N ARG A 1099 35.62 -44.64 15.69
CA ARG A 1099 37.03 -44.41 16.00
C ARG A 1099 37.13 -43.14 16.82
N CYS A 1100 37.97 -43.17 17.85
CA CYS A 1100 37.99 -42.06 18.79
C CYS A 1100 39.42 -41.61 19.09
N TYR A 1101 40.39 -42.49 18.82
CA TYR A 1101 41.83 -42.17 18.79
C TYR A 1101 42.35 -41.67 20.13
N ILE A 1102 42.11 -42.46 21.17
CA ILE A 1102 42.59 -42.22 22.53
C ILE A 1102 44.12 -42.34 22.47
N PRO A 1103 44.85 -41.38 23.01
CA PRO A 1103 46.30 -41.34 22.77
C PRO A 1103 47.11 -42.19 23.71
N LYS A 1104 48.42 -42.06 23.53
CA LYS A 1104 49.47 -42.66 24.36
C LYS A 1104 50.37 -41.52 24.79
N ASN A 1105 51.59 -41.84 25.27
CA ASN A 1105 52.68 -40.90 25.53
C ASN A 1105 52.25 -39.87 26.57
N PRO A 1106 52.19 -40.25 27.88
CA PRO A 1106 51.34 -39.54 28.86
C PRO A 1106 51.56 -38.05 29.05
N TYR A 1107 52.64 -37.51 28.47
CA TYR A 1107 52.70 -36.09 28.19
C TYR A 1107 51.50 -35.67 27.35
N GLN A 1108 51.29 -36.33 26.23
CA GLN A 1108 50.21 -35.99 25.31
C GLN A 1108 48.85 -36.29 25.92
N TYR A 1109 48.76 -37.35 26.74
CA TYR A 1109 47.52 -37.69 27.42
C TYR A 1109 47.12 -36.60 28.40
N GLN A 1110 48.11 -35.90 28.98
CA GLN A 1110 47.82 -34.94 30.03
C GLN A 1110 47.05 -33.74 29.47
N VAL A 1111 47.25 -33.45 28.18
CA VAL A 1111 46.40 -32.49 27.49
C VAL A 1111 45.04 -33.09 27.23
N TRP A 1112 45.00 -34.38 26.86
CA TRP A 1112 43.82 -34.98 26.24
C TRP A 1112 42.64 -35.07 27.19
N TYR A 1113 42.90 -35.44 28.43
CA TYR A 1113 41.83 -35.50 29.42
C TYR A 1113 41.32 -34.11 29.76
N VAL A 1114 42.20 -33.11 29.75
CA VAL A 1114 41.81 -31.75 30.09
C VAL A 1114 40.96 -31.14 28.99
N VAL A 1115 41.28 -31.47 27.74
CA VAL A 1115 40.51 -30.96 26.61
C VAL A 1115 39.10 -31.51 26.60
N THR A 1116 38.94 -32.83 26.54
CA THR A 1116 37.61 -33.40 26.33
C THR A 1116 36.74 -33.42 27.58
N SER A 1117 37.08 -32.66 28.61
CA SER A 1117 36.24 -32.54 29.79
C SER A 1117 35.23 -31.41 29.61
N SER A 1118 34.13 -31.51 30.34
CA SER A 1118 33.01 -30.58 30.15
C SER A 1118 33.25 -29.22 30.80
N TYR A 1119 34.28 -29.08 31.63
CA TYR A 1119 34.64 -27.74 32.10
C TYR A 1119 35.55 -27.03 31.11
N PHE A 1120 35.86 -27.68 29.99
CA PHE A 1120 36.44 -27.05 28.81
C PHE A 1120 35.40 -26.78 27.75
N GLU A 1121 34.44 -27.69 27.59
CA GLU A 1121 33.36 -27.48 26.64
C GLU A 1121 32.48 -26.33 27.06
N TYR A 1122 32.28 -26.16 28.36
CA TYR A 1122 31.64 -24.96 28.86
C TYR A 1122 32.48 -23.73 28.57
N LEU A 1123 33.80 -23.87 28.62
CA LEU A 1123 34.68 -22.72 28.49
C LEU A 1123 34.65 -22.16 27.08
N MET A 1124 34.73 -23.02 26.08
CA MET A 1124 34.70 -22.54 24.71
C MET A 1124 33.29 -22.18 24.27
N PHE A 1125 32.28 -22.83 24.82
CA PHE A 1125 30.91 -22.45 24.52
C PHE A 1125 30.40 -21.37 25.45
N ALA A 1126 31.30 -20.66 26.11
CA ALA A 1126 31.01 -19.37 26.68
C ALA A 1126 31.68 -18.27 25.89
N LEU A 1127 32.93 -18.47 25.51
CA LEU A 1127 33.66 -17.56 24.65
C LEU A 1127 33.00 -17.35 23.29
N ILE A 1128 32.34 -18.36 22.74
CA ILE A 1128 31.57 -18.14 21.52
C ILE A 1128 30.35 -17.30 21.83
N MET A 1129 29.74 -17.51 23.00
CA MET A 1129 28.61 -16.70 23.39
C MET A 1129 29.01 -15.27 23.70
N LEU A 1130 30.22 -15.05 24.23
CA LEU A 1130 30.71 -13.70 24.39
C LEU A 1130 31.14 -13.07 23.07
N ASN A 1131 31.68 -13.86 22.14
CA ASN A 1131 32.10 -13.32 20.85
C ASN A 1131 30.94 -12.85 20.01
N THR A 1132 29.74 -13.33 20.25
CA THR A 1132 28.61 -12.85 19.47
C THR A 1132 28.17 -11.50 19.96
N ILE A 1133 28.28 -11.29 21.27
CA ILE A 1133 27.82 -10.05 21.87
C ILE A 1133 28.73 -8.91 21.48
N CYS A 1134 30.01 -9.18 21.22
CA CYS A 1134 30.89 -8.14 20.72
C CYS A 1134 30.54 -7.77 19.28
N LEU A 1135 29.99 -8.68 18.52
CA LEU A 1135 29.63 -8.34 17.16
C LEU A 1135 28.29 -7.65 17.08
N GLY A 1136 27.38 -7.96 17.99
CA GLY A 1136 26.17 -7.18 18.08
C GLY A 1136 26.35 -5.79 18.62
N MET A 1137 27.50 -5.49 19.22
CA MET A 1137 27.77 -4.13 19.67
C MET A 1137 28.00 -3.15 18.54
N GLN A 1138 28.35 -3.61 17.34
CA GLN A 1138 28.70 -2.68 16.28
C GLN A 1138 27.46 -1.95 15.83
N HIS A 1139 27.63 -0.70 15.43
CA HIS A 1139 26.51 0.10 14.96
C HIS A 1139 27.02 1.26 14.16
N TYR A 1140 26.14 2.22 13.90
CA TYR A 1140 26.42 3.30 12.99
C TYR A 1140 26.43 4.64 13.71
N HIS A 1141 27.28 5.54 13.23
CA HIS A 1141 27.78 6.69 13.97
C HIS A 1141 28.18 6.26 15.39
N GLN A 1142 29.03 5.25 15.45
CA GLN A 1142 29.68 4.88 16.68
C GLN A 1142 30.88 5.79 16.90
N SER A 1143 31.38 5.78 18.14
CA SER A 1143 32.54 6.60 18.42
C SER A 1143 33.82 5.83 18.13
N GLU A 1144 34.94 6.55 18.18
CA GLU A 1144 36.25 5.97 17.90
C GLU A 1144 36.73 5.05 19.03
N GLU A 1145 36.31 5.31 20.26
CA GLU A 1145 36.67 4.44 21.37
C GLU A 1145 35.95 3.08 21.32
N MET A 1146 34.94 2.94 20.45
CA MET A 1146 34.44 1.62 20.08
C MET A 1146 35.16 1.04 18.86
N ASN A 1147 35.64 1.90 17.95
CA ASN A 1147 36.35 1.47 16.75
C ASN A 1147 37.61 0.68 17.08
N HIS A 1148 38.30 1.06 18.16
CA HIS A 1148 39.53 0.39 18.56
C HIS A 1148 39.29 -0.85 19.40
N ILE A 1149 38.31 -0.85 20.30
CA ILE A 1149 38.02 -2.06 21.05
C ILE A 1149 37.18 -3.04 20.22
N SER A 1150 36.59 -2.59 19.11
CA SER A 1150 36.18 -3.53 18.10
C SER A 1150 37.35 -4.30 17.54
N ASP A 1151 38.36 -3.60 17.04
CA ASP A 1151 39.47 -4.21 16.37
C ASP A 1151 40.40 -4.96 17.33
N ILE A 1152 40.44 -4.57 18.60
CA ILE A 1152 41.24 -5.32 19.56
C ILE A 1152 40.63 -6.69 19.82
N LEU A 1153 39.34 -6.75 20.09
CA LEU A 1153 38.70 -8.02 20.39
C LEU A 1153 38.61 -8.89 19.17
N ASN A 1154 38.63 -8.29 17.98
CA ASN A 1154 38.81 -9.04 16.75
C ASN A 1154 40.13 -9.77 16.73
N VAL A 1155 41.16 -9.19 17.32
CA VAL A 1155 42.42 -9.91 17.49
C VAL A 1155 42.38 -10.77 18.73
N ALA A 1156 41.77 -10.30 19.82
CA ALA A 1156 41.82 -11.02 21.08
C ALA A 1156 41.07 -12.34 21.06
N PHE A 1157 39.91 -12.41 20.40
CA PHE A 1157 39.26 -13.71 20.28
C PHE A 1157 39.99 -14.63 19.33
N THR A 1158 40.51 -14.08 18.23
CA THR A 1158 41.14 -14.85 17.17
C THR A 1158 42.35 -15.62 17.69
N ILE A 1159 43.03 -15.05 18.68
CA ILE A 1159 44.13 -15.77 19.31
C ILE A 1159 43.60 -16.91 20.14
N ILE A 1160 42.40 -16.77 20.71
CA ILE A 1160 41.92 -17.80 21.63
C ILE A 1160 41.44 -19.02 20.87
N PHE A 1161 40.66 -18.82 19.81
CA PHE A 1161 40.23 -19.96 19.02
C PHE A 1161 41.35 -20.52 18.17
N THR A 1162 42.44 -19.77 18.01
CA THR A 1162 43.65 -20.40 17.52
C THR A 1162 44.20 -21.37 18.54
N LEU A 1163 44.22 -20.96 19.79
CA LEU A 1163 44.83 -21.76 20.82
C LEU A 1163 43.96 -22.90 21.29
N GLU A 1164 42.70 -22.96 20.89
CA GLU A 1164 42.02 -24.23 21.05
C GLU A 1164 42.35 -25.18 19.92
N MET A 1165 42.90 -24.68 18.84
CA MET A 1165 43.13 -25.53 17.69
C MET A 1165 44.53 -26.09 17.71
N ILE A 1166 45.48 -25.38 18.34
CA ILE A 1166 46.79 -25.97 18.51
C ILE A 1166 46.72 -27.08 19.53
N LEU A 1167 45.92 -26.91 20.57
CA LEU A 1167 45.74 -27.97 21.55
C LEU A 1167 45.04 -29.18 20.95
N LYS A 1168 44.00 -28.96 20.16
CA LYS A 1168 43.31 -30.07 19.53
C LYS A 1168 44.08 -30.66 18.36
N LEU A 1169 45.25 -30.11 18.03
CA LEU A 1169 46.19 -30.89 17.23
C LEU A 1169 47.08 -31.75 18.10
N LEU A 1170 47.51 -31.24 19.24
CA LEU A 1170 48.40 -32.02 20.09
C LEU A 1170 47.78 -33.30 20.64
N ALA A 1171 46.54 -33.22 21.12
CA ALA A 1171 45.88 -34.39 21.67
C ALA A 1171 45.60 -35.52 20.69
N PHE A 1172 45.13 -35.18 19.49
CA PHE A 1172 44.81 -36.20 18.49
C PHE A 1172 45.90 -36.47 17.46
N LYS A 1173 46.97 -35.68 17.51
CA LYS A 1173 48.12 -35.83 16.62
C LYS A 1173 47.83 -35.76 15.12
N ALA A 1174 46.91 -34.90 14.73
CA ALA A 1174 46.56 -34.69 13.32
C ALA A 1174 45.63 -35.71 12.63
N ARG A 1175 45.98 -36.99 12.64
CA ARG A 1175 45.13 -37.97 11.95
C ARG A 1175 43.73 -38.01 12.54
N GLY A 1176 43.66 -37.96 13.86
CA GLY A 1176 42.40 -37.95 14.57
C GLY A 1176 41.72 -36.61 14.65
N TYR A 1177 42.40 -35.53 14.29
CA TYR A 1177 41.75 -34.24 14.34
C TYR A 1177 40.90 -34.01 13.10
N PHE A 1178 41.39 -34.41 11.94
CA PHE A 1178 40.64 -34.24 10.71
C PHE A 1178 39.69 -35.39 10.45
N GLY A 1179 39.32 -36.15 11.48
CA GLY A 1179 38.36 -37.21 11.32
C GLY A 1179 36.96 -36.77 11.66
N ASP A 1180 36.84 -35.81 12.55
CA ASP A 1180 35.55 -35.29 12.99
C ASP A 1180 35.23 -34.00 12.24
N PRO A 1181 34.17 -34.00 11.42
CA PRO A 1181 33.98 -32.91 10.46
C PRO A 1181 33.52 -31.60 11.04
N TRP A 1182 33.30 -31.48 12.35
CA TRP A 1182 33.22 -30.14 12.88
C TRP A 1182 34.59 -29.51 13.02
N ASN A 1183 35.60 -30.31 13.34
CA ASN A 1183 36.96 -29.83 13.40
C ASN A 1183 37.50 -29.41 12.05
N VAL A 1184 37.00 -30.00 10.97
CA VAL A 1184 37.39 -29.58 9.65
C VAL A 1184 36.81 -28.20 9.38
N PHE A 1185 35.61 -27.96 9.87
CA PHE A 1185 35.04 -26.62 9.78
C PHE A 1185 35.73 -25.68 10.74
N ASP A 1186 36.18 -26.19 11.88
CA ASP A 1186 36.87 -25.35 12.83
C ASP A 1186 38.24 -24.95 12.34
N PHE A 1187 38.86 -25.79 11.52
CA PHE A 1187 40.09 -25.41 10.86
C PHE A 1187 39.85 -24.31 9.85
N LEU A 1188 38.72 -24.36 9.17
CA LEU A 1188 38.38 -23.40 8.14
C LEU A 1188 38.12 -22.02 8.73
N ILE A 1189 37.52 -21.96 9.91
CA ILE A 1189 37.24 -20.69 10.56
C ILE A 1189 38.49 -20.03 11.09
N VAL A 1190 39.42 -20.81 11.67
CA VAL A 1190 40.63 -20.27 12.29
C VAL A 1190 41.52 -19.60 11.25
N ILE A 1191 41.64 -20.21 10.08
CA ILE A 1191 42.45 -19.64 9.01
C ILE A 1191 41.90 -18.33 8.51
N GLY A 1192 40.63 -18.31 8.08
CA GLY A 1192 40.04 -17.12 7.51
C GLY A 1192 39.86 -16.01 8.50
N SER A 1193 39.79 -16.33 9.78
CA SER A 1193 39.83 -15.31 10.82
C SER A 1193 41.20 -14.67 10.98
N ILE A 1194 42.28 -15.39 10.71
CA ILE A 1194 43.62 -14.81 10.73
C ILE A 1194 43.79 -13.85 9.56
N ILE A 1195 43.30 -14.24 8.40
CA ILE A 1195 43.39 -13.39 7.21
C ILE A 1195 42.51 -12.16 7.37
N ASP A 1196 41.47 -12.26 8.20
CA ASP A 1196 40.73 -11.06 8.60
C ASP A 1196 41.62 -10.07 9.33
N VAL A 1197 42.53 -10.55 10.17
CA VAL A 1197 43.38 -9.67 10.94
C VAL A 1197 44.46 -9.05 10.07
N ILE A 1198 45.17 -9.90 9.31
CA ILE A 1198 46.36 -9.46 8.58
C ILE A 1198 45.99 -8.54 7.43
N LEU A 1199 44.95 -8.88 6.69
CA LEU A 1199 44.54 -8.03 5.58
C LEU A 1199 43.93 -6.72 6.05
N SER A 1200 43.39 -6.68 7.27
CA SER A 1200 42.88 -5.42 7.79
C SER A 1200 44.01 -4.48 8.14
N GLU A 1201 45.04 -4.99 8.79
CA GLU A 1201 46.07 -4.16 9.37
C GLU A 1201 47.05 -3.62 8.33
N ILE A 1202 47.31 -4.39 7.26
CA ILE A 1202 48.30 -3.99 6.27
C ILE A 1202 47.82 -2.82 5.41
N ASP A 1203 46.54 -2.48 5.45
CA ASP A 1203 46.08 -1.25 4.81
C ASP A 1203 46.34 -0.05 5.71
N THR A 1204 45.99 -0.15 7.00
CA THR A 1204 46.24 0.90 7.97
C THR A 1204 47.73 1.09 8.23
N PHE A 1205 48.50 0.01 8.17
CA PHE A 1205 49.96 0.05 8.21
C PHE A 1205 50.53 0.85 7.05
N LEU A 1206 49.81 0.92 5.95
CA LEU A 1206 50.23 1.75 4.83
C LEU A 1206 49.24 2.90 4.63
N SER A 1232 38.84 -7.08 2.21
CA SER A 1232 37.49 -6.79 1.79
C SER A 1232 36.52 -7.40 2.78
N ALA A 1233 35.23 -7.26 2.48
CA ALA A 1233 34.18 -7.58 3.43
C ALA A 1233 34.04 -9.06 3.66
N PHE A 1234 34.51 -9.88 2.73
CA PHE A 1234 34.26 -11.31 2.75
C PHE A 1234 34.94 -11.99 3.92
N PHE A 1235 36.12 -11.54 4.30
CA PHE A 1235 36.80 -12.15 5.43
C PHE A 1235 36.33 -11.60 6.76
N ARG A 1236 35.46 -10.60 6.76
CA ARG A 1236 34.78 -10.24 7.98
C ARG A 1236 33.72 -11.26 8.35
N LEU A 1237 33.27 -12.06 7.40
CA LEU A 1237 32.24 -13.06 7.63
C LEU A 1237 32.77 -14.33 8.27
N PHE A 1238 34.07 -14.47 8.47
CA PHE A 1238 34.52 -15.60 9.26
C PHE A 1238 34.49 -15.30 10.73
N ARG A 1239 34.13 -14.08 11.11
CA ARG A 1239 33.89 -13.78 12.52
C ARG A 1239 32.49 -14.16 12.91
N VAL A 1240 31.55 -14.14 11.98
CA VAL A 1240 30.18 -14.51 12.30
C VAL A 1240 29.94 -16.00 12.16
N MET A 1241 30.59 -16.66 11.21
CA MET A 1241 30.35 -18.08 10.98
C MET A 1241 30.95 -18.98 12.04
N ARG A 1242 31.66 -18.44 13.01
CA ARG A 1242 32.11 -19.29 14.09
C ARG A 1242 30.99 -19.65 15.05
N LEU A 1243 29.84 -19.00 14.93
CA LEU A 1243 28.70 -19.30 15.79
C LEU A 1243 28.10 -20.64 15.47
N ILE A 1244 28.33 -21.17 14.27
CA ILE A 1244 27.67 -22.39 13.84
C ILE A 1244 28.17 -23.58 14.63
N LYS A 1245 29.29 -23.43 15.33
CA LYS A 1245 29.76 -24.46 16.25
C LYS A 1245 28.85 -24.66 17.46
N LEU A 1246 27.83 -23.83 17.65
CA LEU A 1246 26.77 -24.19 18.60
C LEU A 1246 26.02 -25.43 18.17
N LEU A 1247 25.98 -25.73 16.88
CA LEU A 1247 25.28 -26.91 16.42
C LEU A 1247 26.00 -28.19 16.80
N SER A 1248 27.26 -28.11 17.23
CA SER A 1248 27.99 -29.32 17.57
C SER A 1248 27.61 -29.87 18.93
N ARG A 1249 26.75 -29.18 19.67
CA ARG A 1249 26.38 -29.63 20.99
C ARG A 1249 24.89 -29.93 21.08
N ALA A 1250 24.08 -29.26 20.28
CA ALA A 1250 22.64 -29.41 20.35
C ALA A 1250 22.23 -30.70 19.67
N GLU A 1251 22.26 -31.81 20.42
CA GLU A 1251 21.89 -33.10 19.84
C GLU A 1251 20.42 -33.16 19.46
N GLY A 1252 19.60 -32.31 20.08
CA GLY A 1252 18.21 -32.26 19.69
C GLY A 1252 17.96 -31.45 18.44
N VAL A 1253 18.87 -30.55 18.09
CA VAL A 1253 18.66 -29.74 16.91
C VAL A 1253 19.47 -30.28 15.75
N ARG A 1254 20.70 -30.69 16.02
CA ARG A 1254 21.56 -31.24 14.99
C ARG A 1254 21.02 -32.54 14.43
N THR A 1255 20.21 -33.25 15.21
CA THR A 1255 19.48 -34.37 14.65
C THR A 1255 18.36 -33.91 13.75
N LEU A 1256 17.71 -32.80 14.09
CA LEU A 1256 16.58 -32.34 13.31
C LEU A 1256 17.03 -31.71 12.02
N LEU A 1257 18.18 -31.06 12.02
CA LEU A 1257 18.73 -30.57 10.77
C LEU A 1257 19.25 -31.71 9.93
N TRP A 1258 19.85 -32.72 10.55
CA TRP A 1258 20.37 -33.84 9.79
C TRP A 1258 19.27 -34.62 9.10
N THR A 1259 18.14 -34.81 9.78
CA THR A 1259 17.12 -35.70 9.27
C THR A 1259 16.38 -35.07 8.10
N PHE A 1260 16.35 -33.74 8.03
CA PHE A 1260 15.69 -33.11 6.89
C PHE A 1260 16.67 -32.74 5.79
N ILE A 1261 17.97 -32.69 6.10
CA ILE A 1261 18.94 -32.43 5.05
C ILE A 1261 19.37 -33.74 4.40
N LYS A 1262 19.23 -34.85 5.14
CA LYS A 1262 19.43 -36.17 4.58
C LYS A 1262 18.48 -36.44 3.42
N SER A 1263 17.30 -35.85 3.45
CA SER A 1263 16.25 -36.27 2.54
C SER A 1263 15.95 -35.21 1.49
N PHE A 1264 16.62 -34.06 1.51
CA PHE A 1264 16.67 -33.27 0.29
C PHE A 1264 17.73 -33.81 -0.64
N GLN A 1265 18.75 -34.44 -0.09
CA GLN A 1265 19.74 -35.10 -0.92
C GLN A 1265 19.21 -36.42 -1.45
N ALA A 1266 18.32 -37.06 -0.71
CA ALA A 1266 17.73 -38.32 -1.14
C ALA A 1266 16.62 -38.15 -2.16
N LEU A 1267 16.18 -36.93 -2.43
CA LEU A 1267 15.19 -36.68 -3.47
C LEU A 1267 15.71 -35.61 -4.41
N PRO A 1268 16.77 -35.91 -5.18
CA PRO A 1268 17.35 -34.87 -6.03
C PRO A 1268 16.63 -34.71 -7.34
N TYR A 1269 15.51 -35.40 -7.53
CA TYR A 1269 14.84 -35.36 -8.82
C TYR A 1269 13.56 -34.53 -8.77
N VAL A 1270 12.81 -34.62 -7.67
CA VAL A 1270 11.65 -33.76 -7.47
C VAL A 1270 12.10 -32.32 -7.40
N ALA A 1271 13.24 -32.09 -6.77
CA ALA A 1271 13.90 -30.81 -6.82
C ALA A 1271 14.63 -30.57 -8.12
N LEU A 1272 14.36 -31.34 -9.17
CA LEU A 1272 14.88 -30.96 -10.47
C LEU A 1272 13.74 -30.66 -11.44
N LEU A 1273 12.52 -31.06 -11.09
CA LEU A 1273 11.38 -30.48 -11.80
C LEU A 1273 11.24 -28.99 -11.54
N ILE A 1274 11.41 -28.56 -10.28
CA ILE A 1274 11.28 -27.15 -9.92
C ILE A 1274 12.43 -26.37 -10.53
N VAL A 1275 13.63 -26.95 -10.56
CA VAL A 1275 14.70 -26.38 -11.37
C VAL A 1275 14.31 -26.28 -12.83
N MET A 1276 13.67 -27.29 -13.39
CA MET A 1276 13.31 -27.28 -14.79
C MET A 1276 12.17 -26.34 -15.10
N LEU A 1277 11.21 -26.23 -14.18
CA LEU A 1277 10.06 -25.36 -14.36
C LEU A 1277 10.41 -23.89 -14.29
N PHE A 1278 11.38 -23.49 -13.48
CA PHE A 1278 11.89 -22.14 -13.59
C PHE A 1278 12.67 -21.91 -14.87
N PHE A 1279 13.31 -22.94 -15.41
CA PHE A 1279 14.06 -22.76 -16.65
C PHE A 1279 13.14 -22.53 -17.83
N ILE A 1280 12.04 -23.27 -17.90
CA ILE A 1280 11.17 -23.15 -19.06
C ILE A 1280 10.43 -21.84 -19.03
N TYR A 1281 9.85 -21.51 -17.89
CA TYR A 1281 9.08 -20.28 -17.71
C TYR A 1281 9.92 -19.02 -17.77
N ALA A 1282 11.20 -19.08 -17.51
CA ALA A 1282 11.99 -17.89 -17.73
C ALA A 1282 12.21 -17.63 -19.20
N VAL A 1283 12.49 -18.67 -19.97
CA VAL A 1283 12.85 -18.52 -21.37
C VAL A 1283 11.65 -18.10 -22.21
N ILE A 1284 10.47 -18.62 -21.89
CA ILE A 1284 9.24 -18.10 -22.51
C ILE A 1284 8.99 -16.68 -22.06
N GLY A 1285 9.36 -16.38 -20.81
CA GLY A 1285 9.13 -15.05 -20.30
C GLY A 1285 10.06 -14.02 -20.89
N MET A 1286 11.34 -14.39 -21.04
CA MET A 1286 12.29 -13.55 -21.77
C MET A 1286 11.86 -13.32 -23.20
N GLN A 1287 11.18 -14.28 -23.80
CA GLN A 1287 10.73 -14.18 -25.17
C GLN A 1287 9.66 -13.13 -25.36
N MET A 1288 8.54 -13.25 -24.67
CA MET A 1288 7.39 -12.42 -24.96
C MET A 1288 7.41 -11.11 -24.20
N PHE A 1289 7.90 -11.13 -22.98
CA PHE A 1289 7.86 -9.98 -22.11
C PHE A 1289 9.20 -9.29 -22.04
N GLY A 1290 10.11 -9.63 -22.94
CA GLY A 1290 11.48 -9.16 -22.82
C GLY A 1290 11.72 -7.80 -23.41
N LYS A 1291 10.77 -7.24 -24.12
CA LYS A 1291 10.96 -5.94 -24.74
C LYS A 1291 10.20 -4.83 -24.04
N ILE A 1292 9.61 -5.11 -22.88
CA ILE A 1292 8.96 -4.07 -22.10
C ILE A 1292 10.02 -3.11 -21.59
N ALA A 1293 9.78 -1.82 -21.73
CA ALA A 1293 10.77 -0.85 -21.32
C ALA A 1293 10.76 -0.66 -19.82
N LEU A 1294 11.92 -0.30 -19.31
CA LEU A 1294 12.08 -0.05 -17.89
C LEU A 1294 11.73 1.40 -17.55
N VAL A 1295 10.46 1.67 -17.50
CA VAL A 1295 10.03 2.85 -16.77
C VAL A 1295 10.09 2.51 -15.31
N ASP A 1296 10.23 3.53 -14.48
CA ASP A 1296 10.35 3.33 -13.04
C ASP A 1296 9.19 4.06 -12.36
N GLY A 1297 8.46 3.33 -11.53
CA GLY A 1297 7.13 3.73 -11.14
C GLY A 1297 6.18 2.61 -11.46
N THR A 1298 6.59 1.70 -12.32
CA THR A 1298 5.82 0.51 -12.63
C THR A 1298 6.54 -0.71 -12.10
N GLN A 1299 6.01 -1.88 -12.42
CA GLN A 1299 6.48 -3.14 -11.88
C GLN A 1299 7.51 -3.81 -12.76
N ILE A 1300 7.80 -3.25 -13.91
CA ILE A 1300 8.91 -3.67 -14.75
C ILE A 1300 9.89 -2.52 -14.70
N ASN A 1301 10.88 -2.62 -13.83
CA ASN A 1301 11.79 -1.51 -13.55
C ASN A 1301 13.18 -2.10 -13.52
N ARG A 1302 14.17 -1.38 -12.99
CA ARG A 1302 15.51 -1.92 -13.12
C ARG A 1302 15.84 -3.04 -12.15
N ASN A 1303 14.87 -3.39 -11.30
CA ASN A 1303 15.05 -4.45 -10.32
C ASN A 1303 14.27 -5.67 -10.72
N ASN A 1304 13.13 -5.44 -11.36
CA ASN A 1304 12.25 -6.51 -11.81
C ASN A 1304 12.16 -6.50 -13.33
N ASN A 1305 12.66 -7.54 -13.98
CA ASN A 1305 12.59 -7.61 -15.44
C ASN A 1305 12.87 -8.98 -16.02
N PHE A 1306 12.55 -9.14 -17.30
CA PHE A 1306 12.77 -10.39 -18.03
C PHE A 1306 13.82 -10.16 -19.09
N GLN A 1307 14.69 -9.16 -18.92
CA GLN A 1307 15.61 -8.87 -20.00
C GLN A 1307 16.90 -9.66 -19.96
N THR A 1308 17.20 -10.36 -18.89
CA THR A 1308 18.25 -11.36 -18.94
C THR A 1308 17.66 -12.64 -18.38
N PHE A 1309 18.46 -13.67 -18.34
CA PHE A 1309 18.01 -14.89 -17.68
C PHE A 1309 18.17 -14.86 -16.17
N PRO A 1310 19.19 -14.23 -15.57
CA PRO A 1310 19.12 -14.08 -14.11
C PRO A 1310 18.08 -13.11 -13.67
N GLN A 1311 17.77 -12.08 -14.44
CA GLN A 1311 16.71 -11.16 -14.03
C GLN A 1311 15.37 -11.85 -14.02
N ALA A 1312 15.13 -12.68 -15.03
CA ALA A 1312 13.88 -13.42 -15.18
C ALA A 1312 13.62 -14.45 -14.09
N VAL A 1313 14.65 -15.21 -13.72
CA VAL A 1313 14.53 -16.21 -12.68
C VAL A 1313 14.22 -15.54 -11.35
N LEU A 1314 14.87 -14.43 -11.09
CA LEU A 1314 14.66 -13.67 -9.88
C LEU A 1314 13.23 -13.17 -9.87
N LEU A 1315 12.75 -12.71 -11.03
CA LEU A 1315 11.38 -12.22 -11.14
C LEU A 1315 10.40 -13.34 -10.84
N LEU A 1316 10.69 -14.53 -11.33
CA LEU A 1316 9.84 -15.70 -11.10
C LEU A 1316 9.80 -16.03 -9.61
N PHE A 1317 10.94 -15.88 -8.95
CA PHE A 1317 11.02 -16.13 -7.51
C PHE A 1317 10.11 -15.14 -6.76
N ARG A 1318 10.12 -13.86 -7.15
CA ARG A 1318 9.23 -12.90 -6.53
C ARG A 1318 7.79 -13.39 -6.61
N CYS A 1319 7.37 -13.92 -7.75
CA CYS A 1319 6.00 -14.39 -7.91
C CYS A 1319 5.72 -15.69 -7.17
N ALA A 1320 6.72 -16.52 -6.93
CA ALA A 1320 6.46 -17.78 -6.24
C ALA A 1320 6.31 -17.57 -4.76
N THR A 1321 6.78 -16.44 -4.28
CA THR A 1321 6.56 -16.04 -2.91
C THR A 1321 5.33 -15.14 -2.84
N GLY A 1322 4.91 -14.61 -3.99
CA GLY A 1322 3.71 -13.84 -4.04
C GLY A 1322 3.92 -12.49 -3.47
N GLU A 1323 4.67 -11.64 -4.16
CA GLU A 1323 4.84 -10.29 -3.67
C GLU A 1323 3.84 -9.33 -4.27
N ALA A 1324 3.89 -9.11 -5.57
CA ALA A 1324 2.85 -8.32 -6.17
C ALA A 1324 2.55 -8.93 -7.50
N TRP A 1325 2.40 -10.26 -7.54
CA TRP A 1325 2.39 -10.93 -8.83
C TRP A 1325 1.16 -10.57 -9.64
N GLN A 1326 0.05 -10.23 -9.01
CA GLN A 1326 -1.09 -9.76 -9.76
C GLN A 1326 -0.88 -8.34 -10.24
N GLU A 1327 0.01 -7.61 -9.60
CA GLU A 1327 0.37 -6.27 -9.98
C GLU A 1327 1.50 -6.30 -10.98
N ILE A 1328 2.25 -7.41 -11.03
CA ILE A 1328 3.17 -7.67 -12.12
C ILE A 1328 2.40 -8.02 -13.39
N LEU A 1329 1.39 -8.88 -13.25
CA LEU A 1329 0.56 -9.34 -14.36
C LEU A 1329 -0.07 -8.19 -15.14
N LEU A 1330 -0.51 -7.16 -14.48
CA LEU A 1330 -1.06 -6.05 -15.21
C LEU A 1330 0.00 -5.25 -15.91
N ALA A 1331 1.24 -5.34 -15.48
CA ALA A 1331 2.33 -4.53 -15.98
C ALA A 1331 2.99 -5.12 -17.21
N CYS A 1332 2.54 -6.27 -17.68
CA CYS A 1332 3.12 -6.81 -18.90
C CYS A 1332 2.00 -7.42 -19.74
N SER A 1333 1.07 -6.57 -20.17
CA SER A 1333 -0.05 -7.01 -20.98
C SER A 1333 -0.38 -6.14 -22.21
N TYR A 1334 0.50 -6.19 -23.21
CA TYR A 1334 0.30 -5.45 -24.47
C TYR A 1334 0.47 -3.92 -24.48
N GLY A 1335 -0.25 -3.23 -23.61
CA GLY A 1335 -0.21 -1.78 -23.57
C GLY A 1335 1.13 -1.12 -23.28
N LYS A 1336 1.99 -1.80 -22.54
CA LYS A 1336 3.28 -1.25 -22.14
C LYS A 1336 4.23 -0.85 -23.26
N LEU A 1337 4.89 0.29 -23.04
CA LEU A 1337 5.84 0.87 -23.98
C LEU A 1337 7.19 0.14 -24.06
N CYS A 1338 7.66 -0.07 -25.28
CA CYS A 1338 8.93 -0.75 -25.55
C CYS A 1338 10.15 0.16 -25.41
N ASP A 1339 11.29 -0.45 -25.07
CA ASP A 1339 12.55 0.31 -24.95
C ASP A 1339 13.00 0.67 -26.35
N PRO A 1340 13.78 1.74 -26.48
CA PRO A 1340 14.23 2.21 -27.80
C PRO A 1340 15.38 1.41 -28.37
N GLU A 1341 16.06 0.62 -27.56
CA GLU A 1341 17.12 -0.26 -28.05
C GLU A 1341 16.59 -1.48 -28.79
N SER A 1342 15.30 -1.77 -28.67
CA SER A 1342 14.60 -2.63 -29.59
C SER A 1342 14.42 -1.92 -30.92
N ASP A 1343 13.85 -2.64 -31.88
CA ASP A 1343 13.35 -1.95 -33.06
C ASP A 1343 11.87 -2.24 -33.23
N TYR A 1344 11.21 -1.37 -33.98
CA TYR A 1344 9.79 -1.38 -34.21
C TYR A 1344 9.51 -0.37 -35.31
N ALA A 1345 8.44 -0.59 -36.04
CA ALA A 1345 7.96 0.45 -36.93
C ALA A 1345 7.48 1.61 -36.08
N PRO A 1346 8.02 2.81 -36.28
CA PRO A 1346 7.69 3.92 -35.39
C PRO A 1346 6.24 4.35 -35.55
N GLY A 1347 5.70 4.89 -34.46
CA GLY A 1347 4.29 4.92 -34.26
C GLY A 1347 3.76 3.71 -33.54
N GLU A 1348 4.59 2.70 -33.30
CA GLU A 1348 4.23 1.53 -32.51
C GLU A 1348 5.14 1.41 -31.30
N GLU A 1349 5.31 2.49 -30.54
CA GLU A 1349 5.96 2.34 -29.26
C GLU A 1349 5.07 1.67 -28.26
N TYR A 1350 3.80 2.03 -28.24
CA TYR A 1350 2.84 1.43 -27.33
C TYR A 1350 2.22 0.19 -27.92
N THR A 1351 3.01 -0.86 -28.13
CA THR A 1351 2.50 -2.08 -28.72
C THR A 1351 3.01 -3.34 -28.03
N CYS A 1352 4.07 -3.28 -27.26
CA CYS A 1352 4.61 -4.51 -26.72
C CYS A 1352 3.90 -4.90 -25.44
N GLY A 1353 4.18 -6.12 -24.98
CA GLY A 1353 3.34 -6.81 -24.05
C GLY A 1353 2.19 -7.51 -24.76
N THR A 1354 1.61 -8.48 -24.08
CA THR A 1354 0.55 -9.24 -24.70
C THR A 1354 -0.41 -9.73 -23.64
N ASN A 1355 -1.63 -10.03 -24.08
CA ASN A 1355 -2.66 -10.57 -23.21
C ASN A 1355 -2.55 -12.06 -23.02
N PHE A 1356 -1.42 -12.65 -23.41
CA PHE A 1356 -0.99 -13.97 -22.98
C PHE A 1356 -0.52 -13.96 -21.55
N ALA A 1357 -0.34 -12.78 -20.96
CA ALA A 1357 0.20 -12.68 -19.61
C ALA A 1357 -0.71 -13.32 -18.60
N TYR A 1358 -2.01 -13.32 -18.84
CA TYR A 1358 -2.92 -13.97 -17.92
C TYR A 1358 -2.73 -15.47 -17.93
N TYR A 1359 -2.58 -16.08 -19.10
CA TYR A 1359 -2.28 -17.50 -19.17
C TYR A 1359 -0.93 -17.84 -18.59
N TYR A 1360 0.04 -16.96 -18.75
CA TYR A 1360 1.38 -17.22 -18.27
C TYR A 1360 1.42 -17.20 -16.76
N PHE A 1361 0.83 -16.19 -16.15
CA PHE A 1361 0.98 -16.03 -14.72
C PHE A 1361 0.01 -16.87 -13.91
N ILE A 1362 -1.17 -17.16 -14.40
CA ILE A 1362 -2.06 -17.96 -13.59
C ILE A 1362 -1.65 -19.43 -13.63
N SER A 1363 -1.21 -19.89 -14.79
CA SER A 1363 -0.64 -21.23 -14.91
C SER A 1363 0.62 -21.40 -14.10
N PHE A 1364 1.42 -20.35 -13.97
CA PHE A 1364 2.65 -20.51 -13.20
C PHE A 1364 2.35 -20.59 -11.73
N TYR A 1365 1.31 -19.91 -11.26
CA TYR A 1365 1.07 -19.95 -9.84
C TYR A 1365 0.45 -21.28 -9.45
N MET A 1366 -0.26 -21.93 -10.36
CA MET A 1366 -0.86 -23.20 -10.03
C MET A 1366 0.10 -24.38 -10.22
N LEU A 1367 1.07 -24.26 -11.10
CA LEU A 1367 2.00 -25.37 -11.25
C LEU A 1367 3.07 -25.37 -10.17
N CYS A 1368 3.58 -24.21 -9.84
CA CYS A 1368 4.63 -24.13 -8.85
C CYS A 1368 4.14 -24.48 -7.47
N ALA A 1369 2.91 -24.10 -7.14
CA ALA A 1369 2.32 -24.47 -5.87
C ALA A 1369 2.11 -25.96 -5.75
N PHE A 1370 1.67 -26.60 -6.83
CA PHE A 1370 1.56 -28.03 -6.86
C PHE A 1370 2.90 -28.73 -6.75
N LEU A 1371 3.88 -28.28 -7.49
CA LEU A 1371 5.21 -28.88 -7.43
C LEU A 1371 5.99 -28.52 -6.17
N ILE A 1372 5.50 -27.64 -5.31
CA ILE A 1372 6.24 -27.40 -4.07
C ILE A 1372 5.67 -28.23 -2.95
N ILE A 1373 4.35 -28.25 -2.77
CA ILE A 1373 3.78 -29.17 -1.77
C ILE A 1373 3.97 -30.63 -2.15
N ASN A 1374 4.22 -30.92 -3.44
CA ASN A 1374 4.83 -32.17 -3.81
C ASN A 1374 6.15 -32.40 -3.09
N LEU A 1375 7.09 -31.49 -3.25
CA LEU A 1375 8.39 -31.65 -2.59
C LEU A 1375 8.28 -31.46 -1.09
N PHE A 1376 7.29 -30.73 -0.60
CA PHE A 1376 7.13 -30.69 0.85
C PHE A 1376 6.69 -32.03 1.42
N VAL A 1377 5.71 -32.68 0.79
CA VAL A 1377 5.16 -33.90 1.38
C VAL A 1377 6.13 -35.07 1.25
N ALA A 1378 6.91 -35.10 0.19
CA ALA A 1378 7.86 -36.18 -0.03
C ALA A 1378 8.99 -36.18 0.99
N VAL A 1379 9.34 -35.04 1.54
CA VAL A 1379 10.33 -35.01 2.60
C VAL A 1379 9.72 -35.42 3.93
N ILE A 1380 8.44 -35.19 4.13
CA ILE A 1380 7.81 -35.63 5.37
C ILE A 1380 7.76 -37.13 5.42
N MET A 1381 7.53 -37.77 4.28
CA MET A 1381 7.36 -39.21 4.25
C MET A 1381 8.67 -39.96 4.09
N ASP A 1382 9.80 -39.32 4.27
CA ASP A 1382 10.99 -40.06 4.67
C ASP A 1382 11.23 -39.96 6.15
N ASN A 1383 10.78 -38.90 6.78
CA ASN A 1383 11.07 -38.72 8.17
C ASN A 1383 9.86 -39.09 8.99
N PHE A 1384 9.00 -39.91 8.41
CA PHE A 1384 7.79 -40.37 9.05
C PHE A 1384 8.08 -41.23 10.28
N ASP A 1385 9.30 -41.74 10.40
CA ASP A 1385 9.73 -42.50 11.55
C ASP A 1385 10.22 -41.59 12.65
N TYR A 1386 11.03 -40.58 12.30
CA TYR A 1386 11.51 -39.63 13.28
C TYR A 1386 10.40 -38.76 13.81
N LEU A 1387 9.49 -38.34 12.94
CA LEU A 1387 8.46 -37.37 13.26
C LEU A 1387 7.40 -37.94 14.18
N THR A 1388 7.26 -39.25 14.20
CA THR A 1388 6.31 -39.97 15.05
C THR A 1388 7.05 -40.97 15.92
N ARG A 1389 8.14 -40.59 16.59
CA ARG A 1389 9.02 -41.63 17.08
C ARG A 1389 8.52 -42.22 18.40
N ASP A 1390 7.75 -41.45 19.18
CA ASP A 1390 7.26 -41.84 20.51
C ASP A 1390 8.44 -42.18 21.40
N TRP A 1391 9.18 -41.14 21.81
CA TRP A 1391 10.52 -41.20 22.40
C TRP A 1391 10.70 -42.11 23.61
N SER A 1392 9.61 -42.58 24.20
CA SER A 1392 9.68 -43.33 25.45
C SER A 1392 10.26 -44.73 25.26
N ILE A 1393 9.72 -45.49 24.30
CA ILE A 1393 9.82 -46.94 24.34
C ILE A 1393 11.23 -47.42 23.99
N LEU A 1394 11.66 -47.23 22.75
CA LEU A 1394 13.02 -47.58 22.34
C LEU A 1394 13.31 -46.91 21.00
N GLY A 1395 14.50 -46.34 20.89
CA GLY A 1395 14.91 -45.71 19.66
C GLY A 1395 16.41 -45.75 19.49
N PRO A 1396 16.90 -45.23 18.37
CA PRO A 1396 18.34 -45.23 18.11
C PRO A 1396 19.11 -44.28 18.99
N HIS A 1397 18.43 -43.32 19.59
CA HIS A 1397 19.02 -42.43 20.57
C HIS A 1397 19.44 -43.18 21.83
N HIS A 1398 18.77 -44.31 22.14
CA HIS A 1398 19.33 -45.22 23.12
C HIS A 1398 20.48 -46.01 22.53
N LEU A 1399 20.34 -46.40 21.26
CA LEU A 1399 21.28 -47.27 20.57
C LEU A 1399 22.52 -46.51 20.10
N ASP A 1400 22.47 -45.18 20.08
CA ASP A 1400 23.71 -44.41 19.93
C ASP A 1400 24.57 -44.55 21.15
N GLU A 1401 23.95 -44.55 22.33
CA GLU A 1401 24.70 -44.58 23.57
C GLU A 1401 25.36 -45.93 23.81
N PHE A 1402 24.99 -46.95 23.05
CA PHE A 1402 25.79 -48.18 23.07
C PHE A 1402 27.17 -47.91 22.47
N LYS A 1403 27.20 -47.37 21.24
CA LYS A 1403 28.46 -47.18 20.54
C LYS A 1403 29.31 -46.10 21.18
N ALA A 1404 28.68 -45.21 21.95
CA ALA A 1404 29.45 -44.30 22.76
C ALA A 1404 30.23 -45.02 23.85
N ILE A 1405 29.59 -45.90 24.60
CA ILE A 1405 30.33 -46.62 25.62
C ILE A 1405 31.17 -47.74 24.99
N TRP A 1406 30.76 -48.22 23.83
CA TRP A 1406 31.62 -49.14 23.06
C TRP A 1406 32.87 -48.45 22.56
N ALA A 1407 32.84 -47.13 22.38
CA ALA A 1407 34.07 -46.42 22.07
C ALA A 1407 35.01 -46.38 23.26
N GLU A 1408 34.48 -46.43 24.48
CA GLU A 1408 35.30 -46.31 25.67
C GLU A 1408 36.23 -47.49 25.88
N TYR A 1409 35.92 -48.64 25.29
CA TYR A 1409 36.72 -49.83 25.50
C TYR A 1409 37.50 -50.25 24.27
N ASP A 1410 36.99 -50.00 23.08
CA ASP A 1410 37.80 -50.05 21.88
C ASP A 1410 38.11 -48.63 21.46
N PRO A 1411 39.33 -48.14 21.67
CA PRO A 1411 39.72 -46.85 21.11
C PRO A 1411 39.67 -46.83 19.60
N GLU A 1412 40.47 -47.65 18.94
CA GLU A 1412 40.25 -48.00 17.54
C GLU A 1412 39.48 -49.30 17.52
N ALA A 1413 38.84 -49.56 16.37
CA ALA A 1413 37.71 -50.48 16.28
C ALA A 1413 38.07 -51.90 16.67
N LYS A 1414 38.87 -52.57 15.83
CA LYS A 1414 39.47 -53.89 16.06
C LYS A 1414 38.51 -54.95 16.61
N GLY A 1415 37.23 -54.86 16.28
CA GLY A 1415 36.30 -55.88 16.72
C GLY A 1415 35.93 -55.77 18.18
N ARG A 1416 36.54 -56.65 18.97
CA ARG A 1416 36.05 -57.12 20.26
C ARG A 1416 36.57 -56.31 21.44
N ILE A 1417 35.98 -56.61 22.62
CA ILE A 1417 36.48 -56.18 23.92
C ILE A 1417 36.68 -57.42 24.79
N LYS A 1418 37.12 -57.22 26.02
CA LYS A 1418 37.34 -58.34 26.93
C LYS A 1418 36.05 -58.68 27.67
N HIS A 1419 36.06 -59.82 28.35
CA HIS A 1419 34.86 -60.23 29.06
C HIS A 1419 34.66 -59.50 30.38
N LEU A 1420 35.76 -59.11 31.02
CA LEU A 1420 35.64 -58.39 32.29
C LEU A 1420 35.07 -57.00 32.10
N ASP A 1421 35.22 -56.44 30.90
CA ASP A 1421 34.65 -55.14 30.57
C ASP A 1421 33.14 -55.17 30.55
N VAL A 1422 32.54 -56.28 30.11
CA VAL A 1422 31.09 -56.38 29.92
C VAL A 1422 30.37 -56.38 31.25
N VAL A 1423 31.07 -56.77 32.32
CA VAL A 1423 30.59 -56.54 33.67
C VAL A 1423 30.42 -55.05 33.94
N THR A 1424 31.46 -54.26 33.66
CA THR A 1424 31.42 -52.83 33.91
C THR A 1424 30.75 -52.04 32.80
N LEU A 1425 30.65 -52.61 31.60
CA LEU A 1425 30.03 -51.93 30.47
C LEU A 1425 28.53 -51.77 30.67
N LEU A 1426 27.92 -52.71 31.38
CA LEU A 1426 26.47 -52.81 31.37
C LEU A 1426 25.79 -51.89 32.38
N ARG A 1427 26.49 -51.52 33.45
CA ARG A 1427 25.97 -50.53 34.37
C ARG A 1427 26.01 -49.13 33.78
N ARG A 1428 26.71 -48.94 32.66
CA ARG A 1428 26.81 -47.67 31.97
C ARG A 1428 25.59 -47.35 31.12
N ILE A 1429 24.54 -48.18 31.17
CA ILE A 1429 23.40 -48.09 30.26
C ILE A 1429 22.16 -47.70 31.03
N GLN A 1430 21.35 -46.87 30.40
CA GLN A 1430 20.10 -46.40 30.98
C GLN A 1430 19.12 -47.57 31.13
N PRO A 1431 18.30 -47.58 32.17
CA PRO A 1431 17.38 -48.71 32.42
C PRO A 1431 16.31 -48.94 31.35
N PRO A 1432 15.91 -47.94 30.53
CA PRO A 1432 15.14 -48.29 29.32
C PRO A 1432 15.85 -49.19 28.32
N LEU A 1433 17.16 -49.40 28.44
CA LEU A 1433 17.78 -50.57 27.81
C LEU A 1433 18.55 -51.44 28.78
N GLY A 1434 19.33 -50.85 29.70
CA GLY A 1434 20.31 -51.64 30.42
C GLY A 1434 19.83 -52.28 31.70
N PHE A 1435 20.40 -51.88 32.83
CA PHE A 1435 19.95 -52.36 34.13
C PHE A 1435 19.41 -51.17 34.90
N GLY A 1436 18.60 -51.47 35.92
CA GLY A 1436 17.84 -50.45 36.61
C GLY A 1436 18.69 -49.58 37.51
N LYS A 1437 17.99 -48.79 38.33
CA LYS A 1437 18.64 -47.94 39.32
C LYS A 1437 19.00 -48.69 40.60
N PHE A 1438 18.68 -49.99 40.67
CA PHE A 1438 19.02 -50.83 41.80
C PHE A 1438 20.50 -51.22 41.75
N CYS A 1439 20.97 -51.84 42.84
CA CYS A 1439 22.31 -52.42 42.85
C CYS A 1439 22.31 -53.71 42.01
N PRO A 1440 23.18 -53.81 41.01
CA PRO A 1440 23.01 -54.83 39.97
C PRO A 1440 23.45 -56.23 40.36
N HIS A 1441 23.58 -56.54 41.65
CA HIS A 1441 24.02 -57.87 42.09
C HIS A 1441 23.01 -58.97 41.77
N ARG A 1442 21.73 -58.64 41.61
CA ARG A 1442 20.68 -59.64 41.47
C ARG A 1442 20.37 -59.98 40.01
N VAL A 1443 20.28 -58.99 39.13
CA VAL A 1443 19.87 -59.26 37.76
C VAL A 1443 21.09 -59.46 36.85
N ALA A 1444 22.11 -58.62 36.99
CA ALA A 1444 23.24 -58.63 36.05
C ALA A 1444 24.10 -59.88 36.17
N CYS A 1445 24.18 -60.49 37.35
CA CYS A 1445 24.85 -61.78 37.48
C CYS A 1445 24.07 -62.88 36.78
N LYS A 1446 22.76 -62.67 36.59
CA LYS A 1446 21.95 -63.62 35.85
C LYS A 1446 21.79 -63.19 34.39
N ARG A 1447 21.45 -61.93 34.12
CA ARG A 1447 21.10 -61.52 32.76
C ARG A 1447 22.31 -61.54 31.83
N LEU A 1448 23.52 -61.33 32.35
CA LEU A 1448 24.72 -61.55 31.55
C LEU A 1448 24.91 -63.01 31.17
N VAL A 1449 24.42 -63.95 31.98
CA VAL A 1449 24.64 -65.36 31.71
C VAL A 1449 23.35 -66.08 31.33
N GLY A 1450 22.29 -65.91 32.13
CA GLY A 1450 21.04 -66.63 31.93
C GLY A 1450 20.27 -66.21 30.71
N MET A 1451 20.55 -65.00 30.22
CA MET A 1451 20.19 -64.67 28.86
C MET A 1451 21.34 -65.02 27.93
N ASN A 1452 21.01 -65.62 26.79
CA ASN A 1452 22.01 -66.16 25.88
C ASN A 1452 22.78 -65.03 25.20
N MET A 1453 24.02 -65.34 24.86
CA MET A 1453 24.94 -64.41 24.21
C MET A 1453 25.88 -65.25 23.37
N PRO A 1454 26.53 -64.65 22.37
CA PRO A 1454 27.60 -65.38 21.69
C PRO A 1454 28.81 -65.54 22.60
N LEU A 1455 29.39 -66.73 22.56
CA LEU A 1455 30.48 -67.10 23.46
C LEU A 1455 31.77 -67.08 22.64
N ASN A 1456 32.44 -65.93 22.66
CA ASN A 1456 33.78 -65.81 22.11
C ASN A 1456 34.78 -66.15 23.22
N SER A 1457 36.06 -65.83 23.03
CA SER A 1457 37.07 -66.29 23.97
C SER A 1457 37.04 -65.47 25.26
N ASP A 1458 38.07 -65.72 26.09
CA ASP A 1458 38.11 -65.18 27.45
C ASP A 1458 38.27 -63.66 27.46
N GLY A 1459 38.94 -63.13 26.45
CA GLY A 1459 39.06 -61.69 26.33
C GLY A 1459 38.48 -61.15 25.04
N THR A 1460 37.57 -61.91 24.42
CA THR A 1460 36.94 -61.49 23.17
C THR A 1460 35.43 -61.63 23.36
N VAL A 1461 34.69 -60.62 22.88
CA VAL A 1461 33.26 -60.71 22.59
C VAL A 1461 32.97 -59.67 21.52
N THR A 1462 32.23 -60.07 20.49
CA THR A 1462 32.16 -59.28 19.27
C THR A 1462 31.34 -58.01 19.50
N PHE A 1463 31.42 -57.10 18.54
CA PHE A 1463 30.59 -55.91 18.63
C PHE A 1463 29.13 -56.21 18.40
N ASN A 1464 28.83 -56.80 17.24
CA ASN A 1464 27.51 -56.60 16.67
C ASN A 1464 26.43 -57.42 17.36
N ALA A 1465 26.68 -58.70 17.64
CA ALA A 1465 25.65 -59.50 18.27
C ALA A 1465 25.56 -59.30 19.76
N THR A 1466 26.60 -58.73 20.39
CA THR A 1466 26.46 -58.16 21.73
C THR A 1466 25.36 -57.11 21.75
N LEU A 1467 25.33 -56.25 20.72
CA LEU A 1467 24.26 -55.28 20.58
C LEU A 1467 22.93 -55.95 20.22
N PHE A 1468 22.98 -57.02 19.44
CA PHE A 1468 21.76 -57.74 19.09
C PHE A 1468 21.17 -58.43 20.31
N ALA A 1469 22.03 -58.93 21.19
CA ALA A 1469 21.58 -59.69 22.33
C ALA A 1469 20.94 -58.82 23.40
N LEU A 1470 21.28 -57.53 23.44
CA LEU A 1470 20.83 -56.75 24.58
C LEU A 1470 19.53 -56.05 24.25
N VAL A 1471 19.27 -55.78 22.97
CA VAL A 1471 17.95 -55.35 22.54
C VAL A 1471 16.96 -56.51 22.55
N ARG A 1472 17.42 -57.75 22.32
CA ARG A 1472 16.53 -58.92 22.34
C ARG A 1472 15.95 -59.15 23.72
N THR A 1473 16.67 -58.77 24.76
CA THR A 1473 16.11 -58.82 26.11
C THR A 1473 15.09 -57.71 26.31
N ALA A 1474 15.29 -56.56 25.66
CA ALA A 1474 14.37 -55.44 25.82
C ALA A 1474 13.09 -55.65 25.03
N LEU A 1475 13.26 -55.96 23.75
CA LEU A 1475 12.19 -56.21 22.80
C LEU A 1475 12.39 -57.61 22.19
N LYS A 1476 11.33 -58.20 21.68
CA LYS A 1476 11.38 -59.56 21.12
C LYS A 1476 12.02 -60.52 22.12
N ILE A 1477 11.30 -60.75 23.21
CA ILE A 1477 11.62 -61.83 24.13
C ILE A 1477 11.19 -63.15 23.49
N LYS A 1478 12.18 -63.94 23.08
CA LYS A 1478 11.95 -65.27 22.55
C LYS A 1478 12.56 -66.30 23.50
N THR A 1479 11.84 -67.40 23.67
CA THR A 1479 12.28 -68.49 24.52
C THR A 1479 13.35 -69.34 23.84
N GLU A 1480 13.76 -70.40 24.52
CA GLU A 1480 14.75 -71.30 23.95
C GLU A 1480 14.11 -72.16 22.86
N GLY A 1481 14.89 -72.42 21.82
CA GLY A 1481 14.45 -73.16 20.66
C GLY A 1481 14.35 -72.34 19.40
N ASN A 1482 13.86 -71.11 19.50
CA ASN A 1482 13.79 -70.18 18.38
C ASN A 1482 15.11 -69.45 18.18
N PHE A 1483 16.19 -70.20 17.94
CA PHE A 1483 17.44 -69.60 17.51
C PHE A 1483 17.61 -69.71 16.00
N GLU A 1484 16.85 -70.60 15.36
CA GLU A 1484 16.83 -70.68 13.91
C GLU A 1484 15.57 -70.07 13.30
N GLN A 1485 14.44 -70.13 14.00
CA GLN A 1485 13.23 -69.47 13.52
C GLN A 1485 13.29 -67.98 13.74
N ALA A 1486 14.15 -67.53 14.67
CA ALA A 1486 14.42 -66.10 14.76
C ALA A 1486 15.46 -65.68 13.74
N ASN A 1487 16.16 -66.66 13.16
CA ASN A 1487 16.91 -66.40 11.94
C ASN A 1487 16.05 -66.61 10.71
N GLU A 1488 14.81 -67.09 10.87
CA GLU A 1488 13.91 -67.19 9.74
C GLU A 1488 13.13 -65.90 9.55
N GLU A 1489 12.77 -65.26 10.66
CA GLU A 1489 12.27 -63.90 10.59
C GLU A 1489 13.40 -62.91 10.33
N LEU A 1490 14.66 -63.31 10.55
CA LEU A 1490 15.81 -62.49 10.16
C LEU A 1490 16.38 -62.90 8.82
N ARG A 1491 15.63 -63.65 8.00
CA ARG A 1491 16.05 -63.96 6.64
C ARG A 1491 14.92 -63.85 5.62
N ALA A 1492 13.68 -63.67 6.06
CA ALA A 1492 12.56 -63.42 5.16
C ALA A 1492 12.15 -61.96 5.22
N ILE A 1493 12.22 -61.36 6.40
CA ILE A 1493 12.05 -59.92 6.51
C ILE A 1493 13.26 -59.17 5.99
N ILE A 1494 14.41 -59.84 6.02
CA ILE A 1494 15.70 -59.32 5.53
C ILE A 1494 15.81 -59.26 4.00
N LYS A 1495 16.76 -58.48 3.51
CA LYS A 1495 17.00 -58.31 2.07
C LYS A 1495 18.18 -59.13 1.51
N LYS A 1496 19.29 -58.45 1.22
CA LYS A 1496 20.50 -59.09 0.67
C LYS A 1496 21.01 -60.08 1.71
N ILE A 1497 21.65 -61.17 1.29
CA ILE A 1497 22.06 -62.12 2.32
C ILE A 1497 22.68 -61.50 3.57
N TRP A 1498 23.80 -60.80 3.41
CA TRP A 1498 24.63 -60.27 4.49
C TRP A 1498 25.02 -61.40 5.47
N LYS A 1499 25.90 -62.28 4.98
CA LYS A 1499 26.15 -63.62 5.53
C LYS A 1499 26.76 -63.64 6.94
N ARG A 1500 26.89 -62.49 7.62
CA ARG A 1500 27.41 -62.40 8.99
C ARG A 1500 26.48 -62.98 10.04
N THR A 1501 25.37 -63.63 9.65
CA THR A 1501 24.49 -64.37 10.55
C THR A 1501 25.21 -65.48 11.30
N SER A 1502 26.31 -66.01 10.76
CA SER A 1502 27.20 -66.88 11.53
C SER A 1502 27.72 -66.21 12.79
N MET A 1503 28.00 -64.91 12.73
CA MET A 1503 28.28 -64.14 13.93
C MET A 1503 27.06 -63.41 14.46
N LYS A 1504 25.86 -63.81 14.04
CA LYS A 1504 24.65 -63.13 14.49
C LYS A 1504 23.46 -64.07 14.72
N LEU A 1505 23.65 -65.38 14.75
CA LEU A 1505 22.51 -66.26 15.00
C LEU A 1505 22.41 -66.67 16.47
N LEU A 1506 23.44 -67.34 16.97
CA LEU A 1506 23.43 -67.84 18.35
C LEU A 1506 24.76 -67.54 19.01
N MET B 1 42.96 -45.30 0.29
CA MET B 1 42.70 -45.86 -1.02
C MET B 1 41.47 -45.23 -1.65
N SER B 2 40.29 -45.64 -1.17
CA SER B 2 38.99 -45.16 -1.64
C SER B 2 38.75 -43.65 -1.62
N PRO B 3 39.45 -42.81 -0.81
CA PRO B 3 39.36 -41.38 -1.10
C PRO B 3 40.42 -40.94 -2.09
N THR B 4 41.51 -41.71 -2.22
CA THR B 4 42.67 -41.23 -2.95
C THR B 4 42.93 -41.98 -4.26
N GLU B 5 42.22 -43.07 -4.52
CA GLU B 5 42.38 -43.80 -5.76
C GLU B 5 41.20 -43.60 -6.70
N ALA B 6 40.18 -42.88 -6.26
CA ALA B 6 38.95 -42.75 -7.01
C ALA B 6 39.16 -41.84 -8.22
N PRO B 7 38.41 -42.05 -9.31
CA PRO B 7 38.60 -41.18 -10.48
C PRO B 7 38.06 -39.79 -10.27
N LYS B 8 37.19 -39.58 -9.28
CA LYS B 8 36.68 -38.25 -9.07
C LYS B 8 37.66 -37.37 -8.31
N VAL B 9 38.62 -37.98 -7.60
CA VAL B 9 39.59 -37.22 -6.84
C VAL B 9 40.87 -37.00 -7.64
N ARG B 10 41.06 -37.74 -8.72
CA ARG B 10 42.26 -37.61 -9.54
C ARG B 10 41.99 -36.76 -10.79
N VAL B 11 40.76 -36.75 -11.27
CA VAL B 11 40.32 -35.72 -12.21
C VAL B 11 40.36 -34.35 -11.54
N THR B 12 39.93 -34.30 -10.28
CA THR B 12 39.84 -33.03 -9.57
C THR B 12 41.22 -32.46 -9.29
N LEU B 13 42.15 -33.32 -8.88
CA LEU B 13 43.46 -32.86 -8.45
C LEU B 13 44.29 -32.39 -9.62
N PHE B 14 44.15 -33.02 -10.78
CA PHE B 14 44.82 -32.52 -11.97
C PHE B 14 44.22 -31.21 -12.44
N CYS B 15 42.92 -31.03 -12.24
CA CYS B 15 42.29 -29.74 -12.55
C CYS B 15 42.73 -28.68 -11.55
N ILE B 16 43.16 -29.07 -10.36
CA ILE B 16 43.88 -28.13 -9.50
C ILE B 16 45.22 -27.79 -10.13
N LEU B 17 45.89 -28.78 -10.70
CA LEU B 17 47.25 -28.60 -11.20
C LEU B 17 47.28 -27.75 -12.47
N VAL B 18 46.16 -27.61 -13.17
CA VAL B 18 46.12 -26.70 -14.30
C VAL B 18 46.13 -25.26 -13.84
N GLY B 19 45.15 -24.86 -13.05
CA GLY B 19 45.00 -23.45 -12.69
C GLY B 19 45.97 -22.96 -11.65
N ILE B 20 46.88 -23.81 -11.19
CA ILE B 20 47.98 -23.36 -10.36
C ILE B 20 48.94 -22.50 -11.17
N VAL B 21 48.94 -22.63 -12.50
CA VAL B 21 49.85 -21.93 -13.39
C VAL B 21 49.10 -20.74 -13.98
N LEU B 22 47.76 -20.85 -14.04
CA LEU B 22 46.95 -19.76 -14.58
C LEU B 22 47.03 -18.52 -13.72
N ALA B 23 47.16 -18.68 -12.41
CA ALA B 23 47.54 -17.55 -11.59
C ALA B 23 48.99 -17.13 -11.84
N MET B 24 49.89 -18.11 -12.01
CA MET B 24 51.28 -17.82 -12.34
C MET B 24 51.44 -17.20 -13.71
N THR B 25 50.48 -17.43 -14.61
CA THR B 25 50.33 -16.56 -15.76
C THR B 25 50.11 -15.12 -15.33
N ALA B 26 49.09 -14.90 -14.49
CA ALA B 26 48.70 -13.55 -14.13
C ALA B 26 49.74 -12.89 -13.23
N VAL B 27 50.59 -13.69 -12.56
CA VAL B 27 51.54 -13.09 -11.63
C VAL B 27 52.69 -12.40 -12.36
N VAL B 28 52.90 -12.72 -13.63
CA VAL B 28 53.95 -12.08 -14.41
C VAL B 28 53.40 -11.46 -15.70
N SER B 29 52.13 -11.65 -16.00
CA SER B 29 51.51 -10.91 -17.10
C SER B 29 51.03 -9.56 -16.59
N ASP B 30 51.06 -8.56 -17.46
CA ASP B 30 50.58 -7.23 -17.10
C ASP B 30 49.63 -6.71 -18.17
N HIS B 31 48.41 -7.23 -18.18
CA HIS B 31 47.57 -6.97 -19.34
C HIS B 31 46.12 -6.59 -19.04
N TRP B 32 45.65 -6.63 -17.80
CA TRP B 32 44.22 -6.44 -17.64
C TRP B 32 43.85 -5.05 -17.17
N ALA B 33 44.53 -4.04 -17.69
CA ALA B 33 43.99 -2.70 -17.80
C ALA B 33 44.53 -2.09 -19.08
N VAL B 34 43.61 -1.77 -19.98
CA VAL B 34 43.93 -1.15 -21.26
C VAL B 34 43.42 0.29 -21.19
N LEU B 35 44.34 1.22 -20.97
CA LEU B 35 44.03 2.64 -21.05
C LEU B 35 43.95 3.06 -22.52
N SER B 36 43.04 3.99 -22.82
CA SER B 36 42.90 4.51 -24.19
C SER B 36 42.55 5.99 -24.16
N PRO B 37 43.55 6.86 -24.00
CA PRO B 37 43.31 8.29 -24.23
C PRO B 37 43.19 8.60 -25.71
N HIS B 38 44.18 8.11 -26.47
CA HIS B 38 44.56 8.60 -27.79
C HIS B 38 44.68 10.12 -27.83
N CYS B 46 50.52 8.14 -28.81
CA CYS B 46 49.39 7.63 -28.05
C CYS B 46 49.82 7.26 -26.63
N GLU B 47 48.85 7.11 -25.73
CA GLU B 47 49.13 7.00 -24.30
C GLU B 47 48.46 5.79 -23.66
N ALA B 48 48.45 4.65 -24.33
CA ALA B 48 47.87 3.44 -23.77
C ALA B 48 48.80 2.88 -22.70
N ALA B 49 48.22 2.33 -21.63
CA ALA B 49 49.01 1.69 -20.58
C ALA B 49 48.54 0.25 -20.36
N HIS B 50 49.45 -0.58 -19.82
CA HIS B 50 49.20 -2.01 -19.60
C HIS B 50 49.62 -2.39 -18.20
N PHE B 51 48.66 -2.39 -17.28
CA PHE B 51 48.93 -2.58 -15.85
C PHE B 51 48.96 -4.06 -15.49
N GLY B 52 49.71 -4.38 -14.44
CA GLY B 52 49.75 -5.73 -13.91
C GLY B 52 49.92 -5.77 -12.41
N LEU B 53 50.62 -6.80 -11.92
CA LEU B 53 50.85 -7.01 -10.49
C LEU B 53 52.23 -6.57 -10.07
N TRP B 54 53.20 -6.66 -10.97
CA TRP B 54 54.49 -6.03 -10.83
C TRP B 54 54.77 -5.01 -11.92
N ARG B 55 54.71 -5.41 -13.18
CA ARG B 55 55.03 -4.54 -14.29
C ARG B 55 53.81 -3.74 -14.67
N ILE B 56 54.05 -2.51 -15.13
CA ILE B 56 53.03 -1.56 -15.56
C ILE B 56 53.60 -0.86 -16.80
N CYS B 57 52.88 -0.94 -17.91
CA CYS B 57 53.52 -0.80 -19.19
C CYS B 57 52.80 0.18 -20.09
N THR B 58 53.41 1.35 -20.33
CA THR B 58 52.85 2.38 -21.18
C THR B 58 53.43 2.26 -22.58
N LYS B 59 52.57 1.95 -23.55
CA LYS B 59 52.95 1.79 -24.95
C LYS B 59 52.31 2.91 -25.76
N ARG B 60 53.04 3.42 -26.76
CA ARG B 60 52.51 4.46 -27.64
C ARG B 60 51.33 3.99 -28.49
N GLY B 76 57.10 -0.49 -31.75
CA GLY B 76 56.74 0.74 -31.08
C GLY B 76 57.43 0.91 -29.74
N GLU B 77 57.19 2.05 -29.09
CA GLU B 77 57.86 2.37 -27.83
C GLU B 77 57.20 1.62 -26.68
N LYS B 78 57.44 0.31 -26.64
CA LYS B 78 57.03 -0.53 -25.51
C LYS B 78 57.93 -0.17 -24.34
N ASN B 79 57.32 0.33 -23.27
CA ASN B 79 58.04 0.69 -22.04
C ASN B 79 57.23 0.18 -20.86
N CYS B 80 57.76 -0.81 -20.15
CA CYS B 80 57.13 -1.38 -18.97
C CYS B 80 57.95 -1.00 -17.74
N SER B 81 57.28 -0.69 -16.63
CA SER B 81 57.98 -0.23 -15.43
C SER B 81 57.19 -0.61 -14.19
N TYR B 82 57.47 0.10 -13.09
CA TYR B 82 56.84 -0.10 -11.80
C TYR B 82 56.13 1.19 -11.35
N PHE B 83 55.61 1.18 -10.13
CA PHE B 83 54.88 2.32 -9.58
C PHE B 83 55.60 2.92 -8.38
N SER B 104 48.11 0.59 -4.12
CA SER B 104 48.31 -0.48 -5.09
C SER B 104 49.39 -1.45 -4.65
N ILE B 105 49.93 -1.27 -3.44
CA ILE B 105 50.94 -2.20 -2.95
C ILE B 105 50.27 -3.20 -2.02
N SER B 106 49.01 -2.96 -1.69
CA SER B 106 48.17 -3.96 -1.05
C SER B 106 47.98 -5.17 -1.97
N ALA B 107 47.77 -4.93 -3.26
CA ALA B 107 47.44 -6.01 -4.18
C ALA B 107 48.61 -6.96 -4.41
N ALA B 108 49.82 -6.50 -4.13
CA ALA B 108 50.96 -7.40 -4.25
C ALA B 108 51.09 -8.30 -3.03
N ALA B 109 50.92 -7.73 -1.84
CA ALA B 109 51.23 -8.46 -0.61
C ALA B 109 50.23 -9.56 -0.34
N ILE B 110 48.98 -9.38 -0.80
CA ILE B 110 47.97 -10.41 -0.68
C ILE B 110 48.36 -11.63 -1.48
N SER B 111 48.85 -11.43 -2.70
CA SER B 111 49.18 -12.51 -3.60
C SER B 111 50.46 -13.25 -3.22
N VAL B 112 51.20 -12.74 -2.22
CA VAL B 112 52.20 -13.56 -1.58
C VAL B 112 51.55 -14.74 -0.87
N PHE B 113 50.44 -14.49 -0.18
CA PHE B 113 49.72 -15.57 0.46
C PHE B 113 48.83 -16.31 -0.52
N SER B 114 48.64 -15.76 -1.72
CA SER B 114 48.11 -16.59 -2.78
C SER B 114 49.19 -17.44 -3.42
N LEU B 115 50.44 -17.22 -3.01
CA LEU B 115 51.53 -18.11 -3.33
C LEU B 115 52.00 -18.87 -2.11
N GLY B 116 51.84 -18.30 -0.92
CA GLY B 116 52.29 -18.96 0.29
C GLY B 116 51.40 -20.11 0.68
N PHE B 117 50.09 -19.92 0.52
CA PHE B 117 49.15 -21.01 0.67
C PHE B 117 49.33 -22.04 -0.42
N LEU B 118 49.62 -21.57 -1.63
CA LEU B 118 49.71 -22.43 -2.79
C LEU B 118 50.91 -23.37 -2.70
N ILE B 119 51.96 -22.96 -1.99
CA ILE B 119 52.98 -23.92 -1.60
C ILE B 119 52.44 -24.88 -0.57
N MET B 120 51.93 -24.35 0.53
CA MET B 120 51.52 -25.14 1.68
C MET B 120 50.30 -25.98 1.39
N GLY B 121 49.51 -25.61 0.39
CA GLY B 121 48.47 -26.50 -0.07
C GLY B 121 49.00 -27.71 -0.78
N THR B 122 50.16 -27.59 -1.41
CA THR B 122 50.65 -28.67 -2.25
C THR B 122 51.44 -29.68 -1.44
N ILE B 123 52.05 -29.24 -0.34
CA ILE B 123 52.89 -30.13 0.45
C ILE B 123 52.07 -31.23 1.09
N CYS B 124 50.92 -30.87 1.65
CA CYS B 124 50.03 -31.87 2.24
C CYS B 124 49.47 -32.81 1.19
N ALA B 125 49.07 -32.26 0.05
CA ALA B 125 48.47 -33.05 -1.02
C ALA B 125 49.46 -34.05 -1.60
N LEU B 126 50.74 -33.67 -1.63
CA LEU B 126 51.75 -34.59 -2.16
C LEU B 126 51.98 -35.76 -1.24
N MET B 127 52.21 -35.52 0.05
CA MET B 127 52.43 -36.63 0.96
C MET B 127 51.16 -37.34 1.36
N ALA B 128 49.99 -36.89 0.93
CA ALA B 128 48.73 -37.58 1.20
C ALA B 128 48.51 -38.78 0.30
N PHE B 129 49.44 -39.13 -0.56
CA PHE B 129 49.32 -40.37 -1.31
C PHE B 129 50.11 -41.50 -0.67
N ARG B 130 51.34 -41.22 -0.24
CA ARG B 130 52.15 -42.22 0.43
C ARG B 130 51.77 -42.24 1.90
N LYS B 131 52.42 -43.13 2.65
CA LYS B 131 52.35 -43.28 4.10
C LYS B 131 50.95 -43.60 4.62
N LYS B 132 49.99 -43.93 3.75
CA LYS B 132 48.63 -44.37 4.11
C LYS B 132 47.87 -43.34 4.93
N ARG B 133 48.12 -42.06 4.65
CA ARG B 133 47.30 -41.00 5.20
C ARG B 133 46.40 -40.45 4.11
N ASP B 134 45.15 -40.23 4.47
CA ASP B 134 44.11 -39.80 3.55
C ASP B 134 43.27 -38.70 4.14
N TYR B 135 43.30 -38.54 5.46
CA TYR B 135 42.73 -37.37 6.12
C TYR B 135 43.40 -36.10 5.61
N LEU B 136 44.69 -36.18 5.31
CA LEU B 136 45.52 -35.05 4.96
C LEU B 136 45.13 -34.45 3.62
N LEU B 137 44.36 -35.16 2.83
CA LEU B 137 43.76 -34.62 1.63
C LEU B 137 42.74 -33.53 1.96
N ARG B 138 42.17 -33.54 3.15
CA ARG B 138 41.19 -32.53 3.52
C ARG B 138 41.83 -31.15 3.78
N PRO B 139 42.88 -30.98 4.60
CA PRO B 139 43.39 -29.61 4.78
C PRO B 139 44.10 -29.06 3.58
N ALA B 140 44.56 -29.90 2.66
CA ALA B 140 45.18 -29.36 1.45
C ALA B 140 44.14 -28.72 0.56
N SER B 141 42.91 -29.19 0.61
CA SER B 141 41.82 -28.52 -0.05
C SER B 141 41.51 -27.17 0.54
N MET B 142 41.77 -26.98 1.83
CA MET B 142 41.48 -25.71 2.49
C MET B 142 42.34 -24.59 1.95
N PHE B 143 43.64 -24.83 1.83
CA PHE B 143 44.55 -23.79 1.41
C PHE B 143 44.35 -23.43 -0.06
N TYR B 144 43.88 -24.36 -0.86
CA TYR B 144 43.56 -24.04 -2.23
C TYR B 144 42.36 -23.12 -2.34
N VAL B 145 41.41 -23.23 -1.42
CA VAL B 145 40.33 -22.26 -1.37
C VAL B 145 40.88 -20.90 -0.93
N PHE B 146 41.73 -20.90 0.09
CA PHE B 146 42.29 -19.63 0.54
C PHE B 146 43.41 -19.15 -0.36
N ALA B 147 43.82 -19.97 -1.33
CA ALA B 147 44.66 -19.44 -2.39
C ALA B 147 43.87 -18.55 -3.33
N GLY B 148 42.78 -19.06 -3.90
CA GLY B 148 42.02 -18.28 -4.85
C GLY B 148 41.28 -17.11 -4.21
N LEU B 149 40.98 -17.24 -2.93
CA LEU B 149 40.38 -16.13 -2.23
C LEU B 149 41.36 -14.99 -2.00
N CYS B 150 42.66 -15.25 -1.92
CA CYS B 150 43.57 -14.14 -1.96
C CYS B 150 43.68 -13.55 -3.35
N LEU B 151 43.48 -14.35 -4.39
CA LEU B 151 43.46 -13.84 -5.76
C LEU B 151 42.28 -12.92 -6.04
N PHE B 152 41.09 -13.27 -5.54
CA PHE B 152 39.93 -12.44 -5.77
C PHE B 152 40.06 -11.07 -5.11
N VAL B 153 40.78 -11.01 -4.00
CA VAL B 153 41.16 -9.75 -3.40
C VAL B 153 42.00 -8.92 -4.38
N SER B 154 43.07 -9.53 -4.91
CA SER B 154 44.01 -8.78 -5.74
C SER B 154 43.43 -8.47 -7.11
N LEU B 155 42.34 -9.14 -7.49
CA LEU B 155 41.57 -8.69 -8.65
C LEU B 155 40.95 -7.33 -8.38
N GLU B 156 40.17 -7.22 -7.32
CA GLU B 156 39.38 -6.02 -7.10
C GLU B 156 40.25 -4.84 -6.71
N VAL B 157 41.42 -5.10 -6.14
CA VAL B 157 42.30 -3.99 -5.80
C VAL B 157 42.95 -3.44 -7.07
N MET B 158 43.27 -4.31 -8.02
CA MET B 158 43.72 -3.83 -9.32
C MET B 158 42.56 -3.40 -10.20
N ARG B 159 41.32 -3.61 -9.74
CA ARG B 159 40.20 -2.86 -10.30
C ARG B 159 40.07 -1.50 -9.63
N GLN B 160 40.61 -1.37 -8.42
CA GLN B 160 40.63 -0.07 -7.76
C GLN B 160 41.87 0.72 -8.14
N SER B 161 42.87 0.06 -8.70
CA SER B 161 43.90 0.83 -9.39
C SER B 161 43.40 1.33 -10.74
N VAL B 162 42.27 0.77 -11.21
CA VAL B 162 41.59 1.28 -12.39
C VAL B 162 40.49 2.26 -12.02
N LYS B 163 39.76 2.01 -10.93
CA LYS B 163 38.57 2.78 -10.57
C LYS B 163 38.91 4.22 -10.23
N ARG B 164 40.09 4.46 -9.68
CA ARG B 164 40.57 5.83 -9.51
C ARG B 164 41.22 6.36 -10.78
N MET B 165 41.80 5.50 -11.60
CA MET B 165 42.44 5.94 -12.81
C MET B 165 41.46 5.88 -13.97
N ILE B 174 40.00 7.19 -22.23
CA ILE B 174 40.22 6.46 -20.99
C ILE B 174 39.10 5.45 -20.78
N GLU B 175 39.46 4.17 -20.85
CA GLU B 175 38.53 3.05 -20.68
C GLU B 175 39.12 2.01 -19.73
N TYR B 176 38.50 0.82 -19.69
CA TYR B 176 39.12 -0.37 -19.13
C TYR B 176 38.78 -1.55 -20.05
N TYR B 177 39.77 -2.39 -20.33
CA TYR B 177 39.57 -3.46 -21.29
C TYR B 177 40.54 -4.58 -20.96
N TYR B 178 40.17 -5.80 -21.30
CA TYR B 178 40.96 -6.98 -20.99
C TYR B 178 40.72 -8.06 -22.04
N SER B 179 41.77 -8.71 -22.46
CA SER B 179 41.67 -9.84 -23.37
C SER B 179 42.59 -10.98 -22.97
N TRP B 180 43.39 -10.78 -21.93
CA TRP B 180 44.29 -11.82 -21.43
C TRP B 180 44.24 -12.09 -19.91
N SER B 181 44.78 -11.18 -19.11
CA SER B 181 44.85 -11.34 -17.65
C SER B 181 43.58 -11.40 -16.80
N PHE B 182 42.58 -10.55 -17.07
CA PHE B 182 41.35 -10.54 -16.28
C PHE B 182 40.58 -11.85 -16.38
N ALA B 183 40.51 -12.37 -17.59
CA ALA B 183 39.84 -13.62 -17.93
C ALA B 183 40.67 -14.87 -17.66
N CYS B 184 41.95 -14.72 -17.31
CA CYS B 184 42.73 -15.83 -16.81
C CYS B 184 42.75 -15.84 -15.27
N ALA B 185 42.95 -14.67 -14.66
CA ALA B 185 42.94 -14.59 -13.21
C ALA B 185 41.54 -14.72 -12.65
N CYS B 186 40.55 -14.15 -13.34
CA CYS B 186 39.16 -14.49 -13.05
C CYS B 186 38.72 -15.74 -13.81
N ALA B 187 39.68 -16.58 -14.19
CA ALA B 187 39.47 -18.01 -14.33
C ALA B 187 40.22 -18.80 -13.28
N ALA B 188 41.43 -18.38 -12.91
CA ALA B 188 42.21 -19.05 -11.88
C ALA B 188 41.54 -18.99 -10.52
N PHE B 189 40.97 -17.83 -10.18
CA PHE B 189 40.03 -17.73 -9.06
C PHE B 189 38.88 -18.70 -9.23
N VAL B 190 38.25 -18.66 -10.41
CA VAL B 190 37.11 -19.51 -10.70
C VAL B 190 37.52 -20.98 -10.75
N LEU B 191 38.78 -21.26 -11.06
CA LEU B 191 39.26 -22.62 -10.92
C LEU B 191 39.46 -22.97 -9.45
N LEU B 192 40.38 -22.28 -8.79
CA LEU B 192 40.89 -22.73 -7.50
C LEU B 192 39.85 -22.71 -6.40
N PHE B 193 38.94 -21.74 -6.45
CA PHE B 193 37.87 -21.70 -5.45
C PHE B 193 36.91 -22.86 -5.64
N LEU B 194 36.69 -23.27 -6.88
CA LEU B 194 35.70 -24.29 -7.18
C LEU B 194 36.26 -25.70 -7.10
N GLY B 195 37.54 -25.88 -7.39
CA GLY B 195 38.07 -27.22 -7.28
C GLY B 195 38.39 -27.66 -5.89
N GLY B 196 38.87 -26.76 -5.04
CA GLY B 196 39.20 -27.11 -3.68
C GLY B 196 37.97 -27.44 -2.87
N ILE B 197 36.88 -26.72 -3.13
CA ILE B 197 35.61 -27.05 -2.50
C ILE B 197 35.13 -28.41 -2.94
N SER B 198 35.29 -28.73 -4.23
CA SER B 198 34.96 -30.06 -4.71
C SER B 198 35.89 -31.10 -4.12
N LEU B 199 37.18 -30.79 -4.02
CA LEU B 199 38.13 -31.68 -3.35
C LEU B 199 37.77 -31.85 -1.89
N LEU B 200 37.18 -30.82 -1.28
CA LEU B 200 36.80 -30.88 0.12
C LEU B 200 35.62 -31.82 0.31
N LEU B 201 34.64 -31.73 -0.57
CA LEU B 201 33.46 -32.56 -0.44
C LEU B 201 33.75 -34.02 -0.74
N PHE B 202 34.83 -34.32 -1.43
CA PHE B 202 35.06 -35.67 -1.91
C PHE B 202 35.91 -36.48 -0.95
N SER B 203 36.21 -35.95 0.23
CA SER B 203 37.01 -36.67 1.21
C SER B 203 36.35 -36.63 2.58
N LEU B 204 35.41 -35.71 2.78
CA LEU B 204 34.42 -35.88 3.83
C LEU B 204 33.51 -37.05 3.45
N PRO B 205 33.09 -37.87 4.42
CA PRO B 205 32.46 -39.15 4.05
C PRO B 205 31.15 -39.13 3.25
N ARG B 206 30.03 -38.75 3.87
CA ARG B 206 28.68 -38.69 3.27
C ARG B 206 27.71 -38.29 4.36
N MET B 207 26.54 -37.80 3.96
CA MET B 207 25.45 -37.71 4.90
C MET B 207 24.97 -39.13 5.23
N PRO B 208 24.84 -39.46 6.51
CA PRO B 208 24.80 -40.87 6.91
C PRO B 208 23.58 -41.67 6.47
N GLN B 209 22.48 -41.03 6.08
CA GLN B 209 21.33 -41.65 5.42
C GLN B 209 20.53 -42.66 6.23
N ASN B 210 20.99 -43.07 7.41
CA ASN B 210 20.52 -44.24 8.14
C ASN B 210 20.98 -44.12 9.59
N PRO B 211 20.20 -44.61 10.56
CA PRO B 211 20.44 -44.21 11.95
C PRO B 211 21.65 -44.81 12.58
N TRP B 212 22.35 -45.73 11.91
CA TRP B 212 23.53 -46.31 12.50
C TRP B 212 24.81 -45.67 12.01
N GLU B 213 24.77 -44.94 10.90
CA GLU B 213 26.00 -44.42 10.35
C GLU B 213 26.38 -43.10 11.01
N SER B 214 27.68 -42.83 10.96
CA SER B 214 28.27 -41.68 11.60
C SER B 214 29.41 -41.19 10.74
N CYS B 215 29.65 -39.89 10.70
CA CYS B 215 30.77 -39.42 9.94
C CYS B 215 31.92 -39.89 10.81
N MET B 216 33.04 -40.30 10.21
CA MET B 216 34.20 -40.78 10.97
C MET B 216 34.12 -42.25 11.43
N ASP B 217 33.14 -43.00 10.93
CA ASP B 217 33.01 -44.41 11.28
C ASP B 217 34.17 -45.21 10.72
N ALA B 218 34.53 -46.31 11.39
CA ALA B 218 35.65 -47.12 10.95
C ALA B 218 35.59 -47.26 9.44
N GLU B 219 36.77 -47.19 8.82
CA GLU B 219 37.05 -47.40 7.38
C GLU B 219 36.02 -46.86 6.39
N GLN C 1 -23.21 -107.57 -35.61
CA GLN C 1 -22.64 -107.57 -36.95
C GLN C 1 -23.55 -106.81 -37.92
N GLY C 2 -23.67 -107.34 -39.14
CA GLY C 2 -24.50 -106.72 -40.15
C GLY C 2 -25.98 -106.95 -39.90
N PRO C 3 -26.31 -108.04 -39.23
CA PRO C 3 -27.72 -108.32 -38.93
C PRO C 3 -28.18 -107.65 -37.65
N HIS C 4 -27.24 -107.24 -36.82
CA HIS C 4 -27.55 -106.56 -35.57
C HIS C 4 -27.53 -105.05 -35.68
N MET C 5 -26.92 -104.51 -36.74
CA MET C 5 -26.85 -103.07 -36.94
C MET C 5 -28.04 -102.52 -37.71
N ALA C 6 -28.91 -103.38 -38.23
CA ALA C 6 -30.08 -102.91 -38.97
C ALA C 6 -31.16 -102.37 -38.04
N LEU C 7 -31.29 -102.94 -36.83
CA LEU C 7 -32.28 -102.50 -35.88
C LEU C 7 -31.71 -101.63 -34.76
N ARG C 8 -30.41 -101.76 -34.46
CA ARG C 8 -29.82 -100.95 -33.41
C ARG C 8 -29.54 -99.53 -33.87
N LYS C 9 -29.15 -99.35 -35.14
CA LYS C 9 -28.92 -98.01 -35.67
C LYS C 9 -30.20 -97.29 -36.03
N GLU C 10 -31.28 -98.03 -36.30
CA GLU C 10 -32.57 -97.42 -36.60
C GLU C 10 -33.32 -96.98 -35.36
N ALA C 11 -32.94 -97.48 -34.18
CA ALA C 11 -33.57 -97.07 -32.94
C ALA C 11 -32.91 -95.83 -32.32
N GLU C 12 -31.64 -95.57 -32.66
CA GLU C 12 -30.98 -94.38 -32.16
C GLU C 12 -31.49 -93.13 -32.87
N ARG C 13 -31.71 -93.23 -34.18
CA ARG C 13 -32.26 -92.10 -34.94
C ARG C 13 -33.74 -91.89 -34.64
N GLN C 14 -34.46 -92.96 -34.29
CA GLN C 14 -35.86 -92.82 -33.93
C GLN C 14 -36.03 -92.19 -32.55
N ALA C 15 -35.10 -92.47 -31.63
CA ALA C 15 -35.13 -91.85 -30.32
C ALA C 15 -34.59 -90.43 -30.33
N LEU C 16 -33.74 -90.09 -31.31
CA LEU C 16 -33.24 -88.72 -31.43
C LEU C 16 -34.31 -87.78 -31.98
N ALA C 17 -35.22 -88.29 -32.81
CA ALA C 17 -36.32 -87.46 -33.30
C ALA C 17 -37.35 -87.22 -32.20
N GLN C 18 -37.49 -88.18 -31.27
CA GLN C 18 -38.36 -87.98 -30.12
C GLN C 18 -37.77 -86.99 -29.14
N LEU C 19 -36.44 -86.97 -29.01
CA LEU C 19 -35.78 -86.02 -28.12
C LEU C 19 -35.81 -84.61 -28.69
N GLU C 20 -35.69 -84.49 -30.02
CA GLU C 20 -35.70 -83.18 -30.65
C GLU C 20 -37.09 -82.57 -30.72
N LYS C 21 -38.14 -83.40 -30.73
CA LYS C 21 -39.51 -82.92 -30.79
C LYS C 21 -40.13 -82.72 -29.41
N ALA C 22 -39.33 -82.82 -28.34
CA ALA C 22 -39.82 -82.64 -26.99
C ALA C 22 -39.30 -81.39 -26.29
N LYS C 23 -38.42 -80.61 -26.94
CA LYS C 23 -37.92 -79.40 -26.33
C LYS C 23 -38.96 -78.29 -26.36
N THR C 24 -39.83 -78.28 -27.36
CA THR C 24 -40.90 -77.30 -27.45
C THR C 24 -42.14 -77.70 -26.65
N LYS C 25 -42.19 -78.92 -26.14
CA LYS C 25 -43.33 -79.35 -25.33
C LYS C 25 -43.25 -78.72 -23.95
N PRO C 26 -44.39 -78.37 -23.34
CA PRO C 26 -44.37 -77.77 -22.01
C PRO C 26 -43.98 -78.77 -20.93
N VAL C 27 -43.57 -78.23 -19.79
CA VAL C 27 -43.10 -79.06 -18.68
C VAL C 27 -44.30 -79.69 -17.98
N ALA C 28 -44.31 -81.03 -17.90
CA ALA C 28 -45.41 -81.73 -17.26
C ALA C 28 -45.25 -81.72 -15.74
N PHE C 29 -44.13 -82.24 -15.24
CA PHE C 29 -43.90 -82.30 -13.80
C PHE C 29 -42.40 -82.25 -13.54
N ALA C 30 -42.03 -81.68 -12.39
CA ALA C 30 -40.64 -81.60 -11.97
C ALA C 30 -40.40 -82.55 -10.80
N VAL C 31 -39.17 -83.04 -10.69
CA VAL C 31 -38.80 -83.97 -9.64
C VAL C 31 -37.64 -83.39 -8.84
N ARG C 32 -37.50 -83.88 -7.61
CA ARG C 32 -36.40 -83.51 -6.72
C ARG C 32 -35.55 -84.74 -6.47
N THR C 33 -34.27 -84.67 -6.83
CA THR C 33 -33.38 -85.81 -6.73
C THR C 33 -32.81 -85.92 -5.32
N ASN C 34 -32.37 -87.13 -4.98
CA ASN C 34 -31.79 -87.40 -3.67
C ASN C 34 -30.38 -87.98 -3.73
N VAL C 35 -30.02 -88.66 -4.80
CA VAL C 35 -28.69 -89.27 -4.93
C VAL C 35 -27.99 -88.69 -6.15
N GLY C 36 -26.76 -89.14 -6.40
CA GLY C 36 -25.98 -88.71 -7.54
C GLY C 36 -25.91 -89.79 -8.60
N TYR C 37 -25.82 -89.38 -9.85
CA TYR C 37 -25.79 -90.31 -10.96
C TYR C 37 -25.11 -89.65 -12.16
N ASN C 38 -24.31 -90.43 -12.87
CA ASN C 38 -23.61 -89.97 -14.07
C ASN C 38 -23.85 -90.95 -15.21
N PRO C 39 -23.79 -90.47 -16.45
CA PRO C 39 -24.03 -91.38 -17.58
C PRO C 39 -22.80 -92.23 -17.90
N SER C 40 -23.04 -93.51 -18.14
CA SER C 40 -21.98 -94.44 -18.49
C SER C 40 -22.25 -95.06 -19.84
N PRO C 41 -21.33 -95.86 -20.38
CA PRO C 41 -21.55 -96.44 -21.72
C PRO C 41 -22.46 -97.67 -21.72
N GLY C 42 -22.60 -98.37 -20.59
CA GLY C 42 -23.40 -99.57 -20.55
C GLY C 42 -24.70 -99.43 -19.79
N ASP C 43 -25.32 -98.26 -19.87
CA ASP C 43 -26.58 -98.00 -19.20
C ASP C 43 -27.79 -98.19 -20.11
N GLU C 44 -27.59 -98.82 -21.27
CA GLU C 44 -28.61 -99.03 -22.31
C GLU C 44 -29.25 -97.71 -22.75
N VAL C 45 -28.40 -96.72 -23.02
CA VAL C 45 -28.89 -95.40 -23.43
C VAL C 45 -29.33 -95.46 -24.89
N PRO C 46 -30.50 -94.92 -25.24
CA PRO C 46 -30.93 -94.97 -26.65
C PRO C 46 -30.09 -94.10 -27.57
N VAL C 47 -29.82 -92.86 -27.18
CA VAL C 47 -28.97 -91.96 -27.96
C VAL C 47 -27.72 -91.69 -27.12
N GLU C 48 -26.63 -92.36 -27.46
CA GLU C 48 -25.39 -92.31 -26.67
C GLU C 48 -24.71 -90.96 -26.90
N GLY C 49 -24.74 -90.11 -25.88
CA GLY C 49 -24.08 -88.82 -25.96
C GLY C 49 -24.97 -87.65 -25.57
N VAL C 50 -26.28 -87.88 -25.52
CA VAL C 50 -27.23 -86.83 -25.21
C VAL C 50 -27.83 -87.05 -23.83
N ALA C 51 -27.11 -87.77 -22.97
CA ALA C 51 -27.56 -88.04 -21.62
C ALA C 51 -27.05 -86.97 -20.66
N ILE C 52 -27.82 -86.72 -19.61
CA ILE C 52 -27.48 -85.74 -18.60
C ILE C 52 -27.15 -86.45 -17.29
N THR C 53 -26.44 -85.74 -16.43
CA THR C 53 -26.05 -86.26 -15.12
C THR C 53 -26.56 -85.31 -14.04
N PHE C 54 -26.78 -85.86 -12.85
CA PHE C 54 -27.27 -85.07 -11.72
C PHE C 54 -26.59 -85.53 -10.44
N GLU C 55 -26.29 -84.57 -9.56
CA GLU C 55 -25.77 -84.83 -8.24
C GLU C 55 -26.93 -84.86 -7.25
N PRO C 56 -26.68 -85.09 -5.97
CA PRO C 56 -27.78 -85.08 -4.99
C PRO C 56 -28.34 -83.67 -4.80
N LYS C 57 -29.66 -83.62 -4.56
CA LYS C 57 -30.45 -82.40 -4.40
C LYS C 57 -30.34 -81.49 -5.63
N ASP C 58 -30.78 -82.03 -6.76
CA ASP C 58 -30.88 -81.30 -8.00
C ASP C 58 -32.32 -81.36 -8.53
N PHE C 59 -32.61 -80.48 -9.48
CA PHE C 59 -33.96 -80.30 -10.00
C PHE C 59 -34.00 -80.65 -11.48
N LEU C 60 -35.04 -81.36 -11.89
CA LEU C 60 -35.17 -81.86 -13.26
C LEU C 60 -36.58 -81.58 -13.74
N HIS C 61 -36.71 -80.70 -14.74
CA HIS C 61 -38.00 -80.41 -15.38
C HIS C 61 -38.24 -81.45 -16.45
N ILE C 62 -38.99 -82.49 -16.10
CA ILE C 62 -39.25 -83.60 -17.03
C ILE C 62 -40.30 -83.16 -18.04
N LYS C 63 -39.96 -83.28 -19.33
CA LYS C 63 -40.90 -82.90 -20.39
C LYS C 63 -41.92 -84.01 -20.64
N GLU C 64 -41.44 -85.18 -21.07
CA GLU C 64 -42.31 -86.31 -21.36
C GLU C 64 -41.62 -87.60 -20.95
N LYS C 65 -42.26 -88.73 -21.24
CA LYS C 65 -41.76 -90.05 -20.91
C LYS C 65 -41.42 -90.78 -22.19
N TYR C 66 -40.15 -91.12 -22.37
CA TYR C 66 -39.72 -91.83 -23.58
C TYR C 66 -40.16 -93.29 -23.54
N ASN C 67 -39.74 -94.02 -22.52
CA ASN C 67 -40.11 -95.42 -22.35
C ASN C 67 -40.17 -95.73 -20.85
N ASN C 68 -40.18 -97.01 -20.52
CA ASN C 68 -40.24 -97.43 -19.12
C ASN C 68 -38.90 -97.37 -18.41
N ASP C 69 -37.82 -97.00 -19.11
CA ASP C 69 -36.49 -96.94 -18.51
C ASP C 69 -35.83 -95.58 -18.63
N TRP C 70 -36.37 -94.66 -19.43
CA TRP C 70 -35.77 -93.34 -19.61
C TRP C 70 -36.85 -92.30 -19.77
N TRP C 71 -36.67 -91.16 -19.11
CA TRP C 71 -37.54 -90.01 -19.27
C TRP C 71 -36.84 -88.94 -20.11
N ILE C 72 -37.62 -87.98 -20.58
CA ILE C 72 -37.12 -86.86 -21.37
C ILE C 72 -37.35 -85.58 -20.58
N GLY C 73 -36.27 -84.85 -20.31
CA GLY C 73 -36.39 -83.61 -19.56
C GLY C 73 -35.06 -82.89 -19.55
N ARG C 74 -35.07 -81.70 -18.94
CA ARG C 74 -33.91 -80.83 -18.90
C ARG C 74 -33.49 -80.54 -17.47
N LEU C 75 -32.26 -80.06 -17.33
CA LEU C 75 -31.72 -79.68 -16.04
C LEU C 75 -31.95 -78.19 -15.79
N VAL C 76 -32.25 -77.83 -14.54
CA VAL C 76 -32.47 -76.44 -14.18
C VAL C 76 -31.10 -75.80 -14.00
N LYS C 77 -30.60 -75.19 -15.08
CA LYS C 77 -29.29 -74.57 -15.13
C LYS C 77 -29.25 -73.68 -16.37
N GLU C 78 -28.47 -72.60 -16.29
CA GLU C 78 -28.37 -71.64 -17.39
C GLU C 78 -27.66 -72.26 -18.59
N GLY C 79 -28.40 -72.51 -19.66
CA GLY C 79 -27.83 -72.97 -20.90
C GLY C 79 -28.00 -74.45 -21.21
N CYS C 80 -28.50 -75.24 -20.26
CA CYS C 80 -28.65 -76.67 -20.48
C CYS C 80 -29.90 -76.97 -21.29
N GLU C 81 -29.80 -78.00 -22.13
CA GLU C 81 -30.88 -78.44 -23.00
C GLU C 81 -31.56 -79.67 -22.41
N VAL C 82 -32.45 -80.30 -23.18
CA VAL C 82 -33.15 -81.50 -22.75
C VAL C 82 -32.20 -82.68 -22.74
N GLY C 83 -32.57 -83.75 -22.04
CA GLY C 83 -31.71 -84.91 -21.93
C GLY C 83 -32.49 -86.11 -21.45
N PHE C 84 -31.75 -87.18 -21.20
CA PHE C 84 -32.34 -88.46 -20.79
C PHE C 84 -32.28 -88.56 -19.27
N ILE C 85 -33.45 -88.55 -18.62
CA ILE C 85 -33.55 -88.69 -17.17
C ILE C 85 -33.86 -90.16 -16.87
N PRO C 86 -33.10 -90.82 -16.00
CA PRO C 86 -33.42 -92.21 -15.64
C PRO C 86 -34.66 -92.28 -14.76
N SER C 87 -35.51 -93.27 -15.05
CA SER C 87 -36.72 -93.49 -14.27
C SER C 87 -36.35 -94.08 -12.90
N PRO C 88 -37.25 -93.97 -11.91
CA PRO C 88 -36.97 -94.62 -10.61
C PRO C 88 -36.87 -96.14 -10.66
N VAL C 89 -37.52 -96.78 -11.65
CA VAL C 89 -37.33 -98.22 -11.82
C VAL C 89 -36.02 -98.51 -12.56
N LYS C 90 -35.49 -97.53 -13.31
CA LYS C 90 -34.17 -97.69 -13.91
C LYS C 90 -33.07 -97.52 -12.86
N LEU C 91 -33.27 -96.59 -11.91
CA LEU C 91 -32.36 -96.46 -10.79
C LEU C 91 -32.41 -97.67 -9.86
N ASP C 92 -33.55 -98.35 -9.78
CA ASP C 92 -33.62 -99.62 -9.07
C ASP C 92 -33.00 -100.74 -9.89
N SER C 93 -33.00 -100.62 -11.21
CA SER C 93 -32.38 -101.64 -12.05
C SER C 93 -30.86 -101.47 -12.13
N LEU C 94 -30.36 -100.24 -11.96
CA LEU C 94 -28.92 -100.01 -12.02
C LEU C 94 -28.23 -100.44 -10.73
N ARG C 95 -28.95 -100.44 -9.61
CA ARG C 95 -28.34 -100.82 -8.34
C ARG C 95 -28.26 -102.33 -8.17
N LEU C 96 -29.30 -103.05 -8.57
CA LEU C 96 -29.29 -104.51 -8.47
C LEU C 96 -28.40 -105.15 -9.54
N LEU C 97 -28.08 -104.43 -10.61
CA LEU C 97 -27.14 -104.94 -11.60
C LEU C 97 -25.70 -104.93 -11.12
N GLN C 98 -25.38 -104.10 -10.12
CA GLN C 98 -24.03 -104.07 -9.56
C GLN C 98 -23.78 -105.24 -8.61
N GLU C 99 -24.83 -105.86 -8.07
CA GLU C 99 -24.67 -107.00 -7.18
C GLU C 99 -24.65 -108.32 -7.93
N GLN C 100 -25.43 -108.44 -9.00
CA GLN C 100 -25.47 -109.65 -9.79
C GLN C 100 -24.24 -109.77 -10.68
N VAL D 265 -36.84 -95.64 0.44
CA VAL D 265 -36.56 -94.23 0.21
C VAL D 265 -36.73 -93.90 -1.27
N PRO D 266 -37.71 -93.06 -1.59
CA PRO D 266 -37.91 -92.67 -2.99
C PRO D 266 -36.85 -91.68 -3.44
N PRO D 267 -36.24 -91.91 -4.61
CA PRO D 267 -35.20 -90.98 -5.08
C PRO D 267 -35.77 -89.69 -5.65
N TYR D 268 -36.99 -89.75 -6.17
CA TYR D 268 -37.64 -88.60 -6.80
C TYR D 268 -38.89 -88.22 -6.01
N ASP D 269 -39.10 -86.93 -5.85
CA ASP D 269 -40.27 -86.39 -5.16
C ASP D 269 -40.96 -85.38 -6.07
N VAL D 270 -42.28 -85.45 -6.13
CA VAL D 270 -43.06 -84.60 -7.03
C VAL D 270 -43.07 -83.16 -6.51
N VAL D 271 -42.34 -82.28 -7.18
CA VAL D 271 -42.26 -80.87 -6.81
C VAL D 271 -42.89 -80.07 -7.93
N PRO D 272 -43.34 -78.83 -7.68
CA PRO D 272 -43.84 -77.99 -8.78
C PRO D 272 -42.73 -77.60 -9.75
N SER D 273 -43.16 -77.25 -10.97
CA SER D 273 -42.22 -76.86 -12.01
C SER D 273 -41.58 -75.50 -11.74
N MET D 274 -42.27 -74.63 -11.00
CA MET D 274 -41.73 -73.32 -10.62
C MET D 274 -41.83 -73.20 -9.11
N ARG D 275 -40.71 -72.86 -8.47
CA ARG D 275 -40.68 -72.82 -7.02
C ARG D 275 -41.34 -71.53 -6.52
N PRO D 276 -42.13 -71.61 -5.45
CA PRO D 276 -42.74 -70.40 -4.90
C PRO D 276 -41.74 -69.58 -4.10
N ILE D 277 -41.75 -68.27 -4.30
CA ILE D 277 -40.87 -67.36 -3.58
C ILE D 277 -41.49 -67.07 -2.21
N ILE D 278 -40.73 -67.33 -1.15
CA ILE D 278 -41.22 -67.22 0.21
C ILE D 278 -40.35 -66.23 0.98
N LEU D 279 -40.90 -65.05 1.25
CA LEU D 279 -40.27 -64.02 2.07
C LEU D 279 -40.57 -64.40 3.52
N VAL D 280 -39.62 -65.05 4.18
CA VAL D 280 -39.86 -65.66 5.48
C VAL D 280 -38.92 -65.07 6.52
N GLY D 281 -39.50 -64.73 7.68
CA GLY D 281 -38.83 -64.61 8.96
C GLY D 281 -37.49 -63.89 9.10
N PRO D 282 -37.43 -62.58 8.91
CA PRO D 282 -36.35 -61.82 9.56
C PRO D 282 -36.48 -61.81 11.06
N SER D 283 -37.58 -61.29 11.58
CA SER D 283 -37.98 -61.46 12.96
C SER D 283 -39.16 -62.42 12.91
N LEU D 284 -39.77 -62.69 14.06
CA LEU D 284 -40.88 -63.62 14.07
C LEU D 284 -42.14 -62.97 13.52
N LYS D 285 -42.86 -63.72 12.70
CA LYS D 285 -44.06 -63.22 12.02
C LYS D 285 -45.22 -63.08 13.01
N GLY D 286 -46.34 -62.57 12.50
CA GLY D 286 -47.52 -62.41 13.33
C GLY D 286 -47.53 -61.14 14.15
N TYR D 287 -46.70 -60.17 13.82
CA TYR D 287 -46.63 -58.91 14.54
C TYR D 287 -46.83 -57.78 13.54
N GLU D 288 -46.82 -56.54 14.06
CA GLU D 288 -46.72 -55.39 13.18
C GLU D 288 -45.34 -55.25 12.58
N VAL D 289 -44.33 -55.87 13.20
CA VAL D 289 -42.97 -55.74 12.72
C VAL D 289 -42.77 -56.56 11.45
N THR D 290 -42.81 -57.89 11.58
CA THR D 290 -42.36 -58.76 10.48
C THR D 290 -43.35 -58.75 9.33
N ASP D 291 -44.65 -58.66 9.62
CA ASP D 291 -45.66 -58.68 8.58
C ASP D 291 -45.59 -57.42 7.72
N MET D 292 -45.50 -56.25 8.35
CA MET D 292 -45.46 -55.02 7.58
C MET D 292 -44.06 -54.66 7.12
N MET D 293 -43.05 -55.40 7.57
CA MET D 293 -41.76 -55.36 6.90
C MET D 293 -41.69 -56.40 5.79
N GLN D 294 -42.60 -57.38 5.80
CA GLN D 294 -42.74 -58.22 4.61
C GLN D 294 -43.77 -57.67 3.65
N LYS D 295 -44.79 -56.95 4.16
CA LYS D 295 -45.79 -56.32 3.29
C LYS D 295 -45.16 -55.27 2.39
N ALA D 296 -44.15 -54.55 2.88
CA ALA D 296 -43.38 -53.67 2.02
C ALA D 296 -42.65 -54.45 0.92
N LEU D 297 -42.28 -55.71 1.20
CA LEU D 297 -41.49 -56.46 0.24
C LEU D 297 -42.36 -57.23 -0.74
N PHE D 298 -43.68 -56.98 -0.75
CA PHE D 298 -44.47 -57.37 -1.90
C PHE D 298 -44.84 -56.18 -2.77
N ASP D 299 -44.56 -54.98 -2.29
CA ASP D 299 -44.73 -53.77 -3.11
C ASP D 299 -43.72 -53.74 -4.25
N PHE D 300 -42.45 -54.08 -3.97
CA PHE D 300 -41.50 -54.17 -5.06
C PHE D 300 -41.73 -55.44 -5.88
N LEU D 301 -42.32 -56.48 -5.27
CA LEU D 301 -42.71 -57.65 -6.03
C LEU D 301 -44.00 -57.45 -6.81
N LYS D 302 -44.65 -56.29 -6.68
CA LYS D 302 -45.92 -56.08 -7.35
C LYS D 302 -45.74 -55.77 -8.84
N HIS D 303 -44.96 -54.75 -9.18
CA HIS D 303 -44.87 -54.35 -10.57
C HIS D 303 -43.56 -54.72 -11.25
N LEU D 304 -42.62 -55.37 -10.55
CA LEU D 304 -41.30 -55.61 -11.15
C LEU D 304 -41.36 -56.73 -12.17
N PHE D 305 -42.09 -57.81 -11.85
CA PHE D 305 -42.31 -58.91 -12.77
C PHE D 305 -43.79 -59.03 -13.10
N ASP D 306 -44.43 -57.88 -13.35
CA ASP D 306 -45.87 -57.83 -13.61
C ASP D 306 -46.21 -58.50 -14.93
N GLY D 307 -47.11 -59.49 -14.88
CA GLY D 307 -47.42 -60.32 -16.02
C GLY D 307 -46.71 -61.67 -16.02
N ARG D 308 -45.68 -61.83 -15.22
CA ARG D 308 -44.93 -63.08 -15.10
C ARG D 308 -44.77 -63.50 -13.65
N ILE D 309 -45.76 -63.17 -12.82
CA ILE D 309 -45.73 -63.52 -11.40
C ILE D 309 -47.17 -63.75 -10.94
N SER D 310 -47.32 -64.58 -9.90
CA SER D 310 -48.62 -64.86 -9.30
C SER D 310 -48.52 -64.59 -7.81
N ILE D 311 -49.13 -63.49 -7.36
CA ILE D 311 -49.07 -63.06 -5.97
C ILE D 311 -50.36 -63.49 -5.27
N THR D 312 -50.22 -64.24 -4.18
CA THR D 312 -51.35 -64.71 -3.38
C THR D 312 -51.06 -64.47 -1.91
N ARG D 313 -52.08 -64.68 -1.08
CA ARG D 313 -52.00 -64.50 0.36
C ARG D 313 -52.25 -65.85 1.03
N VAL D 314 -51.27 -66.29 1.83
CA VAL D 314 -51.33 -67.59 2.49
C VAL D 314 -52.02 -67.42 3.84
N THR D 315 -53.07 -68.20 4.09
CA THR D 315 -53.82 -68.16 5.33
C THR D 315 -53.62 -69.42 6.17
N ALA D 316 -53.74 -70.60 5.57
CA ALA D 316 -53.63 -71.86 6.28
C ALA D 316 -52.17 -72.26 6.45
N ASP D 317 -51.91 -73.05 7.48
CA ASP D 317 -50.57 -73.56 7.75
C ASP D 317 -50.28 -74.71 6.79
N ILE D 318 -49.29 -74.53 5.91
CA ILE D 318 -48.97 -75.52 4.89
C ILE D 318 -47.85 -76.43 5.38
N SER D 319 -47.50 -76.32 6.67
CA SER D 319 -46.47 -77.14 7.27
C SER D 319 -47.03 -78.29 8.10
N LEU D 320 -48.23 -78.77 7.76
CA LEU D 320 -48.86 -79.86 8.51
C LEU D 320 -48.90 -81.17 7.74
N ALA D 321 -48.72 -81.15 6.42
CA ALA D 321 -48.75 -82.37 5.63
C ALA D 321 -47.40 -83.08 5.69
N ARG D 341 -55.86 -76.67 14.71
CA ARG D 341 -55.37 -76.08 13.47
C ARG D 341 -56.22 -76.50 12.28
N SER D 342 -55.69 -76.31 11.08
CA SER D 342 -56.42 -76.68 9.87
C SER D 342 -56.37 -78.18 9.64
N SER D 343 -57.37 -78.67 8.91
CA SER D 343 -57.46 -80.09 8.59
C SER D 343 -56.62 -80.41 7.36
N LEU D 344 -56.66 -81.67 6.93
CA LEU D 344 -55.86 -82.09 5.78
C LEU D 344 -56.49 -81.65 4.47
N ALA D 345 -57.81 -81.43 4.44
CA ALA D 345 -58.47 -81.06 3.20
C ALA D 345 -58.26 -79.59 2.87
N GLU D 346 -58.24 -78.73 3.88
CA GLU D 346 -58.08 -77.29 3.64
C GLU D 346 -56.65 -76.91 3.29
N VAL D 347 -55.68 -77.72 3.68
CA VAL D 347 -54.27 -77.43 3.37
C VAL D 347 -53.89 -77.98 1.99
N GLN D 348 -54.33 -79.21 1.68
CA GLN D 348 -53.98 -79.84 0.41
C GLN D 348 -54.65 -79.13 -0.78
N SER D 349 -55.82 -78.52 -0.55
CA SER D 349 -56.46 -77.73 -1.59
C SER D 349 -55.68 -76.45 -1.91
N GLU D 350 -54.91 -75.94 -0.96
CA GLU D 350 -54.03 -74.81 -1.21
C GLU D 350 -52.67 -75.23 -1.76
N ILE D 351 -52.24 -76.45 -1.45
CA ILE D 351 -51.02 -76.99 -2.05
C ILE D 351 -51.24 -77.29 -3.53
N GLU D 352 -52.39 -77.87 -3.87
CA GLU D 352 -52.73 -78.12 -5.27
C GLU D 352 -53.03 -76.83 -6.03
N ARG D 353 -53.36 -75.75 -5.32
CA ARG D 353 -53.47 -74.45 -5.98
C ARG D 353 -52.09 -73.94 -6.42
N ILE D 354 -51.06 -74.24 -5.62
CA ILE D 354 -49.68 -73.93 -6.03
C ILE D 354 -49.26 -74.85 -7.18
N PHE D 355 -49.80 -76.07 -7.22
CA PHE D 355 -49.54 -76.97 -8.34
C PHE D 355 -50.15 -76.47 -9.63
N GLU D 356 -51.25 -75.72 -9.55
CA GLU D 356 -51.88 -75.14 -10.74
C GLU D 356 -51.08 -73.94 -11.25
N LEU D 357 -50.51 -73.14 -10.35
CA LEU D 357 -49.78 -71.95 -10.73
C LEU D 357 -48.42 -72.26 -11.36
N ALA D 358 -47.92 -73.48 -11.24
CA ALA D 358 -46.68 -73.89 -11.88
C ALA D 358 -46.91 -74.55 -13.24
N ARG D 359 -48.17 -74.64 -13.68
CA ARG D 359 -48.46 -75.25 -14.97
C ARG D 359 -48.18 -74.30 -16.12
N THR D 360 -48.47 -73.01 -15.94
CA THR D 360 -48.27 -71.99 -16.97
C THR D 360 -46.84 -71.44 -17.00
N LEU D 361 -45.94 -71.99 -16.18
CA LEU D 361 -44.51 -71.65 -16.12
C LEU D 361 -44.30 -70.16 -15.81
N GLN D 362 -44.83 -69.76 -14.66
CA GLN D 362 -44.69 -68.38 -14.17
C GLN D 362 -44.22 -68.40 -12.73
N LEU D 363 -43.80 -67.23 -12.25
CA LEU D 363 -43.29 -67.13 -10.88
C LEU D 363 -44.43 -67.12 -9.88
N VAL D 364 -44.18 -67.70 -8.70
CA VAL D 364 -45.15 -67.80 -7.63
C VAL D 364 -44.59 -67.10 -6.39
N ALA D 365 -45.39 -66.24 -5.79
CA ALA D 365 -45.03 -65.57 -4.55
C ALA D 365 -46.05 -65.90 -3.46
N LEU D 366 -45.55 -66.18 -2.26
CA LEU D 366 -46.40 -66.55 -1.13
C LEU D 366 -46.23 -65.53 -0.01
N ASP D 367 -47.35 -65.01 0.48
CA ASP D 367 -47.36 -64.10 1.63
C ASP D 367 -47.78 -64.92 2.85
N ALA D 368 -46.81 -65.60 3.44
CA ALA D 368 -47.05 -66.46 4.60
C ALA D 368 -46.88 -65.67 5.88
N ASP D 369 -47.66 -66.02 6.90
CA ASP D 369 -47.62 -65.36 8.20
C ASP D 369 -47.24 -66.29 9.34
N THR D 370 -46.89 -67.55 9.05
CA THR D 370 -46.56 -68.53 10.09
C THR D 370 -45.22 -69.21 9.91
N ILE D 371 -44.52 -69.00 8.80
CA ILE D 371 -43.30 -69.75 8.51
C ILE D 371 -42.12 -69.04 9.17
N ASN D 372 -41.41 -69.76 10.05
CA ASN D 372 -40.32 -69.13 10.80
C ASN D 372 -39.09 -70.03 10.92
N HIS D 373 -38.91 -70.98 9.99
CA HIS D 373 -37.70 -71.81 9.95
C HIS D 373 -37.61 -72.47 8.58
N PRO D 374 -36.38 -72.73 8.07
CA PRO D 374 -36.23 -73.51 6.82
C PRO D 374 -36.73 -74.94 6.93
N ALA D 375 -36.48 -75.60 8.04
CA ALA D 375 -36.90 -76.99 8.25
C ALA D 375 -38.40 -77.13 8.44
N GLN D 376 -39.12 -76.02 8.63
CA GLN D 376 -40.57 -76.07 8.77
C GLN D 376 -41.25 -76.46 7.45
N LEU D 377 -40.64 -76.11 6.31
CA LEU D 377 -41.20 -76.47 5.02
C LEU D 377 -40.29 -77.43 4.27
N SER D 378 -39.75 -78.41 4.98
CA SER D 378 -38.87 -79.41 4.38
C SER D 378 -39.49 -80.80 4.35
N LYS D 379 -40.72 -80.95 4.85
CA LYS D 379 -41.39 -82.25 4.86
C LYS D 379 -42.49 -82.37 3.81
N THR D 380 -42.87 -81.28 3.16
CA THR D 380 -43.91 -81.31 2.14
C THR D 380 -43.30 -81.60 0.78
N SER D 381 -44.10 -81.48 -0.27
CA SER D 381 -43.67 -81.73 -1.65
C SER D 381 -43.71 -80.46 -2.49
N LEU D 382 -43.33 -79.33 -1.89
CA LEU D 382 -43.31 -78.05 -2.57
C LEU D 382 -41.90 -77.54 -2.83
N ALA D 383 -41.02 -77.60 -1.81
CA ALA D 383 -39.66 -77.07 -1.77
C ALA D 383 -39.61 -75.59 -2.18
N PRO D 384 -40.09 -74.68 -1.34
CA PRO D 384 -40.11 -73.26 -1.74
C PRO D 384 -38.73 -72.64 -1.63
N ILE D 385 -38.63 -71.43 -2.16
CA ILE D 385 -37.39 -70.66 -2.07
C ILE D 385 -37.38 -69.94 -0.74
N ILE D 386 -36.42 -70.30 0.13
CA ILE D 386 -36.34 -69.72 1.46
C ILE D 386 -35.59 -68.40 1.30
N VAL D 387 -36.33 -67.35 0.94
CA VAL D 387 -35.77 -66.02 0.89
C VAL D 387 -35.68 -65.52 2.32
N TYR D 388 -34.48 -65.20 2.76
CA TYR D 388 -34.25 -64.76 4.13
C TYR D 388 -34.00 -63.27 4.10
N ILE D 389 -34.92 -62.50 4.67
CA ILE D 389 -34.57 -61.15 5.04
C ILE D 389 -33.65 -61.25 6.24
N LYS D 390 -32.41 -60.79 6.08
CA LYS D 390 -31.40 -60.95 7.12
C LYS D 390 -31.37 -59.70 7.98
N ILE D 391 -31.35 -59.89 9.29
CA ILE D 391 -31.07 -58.84 10.25
C ILE D 391 -29.61 -58.97 10.66
N THR D 392 -28.78 -58.00 10.27
CA THR D 392 -27.34 -58.14 10.44
C THR D 392 -26.89 -57.89 11.87
N SER D 393 -27.61 -57.06 12.63
CA SER D 393 -27.24 -56.74 14.00
C SER D 393 -28.45 -56.95 14.89
N PRO D 394 -28.36 -57.82 15.90
CA PRO D 394 -29.51 -58.02 16.81
C PRO D 394 -29.75 -56.84 17.74
N LYS D 395 -28.76 -55.97 17.96
CA LYS D 395 -28.94 -54.83 18.86
C LYS D 395 -29.85 -53.76 18.26
N VAL D 396 -29.95 -53.69 16.93
CA VAL D 396 -30.82 -52.69 16.32
C VAL D 396 -32.25 -53.21 16.28
N LEU D 397 -32.43 -54.53 16.41
CA LEU D 397 -33.75 -55.14 16.30
C LEU D 397 -34.63 -54.80 17.50
N GLN D 398 -34.02 -54.66 18.68
CA GLN D 398 -34.78 -54.23 19.85
C GLN D 398 -35.09 -52.74 19.83
N ARG D 399 -34.43 -51.96 18.97
CA ARG D 399 -34.77 -50.56 18.79
C ARG D 399 -35.87 -50.36 17.77
N LEU D 400 -36.09 -51.33 16.87
CA LEU D 400 -37.30 -51.32 16.05
C LEU D 400 -38.53 -51.62 16.88
N ILE D 401 -38.38 -52.37 17.97
CA ILE D 401 -39.48 -52.66 18.87
C ILE D 401 -39.91 -51.40 19.62
N LYS D 402 -38.94 -50.58 20.02
CA LYS D 402 -39.24 -49.32 20.70
C LYS D 402 -39.71 -48.23 19.75
N SER D 403 -39.59 -48.42 18.44
CA SER D 403 -40.01 -47.41 17.47
C SER D 403 -41.44 -47.60 16.99
N ARG D 404 -42.03 -48.78 17.20
CA ARG D 404 -43.41 -49.05 16.81
C ARG D 404 -44.40 -48.74 17.92
N GLY D 405 -44.01 -47.92 18.89
CA GLY D 405 -44.89 -47.59 20.00
C GLY D 405 -44.74 -48.56 21.16
N LYS D 406 -45.71 -48.50 22.06
CA LYS D 406 -45.74 -49.38 23.23
C LYS D 406 -46.55 -50.64 23.00
N SER D 407 -47.10 -50.82 21.79
CA SER D 407 -47.87 -52.03 21.50
C SER D 407 -46.95 -53.23 21.30
N GLN D 408 -45.87 -53.05 20.54
CA GLN D 408 -44.90 -54.10 20.29
C GLN D 408 -43.88 -54.25 21.41
N SER D 409 -43.84 -53.31 22.36
CA SER D 409 -42.83 -53.32 23.42
C SER D 409 -43.04 -54.43 24.44
N LYS D 410 -44.21 -55.07 24.46
CA LYS D 410 -44.47 -56.19 25.35
C LYS D 410 -44.03 -57.53 24.77
N HIS D 411 -43.39 -57.53 23.59
CA HIS D 411 -42.91 -58.72 22.92
C HIS D 411 -41.43 -58.56 22.56
N LEU D 412 -40.63 -58.18 23.56
CA LEU D 412 -39.23 -57.85 23.32
C LEU D 412 -38.38 -59.09 23.06
N ASN D 413 -38.30 -60.00 24.03
CA ASN D 413 -37.31 -61.08 23.99
C ASN D 413 -37.79 -62.31 23.24
N VAL D 414 -39.11 -62.49 23.10
CA VAL D 414 -39.60 -63.70 22.46
C VAL D 414 -39.42 -63.62 20.94
N GLN D 415 -39.50 -62.41 20.36
CA GLN D 415 -39.34 -62.26 18.93
C GLN D 415 -37.92 -62.57 18.48
N ILE D 416 -36.94 -61.94 19.13
CA ILE D 416 -35.54 -62.16 18.77
C ILE D 416 -35.03 -63.51 19.20
N ALA D 417 -35.78 -64.26 20.01
CA ALA D 417 -35.34 -65.58 20.48
C ALA D 417 -35.27 -66.57 19.33
N ALA D 418 -36.39 -66.83 18.68
CA ALA D 418 -36.36 -67.69 17.50
C ALA D 418 -35.90 -66.94 16.26
N SER D 419 -35.79 -65.61 16.33
CA SER D 419 -35.04 -64.88 15.33
C SER D 419 -33.55 -64.87 15.66
N GLU D 420 -33.18 -65.43 16.83
CA GLU D 420 -31.81 -65.91 17.01
C GLU D 420 -31.71 -67.41 16.72
N LYS D 421 -32.84 -68.12 16.74
CA LYS D 421 -32.81 -69.47 16.19
C LYS D 421 -32.95 -69.45 14.69
N LEU D 422 -33.30 -68.28 14.13
CA LEU D 422 -33.02 -68.01 12.72
C LEU D 422 -31.60 -67.51 12.54
N ALA D 423 -30.83 -67.42 13.62
CA ALA D 423 -29.37 -67.39 13.51
C ALA D 423 -28.75 -68.72 13.92
N GLN D 424 -29.46 -69.53 14.70
CA GLN D 424 -29.00 -70.90 14.95
C GLN D 424 -29.10 -71.76 13.71
N CYS D 425 -29.97 -71.39 12.77
CA CYS D 425 -29.90 -71.94 11.43
C CYS D 425 -28.56 -71.58 10.79
N PRO D 426 -27.92 -72.53 10.12
CA PRO D 426 -26.81 -72.18 9.25
C PRO D 426 -27.31 -71.40 8.05
N PRO D 427 -26.57 -70.39 7.61
CA PRO D 427 -27.06 -69.54 6.50
C PRO D 427 -27.16 -70.27 5.17
N GLU D 428 -26.42 -71.35 4.96
CA GLU D 428 -26.53 -72.13 3.72
C GLU D 428 -27.79 -72.97 3.68
N MET D 429 -28.53 -73.08 4.78
CA MET D 429 -29.82 -73.76 4.75
C MET D 429 -30.90 -72.97 4.05
N PHE D 430 -30.70 -71.67 3.84
CA PHE D 430 -31.64 -70.83 3.12
C PHE D 430 -31.32 -70.88 1.62
N ASP D 431 -32.01 -70.03 0.85
CA ASP D 431 -31.73 -69.87 -0.58
C ASP D 431 -31.31 -68.45 -0.94
N ILE D 432 -32.04 -67.46 -0.45
CA ILE D 432 -31.74 -66.05 -0.71
C ILE D 432 -31.64 -65.35 0.63
N ILE D 433 -30.55 -64.61 0.84
CA ILE D 433 -30.30 -63.88 2.08
C ILE D 433 -30.13 -62.40 1.76
N LEU D 434 -30.92 -61.55 2.43
CA LEU D 434 -30.96 -60.12 2.16
C LEU D 434 -30.45 -59.36 3.39
N ASP D 435 -29.18 -58.96 3.37
CA ASP D 435 -28.58 -58.20 4.45
C ASP D 435 -28.32 -56.74 4.08
N GLU D 436 -28.79 -56.30 2.92
CA GLU D 436 -28.56 -54.94 2.44
C GLU D 436 -29.62 -54.01 3.01
N ASN D 437 -29.17 -52.89 3.60
CA ASN D 437 -30.08 -52.05 4.37
C ASN D 437 -30.96 -51.19 3.47
N GLN D 438 -30.40 -50.61 2.41
CA GLN D 438 -31.15 -49.69 1.57
C GLN D 438 -32.10 -50.45 0.65
N LEU D 439 -33.02 -49.70 0.02
CA LEU D 439 -34.03 -50.32 -0.82
C LEU D 439 -33.44 -50.75 -2.16
N GLU D 440 -32.60 -49.90 -2.77
CA GLU D 440 -32.04 -50.22 -4.07
C GLU D 440 -30.95 -51.29 -3.98
N ASP D 441 -30.37 -51.48 -2.79
CA ASP D 441 -29.35 -52.51 -2.62
C ASP D 441 -29.95 -53.86 -2.24
N ALA D 442 -31.07 -53.88 -1.51
CA ALA D 442 -31.72 -55.13 -1.17
C ALA D 442 -32.55 -55.68 -2.32
N CYS D 443 -33.07 -54.80 -3.18
CA CYS D 443 -33.83 -55.23 -4.35
C CYS D 443 -32.94 -55.55 -5.54
N GLU D 444 -31.65 -55.22 -5.48
CA GLU D 444 -30.72 -55.65 -6.52
C GLU D 444 -30.48 -57.15 -6.43
N HIS D 445 -30.44 -57.70 -5.21
CA HIS D 445 -30.34 -59.14 -5.03
C HIS D 445 -31.69 -59.81 -5.26
N LEU D 446 -32.78 -59.11 -4.98
CA LEU D 446 -34.11 -59.67 -5.17
C LEU D 446 -34.48 -59.84 -6.64
N ALA D 447 -34.00 -58.95 -7.51
CA ALA D 447 -34.37 -59.00 -8.92
C ALA D 447 -33.38 -59.81 -9.76
N GLU D 448 -32.09 -59.72 -9.47
CA GLU D 448 -31.09 -60.37 -10.31
C GLU D 448 -30.98 -61.87 -10.02
N TYR D 449 -31.28 -62.30 -8.81
CA TYR D 449 -31.20 -63.73 -8.49
C TYR D 449 -32.38 -64.48 -9.10
N LEU D 450 -33.57 -63.88 -9.12
CA LEU D 450 -34.71 -64.51 -9.76
C LEU D 450 -34.64 -64.42 -11.27
N GLU D 451 -33.95 -63.40 -11.80
CA GLU D 451 -33.73 -63.33 -13.25
C GLU D 451 -32.73 -64.39 -13.70
N ALA D 452 -31.70 -64.66 -12.88
CA ALA D 452 -30.78 -65.75 -13.17
C ALA D 452 -31.45 -67.10 -12.98
N TYR D 453 -32.48 -67.17 -12.12
CA TYR D 453 -33.26 -68.39 -11.96
C TYR D 453 -34.29 -68.54 -13.08
N TRP D 454 -34.74 -67.42 -13.66
CA TRP D 454 -35.71 -67.49 -14.75
C TRP D 454 -35.09 -68.02 -16.02
N LYS D 455 -33.84 -67.65 -16.30
CA LYS D 455 -33.14 -68.17 -17.47
C LYS D 455 -32.70 -69.62 -17.29
N ALA D 456 -32.57 -70.09 -16.04
CA ALA D 456 -32.20 -71.48 -15.81
C ALA D 456 -33.38 -72.41 -16.02
N THR D 457 -34.60 -71.94 -15.74
CA THR D 457 -35.78 -72.77 -15.91
C THR D 457 -36.30 -72.73 -17.34
N HIS D 458 -36.07 -71.63 -18.05
CA HIS D 458 -36.56 -71.46 -19.41
C HIS D 458 -35.39 -71.40 -20.38
N PRO D 459 -35.17 -72.42 -21.21
CA PRO D 459 -34.08 -72.37 -22.18
C PRO D 459 -34.49 -71.54 -23.39
N PRO D 460 -33.52 -70.96 -24.10
CA PRO D 460 -33.86 -70.21 -25.32
C PRO D 460 -34.21 -71.15 -26.47
N SER D 461 -34.91 -70.57 -27.46
CA SER D 461 -35.35 -71.33 -28.62
C SER D 461 -34.20 -71.59 -29.58
N PHE E 1 41.50 74.94 22.21
CA PHE E 1 40.22 75.02 21.53
C PHE E 1 39.83 76.48 21.37
N PRO E 2 39.50 76.89 20.15
CA PRO E 2 39.24 78.31 19.90
C PRO E 2 37.94 78.76 20.54
N SER E 3 37.89 80.05 20.85
CA SER E 3 36.76 80.61 21.56
C SER E 3 35.55 80.71 20.65
N ALA E 4 34.39 80.97 21.27
CA ALA E 4 33.14 81.00 20.54
C ALA E 4 33.05 82.17 19.57
N VAL E 5 33.80 83.25 19.82
CA VAL E 5 33.83 84.37 18.90
C VAL E 5 34.74 84.08 17.71
N THR E 6 35.78 83.26 17.89
CA THR E 6 36.65 82.93 16.77
C THR E 6 35.95 82.01 15.78
N ILE E 7 35.20 81.02 16.26
CA ILE E 7 34.36 80.22 15.36
C ILE E 7 33.27 81.08 14.75
N LYS E 8 32.73 82.04 15.50
CA LYS E 8 31.72 82.95 14.98
C LYS E 8 32.26 83.79 13.83
N SER E 9 33.45 84.35 13.99
CA SER E 9 34.02 85.19 12.95
C SER E 9 34.54 84.39 11.78
N TRP E 10 34.84 83.10 11.96
CA TRP E 10 35.42 82.31 10.89
C TRP E 10 34.36 81.58 10.08
N VAL E 11 33.20 81.33 10.66
CA VAL E 11 32.06 80.89 9.88
C VAL E 11 31.58 82.00 8.98
N ASP E 12 31.51 83.22 9.51
CA ASP E 12 31.00 84.34 8.74
C ASP E 12 31.87 84.74 7.57
N LYS E 13 33.08 84.24 7.46
CA LYS E 13 33.84 84.44 6.25
C LYS E 13 33.84 83.24 5.34
N MET E 14 33.15 82.16 5.71
CA MET E 14 32.98 81.08 4.76
C MET E 14 31.54 80.64 4.62
N GLN E 15 30.59 81.39 5.18
CA GLN E 15 29.26 81.39 4.61
C GLN E 15 29.05 82.59 3.71
N GLU E 16 29.81 83.65 3.92
CA GLU E 16 29.82 84.76 2.99
C GLU E 16 30.52 84.37 1.70
N ASP E 17 31.35 83.33 1.74
CA ASP E 17 32.13 82.94 0.58
C ASP E 17 31.33 82.00 -0.31
N LEU E 18 30.62 81.03 0.29
CA LEU E 18 29.77 80.14 -0.49
C LEU E 18 28.59 80.87 -1.10
N VAL E 19 28.01 81.83 -0.38
CA VAL E 19 26.80 82.45 -0.87
C VAL E 19 27.11 83.45 -1.98
N THR E 20 28.20 84.19 -1.83
CA THR E 20 28.65 85.07 -2.92
C THR E 20 29.02 84.27 -4.15
N LEU E 21 29.62 83.09 -3.96
CA LEU E 21 29.89 82.22 -5.09
C LEU E 21 28.60 81.73 -5.72
N ALA E 22 27.56 81.54 -4.94
CA ALA E 22 26.32 81.04 -5.51
C ALA E 22 25.38 82.14 -5.95
N LYS E 23 25.40 83.30 -5.30
CA LYS E 23 24.56 84.38 -5.77
C LYS E 23 25.07 84.92 -7.09
N THR E 24 26.38 84.87 -7.30
CA THR E 24 26.96 85.46 -8.49
C THR E 24 26.98 84.49 -9.66
N ALA E 25 27.47 83.28 -9.45
CA ALA E 25 27.66 82.40 -10.59
C ALA E 25 26.34 81.85 -11.13
N SER E 26 25.36 81.58 -10.28
CA SER E 26 24.11 81.02 -10.76
C SER E 26 23.25 82.07 -11.48
N GLY E 27 23.13 83.26 -10.92
CA GLY E 27 22.34 84.27 -11.56
C GLY E 27 20.94 84.35 -11.03
N VAL E 28 20.81 84.43 -9.72
CA VAL E 28 19.48 84.54 -9.13
C VAL E 28 18.87 85.88 -9.47
N HIS E 29 19.58 86.96 -9.19
CA HIS E 29 19.05 88.29 -9.48
C HIS E 29 18.93 88.61 -10.95
N GLN E 30 19.63 87.89 -11.82
CA GLN E 30 19.47 88.13 -13.24
C GLN E 30 18.21 87.49 -13.77
N LEU E 31 17.90 86.27 -13.33
CA LEU E 31 16.69 85.61 -13.80
C LEU E 31 15.45 86.24 -13.19
N VAL E 32 15.57 86.78 -11.99
CA VAL E 32 14.51 87.62 -11.44
C VAL E 32 14.32 88.84 -12.32
N ASP E 33 15.40 89.35 -12.87
CA ASP E 33 15.33 90.61 -13.59
C ASP E 33 14.66 90.44 -14.94
N ILE E 34 14.82 89.28 -15.59
CA ILE E 34 14.28 89.16 -16.94
C ILE E 34 12.84 88.65 -16.96
N TYR E 35 12.41 87.88 -15.95
CA TYR E 35 10.98 87.69 -15.71
C TYR E 35 10.29 89.01 -15.45
N GLU E 36 10.96 89.96 -14.83
CA GLU E 36 10.30 91.22 -14.58
C GLU E 36 10.51 92.23 -15.69
N LYS E 37 11.49 92.01 -16.55
CA LYS E 37 11.79 92.96 -17.62
C LYS E 37 10.73 92.92 -18.71
N TYR E 38 10.02 91.80 -18.82
CA TYR E 38 9.12 91.57 -19.94
C TYR E 38 7.67 91.86 -19.62
N GLN E 39 7.10 91.25 -18.58
CA GLN E 39 5.80 91.59 -17.98
C GLN E 39 4.61 91.33 -18.89
N ASP E 40 4.84 91.06 -20.16
CA ASP E 40 3.83 91.21 -21.20
C ASP E 40 3.86 90.09 -22.20
N LEU E 41 4.92 89.30 -22.21
CA LEU E 41 4.85 87.98 -22.80
C LEU E 41 3.96 87.05 -22.01
N TYR E 42 3.63 87.39 -20.77
CA TYR E 42 2.78 86.54 -19.96
C TYR E 42 1.83 87.40 -19.14
N THR E 43 0.82 86.75 -18.60
CA THR E 43 -0.05 87.35 -17.60
C THR E 43 -0.07 86.45 -16.38
N VAL E 44 -0.52 87.01 -15.26
CA VAL E 44 -0.47 86.34 -13.97
C VAL E 44 -1.91 86.11 -13.51
N GLU E 45 -2.34 84.86 -13.56
CA GLU E 45 -3.69 84.49 -13.20
C GLU E 45 -3.71 83.81 -11.85
N PRO E 46 -4.85 83.79 -11.15
CA PRO E 46 -4.92 83.09 -9.88
C PRO E 46 -5.40 81.65 -9.93
N ASN E 47 -4.87 80.83 -9.02
CA ASN E 47 -5.43 79.52 -8.72
C ASN E 47 -6.50 79.74 -7.67
N ASN E 48 -7.75 79.72 -8.09
CA ASN E 48 -8.83 79.80 -7.13
C ASN E 48 -9.07 78.38 -6.64
N ALA E 49 -8.43 78.01 -5.54
CA ALA E 49 -8.54 76.66 -5.04
C ALA E 49 -9.85 76.36 -4.39
N ARG E 50 -10.78 77.28 -4.33
CA ARG E 50 -12.14 76.86 -4.09
C ARG E 50 -12.73 76.34 -5.36
N GLN E 51 -12.53 77.12 -6.41
CA GLN E 51 -13.03 76.86 -7.75
C GLN E 51 -12.43 75.65 -8.44
N LEU E 52 -11.12 75.47 -8.31
CA LEU E 52 -10.47 74.35 -8.95
C LEU E 52 -10.99 73.04 -8.40
N VAL E 53 -11.13 72.97 -7.09
CA VAL E 53 -11.61 71.75 -6.46
C VAL E 53 -13.03 71.45 -6.93
N GLU E 54 -13.86 72.48 -6.99
CA GLU E 54 -15.23 72.29 -7.42
C GLU E 54 -15.27 71.79 -8.85
N ILE E 55 -14.43 72.35 -9.70
CA ILE E 55 -14.40 71.90 -11.08
C ILE E 55 -13.96 70.44 -11.17
N ALA E 56 -12.94 70.07 -10.42
CA ALA E 56 -12.45 68.70 -10.45
C ALA E 56 -13.46 67.68 -9.91
N ALA E 57 -14.09 68.04 -8.80
CA ALA E 57 -15.08 67.22 -8.13
C ALA E 57 -16.20 66.84 -9.07
N ARG E 58 -16.37 67.60 -10.14
CA ARG E 58 -17.44 67.38 -11.09
CA ARG E 58 -17.43 67.39 -11.09
C ARG E 58 -17.01 66.60 -12.32
N ASP E 59 -15.73 66.61 -12.67
CA ASP E 59 -15.34 65.71 -13.72
C ASP E 59 -15.24 64.29 -13.21
N ILE E 60 -14.94 64.10 -11.94
CA ILE E 60 -14.99 62.76 -11.40
C ILE E 60 -16.40 62.35 -11.12
N GLU E 61 -17.29 63.31 -10.89
CA GLU E 61 -18.70 62.95 -10.79
C GLU E 61 -19.21 62.49 -12.14
N LYS E 62 -18.91 63.24 -13.19
CA LYS E 62 -19.44 62.90 -14.50
C LYS E 62 -18.78 61.68 -15.09
N LEU E 63 -17.50 61.48 -14.81
CA LEU E 63 -16.82 60.27 -15.25
C LEU E 63 -17.43 59.05 -14.63
N LEU E 64 -17.66 59.09 -13.35
CA LEU E 64 -18.19 57.96 -12.62
C LEU E 64 -19.70 57.87 -12.68
N SER E 65 -20.37 58.86 -13.25
CA SER E 65 -21.77 58.69 -13.62
C SER E 65 -21.92 58.15 -15.01
N ASN E 66 -21.07 58.60 -15.93
CA ASN E 66 -21.03 58.00 -17.25
C ASN E 66 -20.69 56.53 -17.23
N ARG E 67 -19.88 56.09 -16.29
CA ARG E 67 -19.53 54.67 -16.21
C ARG E 67 -20.76 53.89 -15.74
N SER E 68 -21.46 54.53 -14.81
CA SER E 68 -22.65 54.00 -14.18
C SER E 68 -23.81 53.76 -15.14
N LYS E 69 -24.02 54.67 -16.08
CA LYS E 69 -25.11 54.50 -17.03
C LYS E 69 -24.87 53.26 -17.86
N ALA E 70 -23.62 53.07 -18.26
CA ALA E 70 -23.26 51.92 -19.05
C ALA E 70 -23.51 50.67 -18.23
N LEU E 71 -23.13 50.72 -16.96
CA LEU E 71 -23.37 49.56 -16.11
C LEU E 71 -24.84 49.23 -16.01
N VAL E 72 -25.69 50.22 -15.86
CA VAL E 72 -27.13 49.95 -15.74
C VAL E 72 -27.76 49.26 -16.95
N ARG E 73 -27.43 49.71 -18.15
CA ARG E 73 -27.98 49.10 -19.35
C ARG E 73 -27.54 47.65 -19.55
N LEU E 74 -26.28 47.37 -19.25
CA LEU E 74 -25.78 46.01 -19.38
C LEU E 74 -26.56 45.12 -18.45
N ALA E 75 -26.78 45.60 -17.22
CA ALA E 75 -27.51 44.81 -16.25
C ALA E 75 -28.93 44.56 -16.72
N LEU E 76 -29.58 45.57 -17.27
CA LEU E 76 -30.93 45.38 -17.73
C LEU E 76 -30.97 44.32 -18.82
N GLU E 77 -30.04 44.41 -19.76
CA GLU E 77 -30.04 43.42 -20.83
C GLU E 77 -29.82 42.03 -20.30
N ALA E 78 -28.88 41.89 -19.37
CA ALA E 78 -28.59 40.59 -18.84
C ALA E 78 -29.82 40.01 -18.17
N GLU E 79 -30.52 40.83 -17.39
CA GLU E 79 -31.70 40.31 -16.70
C GLU E 79 -32.79 39.89 -17.67
N LYS E 80 -33.02 40.73 -18.67
CA LYS E 80 -34.04 40.46 -19.67
C LYS E 80 -33.76 39.28 -20.58
N VAL E 81 -32.49 39.14 -20.90
CA VAL E 81 -31.94 38.20 -21.86
C VAL E 81 -31.99 36.77 -21.33
N GLN E 82 -31.59 36.61 -20.07
CA GLN E 82 -31.60 35.31 -19.44
C GLN E 82 -32.99 34.88 -19.01
N ALA E 83 -33.92 35.82 -18.80
CA ALA E 83 -35.30 35.42 -18.59
C ALA E 83 -35.92 34.82 -19.83
N ALA E 84 -35.34 35.05 -21.01
CA ALA E 84 -35.75 34.37 -22.22
C ALA E 84 -34.76 33.34 -22.68
N HIS E 85 -34.24 32.52 -21.79
CA HIS E 85 -33.35 31.46 -22.19
C HIS E 85 -33.99 30.12 -21.86
N GLN E 86 -33.76 29.15 -22.72
CA GLN E 86 -34.58 27.95 -22.79
C GLN E 86 -34.01 26.73 -22.12
N TRP E 87 -32.76 26.75 -21.67
CA TRP E 87 -32.06 25.63 -21.03
C TRP E 87 -32.01 24.42 -21.95
N ARG E 88 -31.24 24.56 -23.02
CA ARG E 88 -31.08 23.40 -23.87
C ARG E 88 -29.94 22.53 -23.37
N GLU E 89 -29.97 21.26 -23.79
CA GLU E 89 -28.94 20.29 -23.46
C GLU E 89 -28.39 19.57 -24.70
N ASP E 90 -28.86 19.93 -25.87
CA ASP E 90 -28.28 19.46 -27.12
C ASP E 90 -27.26 20.48 -27.61
N PHE E 91 -26.02 20.34 -27.21
CA PHE E 91 -25.05 21.31 -27.67
C PHE E 91 -24.08 20.80 -28.71
N ALA E 92 -23.93 19.48 -28.86
CA ALA E 92 -23.19 19.00 -30.02
C ALA E 92 -23.98 19.19 -31.30
N SER E 93 -25.29 19.38 -31.19
CA SER E 93 -26.12 19.63 -32.36
C SER E 93 -26.02 21.09 -32.80
N ASN E 94 -26.11 22.02 -31.85
CA ASN E 94 -25.98 23.45 -32.12
C ASN E 94 -24.80 23.96 -31.30
N GLU E 95 -23.72 24.25 -32.00
CA GLU E 95 -22.51 24.68 -31.36
C GLU E 95 -22.67 26.06 -30.76
N VAL E 96 -21.92 26.28 -29.70
CA VAL E 96 -21.91 27.56 -29.04
C VAL E 96 -20.60 28.09 -29.56
N VAL E 97 -20.64 29.24 -30.21
CA VAL E 97 -19.42 29.80 -30.76
C VAL E 97 -18.97 30.96 -29.89
N TYR E 98 -17.76 30.85 -29.37
CA TYR E 98 -17.21 31.88 -28.52
C TYR E 98 -15.70 31.82 -28.56
N TYR E 99 -15.06 32.91 -28.18
CA TYR E 99 -13.60 32.92 -28.17
C TYR E 99 -13.20 32.67 -26.73
N ASN E 100 -12.35 31.68 -26.54
CA ASN E 100 -11.92 31.31 -25.20
C ASN E 100 -10.52 31.82 -24.91
N ALA E 101 -10.40 32.62 -23.87
CA ALA E 101 -9.12 33.17 -23.47
C ALA E 101 -8.34 32.01 -22.89
N LYS E 102 -7.04 32.20 -22.77
CA LYS E 102 -6.15 31.18 -22.25
C LYS E 102 -6.16 29.86 -23.03
N ASP E 103 -6.19 29.98 -24.35
CA ASP E 103 -6.13 28.83 -25.25
C ASP E 103 -5.14 29.17 -26.34
N ASP E 104 -4.50 28.17 -26.94
CA ASP E 104 -3.54 28.45 -27.99
C ASP E 104 -4.31 29.03 -29.18
N LEU E 105 -3.81 30.12 -29.74
CA LEU E 105 -4.45 30.78 -30.87
C LEU E 105 -3.90 30.32 -32.21
N ASP E 106 -2.96 29.39 -32.15
CA ASP E 106 -2.30 28.86 -33.33
C ASP E 106 -3.40 28.20 -34.16
N PRO E 107 -3.42 28.56 -35.49
CA PRO E 107 -4.51 27.95 -36.26
C PRO E 107 -4.45 26.44 -36.39
N GLU E 108 -3.25 25.89 -36.48
CA GLU E 108 -3.12 24.46 -36.73
C GLU E 108 -3.49 23.57 -35.55
N LYS E 109 -3.96 24.13 -34.42
CA LYS E 109 -4.25 23.28 -33.26
C LYS E 109 -5.52 22.47 -33.46
N ASN E 110 -6.69 23.14 -33.54
CA ASN E 110 -8.00 22.56 -33.80
C ASN E 110 -8.38 21.48 -32.79
N ASP E 111 -8.59 21.86 -31.53
CA ASP E 111 -8.99 20.87 -30.52
C ASP E 111 -10.45 20.50 -30.66
N SER E 112 -11.34 21.51 -30.72
CA SER E 112 -12.77 21.38 -31.04
C SER E 112 -13.48 20.47 -30.03
N GLU E 113 -13.59 20.95 -28.81
CA GLU E 113 -14.31 20.22 -27.78
C GLU E 113 -15.79 20.14 -28.12
N PRO E 114 -16.51 19.10 -27.67
CA PRO E 114 -17.93 18.98 -28.02
C PRO E 114 -18.78 20.02 -27.32
N GLY E 115 -19.77 20.54 -28.05
CA GLY E 115 -20.59 21.61 -27.60
C GLY E 115 -20.07 22.98 -28.02
N SER E 116 -18.77 23.16 -28.12
CA SER E 116 -18.18 24.47 -28.29
C SER E 116 -17.39 24.56 -29.58
N GLN E 117 -17.23 25.79 -30.04
CA GLN E 117 -16.50 26.13 -31.25
C GLN E 117 -15.73 27.40 -30.96
N ARG E 118 -14.44 27.42 -31.25
CA ARG E 118 -13.73 28.62 -30.89
C ARG E 118 -13.71 29.66 -31.99
N ILE E 119 -13.05 30.76 -31.69
CA ILE E 119 -12.84 31.88 -32.59
C ILE E 119 -11.34 32.13 -32.63
N LYS E 120 -10.82 32.35 -33.81
CA LYS E 120 -9.52 32.97 -33.95
C LYS E 120 -9.73 34.44 -34.24
N PRO E 121 -9.41 35.32 -33.31
CA PRO E 121 -9.62 36.75 -33.56
C PRO E 121 -8.35 37.38 -34.10
N VAL E 122 -8.37 38.67 -34.40
CA VAL E 122 -7.32 39.27 -35.22
C VAL E 122 -6.35 40.18 -34.46
N PHE E 123 -6.75 40.77 -33.33
CA PHE E 123 -5.83 41.31 -32.33
C PHE E 123 -4.97 42.48 -32.83
N ILE E 124 -5.61 43.63 -32.98
CA ILE E 124 -4.85 44.85 -33.16
C ILE E 124 -4.13 45.19 -31.87
N ASP E 125 -3.08 45.99 -31.96
CA ASP E 125 -2.43 46.45 -30.75
C ASP E 125 -3.04 47.79 -30.40
N ASP E 126 -2.93 48.21 -29.15
CA ASP E 126 -3.78 49.30 -28.72
C ASP E 126 -3.07 50.20 -27.72
N ALA E 127 -3.58 51.40 -27.57
CA ALA E 127 -3.33 52.23 -26.41
C ALA E 127 -4.65 52.45 -25.68
N ASN E 128 -4.53 52.72 -24.37
CA ASN E 128 -5.48 52.61 -23.25
C ASN E 128 -5.61 51.18 -22.77
N PHE E 129 -5.12 50.25 -23.54
CA PHE E 129 -4.88 48.89 -23.12
C PHE E 129 -3.44 48.74 -23.51
N ARG E 130 -2.58 48.28 -22.64
CA ARG E 130 -1.21 48.10 -23.13
C ARG E 130 -1.03 46.64 -23.53
N ARG E 131 -1.98 46.15 -24.32
CA ARG E 131 -1.95 44.80 -24.86
C ARG E 131 -2.75 44.69 -26.16
N GLN E 132 -2.49 43.66 -26.95
CA GLN E 132 -3.22 43.47 -28.20
C GLN E 132 -4.66 43.13 -27.87
N VAL E 133 -5.61 43.72 -28.61
CA VAL E 133 -7.01 43.48 -28.32
C VAL E 133 -7.91 43.44 -29.56
N SER E 134 -9.06 42.78 -29.42
CA SER E 134 -10.05 42.66 -30.49
C SER E 134 -11.34 43.34 -30.06
N TYR E 135 -11.86 44.21 -30.89
CA TYR E 135 -13.08 44.96 -30.58
C TYR E 135 -14.34 44.37 -31.20
N GLN E 136 -14.24 43.17 -31.74
CA GLN E 136 -15.37 42.54 -32.42
C GLN E 136 -16.14 41.60 -31.54
N HIS E 137 -15.57 41.15 -30.42
CA HIS E 137 -16.29 40.28 -29.52
C HIS E 137 -15.62 40.29 -28.16
N ALA E 138 -16.23 39.58 -27.25
CA ALA E 138 -15.80 39.47 -25.88
C ALA E 138 -15.16 38.12 -25.67
N ALA E 139 -14.13 38.09 -24.86
CA ALA E 139 -13.43 36.90 -24.51
C ALA E 139 -14.16 36.24 -23.41
N VAL E 140 -13.80 35.03 -23.07
CA VAL E 140 -14.46 34.33 -21.99
C VAL E 140 -13.38 33.71 -21.14
N HIS E 141 -13.40 33.95 -19.85
CA HIS E 141 -12.49 33.29 -18.91
C HIS E 141 -13.23 32.16 -18.21
N ILE E 142 -12.80 30.93 -18.37
CA ILE E 142 -13.30 29.83 -17.57
C ILE E 142 -12.20 29.52 -16.56
N PRO E 143 -12.49 29.36 -15.27
CA PRO E 143 -11.42 28.95 -14.36
C PRO E 143 -10.97 27.53 -14.63
N THR E 144 -9.86 27.16 -14.03
CA THR E 144 -9.12 26.04 -14.56
C THR E 144 -9.72 24.73 -14.13
N ASP E 145 -10.08 24.60 -12.86
CA ASP E 145 -10.66 23.37 -12.39
C ASP E 145 -12.12 23.22 -12.81
N ILE E 146 -12.71 24.28 -13.33
CA ILE E 146 -14.02 24.18 -13.95
C ILE E 146 -13.91 23.71 -15.38
N TYR E 147 -14.62 22.65 -15.70
CA TYR E 147 -14.70 22.11 -17.05
C TYR E 147 -15.63 22.95 -17.87
N GLU E 148 -15.24 23.23 -19.10
CA GLU E 148 -16.15 23.92 -19.99
C GLU E 148 -16.71 22.93 -20.99
N GLY E 149 -17.97 23.07 -21.30
CA GLY E 149 -18.65 21.95 -21.90
C GLY E 149 -19.60 21.25 -20.97
N SER E 150 -19.54 21.56 -19.69
CA SER E 150 -20.57 21.16 -18.77
C SER E 150 -21.82 21.91 -19.12
N THR E 151 -22.97 21.22 -19.00
CA THR E 151 -24.26 21.83 -19.32
C THR E 151 -24.47 23.13 -18.55
N ILE E 152 -23.94 23.18 -17.33
CA ILE E 152 -24.08 24.37 -16.49
C ILE E 152 -23.25 25.52 -17.04
N VAL E 153 -22.13 25.20 -17.67
CA VAL E 153 -21.23 26.20 -18.24
C VAL E 153 -21.59 26.47 -19.70
N LEU E 154 -21.99 25.43 -20.42
CA LEU E 154 -22.35 25.56 -21.82
C LEU E 154 -23.57 26.47 -21.99
N ASN E 155 -24.46 26.44 -21.00
CA ASN E 155 -25.66 27.25 -21.03
C ASN E 155 -25.43 28.69 -20.65
N GLU E 156 -24.33 29.02 -19.96
CA GLU E 156 -23.98 30.42 -19.82
C GLU E 156 -23.49 30.99 -21.12
N LEU E 157 -22.58 30.29 -21.81
CA LEU E 157 -22.00 30.80 -23.03
C LEU E 157 -23.01 30.93 -24.13
N ASN E 158 -24.13 30.25 -24.00
CA ASN E 158 -25.27 30.52 -24.84
C ASN E 158 -25.93 31.83 -24.44
N TRP E 159 -26.46 31.93 -23.22
CA TRP E 159 -27.27 33.12 -23.01
C TRP E 159 -26.45 34.37 -22.84
N THR E 160 -25.19 34.25 -22.45
CA THR E 160 -24.40 35.43 -22.14
C THR E 160 -23.89 36.05 -23.41
N SER E 161 -24.09 35.38 -24.53
CA SER E 161 -23.58 35.82 -25.81
C SER E 161 -24.33 37.00 -26.37
N ALA E 162 -25.41 37.40 -25.77
CA ALA E 162 -26.13 38.60 -26.15
C ALA E 162 -25.56 39.84 -25.50
N LEU E 163 -24.55 39.69 -24.68
CA LEU E 163 -23.93 40.88 -24.14
C LEU E 163 -22.98 41.54 -25.09
N ASP E 164 -22.47 40.83 -26.11
CA ASP E 164 -21.49 41.44 -27.01
C ASP E 164 -22.08 42.57 -27.82
N ASP E 165 -23.37 42.65 -27.95
CA ASP E 165 -23.99 43.77 -28.61
C ASP E 165 -24.11 44.96 -27.70
N VAL E 166 -24.19 44.75 -26.40
CA VAL E 166 -24.34 45.86 -25.47
C VAL E 166 -22.98 46.34 -25.02
N PHE E 167 -22.05 45.41 -24.84
CA PHE E 167 -20.63 45.71 -24.78
C PHE E 167 -20.21 46.66 -25.88
N LYS E 168 -20.59 46.39 -27.11
CA LYS E 168 -20.16 47.23 -28.23
C LYS E 168 -20.80 48.60 -28.22
N LYS E 169 -22.00 48.68 -27.68
CA LYS E 169 -22.74 49.93 -27.64
C LYS E 169 -22.25 50.90 -26.57
N ASN E 170 -21.42 50.41 -25.67
CA ASN E 170 -20.85 51.21 -24.61
C ASN E 170 -19.57 51.89 -25.05
N ARG E 171 -18.78 51.19 -25.85
CA ARG E 171 -17.53 51.68 -26.35
C ARG E 171 -17.75 52.54 -27.57
N GLU E 172 -18.83 52.32 -28.31
CA GLU E 172 -19.08 53.16 -29.46
C GLU E 172 -19.38 54.54 -28.92
N GLU E 173 -20.24 54.58 -27.91
CA GLU E 173 -20.63 55.82 -27.26
C GLU E 173 -19.45 56.50 -26.54
N ASP E 174 -18.66 55.71 -25.84
CA ASP E 174 -17.49 56.24 -25.14
C ASP E 174 -16.22 55.49 -25.55
N PRO E 175 -15.33 56.20 -26.33
CA PRO E 175 -14.12 55.47 -26.71
C PRO E 175 -13.18 55.10 -25.56
N SER E 176 -13.09 55.97 -24.56
CA SER E 176 -12.20 55.82 -23.42
C SER E 176 -12.47 54.66 -22.45
N LEU E 177 -13.64 54.04 -22.54
CA LEU E 177 -14.00 52.97 -21.63
C LEU E 177 -13.02 51.79 -21.61
N LEU E 178 -12.73 51.30 -20.41
CA LEU E 178 -11.83 50.17 -20.15
C LEU E 178 -12.57 48.84 -20.09
N TRP E 179 -11.96 47.80 -19.52
CA TRP E 179 -12.63 46.51 -19.49
C TRP E 179 -14.08 46.58 -19.05
N GLN E 180 -14.92 45.81 -19.72
CA GLN E 180 -16.32 45.66 -19.41
C GLN E 180 -16.42 44.17 -19.17
N VAL E 181 -16.93 43.75 -18.03
CA VAL E 181 -17.01 42.33 -17.77
C VAL E 181 -18.23 41.89 -16.99
N PHE E 182 -18.69 40.67 -17.26
CA PHE E 182 -19.79 40.10 -16.54
C PHE E 182 -19.17 38.91 -15.83
N GLY E 183 -19.23 38.89 -14.50
CA GLY E 183 -18.72 37.76 -13.77
C GLY E 183 -19.92 36.91 -13.45
N SER E 184 -19.94 35.69 -13.97
CA SER E 184 -21.04 34.75 -13.78
C SER E 184 -21.12 34.07 -12.42
N ALA E 185 -22.32 33.70 -12.00
CA ALA E 185 -22.53 32.98 -10.77
C ALA E 185 -21.87 31.61 -10.93
N THR E 186 -21.91 31.13 -12.17
CA THR E 186 -21.36 29.86 -12.60
C THR E 186 -19.83 29.81 -12.57
N GLY E 187 -19.20 30.97 -12.46
CA GLY E 187 -17.75 31.05 -12.43
C GLY E 187 -17.13 31.35 -13.77
N LEU E 188 -17.98 31.65 -14.74
CA LEU E 188 -17.53 31.98 -16.09
C LEU E 188 -17.60 33.50 -16.25
N ALA E 189 -16.52 34.12 -16.72
CA ALA E 189 -16.48 35.58 -16.93
C ALA E 189 -16.24 35.94 -18.40
N ARG E 190 -16.98 36.93 -18.90
CA ARG E 190 -16.86 37.47 -20.26
C ARG E 190 -16.54 38.96 -20.21
N TYR E 191 -15.50 39.37 -20.92
CA TYR E 191 -15.10 40.75 -20.93
C TYR E 191 -14.87 41.23 -22.34
N TYR E 192 -15.00 42.54 -22.53
CA TYR E 192 -14.81 43.16 -23.83
C TYR E 192 -13.88 44.34 -23.59
N PRO E 193 -12.89 44.67 -24.51
CA PRO E 193 -12.76 43.81 -25.70
C PRO E 193 -11.90 42.57 -25.46
N ALA E 194 -11.99 41.58 -26.34
CA ALA E 194 -11.21 40.35 -26.21
C ALA E 194 -9.70 40.49 -26.37
N SER E 195 -8.95 39.77 -25.54
CA SER E 195 -7.50 39.74 -25.57
C SER E 195 -7.08 38.43 -24.96
N PRO E 196 -5.89 37.90 -25.24
CA PRO E 196 -5.55 36.64 -24.58
C PRO E 196 -5.23 36.91 -23.11
N TRP E 197 -5.64 35.99 -22.24
CA TRP E 197 -5.42 36.06 -20.81
C TRP E 197 -3.93 36.02 -20.55
N VAL E 198 -3.51 36.48 -19.37
CA VAL E 198 -2.08 36.65 -19.17
C VAL E 198 -1.37 35.35 -18.83
N ASP E 199 -2.05 34.44 -18.15
CA ASP E 199 -1.52 33.11 -17.89
C ASP E 199 -2.36 32.14 -18.71
N ASN E 200 -1.76 31.52 -19.69
CA ASN E 200 -2.44 30.38 -20.27
C ASN E 200 -2.33 29.21 -19.30
N SER E 201 -3.18 28.21 -19.48
CA SER E 201 -3.26 27.12 -18.52
C SER E 201 -2.00 26.27 -18.54
N ARG E 202 -1.72 25.63 -19.68
CA ARG E 202 -0.56 24.75 -19.76
C ARG E 202 0.48 25.06 -20.83
N THR E 203 0.33 26.18 -21.54
CA THR E 203 1.32 26.50 -22.56
C THR E 203 2.58 27.08 -21.90
N PRO E 204 2.50 27.97 -20.86
CA PRO E 204 3.65 28.08 -19.96
C PRO E 204 3.59 27.06 -18.83
N ASN E 205 4.45 27.21 -17.84
CA ASN E 205 4.45 26.33 -16.67
C ASN E 205 3.91 27.03 -15.42
N LYS E 206 3.55 28.31 -15.52
CA LYS E 206 2.74 28.91 -14.48
C LYS E 206 1.28 28.77 -14.84
N ILE E 207 0.46 28.39 -13.88
CA ILE E 207 -0.95 28.16 -14.16
C ILE E 207 -1.84 29.03 -13.32
N ASP E 208 -2.75 29.73 -13.97
CA ASP E 208 -3.66 30.61 -13.27
C ASP E 208 -4.71 29.87 -12.48
N LEU E 209 -4.98 30.40 -11.30
CA LEU E 209 -6.00 29.86 -10.43
C LEU E 209 -6.79 31.09 -10.05
N TYR E 210 -7.46 31.64 -11.05
CA TYR E 210 -8.25 32.84 -10.93
C TYR E 210 -9.71 32.48 -11.04
N ASP E 211 -10.50 32.91 -10.07
CA ASP E 211 -11.92 32.64 -10.06
C ASP E 211 -12.64 33.97 -9.94
N VAL E 212 -13.66 34.17 -10.77
CA VAL E 212 -14.42 35.42 -10.76
C VAL E 212 -15.15 35.65 -9.45
N ARG E 213 -15.70 34.59 -8.87
CA ARG E 213 -16.44 34.67 -7.63
C ARG E 213 -15.57 35.16 -6.48
N ARG E 214 -14.33 34.71 -6.50
CA ARG E 214 -13.34 35.06 -5.51
C ARG E 214 -12.99 36.54 -5.50
N ARG E 215 -13.03 37.16 -6.67
CA ARG E 215 -12.62 38.55 -6.86
C ARG E 215 -13.30 39.59 -5.96
N PRO E 216 -12.45 40.59 -5.50
CA PRO E 216 -13.09 41.58 -4.62
C PRO E 216 -14.21 42.39 -5.26
N TRP E 217 -14.07 42.78 -6.52
CA TRP E 217 -15.13 43.55 -7.16
C TRP E 217 -16.40 42.73 -7.22
N TYR E 218 -16.27 41.44 -7.50
CA TYR E 218 -17.41 40.56 -7.57
C TYR E 218 -18.11 40.47 -6.22
N ILE E 219 -17.31 40.34 -5.17
CA ILE E 219 -17.82 40.22 -3.81
C ILE E 219 -18.55 41.43 -3.24
N GLN E 220 -18.10 42.66 -3.53
CA GLN E 220 -18.77 43.78 -2.94
C GLN E 220 -20.17 44.00 -3.50
N GLY E 221 -20.51 43.37 -4.61
CA GLY E 221 -21.74 43.71 -5.29
C GLY E 221 -22.55 42.45 -5.29
N ALA E 222 -21.92 41.41 -4.79
CA ALA E 222 -22.61 40.17 -4.49
C ALA E 222 -23.57 40.29 -3.34
N ALA E 223 -23.29 41.17 -2.39
CA ALA E 223 -23.79 41.05 -1.03
C ALA E 223 -23.40 42.30 -0.28
N SER E 224 -23.88 42.42 0.89
CA SER E 224 -23.77 43.56 1.79
C SER E 224 -22.64 43.32 2.79
N PRO E 225 -22.07 44.35 3.44
CA PRO E 225 -20.89 44.13 4.29
C PRO E 225 -21.21 43.27 5.49
N LYS E 226 -20.24 42.65 6.14
CA LYS E 226 -20.67 41.78 7.21
C LYS E 226 -19.75 41.54 8.38
N ASP E 227 -20.33 41.47 9.58
CA ASP E 227 -19.57 41.21 10.79
C ASP E 227 -19.54 39.73 11.01
N MET E 228 -18.51 39.04 10.55
CA MET E 228 -18.50 37.62 10.77
C MET E 228 -17.68 37.25 11.99
N LEU E 229 -17.55 35.98 12.29
CA LEU E 229 -16.89 35.58 13.51
C LEU E 229 -16.61 34.12 13.29
N ILE E 230 -15.38 33.72 13.10
CA ILE E 230 -15.07 32.35 12.72
C ILE E 230 -14.91 31.58 14.01
N LEU E 231 -15.67 30.51 14.19
CA LEU E 231 -15.35 29.62 15.30
C LEU E 231 -14.51 28.48 14.79
N VAL E 232 -13.55 28.07 15.57
CA VAL E 232 -12.73 26.96 15.20
C VAL E 232 -12.89 25.89 16.24
N ASP E 233 -13.16 24.66 15.85
CA ASP E 233 -13.28 23.58 16.82
C ASP E 233 -11.88 23.02 17.04
N VAL E 234 -11.39 23.10 18.28
CA VAL E 234 -10.05 22.64 18.62
C VAL E 234 -9.99 21.43 19.55
N SER E 235 -11.04 20.64 19.57
CA SER E 235 -11.09 19.46 20.42
C SER E 235 -10.11 18.42 19.87
N GLY E 236 -9.81 17.41 20.67
CA GLY E 236 -8.85 16.39 20.31
C GLY E 236 -9.14 15.59 19.05
N SER E 237 -10.41 15.31 18.78
CA SER E 237 -10.77 14.54 17.60
C SER E 237 -10.33 15.17 16.29
N VAL E 238 -10.34 16.50 16.25
CA VAL E 238 -9.93 17.25 15.05
C VAL E 238 -8.46 17.05 14.69
N SER E 239 -7.60 16.86 15.68
CA SER E 239 -6.18 16.72 15.39
C SER E 239 -6.01 15.58 14.41
N GLY E 240 -5.21 15.82 13.39
CA GLY E 240 -4.97 14.84 12.36
C GLY E 240 -5.08 15.55 11.02
N LEU E 241 -5.56 14.85 10.02
CA LEU E 241 -5.75 15.42 8.69
C LEU E 241 -6.76 16.55 8.73
N THR E 242 -7.81 16.39 9.54
CA THR E 242 -8.86 17.39 9.67
C THR E 242 -8.38 18.74 10.24
N LEU E 243 -7.52 18.70 11.24
CA LEU E 243 -7.00 19.92 11.83
C LEU E 243 -6.20 20.69 10.79
N LYS E 244 -5.46 19.95 9.95
CA LYS E 244 -4.66 20.54 8.91
C LYS E 244 -5.53 21.30 7.91
N LEU E 245 -6.67 20.72 7.57
CA LEU E 245 -7.63 21.32 6.65
C LEU E 245 -8.27 22.63 7.15
N ILE E 246 -8.57 22.71 8.44
CA ILE E 246 -9.21 23.89 9.03
C ILE E 246 -8.38 25.18 8.95
N ARG E 247 -7.08 25.08 9.21
CA ARG E 247 -6.16 26.20 9.16
C ARG E 247 -6.07 26.82 7.78
N THR E 248 -6.43 26.08 6.75
CA THR E 248 -6.34 26.49 5.37
C THR E 248 -7.67 26.98 4.85
N SER E 249 -8.75 26.50 5.45
CA SER E 249 -10.06 27.05 5.18
C SER E 249 -10.22 28.45 5.78
N VAL E 250 -9.81 28.64 7.03
CA VAL E 250 -9.98 29.95 7.68
C VAL E 250 -9.15 31.01 6.99
N SER E 251 -7.94 30.65 6.60
CA SER E 251 -7.12 31.58 5.85
C SER E 251 -7.86 31.87 4.55
N GLU E 252 -8.42 30.83 3.94
CA GLU E 252 -9.19 30.96 2.70
C GLU E 252 -10.47 31.77 2.86
N MET E 253 -11.15 31.56 3.98
CA MET E 253 -12.39 32.25 4.29
C MET E 253 -12.16 33.76 4.40
N LEU E 254 -11.02 34.12 4.98
CA LEU E 254 -10.64 35.52 5.15
C LEU E 254 -10.40 36.28 3.84
N GLU E 255 -9.80 35.62 2.86
CA GLU E 255 -9.47 36.19 1.57
C GLU E 255 -10.73 36.88 1.09
N THR E 256 -11.84 36.24 1.40
CA THR E 256 -13.19 36.68 1.06
C THR E 256 -13.56 38.01 1.71
N LEU E 257 -13.08 38.22 2.93
CA LEU E 257 -13.39 39.45 3.69
C LEU E 257 -12.79 40.73 3.09
N SER E 258 -13.46 41.84 3.37
CA SER E 258 -13.09 43.16 2.87
C SER E 258 -12.98 44.17 4.02
N ASP E 259 -12.47 45.36 3.71
CA ASP E 259 -12.29 46.41 4.71
C ASP E 259 -13.60 46.81 5.39
N ASP E 260 -14.69 46.84 4.63
CA ASP E 260 -15.99 47.19 5.17
C ASP E 260 -16.54 46.08 6.06
N ASP E 261 -15.92 44.90 5.98
CA ASP E 261 -16.36 43.75 6.71
C ASP E 261 -15.57 43.65 7.97
N PHE E 262 -16.21 43.38 9.11
CA PHE E 262 -15.47 43.24 10.36
C PHE E 262 -15.38 41.77 10.68
N VAL E 263 -14.34 41.34 11.37
CA VAL E 263 -14.18 39.94 11.62
C VAL E 263 -13.22 39.65 12.74
N ASN E 264 -13.58 38.69 13.57
CA ASN E 264 -12.71 38.22 14.62
C ASN E 264 -12.61 36.70 14.50
N VAL E 265 -11.74 36.05 15.25
CA VAL E 265 -11.67 34.60 15.11
C VAL E 265 -11.53 33.99 16.50
N ALA E 266 -12.45 33.12 16.89
CA ALA E 266 -12.45 32.47 18.18
C ALA E 266 -12.14 31.01 17.98
N SER E 267 -12.02 30.27 19.08
CA SER E 267 -11.68 28.85 19.02
C SER E 267 -12.08 28.23 20.33
N PHE E 268 -12.70 27.05 20.31
CA PHE E 268 -13.18 26.42 21.53
C PHE E 268 -12.72 24.97 21.70
N ASN E 269 -12.38 24.61 22.93
CA ASN E 269 -12.26 23.22 23.41
C ASN E 269 -12.55 23.22 24.91
N SER E 270 -13.82 23.05 25.27
CA SER E 270 -14.34 23.15 26.63
C SER E 270 -14.17 24.51 27.31
N ASN E 271 -13.51 25.45 26.66
CA ASN E 271 -13.52 26.88 26.94
C ASN E 271 -13.31 27.54 25.60
N ALA E 272 -13.90 28.70 25.42
CA ALA E 272 -13.65 29.48 24.23
C ALA E 272 -12.71 30.61 24.57
N GLN E 273 -11.49 30.49 24.11
CA GLN E 273 -10.53 31.54 23.98
C GLN E 273 -10.72 32.20 22.64
N ASP E 274 -10.01 33.30 22.40
CA ASP E 274 -10.02 33.98 21.11
C ASP E 274 -8.62 33.83 20.56
N VAL E 275 -8.51 33.37 19.32
CA VAL E 275 -7.24 33.08 18.68
C VAL E 275 -6.07 34.07 18.72
N SER E 276 -6.30 35.36 18.87
CA SER E 276 -5.18 36.30 18.86
C SER E 276 -5.20 37.33 19.95
N CYS E 277 -4.79 38.53 19.61
CA CYS E 277 -4.78 39.61 20.59
C CYS E 277 -5.99 40.51 20.58
N PHE E 278 -7.09 40.18 19.88
CA PHE E 278 -7.99 41.26 19.50
C PHE E 278 -9.15 41.44 20.46
N GLN E 279 -9.98 40.42 20.64
CA GLN E 279 -11.12 40.29 21.54
C GLN E 279 -12.37 41.02 21.08
N HIS E 280 -12.32 41.82 20.04
CA HIS E 280 -13.54 42.31 19.46
C HIS E 280 -13.43 42.20 17.95
N LEU E 281 -14.51 42.52 17.26
CA LEU E 281 -14.49 42.43 15.82
C LEU E 281 -13.70 43.59 15.27
N VAL E 282 -12.70 43.31 14.45
CA VAL E 282 -11.78 44.31 13.96
C VAL E 282 -11.95 44.44 12.47
N GLN E 283 -11.33 45.45 11.86
CA GLN E 283 -11.77 45.93 10.56
C GLN E 283 -11.45 44.98 9.42
N ALA E 284 -10.64 43.97 9.60
CA ALA E 284 -10.34 42.97 8.56
C ALA E 284 -9.76 43.62 7.32
N ASN E 285 -8.93 44.62 7.55
CA ASN E 285 -8.09 45.24 6.56
C ASN E 285 -6.90 44.32 6.32
N VAL E 286 -5.93 44.75 5.52
CA VAL E 286 -4.81 43.89 5.14
C VAL E 286 -4.00 43.45 6.35
N ARG E 287 -3.85 44.38 7.29
CA ARG E 287 -3.07 44.12 8.47
C ARG E 287 -3.80 43.24 9.46
N ASN E 288 -4.99 43.65 9.88
CA ASN E 288 -5.67 42.85 10.86
C ASN E 288 -5.79 41.41 10.40
N LYS E 289 -6.18 41.19 9.14
CA LYS E 289 -6.31 39.84 8.60
C LYS E 289 -5.03 39.06 8.65
N LYS E 290 -3.92 39.78 8.57
CA LYS E 290 -2.58 39.21 8.61
C LYS E 290 -2.23 38.71 9.98
N VAL E 291 -2.80 39.33 11.00
CA VAL E 291 -2.61 38.90 12.37
C VAL E 291 -3.39 37.63 12.62
N LEU E 292 -4.65 37.62 12.21
CA LEU E 292 -5.54 36.49 12.36
C LEU E 292 -5.07 35.31 11.54
N LYS E 293 -4.58 35.52 10.33
CA LYS E 293 -4.02 34.42 9.55
C LYS E 293 -2.70 33.93 10.05
N ASP E 294 -2.12 34.58 11.02
CA ASP E 294 -0.88 34.16 11.61
C ASP E 294 -1.09 33.51 12.97
N ALA E 295 -2.25 33.72 13.58
CA ALA E 295 -2.65 33.01 14.78
C ALA E 295 -3.50 31.81 14.50
N VAL E 296 -4.17 31.74 13.35
CA VAL E 296 -4.92 30.54 13.04
C VAL E 296 -3.96 29.35 12.86
N ASN E 297 -2.80 29.63 12.28
CA ASN E 297 -1.76 28.63 11.98
C ASN E 297 -1.10 27.84 13.10
N ASN E 298 -0.90 28.46 14.25
CA ASN E 298 -0.22 27.85 15.39
C ASN E 298 -1.06 27.00 16.32
N ILE E 299 -2.34 26.83 15.98
CA ILE E 299 -3.28 26.09 16.82
C ILE E 299 -2.95 24.60 16.96
N THR E 300 -3.16 24.10 18.18
CA THR E 300 -2.95 22.72 18.60
C THR E 300 -4.26 22.19 19.15
N ALA E 301 -4.63 20.99 18.72
CA ALA E 301 -5.87 20.39 19.15
C ALA E 301 -5.67 19.63 20.43
N LYS E 302 -6.50 19.92 21.43
CA LYS E 302 -6.53 19.15 22.66
C LYS E 302 -7.81 19.50 23.39
N GLY E 303 -8.57 18.50 23.80
CA GLY E 303 -9.54 18.68 24.86
C GLY E 303 -10.95 18.35 24.42
N ILE E 304 -11.87 18.44 25.38
CA ILE E 304 -13.26 18.09 25.14
C ILE E 304 -13.92 19.14 24.27
N THR E 305 -14.81 18.70 23.39
CA THR E 305 -15.60 19.62 22.57
C THR E 305 -16.76 20.17 23.38
N ASP E 306 -16.97 21.48 23.34
CA ASP E 306 -18.15 22.04 24.01
C ASP E 306 -18.81 23.05 23.08
N TYR E 307 -19.91 22.68 22.46
CA TYR E 307 -20.62 23.64 21.63
C TYR E 307 -21.43 24.63 22.43
N LYS E 308 -21.51 24.47 23.73
CA LYS E 308 -22.28 25.47 24.45
C LYS E 308 -21.43 26.66 24.84
N LYS E 309 -20.19 26.44 25.25
CA LYS E 309 -19.31 27.56 25.52
C LYS E 309 -18.74 28.16 24.27
N GLY E 310 -18.81 27.44 23.15
CA GLY E 310 -18.39 27.98 21.88
C GLY E 310 -19.38 28.91 21.26
N PHE E 311 -20.66 28.67 21.46
CA PHE E 311 -21.65 29.61 20.98
C PHE E 311 -22.07 30.63 22.01
N SER E 312 -21.66 30.49 23.25
CA SER E 312 -21.89 31.61 24.13
C SER E 312 -20.87 32.68 23.87
N PHE E 313 -19.63 32.25 23.71
CA PHE E 313 -18.54 33.16 23.44
C PHE E 313 -18.82 33.84 22.11
N ALA E 314 -19.33 33.12 21.12
CA ALA E 314 -19.62 33.77 19.84
C ALA E 314 -20.67 34.90 19.88
N PHE E 315 -21.80 34.66 20.55
CA PHE E 315 -22.87 35.65 20.66
C PHE E 315 -22.47 36.92 21.42
N GLU E 316 -21.70 36.72 22.47
CA GLU E 316 -21.21 37.83 23.27
C GLU E 316 -20.32 38.70 22.40
N GLN E 317 -19.51 38.07 21.56
CA GLN E 317 -18.62 38.76 20.66
C GLN E 317 -19.44 39.57 19.68
N LEU E 318 -20.52 38.97 19.22
CA LEU E 318 -21.45 39.61 18.30
C LEU E 318 -22.19 40.82 18.87
N LEU E 319 -22.33 40.89 20.20
CA LEU E 319 -23.05 42.02 20.85
C LEU E 319 -22.26 43.20 21.47
N ASN E 320 -20.98 43.39 21.10
CA ASN E 320 -20.13 44.43 21.70
C ASN E 320 -20.64 45.87 21.56
N TYR E 321 -21.12 46.26 20.39
CA TYR E 321 -21.71 47.58 20.21
C TYR E 321 -20.97 48.77 20.81
N ASN E 322 -19.89 48.54 21.53
CA ASN E 322 -19.02 49.65 21.89
C ASN E 322 -17.99 49.92 20.81
N VAL E 323 -17.50 48.86 20.20
CA VAL E 323 -16.51 48.98 19.18
C VAL E 323 -17.12 49.54 17.92
N SER E 324 -16.26 49.86 16.96
CA SER E 324 -16.71 50.28 15.64
C SER E 324 -17.20 48.99 14.98
N ARG E 325 -18.34 49.01 14.31
CA ARG E 325 -18.83 47.78 13.68
C ARG E 325 -19.52 47.97 12.35
N ALA E 326 -19.59 46.89 11.59
CA ALA E 326 -20.28 46.88 10.32
C ALA E 326 -21.79 46.98 10.58
N ASN E 327 -22.25 46.25 11.59
CA ASN E 327 -23.66 46.22 11.96
C ASN E 327 -24.62 45.74 10.86
N CYS E 328 -24.13 44.95 9.92
CA CYS E 328 -24.99 44.50 8.85
C CYS E 328 -25.35 43.03 9.02
N ASN E 329 -24.86 42.18 8.11
CA ASN E 329 -25.16 40.78 8.23
C ASN E 329 -24.37 40.30 9.42
N LYS E 330 -25.04 39.67 10.38
CA LYS E 330 -24.32 39.14 11.53
C LYS E 330 -24.35 37.64 11.32
N ILE E 331 -23.18 37.03 11.19
CA ILE E 331 -23.13 35.60 10.95
C ILE E 331 -21.97 34.94 11.67
N ILE E 332 -22.16 33.69 12.09
CA ILE E 332 -21.11 32.96 12.77
C ILE E 332 -20.92 31.63 12.07
N MET E 333 -19.68 31.30 11.70
CA MET E 333 -19.43 30.04 11.00
C MET E 333 -18.49 29.16 11.78
N LEU E 334 -18.89 27.92 12.01
CA LEU E 334 -18.04 27.02 12.76
C LEU E 334 -17.44 25.91 11.93
N PHE E 335 -16.13 25.72 12.06
CA PHE E 335 -15.44 24.64 11.36
C PHE E 335 -15.28 23.51 12.38
N THR E 336 -15.83 22.34 12.06
CA THR E 336 -15.80 21.20 12.97
C THR E 336 -16.00 19.89 12.23
N ASP E 337 -15.70 18.75 12.83
CA ASP E 337 -15.89 17.51 12.08
C ASP E 337 -17.19 16.77 12.35
N GLY E 338 -17.51 16.50 13.61
CA GLY E 338 -18.73 15.81 13.93
C GLY E 338 -19.28 16.27 15.26
N GLY E 339 -20.59 16.36 15.37
CA GLY E 339 -21.20 16.80 16.61
C GLY E 339 -22.29 15.90 17.15
N GLU E 340 -22.19 15.55 18.42
CA GLU E 340 -23.20 14.71 19.05
C GLU E 340 -24.26 15.55 19.77
N GLU E 341 -23.99 16.84 19.95
CA GLU E 341 -24.91 17.74 20.63
C GLU E 341 -25.34 18.90 19.74
N ARG E 342 -26.64 19.15 19.66
CA ARG E 342 -27.15 20.24 18.83
C ARG E 342 -27.19 21.60 19.52
N ALA E 343 -26.95 21.64 20.82
CA ALA E 343 -26.94 22.91 21.55
C ALA E 343 -28.22 23.70 21.33
N GLN E 344 -29.36 23.06 21.48
CA GLN E 344 -30.64 23.70 21.26
C GLN E 344 -30.89 24.89 22.17
N GLU E 345 -30.46 24.80 23.42
CA GLU E 345 -30.66 25.90 24.36
C GLU E 345 -29.97 27.22 24.07
N ILE E 346 -28.75 27.20 23.53
CA ILE E 346 -28.01 28.44 23.29
C ILE E 346 -28.70 29.25 22.20
N PHE E 347 -29.20 28.58 21.17
CA PHE E 347 -29.87 29.28 20.09
C PHE E 347 -31.23 29.78 20.48
N ALA E 348 -31.87 29.23 21.49
CA ALA E 348 -33.22 29.74 21.75
C ALA E 348 -33.21 31.21 22.16
N LYS E 349 -32.35 31.55 23.11
CA LYS E 349 -32.30 32.92 23.57
C LYS E 349 -31.40 33.86 22.78
N TYR E 350 -30.16 33.44 22.59
CA TYR E 350 -29.19 34.30 21.94
C TYR E 350 -29.74 34.72 20.60
N ASN E 351 -30.35 33.79 19.89
CA ASN E 351 -30.99 34.18 18.66
C ASN E 351 -32.38 33.56 18.54
N LYS E 352 -33.28 34.01 19.41
CA LYS E 352 -34.65 33.53 19.32
C LYS E 352 -35.37 33.91 17.99
N ASP E 353 -35.10 35.11 17.47
CA ASP E 353 -35.71 35.61 16.24
C ASP E 353 -34.85 35.38 15.01
N LYS E 354 -33.78 34.63 15.19
CA LYS E 354 -32.85 34.31 14.11
C LYS E 354 -32.13 35.49 13.46
N LYS E 355 -31.76 36.50 14.24
CA LYS E 355 -31.05 37.63 13.68
C LYS E 355 -29.71 37.17 13.11
N VAL E 356 -29.04 36.29 13.84
CA VAL E 356 -27.74 35.74 13.42
C VAL E 356 -27.91 34.57 12.44
N ARG E 357 -26.91 34.35 11.60
CA ARG E 357 -26.96 33.26 10.63
C ARG E 357 -25.85 32.31 10.99
N VAL E 358 -26.13 31.02 11.01
CA VAL E 358 -25.10 30.06 11.36
C VAL E 358 -24.74 29.13 10.20
N PHE E 359 -23.45 29.06 9.90
CA PHE E 359 -22.95 28.19 8.84
C PHE E 359 -22.04 27.18 9.53
N THR E 360 -22.28 25.90 9.28
CA THR E 360 -21.50 24.83 9.91
C THR E 360 -20.69 24.17 8.80
N PHE E 361 -19.40 23.93 9.04
CA PHE E 361 -18.58 23.27 8.04
C PHE E 361 -18.07 21.96 8.62
N SER E 362 -18.23 20.87 7.88
CA SER E 362 -17.74 19.59 8.33
C SER E 362 -16.52 19.36 7.46
N VAL E 363 -15.36 19.14 8.07
CA VAL E 363 -14.14 18.97 7.31
C VAL E 363 -13.37 17.69 7.54
N GLY E 364 -12.68 17.24 6.48
CA GLY E 364 -11.87 16.05 6.50
C GLY E 364 -12.66 14.78 6.24
N GLN E 365 -11.96 13.66 6.20
CA GLN E 365 -12.61 12.38 5.98
C GLN E 365 -12.70 11.81 7.38
N HIS E 366 -13.91 11.63 7.86
CA HIS E 366 -14.10 11.14 9.22
C HIS E 366 -15.45 10.49 9.37
N ASN E 367 -15.61 9.81 10.48
CA ASN E 367 -16.86 9.14 10.80
C ASN E 367 -17.69 9.86 11.83
N TYR E 368 -17.41 11.13 12.17
CA TYR E 368 -18.26 11.66 13.22
C TYR E 368 -19.60 12.09 12.64
N ASP E 369 -20.62 12.04 13.49
CA ASP E 369 -21.98 12.34 13.07
C ASP E 369 -22.18 13.77 12.60
N ARG E 370 -22.79 13.92 11.44
CA ARG E 370 -23.03 15.23 10.88
C ARG E 370 -24.48 15.70 11.01
N GLY E 371 -25.36 14.88 11.55
CA GLY E 371 -26.74 15.30 11.67
C GLY E 371 -26.97 16.53 12.54
N PRO E 372 -26.26 16.55 13.75
CA PRO E 372 -26.51 17.75 14.57
C PRO E 372 -26.07 19.06 13.93
N ILE E 373 -24.92 19.04 13.26
CA ILE E 373 -24.38 20.23 12.61
C ILE E 373 -25.31 20.73 11.49
N GLN E 374 -25.83 19.79 10.73
CA GLN E 374 -26.76 20.11 9.65
C GLN E 374 -27.98 20.72 10.26
N TRP E 375 -28.42 20.17 11.39
CA TRP E 375 -29.60 20.73 12.04
C TRP E 375 -29.35 22.15 12.47
N MET E 376 -28.17 22.43 13.02
CA MET E 376 -27.89 23.79 13.45
C MET E 376 -27.97 24.71 12.25
N ALA E 377 -27.37 24.30 11.14
CA ALA E 377 -27.40 25.17 9.97
C ALA E 377 -28.81 25.42 9.49
N CYS E 378 -29.63 24.38 9.46
CA CYS E 378 -31.02 24.50 9.02
C CYS E 378 -31.85 25.40 9.92
N GLU E 379 -31.63 25.28 11.22
CA GLU E 379 -32.39 26.04 12.21
C GLU E 379 -32.17 27.55 12.10
N ASN E 380 -30.93 27.91 11.84
CA ASN E 380 -30.49 29.30 11.76
C ASN E 380 -30.48 29.98 10.39
N LYS E 381 -31.01 29.34 9.35
CA LYS E 381 -31.04 30.02 8.04
C LYS E 381 -29.64 30.33 7.48
N GLY E 382 -28.76 29.37 7.68
CA GLY E 382 -27.37 29.39 7.24
C GLY E 382 -27.23 28.40 6.13
N TYR E 383 -26.15 27.64 6.10
CA TYR E 383 -25.99 26.65 5.09
C TYR E 383 -25.02 25.61 5.59
N TYR E 384 -24.92 24.50 4.92
CA TYR E 384 -23.96 23.50 5.30
C TYR E 384 -23.00 23.23 4.18
N TYR E 385 -21.71 23.07 4.51
CA TYR E 385 -20.66 22.84 3.54
C TYR E 385 -19.70 21.81 4.05
N GLU E 386 -19.45 20.78 3.27
CA GLU E 386 -18.39 19.86 3.59
C GLU E 386 -17.12 20.27 2.89
N ILE E 387 -16.00 19.94 3.49
CA ILE E 387 -14.70 20.11 2.85
C ILE E 387 -13.90 18.85 3.16
N PRO E 388 -13.72 17.92 2.25
CA PRO E 388 -12.81 16.82 2.54
C PRO E 388 -11.36 17.00 2.13
N SER E 389 -11.03 18.00 1.35
CA SER E 389 -9.82 17.95 0.54
C SER E 389 -9.32 19.37 0.37
N ILE E 390 -8.11 19.52 -0.15
CA ILE E 390 -7.60 20.88 -0.27
C ILE E 390 -8.23 21.53 -1.49
N GLY E 391 -8.47 20.77 -2.54
CA GLY E 391 -9.11 21.33 -3.71
C GLY E 391 -10.57 21.64 -3.55
N ALA E 392 -11.16 21.28 -2.43
CA ALA E 392 -12.53 21.58 -2.11
C ALA E 392 -12.66 22.82 -1.27
N ILE E 393 -11.55 23.39 -0.81
CA ILE E 393 -11.57 24.54 0.08
C ILE E 393 -11.98 25.78 -0.69
N ARG E 394 -11.44 25.93 -1.89
CA ARG E 394 -11.63 27.14 -2.68
C ARG E 394 -13.01 27.51 -3.18
N ILE E 395 -13.94 26.57 -3.25
CA ILE E 395 -15.29 26.84 -3.74
C ILE E 395 -16.33 26.73 -2.68
N ASN E 396 -15.95 26.43 -1.46
CA ASN E 396 -16.90 26.33 -0.38
C ASN E 396 -16.70 27.44 0.63
N THR E 397 -15.52 28.01 0.66
CA THR E 397 -15.26 29.17 1.46
C THR E 397 -15.47 30.43 0.69
N GLN E 398 -16.03 30.35 -0.49
CA GLN E 398 -16.47 31.53 -1.18
C GLN E 398 -17.95 31.51 -1.44
N GLU E 399 -18.61 30.39 -1.21
CA GLU E 399 -19.95 30.07 -1.63
C GLU E 399 -21.00 30.59 -0.69
N TYR E 400 -20.62 31.11 0.48
CA TYR E 400 -21.60 31.60 1.42
C TYR E 400 -22.22 32.90 0.98
N LEU E 401 -21.65 33.59 0.00
CA LEU E 401 -22.20 34.81 -0.53
C LEU E 401 -23.41 34.56 -1.41
N ASP E 402 -23.66 33.32 -1.79
CA ASP E 402 -24.94 33.01 -2.40
C ASP E 402 -26.06 33.07 -1.37
N VAL E 403 -25.78 32.82 -0.11
CA VAL E 403 -26.81 32.89 0.91
C VAL E 403 -27.04 34.33 1.32
N LEU E 404 -25.96 35.07 1.55
CA LEU E 404 -26.00 36.45 1.98
C LEU E 404 -26.51 37.41 0.93
N GLY E 405 -26.58 36.97 -0.29
CA GLY E 405 -27.11 37.84 -1.30
C GLY E 405 -28.57 37.77 -1.43
N ARG E 406 -29.19 36.79 -0.77
CA ARG E 406 -30.62 36.58 -0.92
C ARG E 406 -31.47 37.77 -0.52
N PRO E 407 -31.26 38.48 0.58
CA PRO E 407 -32.23 39.53 0.88
C PRO E 407 -31.95 40.81 0.15
N MET E 408 -30.91 40.79 -0.67
CA MET E 408 -30.65 41.82 -1.64
C MET E 408 -31.44 41.58 -2.90
N VAL E 409 -31.55 40.33 -3.34
CA VAL E 409 -32.30 40.06 -4.57
C VAL E 409 -33.79 40.13 -4.31
N LEU E 410 -34.21 40.17 -3.05
CA LEU E 410 -35.60 40.44 -2.73
C LEU E 410 -35.86 41.90 -2.47
N ALA E 411 -34.84 42.72 -2.52
CA ALA E 411 -35.04 44.15 -2.36
C ALA E 411 -35.41 44.80 -3.67
N GLY E 412 -35.21 44.12 -4.79
CA GLY E 412 -35.69 44.67 -6.04
C GLY E 412 -34.75 45.68 -6.65
N ASP E 413 -35.31 46.76 -7.17
CA ASP E 413 -34.51 47.81 -7.79
C ASP E 413 -33.73 48.60 -6.77
N LYS E 414 -34.20 48.63 -5.54
CA LYS E 414 -33.52 49.37 -4.50
C LYS E 414 -32.10 48.84 -4.28
N ALA E 415 -31.88 47.58 -4.61
CA ALA E 415 -30.59 46.95 -4.44
C ALA E 415 -29.65 47.18 -5.60
N LYS E 416 -30.08 47.86 -6.64
CA LYS E 416 -29.23 48.06 -7.81
C LYS E 416 -28.62 49.45 -7.68
N GLN E 417 -27.54 49.48 -6.91
CA GLN E 417 -26.77 50.67 -6.68
C GLN E 417 -25.35 50.35 -7.10
N VAL E 418 -24.76 51.26 -7.85
CA VAL E 418 -23.35 51.14 -8.20
C VAL E 418 -22.50 51.37 -6.98
N GLN E 419 -21.49 50.53 -6.78
CA GLN E 419 -20.50 50.71 -5.73
C GLN E 419 -19.13 50.68 -6.39
N TRP E 420 -18.20 51.44 -5.90
CA TRP E 420 -16.87 51.52 -6.48
C TRP E 420 -15.88 50.90 -5.52
N THR E 421 -14.99 50.07 -6.05
CA THR E 421 -14.00 49.32 -5.27
C THR E 421 -12.76 50.10 -4.84
N ASN E 422 -12.00 49.51 -3.92
CA ASN E 422 -10.76 50.10 -3.46
C ASN E 422 -9.79 49.95 -4.62
N VAL E 423 -8.79 50.82 -4.72
CA VAL E 423 -7.85 50.71 -5.83
C VAL E 423 -7.10 49.38 -5.70
N TYR E 424 -6.89 48.73 -6.83
CA TYR E 424 -6.19 47.45 -6.84
C TYR E 424 -5.56 47.26 -8.20
N LEU E 425 -4.57 46.38 -8.28
CA LEU E 425 -3.92 46.12 -9.56
C LEU E 425 -4.85 45.26 -10.42
N ASP E 426 -5.00 45.65 -11.67
CA ASP E 426 -5.87 44.94 -12.62
C ASP E 426 -5.38 43.53 -12.95
N ALA E 427 -6.31 42.62 -13.18
CA ALA E 427 -5.96 41.24 -13.50
C ALA E 427 -5.14 41.17 -14.77
N LEU E 428 -5.47 42.05 -15.71
CA LEU E 428 -4.82 42.10 -17.02
C LEU E 428 -3.59 43.01 -17.15
N GLU E 429 -3.08 43.50 -16.02
CA GLU E 429 -1.88 44.34 -16.03
C GLU E 429 -2.05 45.80 -16.46
N LEU E 430 -3.28 46.29 -16.39
CA LEU E 430 -3.60 47.66 -16.77
C LEU E 430 -2.92 48.69 -15.88
N GLY E 431 -2.88 48.42 -14.58
CA GLY E 431 -2.28 49.33 -13.62
C GLY E 431 -3.26 49.48 -12.47
N LEU E 432 -3.10 50.50 -11.65
CA LEU E 432 -4.03 50.70 -10.54
C LEU E 432 -5.40 51.04 -11.12
N VAL E 433 -6.45 50.47 -10.57
CA VAL E 433 -7.80 50.73 -11.05
C VAL E 433 -8.88 50.46 -10.01
N ILE E 434 -10.07 51.00 -10.26
CA ILE E 434 -11.22 50.80 -9.40
C ILE E 434 -12.32 50.33 -10.32
N THR E 435 -13.21 49.47 -9.84
CA THR E 435 -14.29 48.92 -10.63
C THR E 435 -15.64 49.28 -10.05
N GLY E 436 -16.61 49.61 -10.89
CA GLY E 436 -17.92 49.96 -10.36
C GLY E 436 -18.77 48.74 -10.64
N THR E 437 -19.41 48.20 -9.62
CA THR E 437 -20.20 46.99 -9.78
C THR E 437 -21.70 47.15 -9.59
N LEU E 438 -22.44 46.24 -10.20
CA LEU E 438 -23.87 46.19 -10.13
C LEU E 438 -24.23 44.72 -10.17
N PRO E 439 -25.20 44.28 -9.42
CA PRO E 439 -25.55 42.86 -9.49
C PRO E 439 -26.69 42.63 -10.44
N VAL E 440 -26.64 41.52 -11.13
CA VAL E 440 -27.69 41.11 -12.04
C VAL E 440 -28.53 40.08 -11.32
N PHE E 441 -29.85 40.15 -11.46
CA PHE E 441 -30.68 39.18 -10.76
C PHE E 441 -31.35 38.24 -11.75
N ASN E 442 -31.69 37.06 -11.27
CA ASN E 442 -32.27 36.04 -12.10
C ASN E 442 -33.75 36.21 -12.09
N ILE E 443 -34.31 36.84 -13.10
CA ILE E 443 -35.76 36.98 -13.12
C ILE E 443 -36.31 36.16 -14.25
N THR E 444 -37.03 35.10 -13.92
CA THR E 444 -37.65 34.28 -14.93
C THR E 444 -39.10 34.19 -14.57
N GLY E 445 -39.96 34.44 -15.54
CA GLY E 445 -41.38 34.41 -15.31
C GLY E 445 -41.86 35.42 -14.29
N GLN E 446 -41.28 36.60 -14.30
CA GLN E 446 -41.69 37.64 -13.37
C GLN E 446 -43.13 38.03 -13.69
N PHE E 447 -43.43 38.21 -14.97
CA PHE E 447 -44.77 38.60 -15.38
C PHE E 447 -45.77 37.97 -14.43
N GLU E 448 -45.73 36.64 -14.32
CA GLU E 448 -46.68 35.88 -13.50
C GLU E 448 -46.29 35.30 -12.13
N ASN E 449 -45.06 35.55 -11.70
CA ASN E 449 -44.58 35.02 -10.42
C ASN E 449 -44.65 33.48 -10.35
N LYS E 450 -44.33 32.83 -11.46
CA LYS E 450 -44.39 31.37 -11.59
C LYS E 450 -43.46 30.44 -10.75
N THR E 451 -42.19 30.78 -10.57
CA THR E 451 -41.29 29.88 -9.82
C THR E 451 -40.68 30.36 -8.50
N ASN E 452 -39.50 30.98 -8.59
CA ASN E 452 -38.79 31.48 -7.40
C ASN E 452 -37.97 30.44 -6.63
N LEU E 453 -37.79 29.25 -7.19
CA LEU E 453 -37.02 28.20 -6.52
C LEU E 453 -35.55 28.56 -6.50
N LYS E 454 -35.05 29.06 -7.63
CA LYS E 454 -33.65 29.47 -7.74
C LYS E 454 -33.59 30.92 -8.13
N ASN E 455 -34.73 31.60 -8.11
CA ASN E 455 -34.83 33.02 -8.32
C ASN E 455 -34.41 33.84 -7.13
N GLN E 456 -33.83 33.25 -6.08
CA GLN E 456 -33.23 34.06 -5.05
C GLN E 456 -31.72 34.10 -5.10
N LEU E 457 -31.12 33.91 -6.24
CA LEU E 457 -29.69 34.10 -6.37
C LEU E 457 -29.42 35.12 -7.46
N ILE E 458 -28.28 35.72 -7.41
CA ILE E 458 -27.86 36.63 -8.46
C ILE E 458 -27.32 35.83 -9.63
N LEU E 459 -27.53 36.36 -10.82
CA LEU E 459 -27.02 35.71 -12.01
C LEU E 459 -25.52 35.84 -11.95
N GLY E 460 -25.07 37.00 -11.50
CA GLY E 460 -23.68 37.33 -11.38
C GLY E 460 -23.57 38.82 -11.12
N VAL E 461 -22.36 39.35 -11.27
CA VAL E 461 -22.11 40.77 -11.06
C VAL E 461 -21.46 41.38 -12.30
N MET E 462 -21.77 42.64 -12.59
CA MET E 462 -21.18 43.32 -13.75
C MET E 462 -20.30 44.48 -13.32
N GLY E 463 -19.10 44.55 -13.89
CA GLY E 463 -18.16 45.60 -13.57
C GLY E 463 -17.53 46.30 -14.76
N VAL E 464 -17.00 47.50 -14.51
CA VAL E 464 -16.35 48.28 -15.54
C VAL E 464 -15.22 49.04 -14.86
N ASP E 465 -14.03 48.97 -15.42
CA ASP E 465 -12.93 49.60 -14.73
C ASP E 465 -12.88 51.08 -15.02
N VAL E 466 -12.46 51.85 -14.03
CA VAL E 466 -11.82 53.12 -14.25
C VAL E 466 -10.36 52.97 -13.86
N SER E 467 -9.46 53.30 -14.77
CA SER E 467 -8.04 53.36 -14.45
C SER E 467 -7.72 54.67 -13.75
N LEU E 468 -6.79 54.62 -12.79
CA LEU E 468 -6.49 55.83 -12.05
C LEU E 468 -5.77 56.87 -12.87
N GLU E 469 -5.15 56.47 -13.95
CA GLU E 469 -4.64 57.37 -14.97
C GLU E 469 -5.75 58.09 -15.74
N ASP E 470 -7.00 57.64 -15.64
CA ASP E 470 -8.08 58.38 -16.25
C ASP E 470 -8.60 59.47 -15.34
N ILE E 471 -8.49 59.27 -14.02
CA ILE E 471 -8.94 60.25 -13.05
C ILE E 471 -7.91 61.34 -12.90
N LYS E 472 -6.64 61.00 -13.06
CA LYS E 472 -5.57 61.96 -13.02
C LYS E 472 -5.54 62.91 -14.21
N ARG E 473 -6.47 62.73 -15.15
CA ARG E 473 -6.56 63.60 -16.31
C ARG E 473 -7.69 64.61 -16.10
N LEU E 474 -8.37 64.48 -14.97
CA LEU E 474 -9.45 65.36 -14.57
C LEU E 474 -8.97 66.26 -13.46
N THR E 475 -7.75 66.01 -12.99
CA THR E 475 -7.13 66.76 -11.90
C THR E 475 -5.80 67.24 -12.45
N PRO E 476 -5.80 68.34 -13.20
CA PRO E 476 -4.55 68.85 -13.82
C PRO E 476 -3.70 69.68 -12.87
N ARG E 477 -2.43 69.31 -12.72
CA ARG E 477 -1.51 70.01 -11.81
C ARG E 477 -0.48 70.96 -12.41
N PHE E 478 -0.47 71.14 -13.71
CA PHE E 478 0.52 72.04 -14.32
C PHE E 478 0.46 73.52 -13.97
N THR E 479 -0.73 74.10 -13.85
CA THR E 479 -0.80 75.51 -13.49
C THR E 479 -0.21 75.70 -12.10
N LEU E 480 -0.52 74.78 -11.19
CA LEU E 480 0.01 74.82 -9.84
C LEU E 480 1.47 74.39 -9.83
N CYS E 481 2.21 74.80 -8.80
CA CYS E 481 3.63 74.51 -8.72
C CYS E 481 3.93 73.08 -8.32
N PRO E 482 5.26 72.72 -8.32
CA PRO E 482 5.51 71.32 -7.96
C PRO E 482 4.95 70.96 -6.60
N ASN E 483 4.94 71.90 -5.67
CA ASN E 483 4.40 71.65 -4.33
C ASN E 483 2.91 71.30 -4.26
N GLY E 484 2.07 71.95 -5.06
CA GLY E 484 0.64 71.69 -5.07
C GLY E 484 0.19 70.35 -5.65
N TYR E 485 -0.87 69.75 -5.09
CA TYR E 485 -1.42 68.46 -5.54
C TYR E 485 -2.89 68.23 -5.13
N TYR E 486 -3.57 67.20 -5.66
CA TYR E 486 -4.98 66.84 -5.35
C TYR E 486 -4.98 65.47 -4.63
N PHE E 487 -5.66 65.29 -3.49
CA PHE E 487 -5.71 63.95 -2.84
C PHE E 487 -7.23 63.53 -2.82
N ALA E 488 -7.52 62.26 -3.15
CA ALA E 488 -8.89 61.68 -3.20
C ALA E 488 -9.01 60.69 -1.99
N ILE E 489 -10.21 60.48 -1.44
CA ILE E 489 -10.35 59.74 -0.20
C ILE E 489 -11.69 59.04 -0.13
N ASP E 490 -11.70 57.78 0.34
CA ASP E 490 -12.88 56.94 0.60
C ASP E 490 -13.69 57.46 1.76
N PRO E 491 -14.80 56.88 2.15
CA PRO E 491 -15.22 57.09 3.53
C PRO E 491 -14.64 56.03 4.43
N ASN E 492 -13.39 55.76 4.26
CA ASN E 492 -12.73 54.70 4.98
C ASN E 492 -11.33 55.19 5.30
N GLY E 493 -11.01 56.37 4.79
CA GLY E 493 -9.73 57.02 4.99
C GLY E 493 -8.67 56.66 3.98
N TYR E 494 -8.96 55.69 3.12
CA TYR E 494 -7.99 55.29 2.09
C TYR E 494 -7.93 56.37 1.03
N VAL E 495 -6.75 56.53 0.43
CA VAL E 495 -6.59 57.57 -0.58
C VAL E 495 -6.75 57.05 -2.01
N LEU E 496 -7.81 57.50 -2.66
CA LEU E 496 -8.09 57.13 -4.05
C LEU E 496 -7.05 57.68 -5.00
N LEU E 497 -6.68 58.94 -4.79
CA LEU E 497 -5.71 59.62 -5.62
C LEU E 497 -4.65 60.31 -4.77
N HIS E 498 -3.37 60.00 -4.94
CA HIS E 498 -2.34 60.68 -4.17
C HIS E 498 -0.98 60.66 -4.87
N PRO E 499 -0.14 61.73 -4.61
CA PRO E 499 1.17 61.65 -5.29
C PRO E 499 1.96 60.45 -4.78
N ASN E 500 1.88 60.23 -3.48
CA ASN E 500 2.57 59.14 -2.79
C ASN E 500 2.14 57.72 -3.15
N LEU E 501 0.87 57.53 -3.52
CA LEU E 501 0.36 56.20 -3.85
C LEU E 501 1.15 55.60 -5.00
N GLN E 502 1.48 54.32 -4.90
CA GLN E 502 2.27 53.61 -5.92
C GLN E 502 1.69 52.28 -6.39
N PRO E 503 2.16 51.86 -7.63
CA PRO E 503 1.62 50.58 -8.11
C PRO E 503 1.89 49.32 -7.26
N LYS E 504 3.05 49.22 -6.63
CA LYS E 504 3.41 48.05 -5.84
C LYS E 504 2.39 47.83 -4.72
N PRO E 505 2.07 46.57 -4.41
CA PRO E 505 1.06 46.33 -3.36
C PRO E 505 1.50 46.76 -1.96
N ILE E 506 0.56 47.12 -1.08
CA ILE E 506 0.98 47.55 0.25
C ILE E 506 1.35 46.30 1.03
N GLY E 507 2.47 46.37 1.73
CA GLY E 507 3.08 45.20 2.31
C GLY E 507 2.91 45.17 3.80
N VAL E 508 2.88 43.96 4.33
CA VAL E 508 2.70 43.71 5.74
C VAL E 508 3.81 42.81 6.23
N GLY E 509 4.37 43.13 7.37
CA GLY E 509 5.37 42.30 7.98
C GLY E 509 6.71 42.31 7.25
N ILE E 510 7.66 41.60 7.83
CA ILE E 510 8.96 41.36 7.22
C ILE E 510 8.86 40.04 6.46
N PRO E 511 9.16 40.02 5.17
CA PRO E 511 8.92 38.82 4.36
C PRO E 511 9.94 37.74 4.70
N THR E 512 9.45 36.55 5.01
CA THR E 512 10.29 35.39 5.30
C THR E 512 9.81 34.24 4.44
N ILE E 513 10.64 33.81 3.50
CA ILE E 513 10.37 32.63 2.70
C ILE E 513 11.47 31.63 2.97
N ASN E 514 11.12 30.35 3.03
CA ASN E 514 12.06 29.29 3.33
C ASN E 514 12.52 28.70 2.01
N LEU E 515 13.80 28.88 1.68
CA LEU E 515 14.34 28.32 0.44
C LEU E 515 14.47 26.82 0.50
N ARG E 516 14.53 26.25 1.69
CA ARG E 516 14.70 24.81 1.84
C ARG E 516 13.42 24.04 1.60
N LYS E 517 12.30 24.72 1.31
CA LYS E 517 11.04 24.02 1.14
C LYS E 517 10.22 24.53 -0.04
N ARG E 518 10.84 25.16 -1.02
CA ARG E 518 10.19 25.52 -2.27
C ARG E 518 10.73 24.59 -3.35
N ARG E 519 9.95 23.58 -3.71
CA ARG E 519 10.31 22.78 -4.85
C ARG E 519 10.16 23.61 -6.13
N PRO E 520 11.02 23.41 -7.13
CA PRO E 520 11.34 24.51 -8.05
C PRO E 520 10.25 24.89 -9.05
N ASN E 521 9.26 24.06 -9.30
CA ASN E 521 8.39 24.24 -10.47
C ASN E 521 6.92 23.98 -10.19
N VAL E 522 6.34 24.66 -9.19
CA VAL E 522 4.95 24.42 -8.82
C VAL E 522 4.06 25.66 -8.88
N GLN E 523 4.59 26.88 -8.77
CA GLN E 523 3.87 28.15 -8.95
C GLN E 523 2.71 28.34 -7.99
N ASN E 524 3.04 28.68 -6.74
CA ASN E 524 2.22 29.30 -5.70
C ASN E 524 1.44 30.56 -6.14
N PRO E 525 0.40 30.96 -5.40
CA PRO E 525 -0.27 32.23 -5.68
C PRO E 525 0.61 33.47 -5.48
N LYS E 526 0.42 34.45 -6.36
CA LYS E 526 1.22 35.68 -6.35
C LYS E 526 0.70 36.73 -5.38
N SER E 527 -0.49 37.28 -5.66
CA SER E 527 -1.10 38.34 -4.84
C SER E 527 -2.54 38.60 -5.31
N GLN E 528 -3.37 39.07 -4.39
CA GLN E 528 -4.69 39.58 -4.75
C GLN E 528 -5.15 40.75 -3.90
N GLU E 529 -4.33 41.25 -3.00
CA GLU E 529 -4.81 42.23 -2.02
C GLU E 529 -5.03 43.58 -2.68
N PRO E 530 -5.92 44.39 -2.17
CA PRO E 530 -6.06 45.74 -2.69
C PRO E 530 -5.01 46.66 -2.11
N VAL E 531 -4.78 47.75 -2.80
CA VAL E 531 -3.72 48.66 -2.46
C VAL E 531 -4.37 49.72 -1.60
N THR E 532 -4.50 49.44 -0.31
CA THR E 532 -5.17 50.32 0.62
C THR E 532 -4.16 51.06 1.49
N LEU E 533 -3.61 52.12 0.92
CA LEU E 533 -2.84 53.08 1.68
C LEU E 533 -3.82 54.11 2.22
N ASP E 534 -3.55 54.60 3.42
CA ASP E 534 -4.42 55.54 4.11
C ASP E 534 -3.86 56.94 4.00
N PHE E 535 -4.72 57.93 4.18
CA PHE E 535 -4.24 59.30 4.08
C PHE E 535 -3.27 59.65 5.18
N LEU E 536 -3.47 59.13 6.35
CA LEU E 536 -2.51 59.37 7.39
C LEU E 536 -1.30 58.50 7.28
N ASP E 537 -1.20 57.66 6.24
CA ASP E 537 0.01 56.92 5.93
C ASP E 537 0.64 57.33 4.62
N ALA E 538 -0.03 58.10 3.78
CA ALA E 538 0.60 58.62 2.59
C ALA E 538 1.38 59.87 2.88
N GLU E 539 1.08 60.54 3.99
CA GLU E 539 1.69 61.80 4.38
C GLU E 539 2.07 61.79 5.85
N LEU E 540 2.92 62.73 6.26
CA LEU E 540 3.33 62.73 7.66
C LEU E 540 2.13 63.16 8.49
N GLU E 541 1.87 62.41 9.56
CA GLU E 541 0.67 62.59 10.36
C GLU E 541 0.83 63.77 11.31
N ASN E 542 -0.22 64.55 11.42
CA ASN E 542 -0.31 65.59 12.42
C ASN E 542 -1.50 65.29 13.31
N ASP E 543 -1.83 66.24 14.16
CA ASP E 543 -3.15 66.27 14.75
C ASP E 543 -4.07 67.21 14.03
N ILE E 544 -3.51 68.14 13.26
CA ILE E 544 -4.27 69.10 12.49
C ILE E 544 -4.56 68.57 11.12
N LYS E 545 -4.07 67.38 10.80
CA LYS E 545 -4.48 66.60 9.64
C LYS E 545 -5.44 65.48 9.94
N VAL E 546 -5.47 64.94 11.15
CA VAL E 546 -6.54 64.01 11.49
C VAL E 546 -7.83 64.78 11.64
N GLU E 547 -7.77 66.06 11.96
CA GLU E 547 -8.96 66.89 11.92
C GLU E 547 -9.45 67.07 10.49
N ILE E 548 -8.55 67.37 9.56
CA ILE E 548 -8.90 67.53 8.15
C ILE E 548 -9.38 66.22 7.57
N ARG E 549 -8.74 65.12 7.94
CA ARG E 549 -9.12 63.82 7.39
C ARG E 549 -10.47 63.35 7.89
N ASN E 550 -10.79 63.57 9.15
CA ASN E 550 -12.11 63.17 9.61
C ASN E 550 -13.18 64.07 9.04
N LYS E 551 -12.85 65.32 8.85
CA LYS E 551 -13.83 66.30 8.45
C LYS E 551 -14.26 66.12 7.01
N MET E 552 -13.45 65.46 6.19
CA MET E 552 -13.83 65.13 4.82
C MET E 552 -14.05 63.64 4.59
N ILE E 553 -14.09 62.84 5.64
CA ILE E 553 -14.79 61.57 5.53
C ILE E 553 -16.28 61.77 5.72
N ASP E 554 -16.69 62.63 6.64
CA ASP E 554 -18.11 62.86 6.77
C ASP E 554 -18.58 64.02 5.89
N GLY E 555 -18.16 64.00 4.63
CA GLY E 555 -18.76 64.74 3.54
C GLY E 555 -18.97 66.21 3.73
N GLU E 556 -17.97 66.92 4.26
CA GLU E 556 -18.10 68.34 4.48
C GLU E 556 -17.18 69.07 3.52
N SER E 557 -17.35 70.38 3.46
CA SER E 557 -16.53 71.23 2.64
C SER E 557 -15.78 72.19 3.53
N GLY E 558 -14.67 72.70 3.04
CA GLY E 558 -13.91 73.59 3.88
C GLY E 558 -12.55 73.90 3.31
N GLU E 559 -11.84 74.75 4.04
CA GLU E 559 -10.46 75.11 3.79
C GLU E 559 -9.75 75.10 5.12
N LYS E 560 -8.42 75.09 5.05
CA LYS E 560 -7.60 75.07 6.26
C LYS E 560 -6.21 75.49 5.84
N THR E 561 -5.58 76.30 6.68
CA THR E 561 -4.23 76.82 6.48
C THR E 561 -3.44 76.61 7.76
N PHE E 562 -2.26 76.03 7.66
CA PHE E 562 -1.45 75.77 8.85
C PHE E 562 -0.01 75.51 8.48
N ARG E 563 0.85 75.44 9.48
CA ARG E 563 2.25 75.17 9.23
C ARG E 563 2.51 73.72 9.58
N THR E 564 3.00 72.97 8.60
CA THR E 564 3.30 71.56 8.77
C THR E 564 4.56 71.24 8.02
N LEU E 565 5.18 70.11 8.33
CA LEU E 565 6.40 69.74 7.64
C LEU E 565 6.23 68.66 6.59
N VAL E 566 6.59 69.01 5.36
CA VAL E 566 6.60 68.14 4.20
C VAL E 566 7.81 67.23 4.18
N LYS E 567 7.58 65.96 3.92
CA LYS E 567 8.67 65.04 3.72
C LYS E 567 9.17 65.33 2.31
N SER E 568 10.46 65.15 2.07
CA SER E 568 11.03 65.48 0.79
C SER E 568 10.75 64.35 -0.20
N GLN E 569 11.05 64.62 -1.48
CA GLN E 569 10.81 63.63 -2.54
C GLN E 569 11.69 62.40 -2.36
N ASP E 570 13.00 62.59 -2.38
CA ASP E 570 13.85 61.57 -1.79
C ASP E 570 13.71 61.60 -0.28
N GLU E 571 13.99 60.48 0.36
CA GLU E 571 13.51 60.34 1.71
C GLU E 571 14.54 60.80 2.72
N ARG E 572 15.08 62.01 2.57
CA ARG E 572 16.22 62.40 3.39
C ARG E 572 16.03 63.67 4.18
N TYR E 573 15.07 64.50 3.83
CA TYR E 573 14.93 65.83 4.37
C TYR E 573 13.51 65.95 4.89
N ILE E 574 13.27 66.91 5.78
CA ILE E 574 11.93 67.33 6.16
C ILE E 574 11.94 68.84 6.24
N ASP E 575 11.02 69.48 5.54
CA ASP E 575 10.99 70.92 5.40
C ASP E 575 9.66 71.46 5.86
N LYS E 576 9.69 72.42 6.77
CA LYS E 576 8.47 73.01 7.29
C LYS E 576 7.81 73.86 6.21
N GLY E 577 6.67 73.39 5.73
CA GLY E 577 6.02 74.06 4.65
C GLY E 577 4.68 74.57 5.08
N ASN E 578 4.45 75.85 4.86
CA ASN E 578 3.20 76.46 5.21
C ASN E 578 2.24 76.19 4.06
N ARG E 579 1.26 75.32 4.30
CA ARG E 579 0.31 74.83 3.32
C ARG E 579 -1.08 75.37 3.56
N THR E 580 -1.93 75.22 2.57
CA THR E 580 -3.35 75.38 2.75
C THR E 580 -4.09 74.21 2.13
N TYR E 581 -5.02 73.61 2.85
CA TYR E 581 -5.76 72.51 2.29
C TYR E 581 -7.14 73.02 1.97
N THR E 582 -7.81 72.35 1.04
CA THR E 582 -9.18 72.69 0.69
C THR E 582 -9.87 71.48 0.11
N TRP E 583 -10.97 71.07 0.73
CA TRP E 583 -11.65 69.84 0.37
C TRP E 583 -13.11 70.08 0.05
N THR E 584 -13.70 69.17 -0.72
CA THR E 584 -15.12 69.20 -1.05
C THR E 584 -15.54 67.78 -1.41
N PRO E 585 -16.82 67.45 -1.31
CA PRO E 585 -17.24 66.14 -1.78
C PRO E 585 -17.58 66.06 -3.25
N VAL E 586 -17.18 64.95 -3.84
CA VAL E 586 -17.68 64.47 -5.11
C VAL E 586 -19.13 64.02 -4.90
N ASN E 587 -20.10 64.79 -5.40
CA ASN E 587 -21.50 64.63 -4.96
C ASN E 587 -22.15 63.34 -5.40
N GLY E 588 -21.68 62.72 -6.48
CA GLY E 588 -22.30 61.47 -6.86
C GLY E 588 -21.86 60.28 -6.03
N THR E 589 -20.73 60.38 -5.36
CA THR E 589 -20.15 59.16 -4.85
C THR E 589 -19.87 59.41 -3.38
N ASP E 590 -19.10 58.55 -2.75
CA ASP E 590 -18.64 58.76 -1.40
C ASP E 590 -17.21 59.24 -1.33
N TYR E 591 -16.60 59.57 -2.45
CA TYR E 591 -15.28 60.16 -2.43
C TYR E 591 -15.37 61.63 -2.11
N SER E 592 -14.39 62.12 -1.37
CA SER E 592 -14.24 63.55 -1.18
C SER E 592 -12.84 63.95 -1.63
N LEU E 593 -12.74 65.07 -2.32
CA LEU E 593 -11.53 65.44 -3.02
C LEU E 593 -10.93 66.70 -2.43
N ALA E 594 -9.60 66.70 -2.27
CA ALA E 594 -8.94 67.85 -1.68
C ALA E 594 -7.80 68.33 -2.56
N LEU E 595 -7.15 69.38 -2.09
CA LEU E 595 -6.13 70.07 -2.87
C LEU E 595 -5.24 70.82 -1.91
N VAL E 596 -3.95 70.58 -2.02
CA VAL E 596 -2.94 71.19 -1.20
C VAL E 596 -2.31 72.28 -2.04
N LEU E 597 -2.15 73.46 -1.48
CA LEU E 597 -1.36 74.47 -2.13
C LEU E 597 -0.45 75.09 -1.09
N PRO E 598 0.65 75.67 -1.54
CA PRO E 598 1.57 76.35 -0.64
C PRO E 598 1.31 77.81 -0.90
N THR E 599 1.18 78.64 0.13
CA THR E 599 0.91 80.06 -0.11
C THR E 599 2.08 80.54 -0.93
N TYR E 600 1.79 81.30 -2.00
CA TYR E 600 2.72 81.80 -3.02
C TYR E 600 2.46 81.09 -4.34
N SER E 601 1.70 80.00 -4.30
CA SER E 601 1.36 79.27 -5.51
C SER E 601 -0.05 79.66 -5.96
N PHE E 602 -0.62 80.62 -5.25
CA PHE E 602 -1.95 81.14 -5.51
C PHE E 602 -2.00 81.92 -6.81
N TYR E 603 -0.87 82.06 -7.48
CA TYR E 603 -0.84 82.73 -8.75
C TYR E 603 0.04 81.92 -9.67
N TYR E 604 -0.36 81.80 -10.93
CA TYR E 604 0.43 81.10 -11.92
C TYR E 604 0.67 82.04 -13.09
N ILE E 605 1.61 81.65 -13.95
CA ILE E 605 1.87 82.34 -15.20
C ILE E 605 1.17 81.61 -16.31
N LYS E 606 0.37 82.33 -17.09
CA LYS E 606 -0.15 81.82 -18.35
C LYS E 606 0.63 82.51 -19.45
N ALA E 607 1.03 81.76 -20.46
CA ALA E 607 1.79 82.35 -21.55
C ALA E 607 0.86 83.13 -22.46
N LYS E 608 1.21 84.38 -22.73
CA LYS E 608 0.41 85.22 -23.59
C LYS E 608 1.29 85.62 -24.77
N ILE E 609 1.92 84.63 -25.41
CA ILE E 609 2.72 84.87 -26.61
C ILE E 609 2.01 84.27 -27.81
N GLU E 610 1.89 85.07 -28.85
CA GLU E 610 1.16 84.64 -30.03
C GLU E 610 1.79 85.11 -31.33
N GLU E 611 2.84 85.93 -31.28
CA GLU E 611 3.45 86.46 -32.49
C GLU E 611 4.14 85.36 -33.28
N THR E 612 4.25 85.60 -34.58
CA THR E 612 4.81 84.62 -35.49
C THR E 612 6.29 84.43 -35.23
N ILE E 613 7.04 85.53 -35.13
CA ILE E 613 8.48 85.43 -34.97
C ILE E 613 8.87 85.07 -33.55
N THR E 614 8.07 85.43 -32.55
CA THR E 614 8.50 85.25 -31.17
C THR E 614 8.34 83.79 -30.73
N GLN E 615 7.26 83.13 -31.12
CA GLN E 615 7.17 81.69 -30.91
C GLN E 615 8.17 80.96 -31.78
N ALA E 616 8.52 81.53 -32.93
CA ALA E 616 9.51 80.89 -33.79
C ALA E 616 10.89 80.99 -33.17
N ARG E 617 11.28 82.18 -32.71
CA ARG E 617 12.64 82.45 -32.28
C ARG E 617 12.99 81.68 -31.01
N TYR E 618 12.02 81.48 -30.13
CA TYR E 618 12.24 80.74 -28.91
C TYR E 618 12.31 79.24 -29.12
N SER E 619 11.93 78.75 -30.28
CA SER E 619 11.80 77.32 -30.49
C SER E 619 13.06 76.66 -31.00
N GLU E 620 13.98 77.39 -31.64
CA GLU E 620 15.25 76.77 -32.01
C GLU E 620 16.25 76.84 -30.86
N THR E 621 15.84 77.41 -29.74
CA THR E 621 16.68 77.46 -28.57
C THR E 621 16.92 76.07 -28.03
N LEU E 622 15.92 75.20 -28.16
CA LEU E 622 16.02 73.82 -27.75
C LEU E 622 16.26 72.90 -28.96
N LYS E 623 17.40 73.09 -29.61
CA LYS E 623 17.93 72.28 -30.70
C LYS E 623 19.22 71.59 -30.28
N PRO E 624 19.31 70.27 -30.36
CA PRO E 624 20.47 69.56 -29.78
C PRO E 624 21.78 69.79 -30.50
N ASP E 625 21.75 70.32 -31.71
CA ASP E 625 22.98 70.77 -32.34
C ASP E 625 23.39 72.13 -31.85
N ASN E 626 22.49 72.85 -31.17
CA ASN E 626 22.75 74.22 -30.74
C ASN E 626 22.97 74.27 -29.23
N PHE E 627 23.62 73.24 -28.71
CA PHE E 627 23.89 73.16 -27.27
C PHE E 627 25.33 73.57 -26.96
N GLU E 628 26.02 74.10 -27.96
CA GLU E 628 27.40 74.54 -27.79
C GLU E 628 27.46 75.98 -27.29
N GLU E 629 26.31 76.62 -27.29
CA GLU E 629 26.19 78.00 -26.84
C GLU E 629 24.91 78.20 -26.05
N SER E 630 24.25 77.09 -25.70
CA SER E 630 23.01 77.16 -24.95
C SER E 630 23.07 76.39 -23.65
N GLY E 631 23.61 75.18 -23.72
CA GLY E 631 23.71 74.33 -22.55
C GLY E 631 22.89 73.10 -22.81
N TYR E 632 23.36 71.94 -22.36
CA TYR E 632 22.65 70.68 -22.55
C TYR E 632 21.23 70.81 -22.04
N THR E 633 20.32 71.11 -22.95
CA THR E 633 18.93 71.32 -22.59
C THR E 633 18.14 70.03 -22.46
N PHE E 634 17.26 70.03 -21.46
CA PHE E 634 16.36 68.92 -21.25
C PHE E 634 14.91 69.37 -21.40
N LEU E 635 14.00 68.41 -21.35
CA LEU E 635 12.60 68.71 -21.57
C LEU E 635 11.74 67.61 -20.97
N ALA E 636 10.69 68.01 -20.30
CA ALA E 636 9.94 67.12 -19.44
C ALA E 636 8.87 66.38 -20.21
N PRO E 637 8.69 65.22 -19.98
CA PRO E 637 7.74 64.46 -20.80
C PRO E 637 6.28 64.71 -20.43
N ARG E 638 5.81 65.92 -20.68
CA ARG E 638 4.39 66.11 -20.48
C ARG E 638 3.65 65.59 -21.70
N ASP E 639 2.32 65.52 -21.60
CA ASP E 639 1.51 65.13 -22.75
C ASP E 639 1.17 66.41 -23.49
N TYR E 640 2.18 66.93 -24.19
CA TYR E 640 2.07 68.20 -24.87
C TYR E 640 0.99 68.17 -25.93
N CYS E 641 1.14 67.30 -26.92
CA CYS E 641 0.06 66.97 -27.82
C CYS E 641 -0.21 65.48 -27.68
N SER E 642 -1.34 65.03 -28.23
CA SER E 642 -1.69 63.62 -28.14
C SER E 642 -0.77 62.73 -28.95
N ASP E 643 -0.01 63.29 -29.88
CA ASP E 643 0.67 62.49 -30.89
C ASP E 643 2.08 62.14 -30.47
N LEU E 644 2.82 63.08 -29.89
CA LEU E 644 4.20 62.83 -29.48
C LEU E 644 4.21 62.27 -28.07
N LYS E 645 4.91 61.16 -27.89
CA LYS E 645 4.69 60.41 -26.68
C LYS E 645 5.87 60.54 -25.73
N PRO E 646 5.64 60.53 -24.42
CA PRO E 646 6.74 60.47 -23.46
C PRO E 646 7.52 59.18 -23.61
N SER E 647 8.83 59.31 -23.68
CA SER E 647 9.67 58.24 -24.21
C SER E 647 10.70 57.68 -23.25
N ASP E 648 11.05 58.40 -22.18
CA ASP E 648 12.00 58.03 -21.13
C ASP E 648 13.46 58.05 -21.62
N ASN E 649 13.65 58.21 -22.91
CA ASN E 649 14.94 58.50 -23.51
C ASN E 649 14.79 59.93 -23.98
N ASN E 650 15.52 60.85 -23.36
CA ASN E 650 15.09 62.23 -23.46
C ASN E 650 15.56 62.87 -24.75
N THR E 651 16.70 62.40 -25.28
CA THR E 651 17.15 62.89 -26.57
C THR E 651 16.23 62.40 -27.67
N GLU E 652 15.66 61.21 -27.48
CA GLU E 652 14.58 60.75 -28.35
C GLU E 652 13.40 61.70 -28.31
N PHE E 653 12.98 62.07 -27.10
CA PHE E 653 11.77 62.88 -26.93
C PHE E 653 11.94 64.30 -27.44
N LEU E 654 13.07 64.92 -27.14
CA LEU E 654 13.26 66.31 -27.53
C LEU E 654 13.38 66.47 -29.04
N LEU E 655 13.85 65.43 -29.73
CA LEU E 655 13.77 65.46 -31.19
C LEU E 655 12.34 65.36 -31.68
N ASN E 656 11.58 64.37 -31.20
CA ASN E 656 10.18 64.27 -31.54
C ASN E 656 9.35 65.45 -31.04
N PHE E 657 9.80 66.14 -29.99
CA PHE E 657 9.13 67.38 -29.64
C PHE E 657 9.45 68.47 -30.63
N ASN E 658 10.70 68.58 -31.04
CA ASN E 658 11.11 69.79 -31.73
C ASN E 658 10.98 69.61 -33.24
N GLU E 659 10.91 68.35 -33.70
CA GLU E 659 10.40 68.08 -35.04
C GLU E 659 8.97 68.59 -35.18
N PHE E 660 8.18 68.43 -34.11
CA PHE E 660 6.75 68.68 -34.15
C PHE E 660 6.44 70.16 -34.39
N ILE E 661 7.25 71.06 -33.85
CA ILE E 661 6.96 72.48 -34.02
C ILE E 661 7.45 72.97 -35.38
N ASP E 662 8.47 72.35 -35.95
CA ASP E 662 8.87 72.72 -37.31
C ASP E 662 7.86 72.22 -38.32
N ARG E 663 7.49 70.93 -38.23
CA ARG E 663 6.57 70.34 -39.20
C ARG E 663 5.15 70.90 -39.08
N LYS E 664 4.81 71.47 -37.93
CA LYS E 664 3.53 72.13 -37.79
C LYS E 664 3.64 73.25 -36.76
N THR E 665 3.10 74.42 -37.12
CA THR E 665 2.80 75.60 -36.30
C THR E 665 2.23 75.18 -34.94
N PRO E 666 2.59 75.86 -33.84
CA PRO E 666 2.08 75.44 -32.52
C PRO E 666 0.59 75.67 -32.27
N ASN E 667 -0.20 76.03 -33.28
CA ASN E 667 -1.63 76.19 -33.07
C ASN E 667 -2.32 74.85 -32.84
N ASN E 668 -2.04 73.85 -33.70
CA ASN E 668 -2.21 72.41 -33.46
C ASN E 668 -3.61 72.00 -33.01
N PRO E 669 -4.60 71.89 -33.91
CA PRO E 669 -6.01 71.91 -33.50
C PRO E 669 -6.48 70.73 -32.61
N SER E 670 -5.63 69.79 -32.24
CA SER E 670 -5.97 68.76 -31.28
C SER E 670 -4.91 68.68 -30.20
N CYS E 671 -4.55 69.84 -29.64
CA CYS E 671 -3.40 69.95 -28.75
C CYS E 671 -3.50 71.24 -27.95
N ASN E 672 -3.24 71.14 -26.63
CA ASN E 672 -3.47 72.29 -25.77
C ASN E 672 -2.39 73.35 -25.97
N THR E 673 -2.85 74.56 -26.28
CA THR E 673 -1.97 75.68 -26.58
C THR E 673 -1.11 76.22 -25.45
N ASP E 674 -1.70 76.34 -24.26
CA ASP E 674 -0.99 76.88 -23.11
C ASP E 674 0.22 76.08 -22.62
N LEU E 675 0.11 74.77 -22.55
CA LEU E 675 1.22 73.97 -22.06
C LEU E 675 2.47 74.05 -22.94
N ILE E 676 2.30 73.94 -24.25
CA ILE E 676 3.44 74.04 -25.17
C ILE E 676 3.99 75.46 -25.17
N ASN E 677 3.07 76.42 -25.16
CA ASN E 677 3.41 77.83 -25.23
C ASN E 677 4.22 78.30 -24.04
N ARG E 678 3.85 77.84 -22.86
CA ARG E 678 4.55 78.22 -21.65
C ARG E 678 5.98 77.73 -21.77
N VAL E 679 6.15 76.53 -22.31
CA VAL E 679 7.47 75.97 -22.47
C VAL E 679 8.30 76.84 -23.39
N LEU E 680 7.71 77.31 -24.48
CA LEU E 680 8.42 78.17 -25.41
C LEU E 680 8.82 79.47 -24.75
N LEU E 681 7.94 80.04 -23.95
CA LEU E 681 8.25 81.30 -23.27
C LEU E 681 9.41 81.07 -22.32
N ASP E 682 9.36 79.93 -21.63
CA ASP E 682 10.38 79.56 -20.65
C ASP E 682 11.74 79.39 -21.28
N ALA E 683 11.78 78.78 -22.46
CA ALA E 683 13.05 78.57 -23.15
C ALA E 683 13.62 79.84 -23.69
N GLY E 684 12.83 80.89 -23.80
CA GLY E 684 13.39 82.18 -24.11
C GLY E 684 13.77 82.94 -22.88
N PHE E 685 13.48 82.39 -21.72
CA PHE E 685 13.89 82.97 -20.46
C PHE E 685 15.08 82.24 -19.87
N THR E 686 15.19 80.94 -20.07
CA THR E 686 16.43 80.28 -19.73
C THR E 686 17.42 80.35 -20.88
N ASN E 687 17.17 81.18 -21.88
CA ASN E 687 18.13 81.45 -22.93
C ASN E 687 18.85 82.75 -22.65
N GLU E 688 18.09 83.79 -22.33
CA GLU E 688 18.66 85.10 -22.12
C GLU E 688 19.55 85.12 -20.90
N LEU E 689 19.35 84.19 -19.99
CA LEU E 689 20.30 83.96 -18.92
C LEU E 689 21.58 83.35 -19.45
N VAL E 690 21.46 82.25 -20.19
CA VAL E 690 22.60 81.49 -20.68
C VAL E 690 23.33 82.24 -21.77
N GLN E 691 22.65 83.11 -22.51
CA GLN E 691 23.38 83.97 -23.45
C GLN E 691 24.03 85.14 -22.72
N ASN E 692 23.22 86.00 -22.13
CA ASN E 692 23.71 87.28 -21.62
C ASN E 692 24.29 87.20 -20.23
N TYR E 693 24.26 86.06 -19.54
CA TYR E 693 24.94 86.06 -18.24
C TYR E 693 25.93 84.94 -18.05
N TRP E 694 25.55 83.69 -18.33
CA TRP E 694 26.45 82.60 -17.97
C TRP E 694 27.59 82.47 -18.95
N SER E 695 27.38 82.78 -20.21
CA SER E 695 28.41 82.72 -21.24
C SER E 695 29.35 83.91 -21.20
N LYS E 696 29.16 84.82 -20.27
CA LYS E 696 30.14 85.85 -20.03
C LYS E 696 31.22 85.38 -19.08
N GLN E 697 30.83 84.62 -18.06
CA GLN E 697 31.72 84.18 -17.00
C GLN E 697 32.12 82.74 -17.17
N LYS E 698 32.44 82.32 -18.40
CA LYS E 698 32.56 80.96 -18.90
C LYS E 698 33.21 79.94 -17.97
N ASN E 699 34.22 80.35 -17.21
CA ASN E 699 34.72 79.53 -16.11
C ASN E 699 34.83 80.37 -14.85
N ILE E 700 33.99 80.08 -13.87
CA ILE E 700 34.23 80.51 -12.49
C ILE E 700 35.09 79.41 -11.90
N LYS E 701 35.88 79.72 -10.88
CA LYS E 701 36.93 78.79 -10.46
C LYS E 701 36.33 77.59 -9.77
N GLY E 702 35.64 77.79 -8.65
CA GLY E 702 35.06 76.66 -7.97
C GLY E 702 33.78 76.09 -8.55
N VAL E 703 33.25 76.69 -9.61
CA VAL E 703 31.95 76.31 -10.14
C VAL E 703 32.15 75.23 -11.20
N LYS E 704 31.43 74.13 -11.04
CA LYS E 704 31.51 73.02 -11.97
C LYS E 704 30.45 73.13 -13.08
N ALA E 705 29.18 73.14 -12.69
CA ALA E 705 28.05 73.11 -13.61
C ALA E 705 27.00 74.07 -13.10
N ARG E 706 26.16 74.56 -13.98
CA ARG E 706 25.18 75.57 -13.59
C ARG E 706 23.87 75.24 -14.28
N PHE E 707 22.79 75.15 -13.52
CA PHE E 707 21.52 74.69 -14.08
C PHE E 707 20.44 75.69 -13.78
N VAL E 708 19.36 75.65 -14.57
CA VAL E 708 18.11 76.36 -14.29
C VAL E 708 17.01 75.35 -14.50
N VAL E 709 16.59 74.69 -13.44
CA VAL E 709 15.45 73.80 -13.56
C VAL E 709 14.22 74.66 -13.37
N THR E 710 13.33 74.62 -14.33
CA THR E 710 12.30 75.63 -14.41
C THR E 710 10.98 74.96 -14.66
N ASP E 711 9.98 75.78 -14.86
CA ASP E 711 8.61 75.32 -14.85
C ASP E 711 8.07 75.36 -16.28
N GLY E 712 8.04 74.20 -16.92
CA GLY E 712 8.06 74.15 -18.36
C GLY E 712 9.10 73.12 -18.70
N GLY E 713 9.56 72.41 -17.70
CA GLY E 713 10.41 71.26 -17.91
C GLY E 713 11.81 71.39 -18.36
N ILE E 714 12.10 72.54 -18.95
CA ILE E 714 13.38 72.87 -19.55
C ILE E 714 14.52 73.09 -18.59
N THR E 715 15.28 72.03 -18.31
CA THR E 715 16.41 72.17 -17.43
C THR E 715 17.61 72.44 -18.33
N ARG E 716 18.48 73.36 -17.95
CA ARG E 716 19.64 73.65 -18.80
C ARG E 716 20.95 73.56 -18.06
N VAL E 717 21.63 72.45 -18.15
CA VAL E 717 22.96 72.33 -17.60
C VAL E 717 23.93 73.01 -18.56
N TYR E 718 24.87 73.78 -18.05
CA TYR E 718 25.56 74.68 -18.96
C TYR E 718 26.71 74.13 -19.83
N PRO E 719 27.69 73.36 -19.37
CA PRO E 719 28.50 72.68 -20.38
C PRO E 719 27.97 71.30 -20.69
N LYS E 720 28.09 70.91 -21.96
CA LYS E 720 27.65 69.57 -22.38
C LYS E 720 28.45 68.47 -21.72
N GLU E 721 29.68 68.75 -21.29
CA GLU E 721 30.41 67.78 -20.49
C GLU E 721 29.75 67.59 -19.15
N ALA E 722 29.21 68.67 -18.59
CA ALA E 722 28.54 68.61 -17.31
C ALA E 722 27.20 67.92 -17.42
N GLY E 723 26.49 68.14 -18.52
CA GLY E 723 25.19 67.54 -18.76
C GLY E 723 25.20 66.05 -18.93
N GLU E 724 26.36 65.44 -19.12
CA GLU E 724 26.41 63.98 -19.06
C GLU E 724 26.24 63.50 -17.63
N ASN E 725 26.72 64.26 -16.67
CA ASN E 725 26.63 63.87 -15.27
C ASN E 725 25.30 64.26 -14.63
N TRP E 726 24.42 64.94 -15.35
CA TRP E 726 23.15 65.38 -14.78
C TRP E 726 22.24 64.18 -14.62
N GLN E 727 22.16 63.64 -13.41
CA GLN E 727 21.44 62.40 -13.17
C GLN E 727 20.06 62.63 -12.58
N GLU E 728 19.40 63.72 -12.93
CA GLU E 728 18.11 64.02 -12.36
C GLU E 728 16.99 63.50 -13.25
N ASN E 729 15.79 63.50 -12.71
CA ASN E 729 14.63 63.27 -13.54
C ASN E 729 14.39 64.52 -14.37
N PRO E 730 14.24 64.41 -15.68
CA PRO E 730 14.02 65.60 -16.50
C PRO E 730 12.65 66.19 -16.38
N GLU E 731 11.74 65.54 -15.68
CA GLU E 731 10.46 66.13 -15.36
C GLU E 731 10.61 67.00 -14.13
N THR E 732 10.34 68.28 -14.30
CA THR E 732 10.62 69.25 -13.27
C THR E 732 9.69 69.12 -12.08
N TYR E 733 8.57 68.42 -12.21
CA TYR E 733 7.70 68.19 -11.08
C TYR E 733 7.97 66.86 -10.45
N GLU E 734 9.18 66.37 -10.53
CA GLU E 734 9.55 65.17 -9.84
C GLU E 734 10.91 65.34 -9.21
N ASP E 735 11.58 66.46 -9.48
CA ASP E 735 12.86 66.74 -8.89
C ASP E 735 12.72 67.10 -7.44
N SER E 736 13.54 66.48 -6.62
CA SER E 736 13.49 66.70 -5.20
C SER E 736 13.96 68.09 -4.82
N PHE E 737 15.08 68.52 -5.37
CA PHE E 737 15.71 69.78 -4.99
C PHE E 737 14.90 70.95 -5.47
N TYR E 738 14.14 70.77 -6.55
CA TYR E 738 13.27 71.82 -7.04
C TYR E 738 12.25 72.17 -5.99
N LYS E 739 11.77 71.16 -5.30
CA LYS E 739 10.70 71.32 -4.36
C LYS E 739 11.20 71.78 -3.02
N ARG E 740 12.47 71.52 -2.70
CA ARG E 740 13.01 72.02 -1.45
C ARG E 740 13.51 73.42 -1.58
N SER E 741 13.72 73.86 -2.79
CA SER E 741 14.17 75.21 -3.03
C SER E 741 13.03 76.19 -2.92
N LEU E 742 11.81 75.73 -3.15
CA LEU E 742 10.65 76.60 -3.14
C LEU E 742 10.16 76.85 -1.72
N ASP E 743 10.29 75.87 -0.84
CA ASP E 743 9.90 76.06 0.55
C ASP E 743 10.77 77.07 1.30
N ASN E 744 12.08 76.99 1.08
CA ASN E 744 13.07 77.85 1.73
C ASN E 744 13.27 79.22 1.10
N ASP E 745 13.67 80.19 1.93
CA ASP E 745 13.95 81.56 1.48
C ASP E 745 15.46 81.81 1.43
N ASN E 746 16.23 80.75 1.56
CA ASN E 746 17.68 80.83 1.57
C ASN E 746 18.32 79.81 0.64
N TYR E 747 19.60 79.99 0.34
CA TYR E 747 20.29 79.06 -0.54
C TYR E 747 20.24 77.68 0.10
N VAL E 748 20.04 76.66 -0.73
CA VAL E 748 19.94 75.30 -0.26
C VAL E 748 21.04 74.41 -0.82
N PHE E 749 21.65 73.62 0.04
CA PHE E 749 22.73 72.72 -0.36
C PHE E 749 22.25 71.28 -0.34
N THR E 750 22.51 70.56 -1.43
CA THR E 750 22.10 69.17 -1.51
C THR E 750 23.32 68.28 -1.43
N ALA E 751 23.31 67.35 -0.47
CA ALA E 751 24.42 66.42 -0.27
C ALA E 751 24.48 65.29 -1.30
N PRO E 752 25.74 64.98 -1.78
CA PRO E 752 25.77 63.87 -2.74
C PRO E 752 25.56 62.53 -2.05
N TYR E 753 25.14 61.51 -2.80
CA TYR E 753 24.91 60.18 -2.26
C TYR E 753 26.19 59.45 -1.89
N PHE E 754 26.09 58.47 -0.98
CA PHE E 754 27.24 57.69 -0.56
C PHE E 754 27.20 56.32 -1.22
N ASN E 755 28.32 55.94 -1.82
CA ASN E 755 28.48 54.72 -2.58
C ASN E 755 27.71 54.76 -3.90
N LYS E 756 26.86 53.77 -4.12
CA LYS E 756 26.06 53.75 -5.34
C LYS E 756 26.91 53.49 -6.56
N SER E 757 26.34 53.82 -7.73
CA SER E 757 27.02 53.66 -9.00
C SER E 757 26.85 54.94 -9.81
N GLY E 758 27.75 55.19 -10.74
CA GLY E 758 27.70 56.41 -11.54
C GLY E 758 28.56 57.46 -10.86
N PRO E 759 28.91 58.53 -11.58
CA PRO E 759 29.79 59.49 -10.92
C PRO E 759 29.02 60.60 -10.22
N GLY E 760 28.94 60.50 -8.90
CA GLY E 760 28.25 61.50 -8.12
C GLY E 760 29.00 61.94 -6.89
N ALA E 761 30.13 62.61 -7.08
CA ALA E 761 30.92 63.11 -5.96
C ALA E 761 31.84 64.20 -6.46
N TYR E 762 33.09 63.81 -6.67
CA TYR E 762 34.11 64.69 -7.18
C TYR E 762 33.79 65.14 -8.59
N GLU E 763 33.26 64.21 -9.38
CA GLU E 763 32.91 64.47 -10.77
C GLU E 763 31.84 65.53 -11.01
N SER E 764 30.76 65.51 -10.25
CA SER E 764 29.70 66.50 -10.44
C SER E 764 29.78 67.56 -9.35
N GLY E 765 29.71 67.08 -8.11
CA GLY E 765 29.88 67.92 -6.93
C GLY E 765 28.58 68.12 -6.18
N ILE E 766 28.73 68.72 -5.02
CA ILE E 766 27.62 69.04 -4.13
C ILE E 766 26.87 70.20 -4.76
N MET E 767 25.55 70.23 -4.68
CA MET E 767 24.85 71.31 -5.36
C MET E 767 24.04 72.20 -4.44
N VAL E 768 24.04 73.44 -4.80
CA VAL E 768 23.30 74.52 -4.20
C VAL E 768 22.16 74.82 -5.12
N SER E 769 21.00 75.13 -4.58
CA SER E 769 19.92 75.59 -5.42
C SER E 769 19.21 76.71 -4.71
N LYS E 770 18.37 77.42 -5.43
CA LYS E 770 17.68 78.56 -4.87
C LYS E 770 16.54 78.93 -5.81
N ALA E 771 15.34 79.08 -5.28
CA ALA E 771 14.21 79.43 -6.11
C ALA E 771 14.24 80.90 -6.47
N VAL E 772 13.92 81.18 -7.72
CA VAL E 772 13.71 82.54 -8.20
C VAL E 772 12.41 83.05 -7.63
N GLU E 773 12.37 84.34 -7.31
CA GLU E 773 11.26 84.90 -6.53
C GLU E 773 10.91 86.29 -7.05
N ILE E 774 9.86 86.40 -7.85
CA ILE E 774 9.53 87.66 -8.50
C ILE E 774 8.20 88.19 -7.98
N TYR E 775 8.03 89.50 -8.12
CA TYR E 775 6.82 90.22 -7.76
C TYR E 775 6.37 91.02 -8.98
N ILE E 776 5.12 90.86 -9.37
CA ILE E 776 4.67 91.45 -10.61
C ILE E 776 3.90 92.73 -10.36
N GLN E 777 2.76 92.62 -9.70
CA GLN E 777 1.98 93.76 -9.27
C GLN E 777 1.72 93.59 -7.78
N GLY E 778 2.80 93.32 -7.06
CA GLY E 778 2.68 92.96 -5.66
C GLY E 778 2.12 91.57 -5.45
N LYS E 779 2.40 90.66 -6.37
CA LYS E 779 1.92 89.28 -6.30
C LYS E 779 3.10 88.35 -6.40
N LEU E 780 3.38 87.57 -5.36
CA LEU E 780 4.55 86.70 -5.35
C LEU E 780 4.58 85.57 -6.38
N LEU E 781 5.74 85.39 -6.99
CA LEU E 781 5.95 84.33 -7.98
C LEU E 781 7.31 83.66 -7.81
N LYS E 782 7.35 82.35 -7.96
CA LYS E 782 8.58 81.56 -7.86
C LYS E 782 8.60 80.63 -9.06
N PRO E 783 8.94 81.18 -10.22
CA PRO E 783 8.92 80.45 -11.48
C PRO E 783 9.98 79.39 -11.63
N ALA E 784 11.19 79.58 -11.12
CA ALA E 784 12.30 78.72 -11.50
C ALA E 784 13.27 78.55 -10.35
N VAL E 785 14.15 77.56 -10.49
CA VAL E 785 15.16 77.21 -9.50
C VAL E 785 16.53 77.16 -10.18
N VAL E 786 17.37 78.17 -9.90
CA VAL E 786 18.75 78.23 -10.39
C VAL E 786 19.64 77.39 -9.49
N GLY E 787 20.91 77.26 -9.83
CA GLY E 787 21.75 76.33 -9.10
C GLY E 787 23.16 76.30 -9.63
N ILE E 788 23.97 75.46 -8.99
CA ILE E 788 25.42 75.25 -9.21
C ILE E 788 25.81 73.91 -8.65
N LYS E 789 26.48 73.07 -9.42
CA LYS E 789 27.21 71.97 -8.82
C LYS E 789 28.58 72.52 -8.37
N ILE E 790 28.97 72.25 -7.14
CA ILE E 790 30.17 72.87 -6.59
C ILE E 790 31.36 71.97 -6.92
N ASP E 791 32.57 72.51 -6.88
CA ASP E 791 33.76 71.66 -6.98
C ASP E 791 34.23 71.36 -5.58
N VAL E 792 34.29 70.07 -5.23
CA VAL E 792 34.57 69.75 -3.85
C VAL E 792 36.05 69.99 -3.54
N ASN E 793 36.94 69.82 -4.51
CA ASN E 793 38.37 70.06 -4.23
C ASN E 793 38.76 71.51 -3.88
N SER E 794 38.25 72.47 -4.65
CA SER E 794 38.55 73.88 -4.41
C SER E 794 38.00 74.34 -3.07
N TRP E 795 36.77 73.93 -2.78
CA TRP E 795 36.13 74.33 -1.54
C TRP E 795 37.01 73.95 -0.35
N ILE E 796 37.69 72.82 -0.46
CA ILE E 796 38.56 72.35 0.61
C ILE E 796 39.74 73.30 0.85
N GLU E 797 40.32 73.82 -0.21
CA GLU E 797 41.46 74.72 -0.07
C GLU E 797 41.09 75.99 0.68
N ASN E 798 39.93 76.56 0.37
CA ASN E 798 39.49 77.75 1.08
C ASN E 798 39.24 77.43 2.55
N PHE E 799 38.66 76.26 2.79
CA PHE E 799 38.34 75.79 4.13
C PHE E 799 39.58 75.59 4.99
N THR E 800 40.61 74.99 4.40
CA THR E 800 41.86 74.73 5.11
C THR E 800 42.57 76.01 5.51
N LYS E 801 42.56 77.00 4.62
CA LYS E 801 43.22 78.26 4.90
C LYS E 801 42.19 79.34 5.20
N ASP E 814 41.52 76.72 12.96
CA ASP E 814 42.48 75.90 13.68
C ASP E 814 42.43 74.45 13.21
N CYS E 815 41.92 74.24 12.00
CA CYS E 815 41.82 72.90 11.44
C CYS E 815 42.78 72.75 10.27
N LYS E 816 43.67 71.76 10.38
CA LYS E 816 44.68 71.47 9.36
C LYS E 816 44.13 70.42 8.43
N ARG E 817 44.91 70.04 7.43
CA ARG E 817 44.49 68.94 6.61
C ARG E 817 45.06 67.75 7.40
N ASN E 818 44.19 66.91 7.92
CA ASN E 818 44.61 65.73 8.70
C ASN E 818 44.92 65.88 10.20
N SER E 819 44.67 67.05 10.78
CA SER E 819 44.89 67.29 12.20
C SER E 819 44.47 66.14 13.13
N ASP E 820 45.21 66.01 14.23
CA ASP E 820 44.97 65.01 15.27
C ASP E 820 44.46 65.67 16.55
N VAL E 821 44.62 66.98 16.64
CA VAL E 821 44.18 67.73 17.81
C VAL E 821 42.67 67.87 17.84
N MET E 822 42.09 68.28 16.72
CA MET E 822 40.65 68.44 16.60
C MET E 822 40.20 68.44 15.14
N ASP E 823 38.97 68.00 14.91
CA ASP E 823 38.41 67.94 13.57
C ASP E 823 37.13 68.76 13.48
N CYS E 824 36.90 69.33 12.31
CA CYS E 824 35.73 70.18 12.08
C CYS E 824 35.05 69.80 10.77
N VAL E 825 33.73 69.89 10.76
CA VAL E 825 32.98 69.53 9.59
C VAL E 825 31.81 70.47 9.34
N ILE E 826 31.31 70.47 8.11
CA ILE E 826 30.16 71.28 7.74
C ILE E 826 29.04 70.31 7.39
N LEU E 827 27.89 70.54 8.00
CA LEU E 827 26.74 69.68 7.77
C LEU E 827 25.51 70.48 7.43
N ASP E 828 24.83 70.07 6.37
CA ASP E 828 23.60 70.71 5.93
C ASP E 828 22.52 70.16 6.84
N ASP E 829 21.35 70.78 6.85
CA ASP E 829 20.27 70.28 7.70
C ASP E 829 20.01 68.86 7.22
N GLY E 830 19.63 67.99 8.14
CA GLY E 830 19.42 66.59 7.83
C GLY E 830 20.61 65.78 8.27
N GLY E 831 21.68 66.46 8.68
CA GLY E 831 22.88 65.84 9.19
C GLY E 831 23.84 65.15 8.25
N PHE E 832 23.64 65.31 6.95
CA PHE E 832 24.52 64.69 5.98
C PHE E 832 25.88 65.36 5.94
N LEU E 833 26.92 64.61 5.66
CA LEU E 833 28.26 65.18 5.62
C LEU E 833 28.62 65.66 4.23
N LEU E 834 28.89 66.96 4.15
CA LEU E 834 29.30 67.60 2.92
C LEU E 834 30.78 67.85 2.85
N MET E 835 31.33 68.61 3.80
CA MET E 835 32.76 68.89 3.80
C MET E 835 33.44 68.37 5.05
N ALA E 836 34.55 67.64 4.88
CA ALA E 836 35.26 67.10 6.04
C ALA E 836 36.77 67.42 6.07
N ASN E 837 37.23 67.83 7.24
CA ASN E 837 38.63 68.17 7.48
C ASN E 837 39.67 67.05 7.39
N HIS E 838 39.34 65.89 7.94
CA HIS E 838 40.26 64.74 8.02
C HIS E 838 40.81 64.04 6.76
N ASP E 839 39.97 63.85 5.75
CA ASP E 839 40.36 63.16 4.52
C ASP E 839 40.10 61.64 4.59
N ASP E 840 39.74 61.13 5.75
CA ASP E 840 39.15 59.82 5.85
C ASP E 840 37.64 59.96 5.93
N TYR E 841 37.17 61.17 6.23
CA TYR E 841 35.75 61.48 6.22
C TYR E 841 35.32 62.05 4.87
N THR E 842 36.14 62.88 4.23
CA THR E 842 35.70 63.45 2.96
C THR E 842 35.76 62.46 1.82
N ASN E 843 36.32 61.27 2.03
CA ASN E 843 36.12 60.20 1.07
C ASN E 843 34.69 59.71 1.15
N GLN E 844 34.15 59.64 2.35
CA GLN E 844 32.78 59.21 2.56
C GLN E 844 31.89 60.42 2.74
N ILE E 845 31.69 61.06 1.63
CA ILE E 845 30.99 62.33 1.49
C ILE E 845 29.55 62.08 1.10
N GLY E 846 28.64 62.95 1.54
CA GLY E 846 27.25 62.70 1.28
C GLY E 846 26.67 61.58 2.09
N ARG E 847 27.36 61.19 3.13
CA ARG E 847 26.98 60.10 3.99
C ARG E 847 26.38 60.71 5.25
N PHE E 848 25.47 59.96 5.85
CA PHE E 848 24.87 60.39 7.09
C PHE E 848 25.89 60.40 8.19
N PHE E 849 26.01 61.55 8.86
CA PHE E 849 27.10 61.83 9.77
C PHE E 849 27.04 60.98 11.02
N GLY E 850 25.93 60.34 11.29
CA GLY E 850 25.85 59.45 12.41
C GLY E 850 26.37 58.09 12.09
N GLU E 851 26.92 57.89 10.90
CA GLU E 851 27.55 56.63 10.59
C GLU E 851 29.07 56.72 10.59
N ILE E 852 29.63 57.91 10.72
CA ILE E 852 31.07 58.05 10.73
C ILE E 852 31.60 58.49 12.10
N ASP E 853 30.80 59.16 12.90
CA ASP E 853 31.06 59.32 14.34
C ASP E 853 29.75 59.38 15.09
N PRO E 854 29.19 58.22 15.43
CA PRO E 854 27.85 58.20 16.00
C PRO E 854 27.76 58.76 17.38
N SER E 855 28.87 58.94 18.08
CA SER E 855 28.81 59.46 19.44
C SER E 855 28.43 60.93 19.46
N LEU E 856 29.00 61.71 18.54
CA LEU E 856 28.72 63.13 18.54
C LEU E 856 27.32 63.40 18.06
N MET E 857 26.91 62.71 17.01
CA MET E 857 25.58 62.93 16.46
C MET E 857 24.49 62.65 17.49
N ARG E 858 24.68 61.61 18.29
CA ARG E 858 23.70 61.25 19.30
C ARG E 858 23.53 62.40 20.29
N HIS E 859 24.63 62.99 20.71
CA HIS E 859 24.62 64.12 21.63
C HIS E 859 23.95 65.36 21.06
N LEU E 860 24.18 65.61 19.78
CA LEU E 860 23.64 66.78 19.10
C LEU E 860 22.12 66.80 19.13
N VAL E 861 21.49 65.64 18.96
CA VAL E 861 20.04 65.58 19.01
C VAL E 861 19.56 65.96 20.41
N ASN E 862 20.29 65.50 21.41
CA ASN E 862 19.98 65.77 22.82
C ASN E 862 20.04 67.25 23.17
N ILE E 863 21.00 67.95 22.58
CA ILE E 863 21.18 69.38 22.81
C ILE E 863 20.04 70.18 22.20
N SER E 864 19.24 69.51 21.36
CA SER E 864 18.09 70.12 20.67
C SER E 864 18.47 70.75 19.34
N VAL E 865 19.72 70.58 18.94
CA VAL E 865 20.21 71.08 17.67
C VAL E 865 19.50 70.42 16.50
N TYR E 866 19.22 69.12 16.62
CA TYR E 866 18.56 68.35 15.57
C TYR E 866 17.27 67.66 16.04
N ALA E 867 16.33 67.49 15.12
CA ALA E 867 15.05 66.84 15.39
C ALA E 867 14.78 65.83 14.28
N PHE E 868 13.92 64.85 14.54
CA PHE E 868 13.63 63.83 13.53
C PHE E 868 12.25 63.19 13.64
N ASN E 869 11.80 62.52 12.58
CA ASN E 869 10.52 61.83 12.57
C ASN E 869 10.54 60.58 11.74
N LYS E 870 10.30 59.46 12.41
CA LYS E 870 10.28 58.17 11.78
C LYS E 870 8.88 57.93 11.28
N SER E 871 8.78 57.38 10.10
CA SER E 871 7.55 57.21 9.37
C SER E 871 7.55 55.80 8.80
N TYR E 872 6.43 55.38 8.26
CA TYR E 872 6.36 54.04 7.67
C TYR E 872 6.02 54.16 6.22
N ASP E 873 6.79 53.49 5.39
CA ASP E 873 6.57 53.41 3.96
C ASP E 873 6.00 52.02 3.71
N TYR E 874 4.69 51.93 3.47
CA TYR E 874 4.02 50.65 3.35
C TYR E 874 4.13 50.05 1.98
N GLN E 875 4.78 50.72 1.05
CA GLN E 875 5.01 50.22 -0.31
C GLN E 875 6.49 50.29 -0.59
N SER E 876 7.22 49.25 -0.23
CA SER E 876 8.64 49.15 -0.53
C SER E 876 9.02 47.68 -0.57
N VAL E 877 10.16 47.39 -1.20
CA VAL E 877 10.66 46.03 -1.37
C VAL E 877 11.89 45.80 -0.53
N CYS E 878 12.08 44.54 -0.15
CA CYS E 878 13.25 44.14 0.61
C CYS E 878 13.50 42.66 0.40
N GLU E 879 14.75 42.26 0.64
CA GLU E 879 15.14 40.86 0.56
C GLU E 879 14.54 40.10 1.73
N PRO E 880 14.28 38.81 1.56
CA PRO E 880 13.66 38.04 2.63
C PRO E 880 14.65 37.69 3.72
N GLY E 881 14.10 37.31 4.87
CA GLY E 881 14.88 36.77 5.97
C GLY E 881 14.60 35.28 6.12
N ALA E 882 15.64 34.53 6.44
CA ALA E 882 15.51 33.08 6.50
C ALA E 882 14.81 32.69 7.80
N ALA E 883 13.57 32.23 7.67
CA ALA E 883 12.82 31.70 8.80
C ALA E 883 11.80 30.70 8.29
N SER E 944 12.27 37.15 -5.77
CA SER E 944 13.50 37.92 -5.66
C SER E 944 13.32 39.04 -4.65
N LYS E 945 12.11 39.58 -4.59
CA LYS E 945 11.72 40.60 -3.65
C LYS E 945 10.26 40.37 -3.27
N GLN E 946 9.93 40.63 -2.01
CA GLN E 946 8.54 40.82 -1.65
C GLN E 946 8.34 42.27 -1.23
N SER E 947 7.08 42.62 -1.03
CA SER E 947 6.76 43.89 -0.45
C SER E 947 6.85 43.81 1.06
N CYS E 948 7.26 44.91 1.67
CA CYS E 948 7.44 44.95 3.10
C CYS E 948 7.28 46.38 3.56
N ILE E 949 7.33 46.55 4.83
CA ILE E 949 7.27 47.86 5.45
C ILE E 949 8.70 48.27 5.69
N THR E 950 9.01 49.51 5.48
CA THR E 950 10.26 50.06 5.94
C THR E 950 9.97 51.22 6.86
N GLU E 951 10.79 51.39 7.86
CA GLU E 951 10.76 52.60 8.63
C GLU E 951 11.83 53.52 8.10
N GLN E 952 11.52 54.80 8.05
CA GLN E 952 12.34 55.78 7.39
C GLN E 952 12.56 56.92 8.35
N THR E 953 13.77 57.36 8.52
CA THR E 953 14.04 58.47 9.40
C THR E 953 14.44 59.66 8.57
N GLN E 954 13.97 60.84 8.91
CA GLN E 954 14.52 62.04 8.35
C GLN E 954 14.87 62.96 9.49
N TYR E 955 15.83 63.83 9.27
CA TYR E 955 16.37 64.71 10.29
C TYR E 955 16.23 66.13 9.81
N PHE E 956 16.00 67.05 10.75
CA PHE E 956 15.72 68.41 10.35
C PHE E 956 15.93 69.36 11.50
N PHE E 957 16.37 70.58 11.21
CA PHE E 957 16.60 71.53 12.31
C PHE E 957 15.30 71.95 12.92
N ASP E 958 15.19 71.82 14.24
CA ASP E 958 13.98 72.22 14.94
C ASP E 958 14.24 73.44 15.81
N ASN E 959 15.51 73.77 15.99
CA ASN E 959 15.85 74.91 16.80
C ASN E 959 16.49 75.98 15.97
N ASP E 960 15.88 77.15 16.00
CA ASP E 960 16.34 78.32 15.29
C ASP E 960 17.65 78.92 15.80
N SER E 961 18.00 78.63 17.05
CA SER E 961 19.22 79.22 17.62
C SER E 961 20.48 78.91 16.81
N LYS E 962 21.24 79.97 16.57
CA LYS E 962 22.48 79.96 15.78
C LYS E 962 23.69 79.17 16.28
N SER E 963 23.96 79.19 17.57
CA SER E 963 25.14 78.51 18.10
C SER E 963 24.86 77.56 19.25
N PHE E 964 25.71 76.56 19.41
CA PHE E 964 25.52 75.56 20.46
C PHE E 964 26.86 75.08 21.00
N SER E 965 27.21 75.50 22.19
CA SER E 965 28.46 75.10 22.82
C SER E 965 28.19 74.00 23.83
N GLY E 966 29.23 73.27 24.18
CA GLY E 966 29.07 72.25 25.19
C GLY E 966 30.25 71.30 25.23
N VAL E 967 30.01 70.16 25.85
CA VAL E 967 30.97 69.06 25.93
C VAL E 967 30.16 67.77 25.99
N LEU E 968 30.64 66.73 25.32
CA LEU E 968 30.06 65.41 25.46
C LEU E 968 31.06 64.52 26.14
N ASP E 969 30.57 63.60 26.95
CA ASP E 969 31.42 62.65 27.66
C ASP E 969 30.94 61.23 27.42
N CYS E 970 31.87 60.33 27.17
CA CYS E 970 31.54 58.94 26.91
C CYS E 970 31.69 58.08 28.15
N GLY E 971 32.35 58.59 29.18
CA GLY E 971 32.84 57.78 30.27
C GLY E 971 34.34 57.89 30.28
N ASN E 972 34.88 58.62 31.26
CA ASN E 972 36.33 58.74 31.40
C ASN E 972 37.01 59.68 30.40
N CYS E 973 36.23 60.44 29.64
CA CYS E 973 36.83 61.37 28.68
C CYS E 973 35.84 62.49 28.46
N SER E 974 36.36 63.65 28.05
CA SER E 974 35.51 64.74 27.58
C SER E 974 36.01 65.17 26.22
N ARG E 975 35.09 65.70 25.44
CA ARG E 975 35.38 66.23 24.13
C ARG E 975 34.61 67.52 24.14
N ILE E 976 35.25 68.59 23.73
CA ILE E 976 34.56 69.86 23.70
C ILE E 976 34.28 70.26 22.26
N PHE E 977 33.03 70.12 21.87
CA PHE E 977 32.55 70.49 20.55
C PHE E 977 31.90 71.86 20.53
N HIS E 978 32.13 72.63 19.47
CA HIS E 978 31.50 73.94 19.32
C HIS E 978 30.73 73.94 18.00
N VAL E 979 29.45 74.31 18.04
CA VAL E 979 28.65 74.32 16.82
C VAL E 979 28.10 75.71 16.46
N GLU E 980 28.33 76.11 15.22
CA GLU E 980 27.88 77.39 14.70
C GLU E 980 27.10 77.16 13.42
N LYS E 981 26.02 77.90 13.22
CA LYS E 981 25.22 77.73 12.02
C LYS E 981 25.40 78.91 11.08
N LEU E 982 25.78 78.63 9.84
CA LEU E 982 25.99 79.69 8.86
C LEU E 982 24.67 80.35 8.53
N MET E 983 24.66 81.68 8.58
CA MET E 983 23.45 82.44 8.30
C MET E 983 23.13 82.50 6.82
N ASN E 984 21.84 82.48 6.49
CA ASN E 984 21.40 82.58 5.11
C ASN E 984 21.44 81.27 4.33
N THR E 985 21.71 80.17 5.02
CA THR E 985 21.75 78.86 4.40
C THR E 985 21.49 77.75 5.41
N ASN E 986 21.14 76.57 4.92
CA ASN E 986 20.87 75.42 5.78
C ASN E 986 22.12 74.81 6.43
N LEU E 987 23.29 75.19 5.95
CA LEU E 987 24.56 74.66 6.47
C LEU E 987 24.88 74.99 7.93
N ILE E 988 25.55 74.06 8.60
CA ILE E 988 25.97 74.23 10.00
C ILE E 988 27.45 73.87 10.14
N PHE E 989 28.20 74.67 10.90
CA PHE E 989 29.62 74.41 11.08
C PHE E 989 29.92 73.99 12.51
N ILE E 990 30.56 72.83 12.69
CA ILE E 990 30.89 72.33 14.03
C ILE E 990 32.37 72.02 14.23
N MET E 991 32.92 72.49 15.35
CA MET E 991 34.33 72.27 15.69
C MET E 991 34.39 71.38 16.93
N VAL E 992 35.13 70.27 16.84
CA VAL E 992 35.24 69.35 17.97
C VAL E 992 36.60 68.68 18.07
N GLU E 993 36.98 68.24 19.26
CA GLU E 993 38.27 67.59 19.45
C GLU E 993 38.33 66.19 18.84
N SER E 994 39.48 65.83 18.28
CA SER E 994 39.66 64.59 17.51
C SER E 994 39.11 63.35 18.17
N LYS E 995 38.48 62.50 17.35
CA LYS E 995 37.76 61.34 17.86
C LYS E 995 38.72 60.34 18.50
N GLY E 996 39.98 60.34 18.07
CA GLY E 996 40.92 59.34 18.52
C GLY E 996 41.38 59.54 19.96
N THR E 997 41.16 60.75 20.50
CA THR E 997 41.64 61.04 21.85
C THR E 997 40.78 60.35 22.90
N CYS E 998 39.50 60.19 22.63
CA CYS E 998 38.61 59.39 23.46
C CYS E 998 38.10 58.21 22.65
N PRO E 999 38.56 56.99 22.91
CA PRO E 999 38.03 55.85 22.17
C PRO E 999 36.62 55.52 22.61
N CYS E 1000 35.65 55.95 21.82
CA CYS E 1000 34.25 55.80 22.17
C CYS E 1000 33.45 55.30 20.99
N ASP E 1001 32.55 54.37 21.27
CA ASP E 1001 31.40 54.09 20.43
C ASP E 1001 30.17 54.14 21.34
N THR E 1002 29.01 54.37 20.75
CA THR E 1002 27.78 54.09 21.49
C THR E 1002 27.04 52.95 20.81
N ARG E 1003 26.59 53.22 19.58
CA ARG E 1003 26.08 52.35 18.52
C ARG E 1003 25.93 53.28 17.34
N LEU E 1004 25.86 52.72 16.14
CA LEU E 1004 25.97 53.48 14.92
C LEU E 1004 24.57 53.99 14.54
N LEU E 1005 24.30 55.28 14.76
CA LEU E 1005 22.99 55.86 14.49
C LEU E 1005 22.81 56.05 13.00
N ILE E 1006 22.01 55.21 12.36
CA ILE E 1006 21.94 55.17 10.90
C ILE E 1006 20.58 55.66 10.43
N GLN E 1007 20.57 56.25 9.24
CA GLN E 1007 19.39 56.88 8.64
C GLN E 1007 19.23 56.24 7.28
N ALA E 1008 18.33 55.29 7.17
CA ALA E 1008 18.12 54.59 5.92
C ALA E 1008 16.73 54.01 6.00
N GLU E 1009 16.21 53.59 4.85
CA GLU E 1009 15.03 52.74 4.90
C GLU E 1009 15.43 51.46 5.59
N GLN E 1010 14.89 51.23 6.76
CA GLN E 1010 15.28 50.15 7.62
C GLN E 1010 14.09 49.21 7.74
N THR E 1011 14.26 47.97 7.31
CA THR E 1011 13.15 47.03 7.35
C THR E 1011 12.67 46.87 8.78
N SER E 1012 11.36 46.90 8.94
CA SER E 1012 10.76 46.77 10.25
C SER E 1012 9.32 46.30 10.16
N ASP E 1013 8.74 45.83 11.25
CA ASP E 1013 7.36 45.37 11.20
C ASP E 1013 6.51 46.05 12.26
N GLY E 1014 6.19 47.32 11.98
CA GLY E 1014 5.41 48.15 12.87
C GLY E 1014 4.53 49.05 12.01
N PRO E 1015 3.46 49.76 12.57
CA PRO E 1015 3.26 49.61 14.03
C PRO E 1015 2.55 48.32 14.39
N ASP E 1016 2.69 47.88 15.63
CA ASP E 1016 2.03 46.66 16.06
C ASP E 1016 0.54 46.91 15.93
N PRO E 1017 -0.17 45.94 15.37
CA PRO E 1017 -1.62 46.10 15.17
C PRO E 1017 -2.51 46.05 16.41
N CYS E 1018 -2.16 45.22 17.37
CA CYS E 1018 -3.00 44.96 18.52
C CYS E 1018 -3.21 46.22 19.35
N ASP E 1019 -2.39 47.24 19.16
CA ASP E 1019 -2.51 48.49 19.86
C ASP E 1019 -3.13 49.59 19.02
N MET E 1020 -3.11 49.47 17.69
CA MET E 1020 -3.85 50.40 16.87
C MET E 1020 -5.33 50.21 17.04
N VAL E 1021 -5.78 48.97 17.16
CA VAL E 1021 -7.20 48.68 17.04
C VAL E 1021 -7.94 48.92 18.34
N LYS E 1022 -7.24 49.19 19.42
CA LYS E 1022 -7.92 49.61 20.63
C LYS E 1022 -8.43 51.02 20.52
N GLN E 1023 -7.89 51.81 19.60
CA GLN E 1023 -8.33 53.18 19.36
C GLN E 1023 -8.25 53.46 17.86
N PRO E 1024 -9.16 52.89 17.09
CA PRO E 1024 -9.01 52.90 15.65
C PRO E 1024 -9.30 54.27 15.08
N ARG E 1025 -8.84 54.47 13.86
CA ARG E 1025 -9.10 55.70 13.13
C ARG E 1025 -10.58 55.79 12.78
N TYR E 1026 -11.08 57.01 12.72
CA TYR E 1026 -12.47 57.27 12.39
C TYR E 1026 -12.81 56.76 10.99
N ARG E 1027 -14.07 56.45 10.78
CA ARG E 1027 -14.49 55.69 9.62
C ARG E 1027 -15.98 55.88 9.48
N LYS E 1028 -16.49 55.68 8.27
CA LYS E 1028 -17.93 55.79 8.03
C LYS E 1028 -18.39 54.68 7.11
N GLY E 1029 -19.34 53.87 7.56
CA GLY E 1029 -19.75 52.72 6.79
C GLY E 1029 -20.82 53.00 5.76
N PRO E 1030 -21.24 51.95 5.05
CA PRO E 1030 -22.26 52.11 4.02
C PRO E 1030 -23.63 52.36 4.62
N ASP E 1031 -24.35 53.32 4.04
CA ASP E 1031 -25.69 53.65 4.52
C ASP E 1031 -26.71 52.54 4.35
N VAL E 1032 -26.67 51.85 3.22
CA VAL E 1032 -27.64 50.80 2.97
C VAL E 1032 -27.12 49.39 3.18
N CYS E 1033 -27.77 48.67 4.08
CA CYS E 1033 -27.43 47.30 4.38
C CYS E 1033 -28.65 46.46 4.09
N PHE E 1034 -28.48 45.42 3.30
CA PHE E 1034 -29.59 44.54 2.96
C PHE E 1034 -29.40 43.21 3.64
N ASP E 1035 -30.32 42.89 4.53
CA ASP E 1035 -30.28 41.64 5.22
C ASP E 1035 -31.60 41.39 5.90
N ASN E 1036 -31.89 40.14 6.19
CA ASN E 1036 -33.11 39.78 6.87
C ASN E 1036 -34.34 40.32 6.17
N ASN E 1037 -34.70 39.80 5.01
CA ASN E 1037 -36.04 39.99 4.47
C ASN E 1037 -36.91 38.88 5.04
N VAL E 1038 -38.14 39.22 5.40
CA VAL E 1038 -39.04 38.32 6.11
C VAL E 1038 -39.49 37.16 5.23
N LEU E 1039 -39.51 37.40 3.92
CA LEU E 1039 -40.01 36.41 2.97
C LEU E 1039 -38.93 35.64 2.25
N GLU E 1040 -37.75 35.57 2.86
CA GLU E 1040 -36.61 34.84 2.34
C GLU E 1040 -36.93 33.36 2.45
N ASP E 1041 -36.41 32.56 1.53
CA ASP E 1041 -36.80 31.18 1.56
C ASP E 1041 -36.45 30.47 2.86
N TYR E 1042 -35.21 30.71 3.31
CA TYR E 1042 -34.60 30.11 4.51
C TYR E 1042 -34.85 28.63 4.70
N THR E 1043 -35.04 27.93 3.58
CA THR E 1043 -35.32 26.49 3.61
C THR E 1043 -34.35 25.56 2.86
N ASP E 1044 -33.26 26.10 2.34
CA ASP E 1044 -32.32 25.28 1.57
C ASP E 1044 -30.91 25.22 2.15
N CYS E 1045 -30.51 24.02 2.58
CA CYS E 1045 -29.18 23.80 3.14
C CYS E 1045 -28.67 22.45 2.65
C1 NAG F . -19.83 48.47 26.96
C2 NAG F . -20.43 48.50 28.37
C3 NAG F . -19.58 47.70 29.34
C4 NAG F . -19.21 46.34 28.79
C5 NAG F . -18.84 46.33 27.31
C6 NAG F . -18.89 44.89 26.82
C7 NAG F . -19.62 50.79 28.68
C8 NAG F . -18.70 50.92 29.85
N2 NAG F . -20.58 49.88 28.80
O3 NAG F . -20.33 47.51 30.55
O4 NAG F . -18.08 45.85 29.52
O5 NAG F . -19.72 47.12 26.53
O6 NAG F . -17.66 44.56 26.15
O7 NAG F . -19.51 51.47 27.68
C1 NAG F . -19.53 46.88 31.57
C2 NAG F . -19.74 47.77 32.80
C3 NAG F . -19.30 47.08 34.07
C4 NAG F . -19.89 45.69 34.17
C5 NAG F . -19.64 44.90 32.89
C6 NAG F . -20.31 43.54 32.96
C7 NAG F . -19.65 50.18 32.42
C8 NAG F . -18.95 51.41 32.92
N2 NAG F . -19.03 49.03 32.67
O3 NAG F . -19.73 47.86 35.20
O4 NAG F . -19.30 44.99 35.28
O5 NAG F . -20.14 45.61 31.77
O6 NAG F . -21.73 43.71 32.98
O7 NAG F . -20.71 50.24 31.82
C1 NAG G . -22.48 69.48 -4.85
C2 NAG G . -22.05 70.83 -5.45
C3 NAG G . -22.53 71.98 -4.59
C4 NAG G . -24.00 71.85 -4.24
C5 NAG G . -24.31 70.45 -3.71
C6 NAG G . -25.80 70.29 -3.44
C7 NAG G . -20.01 70.36 -6.68
C8 NAG G . -18.52 70.52 -6.72
N2 NAG G . -20.62 70.87 -5.60
O3 NAG G . -22.31 73.22 -5.28
O4 NAG G . -24.35 72.82 -3.24
O5 NAG G . -23.90 69.47 -4.66
O6 NAG G . -26.06 68.97 -2.95
O7 NAG G . -20.63 69.79 -7.56
C1 NAG G . -25.15 73.85 -3.84
C2 NAG G . -26.18 74.34 -2.85
C3 NAG G . -27.04 75.45 -3.44
C4 NAG G . -26.17 76.52 -4.09
C5 NAG G . -25.15 75.89 -5.03
C6 NAG G . -24.24 76.96 -5.63
C7 NAG G . -27.82 73.34 -1.35
C8 NAG G . -28.79 72.22 -1.14
N2 NAG G . -27.02 73.24 -2.40
O3 NAG G . -27.85 76.03 -2.42
O4 NAG G . -27.01 77.42 -4.82
O5 NAG G . -24.37 74.94 -4.30
O6 NAG G . -23.04 76.34 -6.11
O7 NAG G . -27.77 74.31 -0.60
C1 NAG H . -28.38 30.23 -27.65
C2 NAG H . -28.70 31.57 -28.33
C3 NAG H . -29.89 31.38 -29.27
C4 NAG H . -29.69 30.19 -30.21
C5 NAG H . -29.21 28.96 -29.47
C6 NAG H . -28.71 27.85 -30.38
C7 NAG H . -28.46 33.77 -27.26
C8 NAG H . -28.92 34.65 -26.15
N2 NAG H . -29.02 32.56 -27.31
O3 NAG H . -30.08 32.57 -30.00
O4 NAG H . -30.96 29.88 -30.79
O5 NAG H . -28.08 29.29 -28.63
O6 NAG H . -27.74 28.35 -31.27
O7 NAG H . -27.63 34.13 -28.06
C1 NAG H . -30.90 30.24 -32.18
C2 NAG H . -31.85 29.37 -32.99
C3 NAG H . -31.75 29.78 -34.45
C4 NAG H . -32.17 31.23 -34.58
C5 NAG H . -31.27 32.11 -33.70
C6 NAG H . -31.71 33.55 -33.65
C7 NAG H . -32.46 27.09 -32.36
C8 NAG H . -32.00 25.67 -32.25
N2 NAG H . -31.56 27.95 -32.83
O3 NAG H . -32.57 28.90 -35.23
O4 NAG H . -32.08 31.68 -35.93
O5 NAG H . -31.29 31.63 -32.34
O6 NAG H . -32.49 33.79 -32.48
O7 NAG H . -33.57 27.44 -32.01
C1 BMA H . -33.40 31.73 -36.51
C2 BMA H . -33.49 32.83 -37.54
C3 BMA H . -34.90 32.81 -38.13
C4 BMA H . -35.25 31.42 -38.72
C5 BMA H . -35.01 30.31 -37.65
C6 BMA H . -35.14 28.90 -38.20
O2 BMA H . -32.61 32.54 -38.62
O3 BMA H . -35.08 33.82 -39.10
O4 BMA H . -36.59 31.39 -39.15
O5 BMA H . -33.68 30.46 -37.10
O6 BMA H . -34.89 27.99 -37.13
C1 NAG I . -32.52 31.26 -13.09
C2 NAG I . -31.37 30.31 -13.38
C3 NAG I . -31.86 29.08 -14.14
C4 NAG I . -33.12 28.47 -13.56
C5 NAG I . -34.16 29.55 -13.32
C6 NAG I . -35.35 29.06 -12.57
C7 NAG I . -29.07 30.58 -14.17
C8 NAG I . -28.15 31.35 -15.03
N2 NAG I . -30.34 30.98 -14.14
O3 NAG I . -30.84 28.10 -14.11
O4 NAG I . -33.67 27.60 -14.53
O5 NAG I . -33.57 30.57 -12.49
O6 NAG I . -36.00 30.11 -11.86
O7 NAG I . -28.69 29.61 -13.53
C1 NAG I . -33.75 26.23 -14.13
C2 NAG I . -34.84 25.67 -15.04
C3 NAG I . -34.86 24.13 -15.03
C4 NAG I . -33.47 23.48 -14.91
C5 NAG I . -32.59 24.28 -13.95
C6 NAG I . -31.15 23.83 -13.95
C7 NAG I . -36.93 26.91 -15.37
C8 NAG I . -38.19 27.37 -14.73
N2 NAG I . -36.12 26.18 -14.60
O3 NAG I . -35.43 23.69 -16.25
O4 NAG I . -33.65 22.18 -14.35
O5 NAG I . -32.58 25.63 -14.41
O6 NAG I . -30.98 22.69 -13.12
O7 NAG I . -36.66 27.19 -16.53
C1 BMA I . -33.27 21.15 -15.28
C2 BMA I . -32.76 19.97 -14.46
C3 BMA I . -32.41 18.83 -15.40
C4 BMA I . -33.52 18.55 -16.43
C5 BMA I . -33.97 19.82 -17.10
C6 BMA I . -35.12 19.63 -18.04
O2 BMA I . -33.79 19.49 -13.63
O3 BMA I . -32.06 17.63 -14.69
O4 BMA I . -33.03 17.70 -17.41
O5 BMA I . -34.36 20.69 -16.05
O6 BMA I . -34.97 20.58 -19.08
C1 NAG J . 7.87 65.49 14.38
C2 NAG J . 7.08 64.93 15.55
C3 NAG J . 6.51 66.06 16.37
C4 NAG J . 7.60 67.01 16.80
C5 NAG J . 8.45 67.44 15.60
C6 NAG J . 9.70 68.19 16.02
C7 NAG J . 6.00 62.73 15.49
C8 NAG J . 4.89 61.92 14.93
N2 NAG J . 6.05 64.00 15.10
O3 NAG J . 5.86 65.53 17.52
O4 NAG J . 7.00 68.18 17.34
O5 NAG J . 8.91 66.31 14.86
O6 NAG J . 9.71 69.51 15.47
O7 NAG J . 6.82 62.26 16.27
C1 NAG J . 7.27 68.31 18.74
C2 NAG J . 6.55 69.57 19.23
C3 NAG J . 6.71 69.73 20.75
C4 NAG J . 6.34 68.43 21.48
C5 NAG J . 7.11 67.26 20.88
C6 NAG J . 6.72 65.93 21.48
C7 NAG J . 6.56 71.20 17.41
C8 NAG J . 7.21 72.43 16.85
N2 NAG J . 7.08 70.75 18.56
O3 NAG J . 5.88 70.79 21.19
O4 NAG J . 6.68 68.55 22.85
O5 NAG J . 6.82 67.17 19.48
O6 NAG J . 7.36 64.87 20.79
O7 NAG J . 5.62 70.65 16.86
C1 NAG K . 18.27 56.68 -27.38
C2 NAG K . 18.62 57.35 -28.71
C3 NAG K . 20.13 57.29 -28.94
C4 NAG K . 20.87 57.15 -27.61
C5 NAG K . 20.44 55.89 -26.86
C6 NAG K . 20.53 56.10 -25.35
C7 NAG K . 17.05 57.34 -30.55
C8 NAG K . 17.37 58.77 -30.86
N2 NAG K . 17.93 56.70 -29.81
O3 NAG K . 20.56 58.50 -29.59
O4 NAG K . 22.27 57.10 -27.85
O5 NAG K . 19.10 55.54 -27.21
O6 NAG K . 21.30 55.05 -24.77
O7 NAG K . 16.02 56.81 -30.95
C1 NAG K . 21.09 58.16 -30.88
C2 NAG K . 20.59 59.17 -31.91
C3 NAG K . 21.63 60.24 -32.20
C4 NAG K . 22.92 59.61 -32.72
C5 NAG K . 23.06 58.18 -32.20
C6 NAG K . 24.52 57.75 -32.18
C7 NAG K . 19.81 59.16 -34.21
C8 NAG K . 19.41 60.59 -33.97
N2 NAG K . 20.22 58.49 -33.13
O3 NAG K . 21.92 60.97 -31.00
O4 NAG K . 22.90 59.60 -34.15
O5 NAG K . 22.52 58.12 -30.88
O6 NAG K . 24.61 56.36 -32.54
O7 NAG K . 19.76 58.65 -35.31
C1 NAG L . 37.40 81.22 -1.65
C2 NAG L . 36.11 81.17 -2.46
C3 NAG L . 36.24 81.94 -3.77
C4 NAG L . 36.74 83.34 -3.47
C5 NAG L . 38.04 83.27 -2.68
C6 NAG L . 38.57 84.67 -2.38
C7 NAG L . 34.50 79.41 -2.98
C8 NAG L . 34.12 79.46 -4.43
N2 NAG L . 35.75 79.79 -2.70
O3 NAG L . 34.98 82.03 -4.42
O4 NAG L . 36.98 84.05 -4.68
O5 NAG L . 37.82 82.57 -1.46
O6 NAG L . 37.64 85.35 -1.54
O7 NAG L . 33.72 79.07 -2.12
C1 NAG L . 36.92 84.60 -5.88
C2 NAG L . 35.72 85.42 -6.36
C3 NAG L . 36.17 86.65 -7.14
C4 NAG L . 37.18 87.44 -6.33
C5 NAG L . 38.35 86.51 -5.98
C6 NAG L . 39.43 87.26 -5.20
C7 NAG L . 35.35 83.64 -7.96
C8 NAG L . 34.64 82.33 -7.93
N2 NAG L . 34.86 84.60 -7.17
O3 NAG L . 35.02 87.48 -7.43
O4 NAG L . 37.67 88.57 -7.07
O5 NAG L . 37.88 85.41 -5.21
O6 NAG L . 39.21 88.67 -5.29
O7 NAG L . 36.33 83.83 -8.66
C1 NAG L . 34.49 88.31 -8.47
C2 NAG L . 32.97 88.34 -8.34
C3 NAG L . 32.53 89.48 -7.43
C4 NAG L . 33.08 90.79 -7.99
C5 NAG L . 34.60 90.74 -8.12
C6 NAG L . 35.26 90.83 -6.75
C7 NAG L . 32.98 88.06 -10.75
C8 NAG L . 34.47 88.22 -10.78
N2 NAG L . 32.36 88.49 -9.66
O3 NAG L . 33.03 89.26 -6.11
O4 NAG L . 32.50 91.04 -9.27
O5 NAG L . 35.08 89.57 -8.80
O6 NAG L . 34.66 91.88 -5.98
O7 NAG L . 32.37 87.56 -11.69
C1 NAG M . 14.68 17.30 -18.40
C2 NAG M . 15.88 18.22 -18.60
C3 NAG M . 16.23 18.35 -20.09
C4 NAG M . 16.32 16.97 -20.74
C5 NAG M . 15.10 16.13 -20.42
C6 NAG M . 15.22 14.73 -21.00
C7 NAG M . 16.57 20.35 -17.67
C8 NAG M . 16.30 21.81 -17.84
N2 NAG M . 15.60 19.53 -18.05
O3 NAG M . 17.48 19.02 -20.22
O4 NAG M . 16.42 17.13 -22.16
O5 NAG M . 14.95 16.03 -19.00
O6 NAG M . 16.29 14.03 -20.36
O7 NAG M . 17.63 19.93 -17.21
CA CA N . 1.75 -10.02 -0.25
CA CA O . 1.61 -11.86 0.81
P 3PE P . 25.46 -37.11 12.92
N 3PE P . 22.70 -40.26 12.29
O11 3PE P . 25.11 -36.26 11.61
O12 3PE P . 26.86 -37.65 12.79
O13 3PE P . 24.43 -38.34 12.83
O14 3PE P . 25.07 -36.30 14.13
C11 3PE P . 23.57 -38.64 13.93
C12 3PE P . 22.96 -40.03 13.73
C1 3PE P . 26.15 -35.73 10.78
C2 3PE P . 26.58 -34.36 11.28
C3 3PE P . 27.35 -33.62 10.21
O31 3PE P . 28.43 -32.89 10.81
O32 3PE P . 28.47 -31.23 9.20
C31 3PE P . 29.07 -31.79 10.11
C32 3PE P . 30.46 -31.35 10.51
C33 3PE P . 31.43 -31.58 9.35
C34 3PE P . 30.91 -30.95 8.06
C35 3PE P . 31.10 -29.44 8.07
C36 3PE P . 32.58 -29.07 8.04
C37 3PE P . 32.98 -28.55 6.66
C38 3PE P . 31.85 -27.74 6.03
O21 3PE P . 25.42 -33.62 11.67
O22 3PE P . 24.77 -33.29 9.49
C21 3PE P . 24.87 -32.81 10.61
C22 3PE P . 24.44 -31.39 10.87
C23 3PE P . 23.60 -30.88 9.69
C24 3PE P . 24.44 -29.97 8.79
C25 3PE P . 24.14 -28.51 9.07
C26 3PE P . 25.45 -27.72 9.24
C27 3PE P . 25.35 -26.36 8.56
C28 3PE P . 26.75 -25.80 8.30
C29 3PE P . 26.71 -24.70 7.23
C2A 3PE P . 28.11 -24.40 6.71
O12 PC1 Q . 33.37 -5.14 -0.96
P PC1 Q . 32.30 -4.16 -0.56
O14 PC1 Q . 32.61 -3.58 0.80
O13 PC1 Q . 32.27 -2.99 -1.73
C11 PC1 Q . 33.47 -2.28 -2.01
C12 PC1 Q . 33.03 -0.82 -2.32
N PC1 Q . 33.39 0.18 -1.26
C13 PC1 Q . 32.52 1.36 -1.40
C14 PC1 Q . 33.12 -0.35 0.10
C15 PC1 Q . 34.77 0.62 -1.59
O11 PC1 Q . 30.82 -4.88 -0.55
C1 PC1 Q . 30.29 -5.28 -1.80
C2 PC1 Q . 30.02 -6.79 -1.75
O21 PC1 Q . 29.41 -7.13 -0.55
C21 PC1 Q . 28.07 -7.54 -0.69
O22 PC1 Q . 27.22 -6.74 -0.87
C22 PC1 Q . 27.72 -9.04 -0.60
C23 PC1 Q . 26.25 -9.29 -0.22
C24 PC1 Q . 25.99 -10.81 -0.12
C25 PC1 Q . 26.96 -11.54 0.84
C26 PC1 Q . 26.53 -13.02 1.03
C27 PC1 Q . 27.19 -13.72 2.23
C28 PC1 Q . 26.15 -14.21 3.28
C29 PC1 Q . 25.34 -15.43 2.81
C2A PC1 Q . 25.70 -16.71 3.61
C2B PC1 Q . 24.49 -17.20 4.46
C2C PC1 Q . 24.82 -18.45 5.30
C2D PC1 Q . 24.09 -18.44 6.68
C2E PC1 Q . 24.11 -19.80 7.40
C2F PC1 Q . 22.81 -20.06 8.17
C3 PC1 Q . 31.35 -7.54 -1.87
O31 PC1 Q . 31.39 -8.51 -0.83
C31 PC1 Q . 31.55 -9.81 -1.34
O32 PC1 Q . 32.16 -9.98 -2.34
C32 PC1 Q . 30.90 -11.03 -0.67
C33 PC1 Q . 30.54 -12.05 -1.77
C34 PC1 Q . 29.54 -13.11 -1.28
C35 PC1 Q . 29.43 -14.26 -2.30
C36 PC1 Q . 29.52 -15.67 -1.66
P 3PE R . 23.16 3.51 19.72
N 3PE R . 25.89 6.25 17.85
O11 3PE R . 23.31 2.07 20.50
O12 3PE R . 22.35 3.29 18.47
O13 3PE R . 24.64 4.14 19.34
O14 3PE R . 22.44 4.49 20.63
C11 3PE R . 25.08 5.30 19.97
C12 3PE R . 26.28 5.85 19.20
C1 3PE R . 23.28 0.93 19.70
C2 3PE R . 22.69 -0.24 20.46
C3 3PE R . 21.25 -0.42 19.98
O31 3PE R . 21.02 -1.77 19.70
O32 3PE R . 18.83 -1.53 19.76
C31 3PE R . 19.77 -2.15 20.13
C32 3PE R . 19.60 -3.35 21.06
C33 3PE R . 18.65 -4.39 20.49
C34 3PE R . 18.47 -5.63 21.36
C35 3PE R . 17.11 -6.25 21.10
C36 3PE R . 17.18 -7.53 20.28
C37 3PE R . 17.28 -8.77 21.16
O21 3PE R . 23.38 -1.39 20.11
O22 3PE R . 24.40 -1.81 22.06
C21 3PE R . 23.73 -2.21 21.18
C22 3PE R . 23.24 -3.64 21.22
C23 3PE R . 24.29 -4.55 21.81
C24 3PE R . 23.59 -5.79 22.29
C25 3PE R . 23.82 -6.95 21.34
C26 3PE R . 24.06 -8.23 22.12
C27 3PE R . 23.11 -9.34 21.65
C28 3PE R . 23.85 -10.32 20.75
C29 3PE R . 22.88 -11.36 20.23
C2A 3PE R . 23.31 -12.77 20.56
C2B 3PE R . 22.99 -13.21 21.99
C2C 3PE R . 23.71 -14.52 22.27
C2D 3PE R . 23.34 -15.64 21.30
P 3PE S . -28.01 -3.63 -0.67
N 3PE S . -29.71 -3.63 -5.00
O11 3PE S . -26.71 -4.63 -0.65
O12 3PE S . -29.28 -4.45 -0.70
O13 3PE S . -27.96 -2.65 -2.00
O14 3PE S . -27.97 -2.77 0.57
C11 3PE S . -29.05 -2.64 -2.88
C12 3PE S . -28.80 -3.76 -3.88
C1 3PE S . -26.86 -5.93 -1.14
C2 3PE S . -27.19 -6.90 -0.01
C3 3PE S . -27.63 -8.22 -0.65
O31 3PE S . -28.11 -9.06 0.36
O32 3PE S . -26.32 -10.05 1.29
C31 3PE S . -27.28 -10.16 0.60
C32 3PE S . -27.60 -11.52 -0.02
C33 3PE S . -26.56 -12.56 0.36
C34 3PE S . -26.62 -13.78 -0.55
C35 3PE S . -27.87 -14.61 -0.33
C36 3PE S . -27.72 -16.03 -0.87
C37 3PE S . -26.43 -16.72 -0.43
O21 3PE S . -26.09 -7.11 0.83
O22 3PE S . -27.49 -7.10 2.58
C21 3PE S . -26.37 -7.04 2.20
C22 3PE S . -25.26 -6.88 3.24
C23 3PE S . -24.56 -8.19 3.55
C24 3PE S . -23.58 -8.57 2.44
C25 3PE S . -22.64 -9.69 2.87
C26 3PE S . -22.58 -10.75 1.80
C27 3PE S . -22.42 -12.14 2.39
C28 3PE S . -22.59 -13.20 1.32
C29 3PE S . -21.76 -14.43 1.64
C2A 3PE S . -22.50 -15.69 1.23
C2B 3PE S . -22.24 -16.86 2.17
C2C 3PE S . -22.32 -18.19 1.42
P 3PE T . -10.50 -10.02 -17.82
N 3PE T . -7.82 -8.26 -20.34
O11 3PE T . -10.30 -11.64 -17.95
O12 3PE T . -11.92 -9.63 -18.12
O13 3PE T . -9.54 -9.26 -18.90
O14 3PE T . -10.14 -9.62 -16.42
C11 3PE T . -10.06 -9.03 -20.17
C12 3PE T . -8.84 -8.98 -21.06
C1 3PE T . -10.22 -12.38 -16.77
C2 3PE T . -9.71 -13.74 -17.16
C3 3PE T . -10.52 -14.84 -16.47
O31 3PE T . -9.66 -15.90 -16.13
O32 3PE T . -11.20 -17.22 -15.18
C31 3PE T . -10.12 -16.75 -15.13
C32 3PE T . -9.24 -17.09 -13.94
C33 3PE T . -9.74 -18.29 -13.17
C34 3PE T . -8.60 -19.17 -12.68
C35 3PE T . -8.89 -19.75 -11.30
C36 3PE T . -8.46 -21.21 -11.20
C37 3PE T . -9.54 -22.17 -11.70
C38 3PE T . -9.03 -23.59 -11.94
C39 3PE T . -8.66 -23.85 -13.40
O21 3PE T . -9.89 -13.86 -18.53
O22 3PE T . -8.57 -13.44 -20.28
C21 3PE T . -8.72 -14.03 -19.26
C22 3PE T . -7.63 -14.98 -18.76
C23 3PE T . -7.86 -16.47 -18.97
C24 3PE T . -6.65 -17.27 -18.58
C25 3PE T . -7.00 -18.68 -18.15
C26 3PE T . -6.22 -19.12 -16.92
C27 3PE T . -5.18 -20.20 -17.21
C28 3PE T . -5.37 -21.42 -16.31
C29 3PE T . -4.42 -22.57 -16.62
C2A 3PE T . -4.22 -23.41 -15.35
C2B 3PE T . -3.63 -24.80 -15.62
C2C 3PE T . -2.70 -25.24 -14.50
C2D 3PE T . -3.11 -26.57 -13.88
C2E 3PE T . -2.34 -26.95 -12.62
C2F 3PE T . -3.24 -27.46 -11.49
C2G 3PE T . -2.53 -27.61 -10.16
C2H 3PE T . -3.32 -26.95 -9.04
C2I 3PE T . -3.07 -27.54 -7.65
C10 C9F U . 2.55 -22.86 -2.17
C13 C9F U . 3.81 -20.88 -3.91
C15 C9F U . 2.01 -21.75 0.33
C20 C9F U . 2.73 -26.60 3.05
C21 C9F U . -1.68 -20.12 -0.36
C22 C9F U . -1.50 -18.70 -0.40
C24 C9F U . -0.12 -18.84 1.57
C26 C9F U . 0.10 -20.41 5.15
C28 C9F U . 0.47 -21.31 7.33
O01 C9F U . 1.37 -22.55 4.12
C02 C9F U . 0.83 -22.38 3.09
N03 C9F U . 0.40 -21.00 2.77
C04 C9F U . -0.30 -20.28 1.62
C05 C9F U . -1.08 -20.89 0.64
S06 C9F U . -1.37 -22.67 0.61
C07 C9F U . 0.18 -23.56 0.76
C08 C9F U . 1.29 -22.88 -0.12
C09 C9F U . 1.57 -23.43 -1.37
C11 C9F U . 3.26 -21.75 -1.73
O12 C9F U . 4.27 -21.17 -2.59
C14 C9F U . 2.98 -21.20 -0.48
C16 C9F U . 0.64 -23.67 2.24
O17 C9F U . 1.85 -24.36 2.25
C18 C9F U . 1.93 -25.30 3.27
O19 C9F U . 1.37 -25.10 4.34
C23 C9F U . -0.71 -18.08 0.58
C25 C9F U . 0.75 -20.01 3.83
N27 C9F U . 1.12 -20.87 6.15
C29 C9F U . 2.02 -19.78 6.47
CA CA V . -14.70 16.98 18.80
CA ETA W . -26.81 19.69 3.12
N ETA W . -26.83 20.56 1.97
C ETA W . -28.02 19.98 4.00
O ETA W . -29.15 19.24 3.53
C1 NAG X . 2.19 30.65 18.18
C2 NAG X . 2.47 29.87 19.46
C3 NAG X . 3.42 30.63 20.36
C4 NAG X . 4.68 31.00 19.60
C5 NAG X . 4.32 31.73 18.31
C6 NAG X . 5.59 32.03 17.51
C7 NAG X . 1.20 28.69 21.16
C8 NAG X . 0.81 29.22 22.51
N2 NAG X . 1.24 29.60 20.18
O3 NAG X . 3.76 29.82 21.49
O4 NAG X . 5.48 31.86 20.40
O5 NAG X . 3.41 30.96 17.51
O6 NAG X . 6.34 30.82 17.35
O7 NAG X . 1.45 27.52 20.96
C1 NAG Y . 19.13 65.00 26.82
C2 NAG Y . 17.80 64.24 26.76
C3 NAG Y . 17.39 63.75 28.14
C4 NAG Y . 18.53 63.03 28.83
C5 NAG Y . 19.82 63.85 28.76
C6 NAG Y . 20.99 63.07 29.37
C7 NAG Y . 15.91 64.66 25.30
C8 NAG Y . 15.06 65.70 24.65
N2 NAG Y . 16.77 65.10 26.21
O3 NAG Y . 16.26 62.87 28.03
O4 NAG Y . 18.20 62.78 30.20
O5 NAG Y . 20.12 64.15 27.40
O6 NAG Y . 21.45 62.09 28.44
O7 NAG Y . 15.82 63.48 25.01
C1 NAG Z . -19.49 61.76 -20.12
C2 NAG Z . -18.16 62.26 -20.65
C3 NAG Z . -18.38 63.43 -21.60
C4 NAG Z . -19.38 63.06 -22.70
C5 NAG Z . -20.67 62.52 -22.09
C6 NAG Z . -21.63 61.99 -23.12
C7 NAG Z . -16.25 61.89 -19.18
C8 NAG Z . -15.43 62.44 -18.05
N2 NAG Z . -17.27 62.65 -19.57
O3 NAG Z . -17.14 63.81 -22.17
O4 NAG Z . -19.68 64.20 -23.49
O5 NAG Z . -20.36 61.44 -21.21
O6 NAG Z . -21.09 60.88 -23.83
O7 NAG Z . -15.98 60.83 -19.71
C1 NAG AA . 3.48 80.64 7.37
C2 NAG AA . 4.62 81.22 6.49
C3 NAG AA . 5.22 82.48 7.11
C4 NAG AA . 4.15 83.49 7.48
C5 NAG AA . 3.14 82.85 8.42
C6 NAG AA . 2.00 83.77 8.75
C7 NAG AA . 6.54 80.23 5.31
C8 NAG AA . 7.56 79.11 5.31
N2 NAG AA . 5.66 80.22 6.30
O3 NAG AA . 6.11 83.09 6.19
O4 NAG AA . 4.73 84.60 8.15
O5 NAG AA . 2.57 81.71 7.76
O6 NAG AA . 1.21 84.08 7.60
O7 NAG AA . 6.55 81.10 4.44
C1 NAG BA . 30.04 50.25 -0.60
C2 NAG BA . 30.32 48.77 -0.82
C3 NAG BA . 29.66 47.91 0.26
C4 NAG BA . 29.96 48.46 1.64
C5 NAG BA . 29.69 49.96 1.71
C6 NAG BA . 30.05 50.52 3.09
C7 NAG BA . 30.72 48.00 -3.09
C8 NAG BA . 30.12 47.84 -4.46
N2 NAG BA . 29.86 48.36 -2.13
O3 NAG BA . 30.14 46.57 0.16
O4 NAG BA . 29.16 47.78 2.62
O5 NAG BA . 30.44 50.63 0.71
O6 NAG BA . 28.93 51.20 3.64
O7 NAG BA . 31.90 47.79 -2.86
C1 NAG CA . 39.83 55.01 33.01
C2 NAG CA . 40.61 54.63 31.74
C3 NAG CA . 41.67 53.57 32.05
C4 NAG CA . 42.54 53.99 33.23
C5 NAG CA . 41.66 54.35 34.42
C6 NAG CA . 42.45 54.86 35.60
C7 NAG CA . 39.92 54.22 29.40
C8 NAG CA . 38.84 53.67 28.52
N2 NAG CA . 39.68 54.15 30.72
O3 NAG CA . 42.50 53.36 30.92
O4 NAG CA . 43.40 52.90 33.60
O5 NAG CA . 40.75 55.40 34.04
O6 NAG CA . 43.06 56.12 35.31
O7 NAG CA . 40.95 54.70 28.95
C1 NAG DA . 15.58 76.87 20.86
C2 NAG DA . 14.58 77.48 21.86
C3 NAG DA . 15.21 78.66 22.59
C4 NAG DA . 16.58 78.30 23.14
C5 NAG DA . 17.45 77.64 22.08
C6 NAG DA . 18.80 77.22 22.65
C7 NAG DA . 12.28 77.16 21.16
C8 NAG DA . 11.08 77.78 20.50
N2 NAG DA . 13.39 77.90 21.16
O3 NAG DA . 14.35 79.05 23.68
O4 NAG DA . 17.23 79.48 23.62
O5 NAG DA . 16.78 76.50 21.56
O6 NAG DA . 18.63 76.00 23.40
O7 NAG DA . 12.24 76.05 21.68
#